data_5IXM
#
_entry.id   5IXM
#
_cell.length_a   82.892
_cell.length_b   176.354
_cell.length_c   143.848
_cell.angle_alpha   90.00
_cell.angle_beta   96.11
_cell.angle_gamma   90.00
#
_symmetry.space_group_name_H-M   'P 1 21 1'
#
loop_
_entity.id
_entity.type
_entity.pdbx_description
1 polymer 'LPS-assembly protein LptD'
2 polymer 'LPS-assembly lipoprotein LptE'
3 non-polymer (HYDROXYETHYLOXY)TRI(ETHYLOXY)OCTANE
4 water water
#
loop_
_entity_poly.entity_id
_entity_poly.type
_entity_poly.pdbx_seq_one_letter_code
_entity_poly.pdbx_strand_id
1 'polypeptide(L)'
;MSNHHHHHHHHHHENLYFQSMSGFLIPNAKFTSNNGFEFLLPYYWNIAPNFDATITPHYMERRGLQWQNEFRYLLAPGSG
TMALDWLPNDRIYTGPDGTDKNATRWLYYWGHSGVMDQVWRFNINYTRVSDPAYFTDLTSQYGSTTDGYATQIFTAGYAN
ENWNATLSSKQFQVFTAAGNSNAYRAQPQLDMNYYKNDVGPFDMHVYGQAAKFTSVNPTNPEASRFHIEPTVNLPLSNSW
GSINTEAKLLATHYQQDIPASFADNASNPKLKDSVNRVLPQFKVDGKVVFDRSMDWATGFTQTLEPRAQYLYVPYRNQDD
IYIYDTTLMQSDYSGLFRDRTYSGLDRIASANQVSTGLTSRIYDDARVERFNVSVGQIYYFSRSRTGNTEAIDNSNATGS
LVWAGDTFWRINDQLGLKGGAQYDTRLGSLTLGNAIMEYRKDADRMIQLNYRYASPKYIQAAVPKVYNPDYQQGISQVGT
TASWPIADRWAIVGAYYYDTKAKQPASQLVGLQYNTCCWAVNLGYERKITGWNAQGQTSKYDNKIGFNIELRGLSGGHSL
GTAQMLNSGILPYQSAF
;
A,C,E,G
2 'polypeptide(L)'
;APNTSGFNLRGTTQVPTELQKLLLESSDPYGPLARSIRQQLRLNNVTIVDDAMRKDIPTLRIIGSSESQETVSIFRNGVA
AENQLVLHVQAQVLIPGHDIYPLQVNVFRTFFDNPLTALAKEAEAEVLRQEMREQAAQQLVRQLLTVHAAEVKNTQKNGD
KPVSDANAAQGSTPTAVNETTLGEPAVSTSAKHHHHHH
;
B,D,F,H
#
loop_
_chem_comp.id
_chem_comp.type
_chem_comp.name
_chem_comp.formula
C8E non-polymer (HYDROXYETHYLOXY)TRI(ETHYLOXY)OCTANE 'C16 H34 O5'
#
# COMPACT_ATOMS: atom_id res chain seq x y z
N SER A 20 75.08 -6.82 39.03
CA SER A 20 76.37 -7.49 39.17
C SER A 20 76.24 -9.01 39.03
N MET A 21 76.62 -9.53 37.86
CA MET A 21 76.63 -10.97 37.58
C MET A 21 77.29 -11.32 36.23
N SER A 22 77.72 -10.29 35.51
CA SER A 22 78.20 -10.40 34.12
C SER A 22 79.23 -11.48 33.74
N GLY A 23 78.82 -12.75 33.76
CA GLY A 23 79.74 -13.82 33.39
C GLY A 23 79.11 -14.81 32.43
N PHE A 24 79.56 -16.07 32.50
CA PHE A 24 78.94 -17.15 31.76
C PHE A 24 78.00 -17.83 32.73
N LEU A 25 77.03 -18.56 32.21
CA LEU A 25 76.14 -19.32 33.07
C LEU A 25 76.49 -20.77 32.82
N ILE A 26 76.28 -21.64 33.81
CA ILE A 26 76.68 -23.03 33.65
C ILE A 26 75.82 -23.62 32.53
N PRO A 27 76.48 -24.26 31.55
CA PRO A 27 75.84 -24.78 30.33
C PRO A 27 74.82 -25.86 30.60
N ASN A 28 74.05 -26.22 29.58
CA ASN A 28 73.16 -27.36 29.72
C ASN A 28 73.11 -28.08 28.39
N ALA A 29 72.59 -29.31 28.39
CA ALA A 29 72.63 -30.08 27.16
C ALA A 29 71.41 -30.97 27.05
N LYS A 30 71.19 -31.54 25.88
CA LYS A 30 70.07 -32.45 25.71
C LYS A 30 70.22 -33.25 24.43
N PHE A 31 69.32 -34.21 24.25
CA PHE A 31 69.31 -35.02 23.06
C PHE A 31 67.87 -35.19 22.57
N THR A 32 67.63 -34.75 21.35
CA THR A 32 66.28 -34.73 20.78
C THR A 32 66.21 -35.66 19.58
N SER A 33 65.02 -36.19 19.32
CA SER A 33 64.79 -37.10 18.21
C SER A 33 64.79 -36.42 16.84
N ASN A 34 64.75 -35.09 16.83
CA ASN A 34 64.69 -34.36 15.57
C ASN A 34 65.92 -33.50 15.28
N ASN A 35 66.63 -33.08 16.33
CA ASN A 35 67.84 -32.29 16.15
C ASN A 35 69.09 -33.00 16.66
N GLY A 36 68.91 -34.19 17.22
CA GLY A 36 70.03 -34.94 17.74
C GLY A 36 70.59 -34.26 18.97
N PHE A 37 71.92 -34.23 19.08
CA PHE A 37 72.56 -33.60 20.24
C PHE A 37 72.45 -32.08 20.21
N GLU A 38 72.12 -31.51 21.37
CA GLU A 38 71.98 -30.08 21.51
C GLU A 38 72.77 -29.56 22.71
N PHE A 39 73.40 -28.40 22.53
CA PHE A 39 74.27 -27.83 23.55
C PHE A 39 73.98 -26.34 23.76
N LEU A 40 73.66 -25.97 24.99
CA LEU A 40 73.34 -24.59 25.35
C LEU A 40 74.43 -23.94 26.20
N LEU A 41 74.91 -22.78 25.74
CA LEU A 41 75.96 -22.04 26.44
C LEU A 41 75.56 -20.58 26.65
N PRO A 42 74.85 -20.29 27.75
CA PRO A 42 74.31 -18.95 27.99
C PRO A 42 75.34 -17.97 28.56
N TYR A 43 75.22 -16.71 28.18
CA TYR A 43 76.07 -15.64 28.68
C TYR A 43 75.19 -14.48 29.17
N TYR A 44 75.47 -13.99 30.36
CA TYR A 44 74.67 -12.93 30.98
C TYR A 44 75.44 -11.61 31.01
N TRP A 45 74.78 -10.52 30.64
CA TRP A 45 75.47 -9.25 30.46
C TRP A 45 75.32 -8.30 31.65
N ASN A 46 74.09 -8.02 32.06
CA ASN A 46 73.84 -7.05 33.13
C ASN A 46 74.35 -5.66 32.74
N ILE A 47 73.51 -4.91 32.02
CA ILE A 47 73.86 -3.60 31.51
C ILE A 47 73.66 -2.50 32.56
N ALA A 48 72.56 -2.59 33.29
CA ALA A 48 72.17 -1.59 34.27
C ALA A 48 71.30 -2.28 35.32
N PRO A 49 71.01 -1.59 36.44
CA PRO A 49 70.10 -2.20 37.43
C PRO A 49 68.72 -2.53 36.86
N ASN A 50 68.33 -1.86 35.77
CA ASN A 50 67.03 -2.08 35.16
C ASN A 50 67.12 -2.53 33.70
N PHE A 51 68.28 -3.09 33.33
CA PHE A 51 68.49 -3.63 32.00
C PHE A 51 69.28 -4.93 32.07
N ASP A 52 68.83 -5.94 31.33
CA ASP A 52 69.48 -7.25 31.31
C ASP A 52 69.57 -7.76 29.88
N ALA A 53 70.58 -8.57 29.62
CA ALA A 53 70.71 -9.23 28.34
C ALA A 53 71.28 -10.63 28.53
N THR A 54 70.96 -11.50 27.59
CA THR A 54 71.45 -12.86 27.58
C THR A 54 71.71 -13.29 26.16
N ILE A 55 72.91 -13.78 25.90
CA ILE A 55 73.28 -14.20 24.57
C ILE A 55 73.66 -15.67 24.68
N THR A 56 73.04 -16.50 23.86
CA THR A 56 73.15 -17.94 24.06
C THR A 56 73.36 -18.67 22.76
N PRO A 57 74.61 -19.09 22.52
CA PRO A 57 74.84 -20.06 21.45
C PRO A 57 74.17 -21.38 21.81
N HIS A 58 73.46 -21.91 20.81
CA HIS A 58 72.67 -23.11 20.92
C HIS A 58 73.02 -24.02 19.75
N TYR A 59 73.92 -24.96 20.01
CA TYR A 59 74.36 -25.89 18.98
C TYR A 59 73.35 -27.01 18.80
N MET A 60 73.07 -27.35 17.54
CA MET A 60 72.19 -28.45 17.21
C MET A 60 72.85 -29.34 16.15
N GLU A 61 73.16 -30.57 16.55
CA GLU A 61 73.89 -31.54 15.74
C GLU A 61 73.47 -31.61 14.28
N ARG A 62 72.19 -31.82 14.04
CA ARG A 62 71.70 -32.06 12.69
C ARG A 62 71.23 -30.79 11.97
N ARG A 63 71.07 -29.70 12.71
CA ARG A 63 70.46 -28.50 12.14
C ARG A 63 71.45 -27.36 11.92
N GLY A 64 72.21 -26.99 12.96
CA GLY A 64 73.18 -25.92 12.83
C GLY A 64 73.42 -25.17 14.12
N LEU A 65 74.00 -23.97 14.02
CA LEU A 65 74.29 -23.15 15.19
C LEU A 65 73.31 -21.99 15.34
N GLN A 66 72.51 -22.02 16.40
CA GLN A 66 71.55 -20.94 16.64
C GLN A 66 72.08 -19.93 17.64
N TRP A 67 71.59 -18.70 17.55
CA TRP A 67 71.91 -17.67 18.53
C TRP A 67 70.63 -17.14 19.15
N GLN A 68 70.54 -17.21 20.47
CA GLN A 68 69.34 -16.77 21.17
C GLN A 68 69.64 -15.56 22.03
N ASN A 69 69.02 -14.44 21.68
CA ASN A 69 69.22 -13.19 22.40
C ASN A 69 67.97 -12.78 23.16
N GLU A 70 68.15 -12.45 24.44
CA GLU A 70 67.03 -11.99 25.28
C GLU A 70 67.40 -10.70 26.01
N PHE A 71 66.54 -9.69 25.90
CA PHE A 71 66.79 -8.39 26.47
C PHE A 71 65.64 -7.94 27.39
N ARG A 72 65.89 -7.85 28.69
CA ARG A 72 64.83 -7.48 29.62
C ARG A 72 64.99 -6.05 30.12
N TYR A 73 63.88 -5.33 30.23
CA TYR A 73 63.93 -3.97 30.73
C TYR A 73 62.81 -3.68 31.72
N LEU A 74 63.03 -2.66 32.55
CA LEU A 74 62.05 -2.18 33.52
C LEU A 74 62.05 -0.65 33.53
N LEU A 75 60.97 -0.07 33.01
CA LEU A 75 60.87 1.38 32.94
C LEU A 75 59.54 1.88 33.51
N ALA A 76 59.39 3.19 33.58
CA ALA A 76 58.16 3.81 34.06
C ALA A 76 56.93 3.45 33.21
N PRO A 77 57.08 3.43 31.86
CA PRO A 77 55.93 2.94 31.08
C PRO A 77 55.65 1.45 31.24
N GLY A 78 56.51 0.72 31.95
CA GLY A 78 56.26 -0.68 32.24
C GLY A 78 57.48 -1.56 32.13
N SER A 79 57.29 -2.85 32.43
CA SER A 79 58.36 -3.84 32.29
C SER A 79 58.18 -4.66 31.02
N GLY A 80 59.28 -5.14 30.45
CA GLY A 80 59.21 -5.88 29.21
C GLY A 80 60.39 -6.77 28.88
N THR A 81 60.21 -7.56 27.83
CA THR A 81 61.22 -8.51 27.35
C THR A 81 61.19 -8.59 25.83
N MET A 82 62.35 -8.39 25.21
CA MET A 82 62.50 -8.58 23.78
C MET A 82 63.38 -9.79 23.51
N ALA A 83 63.27 -10.38 22.32
CA ALA A 83 63.99 -11.60 22.03
C ALA A 83 64.20 -11.81 20.54
N LEU A 84 65.41 -12.25 20.17
CA LEU A 84 65.73 -12.52 18.79
C LEU A 84 66.50 -13.83 18.66
N ASP A 85 65.90 -14.81 18.00
CA ASP A 85 66.56 -16.07 17.71
C ASP A 85 66.96 -16.11 16.24
N TRP A 86 68.19 -16.54 15.99
CA TRP A 86 68.75 -16.48 14.65
C TRP A 86 69.59 -17.72 14.33
N LEU A 87 69.12 -18.50 13.37
CA LEU A 87 69.82 -19.70 12.89
C LEU A 87 70.08 -19.58 11.39
N PRO A 88 71.33 -19.27 11.02
CA PRO A 88 71.75 -18.92 9.66
C PRO A 88 71.53 -20.01 8.61
N ASN A 89 72.14 -21.18 8.80
CA ASN A 89 72.17 -22.22 7.78
C ASN A 89 71.54 -23.54 8.21
N ASP A 90 70.22 -23.63 8.06
CA ASP A 90 69.47 -24.83 8.43
C ASP A 90 69.67 -25.90 7.36
N ARG A 91 70.20 -27.05 7.77
CA ARG A 91 70.56 -28.10 6.83
C ARG A 91 69.47 -29.14 6.65
N ILE A 92 68.31 -28.91 7.26
CA ILE A 92 67.20 -29.88 7.16
C ILE A 92 65.92 -29.32 6.53
N TYR A 93 65.71 -28.01 6.62
CA TYR A 93 64.36 -27.47 6.45
C TYR A 93 63.81 -27.46 5.03
N THR A 94 64.68 -27.29 4.04
CA THR A 94 64.24 -27.11 2.66
C THR A 94 63.28 -25.93 2.64
N GLY A 95 62.00 -26.16 2.37
CA GLY A 95 61.07 -25.04 2.35
C GLY A 95 59.59 -25.35 2.53
N PRO A 96 58.80 -24.30 2.76
CA PRO A 96 57.34 -24.38 2.73
C PRO A 96 56.91 -24.86 1.36
N ASP A 97 57.55 -24.28 0.35
CA ASP A 97 57.36 -24.69 -1.04
C ASP A 97 58.07 -26.02 -1.31
N GLY A 98 58.83 -26.50 -0.32
CA GLY A 98 59.55 -27.75 -0.49
C GLY A 98 60.95 -27.54 -1.01
N THR A 99 61.28 -26.31 -1.40
CA THR A 99 62.59 -26.05 -1.98
C THR A 99 63.16 -24.66 -1.68
N ASP A 100 64.03 -24.58 -0.67
CA ASP A 100 64.74 -23.34 -0.36
C ASP A 100 66.21 -23.71 -0.19
N LYS A 101 66.43 -24.77 0.58
CA LYS A 101 67.75 -25.19 1.04
C LYS A 101 68.60 -24.09 1.70
N ASN A 102 69.26 -24.46 2.79
CA ASN A 102 70.14 -23.55 3.51
C ASN A 102 69.45 -22.25 3.91
N ALA A 103 68.27 -22.37 4.51
CA ALA A 103 67.44 -21.20 4.78
C ALA A 103 67.75 -20.67 6.18
N THR A 104 67.40 -19.39 6.41
CA THR A 104 67.60 -18.79 7.72
C THR A 104 66.33 -18.83 8.55
N ARG A 105 66.44 -19.46 9.71
CA ARG A 105 65.37 -19.49 10.71
C ARG A 105 65.50 -18.33 11.66
N TRP A 106 64.40 -17.62 11.92
CA TRP A 106 64.49 -16.54 12.89
C TRP A 106 63.17 -16.31 13.64
N LEU A 107 63.29 -15.80 14.86
CA LEU A 107 62.13 -15.45 15.67
C LEU A 107 62.34 -14.10 16.35
N TYR A 108 61.30 -13.26 16.33
CA TYR A 108 61.35 -12.01 17.07
C TYR A 108 60.17 -11.93 18.04
N TYR A 109 60.46 -11.54 19.28
CA TYR A 109 59.43 -11.44 20.30
C TYR A 109 59.54 -10.14 21.08
N TRP A 110 58.39 -9.55 21.39
CA TRP A 110 58.35 -8.39 22.26
C TRP A 110 57.13 -8.46 23.17
N GLY A 111 57.36 -8.47 24.47
CA GLY A 111 56.29 -8.41 25.45
C GLY A 111 56.47 -7.21 26.35
N HIS A 112 55.39 -6.46 26.58
CA HIS A 112 55.46 -5.31 27.47
C HIS A 112 54.18 -5.16 28.26
N SER A 113 54.29 -4.71 29.50
CA SER A 113 53.11 -4.46 30.31
C SER A 113 53.41 -3.38 31.34
N GLY A 114 52.53 -2.39 31.42
CA GLY A 114 52.70 -1.34 32.40
C GLY A 114 51.60 -0.31 32.52
N VAL A 115 51.47 0.26 33.71
CA VAL A 115 50.57 1.36 33.96
C VAL A 115 51.38 2.56 34.45
N MET A 116 51.62 3.50 33.54
CA MET A 116 52.42 4.68 33.85
C MET A 116 51.57 5.82 34.40
N ASP A 117 51.99 6.34 35.54
CA ASP A 117 51.34 7.48 36.19
C ASP A 117 49.85 7.21 36.44
N GLN A 118 49.56 5.94 36.73
CA GLN A 118 48.22 5.48 37.10
C GLN A 118 47.14 5.60 36.01
N VAL A 119 47.36 6.44 35.01
CA VAL A 119 46.32 6.69 34.01
C VAL A 119 46.70 6.23 32.61
N TRP A 120 47.99 5.99 32.39
CA TRP A 120 48.45 5.51 31.08
C TRP A 120 48.65 4.00 31.11
N ARG A 121 48.23 3.33 30.05
CA ARG A 121 48.25 1.87 30.02
C ARG A 121 48.88 1.35 28.73
N PHE A 122 49.96 0.59 28.87
CA PHE A 122 50.67 0.06 27.70
C PHE A 122 50.83 -1.46 27.77
N ASN A 123 50.50 -2.10 26.66
CA ASN A 123 50.57 -3.56 26.54
C ASN A 123 51.02 -4.03 25.17
N ILE A 124 52.06 -4.86 25.13
CA ILE A 124 52.55 -5.40 23.86
C ILE A 124 52.68 -6.92 23.95
N ASN A 125 52.13 -7.59 22.95
CA ASN A 125 52.26 -9.04 22.79
C ASN A 125 52.56 -9.38 21.33
N TYR A 126 53.82 -9.27 20.96
CA TYR A 126 54.23 -9.42 19.57
C TYR A 126 55.14 -10.64 19.38
N THR A 127 54.79 -11.49 18.43
CA THR A 127 55.62 -12.63 18.07
C THR A 127 55.59 -12.82 16.55
N ARG A 128 56.77 -12.92 15.95
CA ARG A 128 56.85 -13.17 14.52
C ARG A 128 57.96 -14.17 14.19
N VAL A 129 57.64 -15.15 13.35
CA VAL A 129 58.61 -16.16 12.97
C VAL A 129 58.84 -16.20 11.46
N SER A 130 59.93 -16.85 11.05
CA SER A 130 60.36 -16.89 9.66
C SER A 130 59.53 -17.82 8.77
N ASP A 131 58.87 -18.80 9.39
CA ASP A 131 58.17 -19.82 8.63
C ASP A 131 57.18 -20.59 9.52
N PRO A 132 56.20 -21.25 8.91
CA PRO A 132 55.20 -21.99 9.70
C PRO A 132 55.79 -23.09 10.57
N ALA A 133 56.92 -23.66 10.17
CA ALA A 133 57.47 -24.83 10.82
C ALA A 133 58.51 -24.50 11.90
N TYR A 134 58.54 -23.24 12.35
CA TYR A 134 59.54 -22.82 13.32
C TYR A 134 59.45 -23.60 14.63
N PHE A 135 58.32 -23.50 15.31
CA PHE A 135 58.18 -24.09 16.64
C PHE A 135 58.17 -25.61 16.61
N THR A 136 57.92 -26.17 15.43
CA THR A 136 57.98 -27.62 15.26
C THR A 136 59.43 -28.07 15.35
N ASP A 137 60.33 -27.25 14.81
CA ASP A 137 61.73 -27.62 14.67
C ASP A 137 62.59 -27.02 15.78
N LEU A 138 62.24 -25.82 16.22
CA LEU A 138 63.04 -25.10 17.19
C LEU A 138 62.31 -24.88 18.51
N THR A 139 63.04 -24.92 19.60
CA THR A 139 62.49 -24.73 20.93
C THR A 139 62.59 -23.29 21.38
N SER A 140 61.48 -22.73 21.83
CA SER A 140 61.48 -21.38 22.38
C SER A 140 60.53 -21.26 23.57
N GLN A 141 60.74 -20.22 24.36
CA GLN A 141 59.90 -19.95 25.52
C GLN A 141 58.65 -19.21 25.03
N TYR A 142 58.72 -18.73 23.79
CA TYR A 142 57.68 -17.91 23.22
C TYR A 142 56.93 -18.63 22.12
N GLY A 143 56.66 -19.91 22.35
CA GLY A 143 55.94 -20.72 21.39
C GLY A 143 56.08 -22.21 21.62
N SER A 144 55.26 -23.00 20.92
CA SER A 144 55.27 -24.44 21.07
C SER A 144 54.72 -25.13 19.84
N THR A 145 54.79 -26.45 19.83
CA THR A 145 54.30 -27.23 18.71
C THR A 145 52.77 -27.25 18.67
N THR A 146 52.14 -26.82 19.77
CA THR A 146 50.69 -26.78 19.82
C THR A 146 50.14 -25.51 19.16
N ASP A 147 51.00 -24.52 18.98
CA ASP A 147 50.57 -23.23 18.42
C ASP A 147 50.24 -23.36 16.94
N GLY A 148 49.16 -22.69 16.53
CA GLY A 148 48.73 -22.69 15.15
C GLY A 148 48.93 -21.33 14.52
N TYR A 149 49.33 -20.37 15.34
CA TYR A 149 49.61 -19.02 14.88
C TYR A 149 50.40 -18.23 15.92
N ALA A 150 50.85 -17.04 15.52
CA ALA A 150 51.54 -16.15 16.43
C ALA A 150 50.74 -14.86 16.58
N THR A 151 50.73 -14.32 17.78
CA THR A 151 49.94 -13.12 18.10
C THR A 151 50.78 -11.84 18.01
N GLN A 152 50.21 -10.82 17.38
CA GLN A 152 50.88 -9.52 17.24
C GLN A 152 49.94 -8.39 17.65
N ILE A 153 50.03 -7.99 18.91
CA ILE A 153 49.10 -7.03 19.49
C ILE A 153 49.80 -5.86 20.17
N PHE A 154 49.41 -4.64 19.81
CA PHE A 154 49.88 -3.44 20.49
C PHE A 154 48.69 -2.67 21.07
N THR A 155 48.86 -2.16 22.28
CA THR A 155 47.75 -1.50 22.98
C THR A 155 48.22 -0.32 23.82
N ALA A 156 47.66 0.85 23.55
CA ALA A 156 47.95 2.03 24.35
C ALA A 156 46.65 2.72 24.70
N GLY A 157 46.47 3.08 25.97
CA GLY A 157 45.22 3.69 26.38
C GLY A 157 45.27 4.57 27.60
N TYR A 158 44.23 5.37 27.77
CA TYR A 158 44.08 6.22 28.94
C TYR A 158 42.92 5.71 29.78
N ALA A 159 43.00 5.90 31.10
CA ALA A 159 41.93 5.48 31.99
C ALA A 159 41.95 6.23 33.31
N ASN A 160 40.78 6.72 33.72
CA ASN A 160 40.62 7.25 35.07
C ASN A 160 39.34 6.67 35.68
N GLU A 161 38.86 7.29 36.74
CA GLU A 161 37.70 6.78 37.46
C GLU A 161 36.39 6.79 36.65
N ASN A 162 36.25 7.73 35.74
CA ASN A 162 34.97 7.93 35.05
C ASN A 162 34.91 7.34 33.65
N TRP A 163 36.04 7.34 32.96
CA TRP A 163 36.06 6.87 31.58
C TRP A 163 37.42 6.30 31.19
N ASN A 164 37.47 5.67 30.01
CA ASN A 164 38.73 5.17 29.48
C ASN A 164 38.67 4.99 27.96
N ALA A 165 39.80 5.10 27.31
CA ALA A 165 39.89 4.86 25.88
C ALA A 165 41.13 4.03 25.57
N THR A 166 41.07 3.25 24.49
CA THR A 166 42.12 2.29 24.18
C THR A 166 42.29 2.11 22.68
N LEU A 167 43.49 2.40 22.20
CA LEU A 167 43.86 2.22 20.80
C LEU A 167 44.71 0.96 20.65
N SER A 168 44.36 0.14 19.67
CA SER A 168 45.00 -1.16 19.52
C SER A 168 45.29 -1.57 18.07
N SER A 169 46.35 -2.35 17.90
CA SER A 169 46.62 -3.01 16.64
C SER A 169 46.65 -4.52 16.88
N LYS A 170 45.77 -5.24 16.22
CA LYS A 170 45.69 -6.68 16.40
C LYS A 170 45.88 -7.41 15.08
N GLN A 171 46.94 -8.21 14.99
CA GLN A 171 47.28 -8.91 13.77
C GLN A 171 47.81 -10.29 14.12
N PHE A 172 47.67 -11.27 13.22
CA PHE A 172 48.07 -12.62 13.55
C PHE A 172 48.78 -13.32 12.40
N GLN A 173 49.81 -14.09 12.73
CA GLN A 173 50.57 -14.85 11.75
C GLN A 173 50.17 -16.32 11.81
N VAL A 174 49.21 -16.70 10.96
CA VAL A 174 48.70 -18.06 10.94
C VAL A 174 49.65 -18.99 10.18
N PHE A 175 49.89 -20.18 10.73
CA PHE A 175 50.92 -21.08 10.22
C PHE A 175 50.46 -21.97 9.07
N THR A 176 49.41 -21.55 8.38
CA THR A 176 49.01 -22.17 7.12
C THR A 176 48.80 -21.04 6.13
N ALA A 177 49.04 -21.33 4.85
CA ALA A 177 48.92 -20.33 3.79
C ALA A 177 47.51 -19.78 3.83
N ALA A 178 46.56 -20.70 3.82
CA ALA A 178 45.14 -20.38 3.82
C ALA A 178 44.72 -19.53 5.02
N GLY A 179 45.17 -19.94 6.20
CA GLY A 179 44.84 -19.26 7.42
C GLY A 179 45.37 -17.85 7.47
N ASN A 180 46.62 -17.68 7.10
CA ASN A 180 47.24 -16.36 7.12
C ASN A 180 46.63 -15.46 6.06
N SER A 181 46.24 -16.05 4.94
CA SER A 181 45.68 -15.27 3.84
C SER A 181 44.29 -14.75 4.18
N ASN A 182 43.48 -15.56 4.86
CA ASN A 182 42.12 -15.16 5.17
C ASN A 182 41.91 -14.59 6.59
N ALA A 183 43.00 -14.51 7.36
CA ALA A 183 42.92 -14.00 8.73
C ALA A 183 42.74 -12.49 8.76
N TYR A 184 41.63 -12.03 9.32
CA TYR A 184 41.36 -10.60 9.44
C TYR A 184 42.23 -9.93 10.50
N ARG A 185 42.46 -8.63 10.29
CA ARG A 185 43.27 -7.82 11.19
C ARG A 185 42.39 -6.72 11.76
N ALA A 186 42.70 -6.24 12.97
CA ALA A 186 42.05 -5.05 13.49
C ALA A 186 43.06 -3.90 13.51
N GLN A 187 42.93 -2.95 12.60
CA GLN A 187 44.04 -2.03 12.41
C GLN A 187 43.59 -0.68 11.87
N PRO A 188 43.27 0.27 12.78
CA PRO A 188 43.30 0.02 14.22
C PRO A 188 41.95 -0.28 14.84
N GLN A 189 41.95 -0.45 16.17
CA GLN A 189 40.73 -0.61 16.94
C GLN A 189 40.68 0.44 18.03
N LEU A 190 39.55 1.13 18.16
CA LEU A 190 39.38 2.11 19.22
C LEU A 190 38.22 1.69 20.12
N ASP A 191 38.51 1.50 21.40
CA ASP A 191 37.48 1.15 22.38
C ASP A 191 37.34 2.25 23.41
N MET A 192 36.11 2.70 23.65
CA MET A 192 35.88 3.75 24.64
C MET A 192 34.77 3.36 25.61
N ASN A 193 34.95 3.75 26.86
CA ASN A 193 33.96 3.50 27.90
C ASN A 193 33.74 4.72 28.77
N TYR A 194 32.46 5.03 29.03
CA TYR A 194 32.10 6.09 29.95
C TYR A 194 31.13 5.57 30.99
N TYR A 195 31.43 5.81 32.27
CA TYR A 195 30.59 5.34 33.35
C TYR A 195 30.02 6.51 34.13
N LYS A 196 28.82 6.32 34.70
CA LYS A 196 28.27 7.32 35.60
C LYS A 196 27.27 6.71 36.56
N ASN A 197 27.60 6.71 37.85
CA ASN A 197 26.68 6.19 38.85
C ASN A 197 25.74 7.26 39.38
N ASP A 198 24.65 6.81 39.99
CA ASP A 198 23.70 7.69 40.68
C ASP A 198 23.11 8.76 39.76
N VAL A 199 22.91 8.41 38.49
CA VAL A 199 22.13 9.25 37.60
C VAL A 199 20.67 9.05 37.98
N GLY A 200 20.25 9.72 39.04
CA GLY A 200 18.96 9.44 39.63
C GLY A 200 19.05 8.09 40.31
N PRO A 201 18.09 7.21 40.03
CA PRO A 201 18.08 5.86 40.60
C PRO A 201 18.93 4.90 39.77
N PHE A 202 19.45 5.39 38.65
CA PHE A 202 20.13 4.54 37.68
C PHE A 202 21.65 4.63 37.69
N ASP A 203 22.29 3.58 37.21
CA ASP A 203 23.68 3.61 36.82
C ASP A 203 23.75 3.55 35.30
N MET A 204 24.55 4.41 34.70
CA MET A 204 24.65 4.45 33.25
C MET A 204 26.04 4.11 32.75
N HIS A 205 26.10 3.52 31.57
CA HIS A 205 27.36 3.12 30.96
C HIS A 205 27.25 3.17 29.45
N VAL A 206 28.15 3.91 28.81
CA VAL A 206 28.18 3.96 27.36
C VAL A 206 29.47 3.33 26.84
N TYR A 207 29.33 2.40 25.90
CA TYR A 207 30.50 1.80 25.28
C TYR A 207 30.51 2.11 23.79
N GLY A 208 31.70 2.39 23.26
CA GLY A 208 31.84 2.69 21.84
C GLY A 208 33.05 2.03 21.21
N GLN A 209 32.97 1.76 19.91
CA GLN A 209 34.11 1.16 19.18
C GLN A 209 34.19 1.59 17.73
N ALA A 210 35.42 1.82 17.26
CA ALA A 210 35.65 2.09 15.84
C ALA A 210 36.80 1.21 15.32
N ALA A 211 36.50 0.33 14.38
CA ALA A 211 37.50 -0.63 13.91
C ALA A 211 37.62 -0.69 12.40
N LYS A 212 38.83 -0.99 11.92
CA LYS A 212 39.09 -1.22 10.51
C LYS A 212 39.60 -2.65 10.28
N PHE A 213 38.77 -3.46 9.64
CA PHE A 213 39.11 -4.85 9.34
C PHE A 213 39.58 -5.05 7.90
N THR A 214 40.80 -5.56 7.75
CA THR A 214 41.37 -5.90 6.45
C THR A 214 42.07 -7.26 6.53
N SER A 215 42.21 -7.91 5.37
CA SER A 215 42.97 -9.16 5.28
C SER A 215 43.84 -9.19 4.02
N VAL A 216 44.78 -10.13 3.98
CA VAL A 216 45.73 -10.21 2.86
C VAL A 216 45.04 -10.54 1.55
N ASN A 217 44.20 -11.56 1.55
CA ASN A 217 43.45 -11.99 0.37
C ASN A 217 42.64 -10.83 -0.22
N PRO A 218 43.01 -10.40 -1.44
CA PRO A 218 42.36 -9.27 -2.12
C PRO A 218 40.88 -9.52 -2.42
N THR A 219 40.50 -10.79 -2.51
CA THR A 219 39.11 -11.17 -2.77
C THR A 219 38.21 -10.83 -1.58
N ASN A 220 38.73 -10.99 -0.37
CA ASN A 220 37.97 -10.73 0.85
C ASN A 220 37.61 -9.25 1.01
N PRO A 221 36.40 -8.99 1.51
CA PRO A 221 35.92 -7.62 1.74
C PRO A 221 36.68 -6.92 2.86
N GLU A 222 36.83 -5.60 2.74
CA GLU A 222 37.37 -4.82 3.85
C GLU A 222 36.20 -4.11 4.51
N ALA A 223 36.37 -3.66 5.74
CA ALA A 223 35.24 -3.05 6.43
C ALA A 223 35.63 -2.06 7.50
N SER A 224 34.87 -0.97 7.61
CA SER A 224 34.97 -0.07 8.75
C SER A 224 33.70 -0.22 9.58
N ARG A 225 33.88 -0.55 10.86
CA ARG A 225 32.73 -0.80 11.72
C ARG A 225 32.70 0.21 12.86
N PHE A 226 31.54 0.85 13.04
CA PHE A 226 31.36 1.79 14.13
C PHE A 226 30.23 1.32 15.03
N HIS A 227 30.40 1.42 16.34
CA HIS A 227 29.43 0.86 17.26
C HIS A 227 29.26 1.73 18.49
N ILE A 228 28.00 2.04 18.81
CA ILE A 228 27.69 2.75 20.03
C ILE A 228 26.66 1.91 20.79
N GLU A 229 26.78 1.91 22.11
CA GLU A 229 25.99 1.02 22.95
C GLU A 229 25.79 1.64 24.33
N PRO A 230 24.72 2.41 24.48
CA PRO A 230 24.32 2.97 25.77
C PRO A 230 23.54 1.96 26.61
N THR A 231 23.71 2.06 27.93
CA THR A 231 23.11 1.12 28.87
C THR A 231 22.65 1.84 30.13
N VAL A 232 21.36 1.70 30.44
CA VAL A 232 20.81 2.22 31.68
C VAL A 232 20.41 1.06 32.58
N ASN A 233 20.79 1.16 33.85
CA ASN A 233 20.65 0.07 34.80
C ASN A 233 19.96 0.51 36.09
N LEU A 234 18.96 -0.25 36.52
CA LEU A 234 18.29 -0.02 37.79
C LEU A 234 18.61 -1.17 38.74
N PRO A 235 19.58 -0.94 39.64
CA PRO A 235 20.07 -1.94 40.61
C PRO A 235 19.44 -1.80 41.99
N LEU A 236 18.78 -2.86 42.44
CA LEU A 236 18.20 -2.89 43.78
C LEU A 236 18.90 -3.97 44.61
N SER A 237 19.65 -3.55 45.60
CA SER A 237 20.48 -4.46 46.38
C SER A 237 20.03 -4.58 47.83
N ASN A 238 20.39 -5.69 48.46
CA ASN A 238 19.97 -5.99 49.82
C ASN A 238 21.01 -6.86 50.53
N SER A 239 20.79 -7.17 51.81
CA SER A 239 21.64 -8.13 52.50
C SER A 239 21.32 -9.52 51.99
N TRP A 240 20.03 -9.78 51.76
CA TRP A 240 19.58 -11.00 51.14
C TRP A 240 19.12 -10.64 49.73
N GLY A 241 19.58 -11.38 48.74
CA GLY A 241 19.15 -11.15 47.38
C GLY A 241 19.33 -9.75 46.76
N SER A 242 19.11 -9.68 45.46
CA SER A 242 19.19 -8.44 44.71
C SER A 242 18.55 -8.62 43.34
N ILE A 243 18.01 -7.53 42.79
CA ILE A 243 17.42 -7.57 41.46
C ILE A 243 17.96 -6.41 40.62
N ASN A 244 18.04 -6.61 39.32
CA ASN A 244 18.63 -5.62 38.43
C ASN A 244 17.89 -5.59 37.10
N THR A 245 17.41 -4.41 36.73
CA THR A 245 16.75 -4.24 35.44
C THR A 245 17.66 -3.46 34.51
N GLU A 246 17.75 -3.88 33.26
CA GLU A 246 18.75 -3.32 32.36
C GLU A 246 18.18 -3.08 30.97
N ALA A 247 18.29 -1.84 30.53
CA ALA A 247 17.90 -1.46 29.17
C ALA A 247 19.13 -1.10 28.38
N LYS A 248 19.29 -1.68 27.20
CA LYS A 248 20.48 -1.46 26.41
C LYS A 248 20.14 -1.15 24.95
N LEU A 249 20.95 -0.33 24.31
CA LEU A 249 20.73 -0.06 22.89
C LEU A 249 21.97 -0.37 22.07
N LEU A 250 21.84 -1.35 21.17
CA LEU A 250 22.95 -1.76 20.30
C LEU A 250 22.85 -1.10 18.93
N ALA A 251 23.71 -0.12 18.67
CA ALA A 251 23.67 0.57 17.38
C ALA A 251 24.99 0.41 16.62
N THR A 252 24.91 -0.11 15.41
CA THR A 252 26.11 -0.45 14.64
C THR A 252 25.98 0.00 13.18
N HIS A 253 27.02 0.65 12.67
CA HIS A 253 27.07 0.99 11.26
C HIS A 253 28.29 0.35 10.58
N TYR A 254 28.02 -0.29 9.46
CA TYR A 254 29.03 -0.97 8.65
C TYR A 254 29.27 -0.25 7.33
N GLN A 255 30.54 -0.07 7.01
CA GLN A 255 30.96 0.35 5.68
C GLN A 255 31.82 -0.76 5.09
N GLN A 256 31.20 -1.59 4.26
CA GLN A 256 31.88 -2.75 3.69
C GLN A 256 32.28 -2.55 2.24
N ASP A 257 33.58 -2.47 1.98
CA ASP A 257 34.08 -2.47 0.61
C ASP A 257 34.22 -3.90 0.09
N ILE A 258 33.45 -4.21 -0.93
CA ILE A 258 33.34 -5.56 -1.47
C ILE A 258 33.88 -5.61 -2.90
N PRO A 259 34.98 -6.34 -3.11
CA PRO A 259 35.53 -6.51 -4.46
C PRO A 259 34.52 -7.18 -5.40
N ALA A 260 34.66 -6.94 -6.70
CA ALA A 260 33.71 -7.48 -7.67
C ALA A 260 33.85 -9.00 -7.77
N SER A 261 35.08 -9.48 -7.59
CA SER A 261 35.37 -10.91 -7.63
C SER A 261 34.62 -11.65 -6.53
N PHE A 262 34.42 -10.96 -5.41
CA PHE A 262 33.70 -11.52 -4.28
C PHE A 262 32.21 -11.62 -4.59
N ALA A 263 31.67 -10.59 -5.24
CA ALA A 263 30.24 -10.51 -5.50
C ALA A 263 29.80 -11.49 -6.57
N ASP A 264 30.72 -11.89 -7.44
CA ASP A 264 30.37 -12.81 -8.51
C ASP A 264 30.89 -14.21 -8.13
N ASN A 265 30.69 -14.60 -6.88
CA ASN A 265 31.00 -15.97 -6.49
C ASN A 265 29.71 -16.76 -6.35
N ALA A 266 29.73 -18.01 -6.81
CA ALA A 266 28.55 -18.84 -6.77
C ALA A 266 28.20 -19.30 -5.38
N SER A 267 29.14 -19.11 -4.44
CA SER A 267 28.95 -19.58 -3.06
C SER A 267 29.00 -18.46 -2.03
N ASN A 268 29.31 -17.22 -2.46
CA ASN A 268 29.42 -16.10 -1.54
C ASN A 268 28.11 -15.37 -1.24
N PRO A 269 27.95 -14.90 0.01
CA PRO A 269 26.80 -14.10 0.43
C PRO A 269 26.75 -12.69 -0.18
N LYS A 270 25.54 -12.22 -0.47
CA LYS A 270 25.34 -10.86 -0.98
C LYS A 270 25.51 -9.80 0.10
N LEU A 271 26.72 -9.29 0.25
CA LEU A 271 26.97 -8.27 1.26
C LEU A 271 26.47 -6.92 0.75
N LYS A 272 26.24 -6.00 1.67
CA LYS A 272 25.77 -4.67 1.33
C LYS A 272 26.81 -3.61 1.73
N ASP A 273 26.92 -2.54 0.95
CA ASP A 273 27.96 -1.53 1.14
C ASP A 273 27.82 -0.77 2.46
N SER A 274 26.59 -0.37 2.77
CA SER A 274 26.31 0.31 4.02
C SER A 274 25.25 -0.45 4.80
N VAL A 275 25.55 -0.78 6.05
CA VAL A 275 24.59 -1.54 6.85
C VAL A 275 24.32 -0.86 8.18
N ASN A 276 23.05 -0.70 8.50
CA ASN A 276 22.67 -0.19 9.82
C ASN A 276 21.98 -1.28 10.62
N ARG A 277 22.40 -1.45 11.86
CA ARG A 277 21.74 -2.41 12.74
C ARG A 277 21.49 -1.79 14.11
N VAL A 278 20.22 -1.58 14.44
CA VAL A 278 19.85 -1.06 15.75
C VAL A 278 18.92 -2.03 16.45
N LEU A 279 19.37 -2.55 17.59
CA LEU A 279 18.62 -3.53 18.36
C LEU A 279 18.55 -3.14 19.82
N PRO A 280 17.33 -2.97 20.32
CA PRO A 280 17.17 -2.76 21.77
C PRO A 280 17.26 -4.08 22.52
N GLN A 281 17.76 -4.05 23.75
CA GLN A 281 17.86 -5.25 24.56
C GLN A 281 17.28 -5.00 25.94
N PHE A 282 16.36 -5.87 26.35
CA PHE A 282 15.78 -5.79 27.68
C PHE A 282 16.22 -6.99 28.50
N LYS A 283 16.74 -6.74 29.69
CA LYS A 283 17.17 -7.84 30.56
C LYS A 283 16.75 -7.60 32.00
N VAL A 284 16.16 -8.60 32.64
CA VAL A 284 15.87 -8.48 34.07
C VAL A 284 16.45 -9.68 34.81
N ASP A 285 17.26 -9.42 35.82
CA ASP A 285 18.00 -10.49 36.47
C ASP A 285 17.89 -10.40 37.99
N GLY A 286 17.41 -11.46 38.63
CA GLY A 286 17.21 -11.49 40.06
C GLY A 286 17.85 -12.69 40.74
N LYS A 287 18.26 -12.49 41.98
CA LYS A 287 18.94 -13.53 42.75
C LYS A 287 18.52 -13.43 44.22
N VAL A 288 18.38 -14.57 44.91
CA VAL A 288 18.02 -14.55 46.33
C VAL A 288 18.88 -15.55 47.12
N VAL A 289 19.27 -15.20 48.34
CA VAL A 289 20.08 -16.10 49.15
C VAL A 289 19.41 -16.56 50.45
N PHE A 290 18.91 -17.80 50.44
CA PHE A 290 18.47 -18.46 51.67
C PHE A 290 19.66 -19.10 52.37
N ASP A 291 19.53 -19.36 53.66
CA ASP A 291 20.55 -20.12 54.38
C ASP A 291 19.98 -20.81 55.62
N ARG A 292 20.74 -21.76 56.16
CA ARG A 292 20.32 -22.47 57.37
C ARG A 292 21.49 -23.15 58.04
N SER A 293 21.37 -23.34 59.35
CA SER A 293 22.31 -24.16 60.10
C SER A 293 21.92 -25.61 59.93
N MET A 294 22.87 -26.42 59.48
CA MET A 294 22.61 -27.84 59.23
C MET A 294 22.27 -28.52 60.57
N ASP A 295 21.54 -29.62 60.50
CA ASP A 295 20.91 -30.19 61.69
C ASP A 295 21.86 -30.99 62.56
N TRP A 296 22.14 -32.22 62.15
CA TRP A 296 23.05 -33.09 62.88
C TRP A 296 24.47 -32.53 62.92
N ALA A 297 24.88 -31.89 61.83
CA ALA A 297 26.18 -31.23 61.81
C ALA A 297 26.03 -29.78 62.27
N THR A 298 26.50 -29.50 63.47
CA THR A 298 26.35 -28.17 64.07
C THR A 298 27.57 -27.31 63.82
N GLY A 299 27.34 -26.06 63.43
CA GLY A 299 28.42 -25.14 63.16
C GLY A 299 28.51 -24.84 61.66
N PHE A 300 28.05 -25.79 60.86
CA PHE A 300 28.10 -25.66 59.41
C PHE A 300 26.87 -24.89 58.92
N THR A 301 27.01 -24.22 57.78
CA THR A 301 25.89 -23.50 57.20
C THR A 301 25.69 -23.88 55.74
N GLN A 302 24.46 -24.22 55.39
CA GLN A 302 24.15 -24.50 54.00
C GLN A 302 23.34 -23.35 53.42
N THR A 303 23.75 -22.86 52.26
CA THR A 303 23.07 -21.75 51.62
C THR A 303 22.42 -22.21 50.32
N LEU A 304 21.25 -21.65 50.02
CA LEU A 304 20.52 -21.98 48.82
C LEU A 304 20.24 -20.71 48.02
N GLU A 305 20.79 -20.62 46.82
CA GLU A 305 20.79 -19.37 46.06
C GLU A 305 20.17 -19.51 44.68
N PRO A 306 18.86 -19.27 44.57
CA PRO A 306 18.18 -19.25 43.27
C PRO A 306 18.41 -17.97 42.49
N ARG A 307 18.42 -18.10 41.17
CA ARG A 307 18.71 -17.00 40.27
C ARG A 307 17.91 -17.14 38.97
N ALA A 308 17.28 -16.06 38.53
CA ALA A 308 16.47 -16.10 37.32
C ALA A 308 16.73 -14.86 36.47
N GLN A 309 16.74 -15.03 35.16
CA GLN A 309 17.01 -13.91 34.27
C GLN A 309 16.17 -14.01 33.00
N TYR A 310 15.41 -12.96 32.69
CA TYR A 310 14.72 -12.92 31.41
C TYR A 310 15.46 -12.00 30.46
N LEU A 311 15.57 -12.43 29.22
CA LEU A 311 16.28 -11.69 28.19
C LEU A 311 15.48 -11.61 26.91
N TYR A 312 15.34 -10.39 26.38
CA TYR A 312 14.65 -10.18 25.11
C TYR A 312 15.41 -9.23 24.19
N VAL A 313 15.67 -9.72 22.98
CA VAL A 313 16.28 -8.97 21.90
C VAL A 313 15.54 -9.32 20.61
N PRO A 314 14.99 -8.31 19.91
CA PRO A 314 14.25 -8.57 18.68
C PRO A 314 15.15 -9.09 17.56
N TYR A 315 14.56 -9.79 16.59
CA TYR A 315 15.32 -10.37 15.50
C TYR A 315 15.63 -9.36 14.39
N ARG A 316 16.82 -9.48 13.82
CA ARG A 316 17.26 -8.63 12.72
C ARG A 316 18.13 -9.45 11.78
N ASN A 317 17.72 -9.53 10.52
CA ASN A 317 18.47 -10.28 9.52
C ASN A 317 19.82 -9.63 9.28
N GLN A 318 20.89 -10.41 9.44
CA GLN A 318 22.24 -9.88 9.33
C GLN A 318 23.09 -10.65 8.33
N ASP A 319 22.43 -11.26 7.34
CA ASP A 319 23.14 -12.00 6.30
C ASP A 319 23.96 -11.10 5.40
N ASP A 320 23.63 -9.81 5.41
CA ASP A 320 24.33 -8.84 4.57
C ASP A 320 25.58 -8.31 5.26
N ILE A 321 25.89 -8.85 6.45
CA ILE A 321 27.12 -8.52 7.15
C ILE A 321 28.06 -9.71 7.15
N TYR A 322 29.33 -9.45 6.86
CA TYR A 322 30.33 -10.51 6.82
C TYR A 322 30.86 -10.78 8.23
N ILE A 323 31.66 -11.85 8.37
CA ILE A 323 32.26 -12.18 9.66
C ILE A 323 33.69 -11.66 9.77
N TYR A 324 33.99 -10.92 10.83
CA TYR A 324 35.31 -10.34 10.99
C TYR A 324 35.99 -10.76 12.29
N ASP A 325 35.31 -10.54 13.41
CA ASP A 325 35.88 -10.85 14.72
C ASP A 325 34.88 -11.62 15.57
N THR A 326 34.04 -12.42 14.91
CA THR A 326 32.91 -13.04 15.57
C THR A 326 32.95 -14.57 15.51
N THR A 327 32.92 -15.19 16.69
CA THR A 327 32.87 -16.64 16.80
C THR A 327 31.86 -17.01 17.88
N LEU A 328 31.52 -18.29 17.97
CA LEU A 328 30.58 -18.73 18.98
C LEU A 328 31.26 -18.70 20.34
N MET A 329 30.70 -17.94 21.27
CA MET A 329 31.26 -17.88 22.62
C MET A 329 30.99 -19.22 23.28
N GLN A 330 31.90 -19.66 24.14
CA GLN A 330 31.68 -20.90 24.86
C GLN A 330 31.06 -20.63 26.21
N SER A 331 29.91 -21.28 26.45
CA SER A 331 29.16 -21.09 27.68
C SER A 331 29.42 -22.19 28.70
N ASP A 332 29.80 -21.78 29.90
CA ASP A 332 29.91 -22.69 31.03
C ASP A 332 28.71 -22.35 31.92
N TYR A 333 28.74 -22.71 33.20
CA TYR A 333 27.60 -22.37 34.06
C TYR A 333 27.37 -20.87 34.16
N SER A 334 28.45 -20.10 34.27
CA SER A 334 28.34 -18.64 34.31
C SER A 334 27.74 -18.11 33.01
N GLY A 335 28.26 -18.62 31.90
CA GLY A 335 27.85 -18.18 30.58
C GLY A 335 26.36 -18.30 30.30
N LEU A 336 25.66 -19.05 31.15
CA LEU A 336 24.21 -19.17 31.05
C LEU A 336 23.53 -17.82 31.15
N PHE A 337 24.11 -16.93 31.96
CA PHE A 337 23.50 -15.64 32.21
C PHE A 337 24.13 -14.53 31.39
N ARG A 338 25.00 -14.91 30.46
CA ARG A 338 25.61 -13.96 29.54
C ARG A 338 24.60 -13.56 28.46
N ASP A 339 24.52 -12.27 28.18
CA ASP A 339 23.50 -11.76 27.26
C ASP A 339 23.93 -11.87 25.80
N ARG A 340 25.15 -12.37 25.55
CA ARG A 340 25.65 -12.51 24.20
C ARG A 340 25.96 -13.95 23.84
N THR A 341 25.61 -14.35 22.61
CA THR A 341 25.90 -15.69 22.13
C THR A 341 27.24 -15.69 21.39
N TYR A 342 27.49 -14.64 20.62
CA TYR A 342 28.72 -14.55 19.83
C TYR A 342 29.70 -13.51 20.38
N SER A 343 30.94 -13.62 19.93
CA SER A 343 31.97 -12.63 20.24
C SER A 343 31.93 -11.54 19.18
N GLY A 344 32.69 -10.47 19.39
CA GLY A 344 32.73 -9.39 18.41
C GLY A 344 31.38 -8.72 18.29
N LEU A 345 31.08 -8.19 17.12
CA LEU A 345 29.85 -7.44 16.91
C LEU A 345 29.16 -7.72 15.58
N ASP A 346 29.55 -8.81 14.90
CA ASP A 346 29.02 -9.08 13.57
C ASP A 346 27.71 -9.87 13.60
N ARG A 347 27.42 -10.53 14.71
CA ARG A 347 26.17 -11.25 14.83
C ARG A 347 25.56 -11.07 16.22
N ILE A 348 24.41 -10.40 16.27
CA ILE A 348 23.64 -10.27 17.50
C ILE A 348 22.40 -11.15 17.42
N ALA A 349 22.42 -12.27 18.13
CA ALA A 349 21.29 -13.20 18.11
C ALA A 349 20.06 -12.62 18.76
N SER A 350 18.89 -12.97 18.24
CA SER A 350 17.64 -12.58 18.88
C SER A 350 17.51 -13.37 20.16
N ALA A 351 16.98 -12.75 21.20
CA ALA A 351 16.81 -13.43 22.47
C ALA A 351 15.36 -13.35 22.92
N ASN A 352 14.88 -14.43 23.52
CA ASN A 352 13.56 -14.44 24.12
C ASN A 352 13.52 -15.62 25.06
N GLN A 353 14.23 -15.50 26.18
CA GLN A 353 14.55 -16.66 26.99
C GLN A 353 14.65 -16.40 28.48
N VAL A 354 14.49 -17.45 29.27
CA VAL A 354 14.70 -17.38 30.70
C VAL A 354 15.82 -18.32 31.12
N SER A 355 16.85 -17.77 31.75
CA SER A 355 17.93 -18.56 32.29
C SER A 355 17.77 -18.67 33.80
N THR A 356 17.65 -19.89 34.31
CA THR A 356 17.50 -20.10 35.74
C THR A 356 18.64 -20.95 36.27
N GLY A 357 18.97 -20.74 37.54
CA GLY A 357 20.09 -21.44 38.16
C GLY A 357 19.93 -21.54 39.67
N LEU A 358 20.53 -22.59 40.23
CA LEU A 358 20.49 -22.82 41.67
C LEU A 358 21.88 -23.11 42.20
N THR A 359 22.29 -22.38 43.23
CA THR A 359 23.63 -22.54 43.78
C THR A 359 23.60 -22.81 45.28
N SER A 360 24.04 -23.99 45.67
CA SER A 360 24.10 -24.34 47.09
C SER A 360 25.54 -24.31 47.59
N ARG A 361 25.75 -23.69 48.75
CA ARG A 361 27.09 -23.63 49.33
C ARG A 361 27.11 -24.23 50.73
N ILE A 362 28.29 -24.61 51.20
CA ILE A 362 28.45 -25.10 52.57
C ILE A 362 29.67 -24.47 53.23
N TYR A 363 29.44 -23.75 54.31
CA TYR A 363 30.51 -23.15 55.09
C TYR A 363 30.69 -23.95 56.38
N ASP A 364 31.90 -23.89 56.95
CA ASP A 364 32.19 -24.65 58.16
C ASP A 364 32.27 -23.76 59.41
N ASP A 365 33.00 -24.24 60.40
CA ASP A 365 33.16 -23.56 61.67
C ASP A 365 33.80 -22.18 61.51
N ALA A 366 34.83 -22.13 60.67
CA ALA A 366 35.61 -20.92 60.45
C ALA A 366 35.15 -20.10 59.25
N ARG A 367 33.88 -20.23 58.87
CA ARG A 367 33.35 -19.55 57.68
C ARG A 367 34.18 -19.79 56.42
N VAL A 368 34.68 -21.01 56.26
CA VAL A 368 35.38 -21.39 55.03
C VAL A 368 34.42 -22.11 54.09
N GLU A 369 34.33 -21.64 52.84
CA GLU A 369 33.50 -22.34 51.86
C GLU A 369 34.18 -23.66 51.52
N ARG A 370 33.55 -24.76 51.92
CA ARG A 370 34.16 -26.08 51.79
C ARG A 370 33.53 -26.92 50.69
N PHE A 371 32.26 -26.66 50.40
CA PHE A 371 31.59 -27.35 49.30
C PHE A 371 30.72 -26.35 48.54
N ASN A 372 30.49 -26.64 47.27
CA ASN A 372 29.75 -25.74 46.40
C ASN A 372 29.26 -26.47 45.15
N VAL A 373 27.99 -26.29 44.81
CA VAL A 373 27.42 -26.91 43.62
C VAL A 373 26.44 -25.97 42.93
N SER A 374 26.52 -25.91 41.60
CA SER A 374 25.64 -25.05 40.82
C SER A 374 25.07 -25.79 39.63
N VAL A 375 23.76 -25.69 39.45
CA VAL A 375 23.08 -26.23 38.27
C VAL A 375 22.19 -25.15 37.67
N GLY A 376 22.28 -24.97 36.36
CA GLY A 376 21.48 -23.96 35.71
C GLY A 376 20.97 -24.41 34.36
N GLN A 377 20.03 -23.65 33.81
CA GLN A 377 19.39 -24.02 32.56
C GLN A 377 18.90 -22.81 31.75
N ILE A 378 18.70 -22.99 30.44
CA ILE A 378 18.09 -21.96 29.61
C ILE A 378 16.85 -22.47 28.89
N TYR A 379 15.74 -21.79 29.13
CA TYR A 379 14.46 -22.07 28.47
C TYR A 379 14.20 -21.03 27.39
N TYR A 380 14.11 -21.51 26.15
CA TYR A 380 13.83 -20.63 25.00
C TYR A 380 12.35 -20.61 24.67
N PHE A 381 11.79 -19.40 24.57
CA PHE A 381 10.39 -19.24 24.19
C PHE A 381 10.25 -19.20 22.68
N SER A 382 11.34 -18.82 22.01
CA SER A 382 11.40 -18.83 20.56
C SER A 382 12.83 -19.11 20.10
N ARG A 383 12.96 -19.53 18.85
CA ARG A 383 14.28 -19.86 18.29
C ARG A 383 15.18 -18.63 18.26
N SER A 384 16.46 -18.84 18.54
CA SER A 384 17.44 -17.77 18.38
C SER A 384 17.91 -17.70 16.93
N ARG A 385 17.88 -16.50 16.37
CA ARG A 385 18.22 -16.31 14.96
C ARG A 385 19.15 -15.13 14.74
N THR A 386 19.86 -15.16 13.62
CA THR A 386 20.72 -14.06 13.22
C THR A 386 20.52 -13.81 11.74
N GLY A 387 19.79 -14.71 11.10
CA GLY A 387 19.52 -14.60 9.68
C GLY A 387 18.51 -15.60 9.17
N ASN A 388 18.67 -16.00 7.91
CA ASN A 388 17.70 -16.82 7.22
C ASN A 388 18.31 -18.12 6.66
N THR A 389 19.54 -18.41 7.08
CA THR A 389 20.29 -19.56 6.58
C THR A 389 19.99 -20.92 7.20
N GLU A 390 18.91 -21.04 7.98
CA GLU A 390 18.52 -22.33 8.54
C GLU A 390 18.22 -23.35 7.44
N ASN A 396 13.31 -29.74 18.31
CA ASN A 396 14.62 -29.12 18.39
C ASN A 396 14.56 -27.63 18.03
N ALA A 397 13.72 -26.88 18.74
CA ALA A 397 13.50 -25.48 18.42
C ALA A 397 13.32 -24.62 19.67
N THR A 398 12.49 -25.05 20.60
CA THR A 398 12.28 -24.29 21.83
C THR A 398 12.20 -25.17 23.06
N GLY A 399 12.06 -24.52 24.22
CA GLY A 399 12.01 -25.22 25.49
C GLY A 399 13.33 -25.14 26.25
N SER A 400 13.44 -25.96 27.28
CA SER A 400 14.67 -26.07 28.06
C SER A 400 15.75 -26.79 27.25
N LEU A 401 16.61 -26.02 26.58
CA LEU A 401 17.51 -26.63 25.62
C LEU A 401 18.95 -26.73 26.11
N VAL A 402 19.35 -25.78 26.94
CA VAL A 402 20.73 -25.73 27.43
C VAL A 402 20.77 -25.99 28.93
N TRP A 403 21.64 -26.89 29.34
CA TRP A 403 21.90 -27.13 30.76
C TRP A 403 23.38 -27.00 31.04
N ALA A 404 23.74 -26.66 32.27
CA ALA A 404 25.13 -26.54 32.64
C ALA A 404 25.28 -26.60 34.14
N GLY A 405 26.38 -27.19 34.60
CA GLY A 405 26.62 -27.31 36.02
C GLY A 405 28.09 -27.33 36.36
N ASP A 406 28.41 -26.94 37.60
CA ASP A 406 29.78 -27.03 38.08
C ASP A 406 29.76 -27.32 39.57
N THR A 407 30.88 -27.80 40.09
CA THR A 407 30.97 -28.20 41.48
C THR A 407 32.40 -28.06 42.01
N PHE A 408 32.48 -27.77 43.30
CA PHE A 408 33.76 -27.61 43.99
C PHE A 408 33.65 -28.20 45.38
N TRP A 409 34.74 -28.83 45.83
CA TRP A 409 34.76 -29.49 47.13
C TRP A 409 36.15 -29.43 47.73
N ARG A 410 36.25 -28.79 48.90
CA ARG A 410 37.48 -28.77 49.67
C ARG A 410 37.45 -29.90 50.67
N ILE A 411 38.00 -31.04 50.26
CA ILE A 411 37.95 -32.27 51.03
C ILE A 411 38.77 -32.16 52.33
N ASN A 412 39.94 -31.55 52.24
CA ASN A 412 40.70 -31.13 53.42
C ASN A 412 41.65 -29.97 53.06
N ASP A 413 42.53 -29.62 53.98
CA ASP A 413 43.42 -28.47 53.79
C ASP A 413 44.38 -28.63 52.62
N GLN A 414 44.57 -29.86 52.16
CA GLN A 414 45.53 -30.12 51.09
C GLN A 414 44.89 -30.78 49.87
N LEU A 415 43.65 -31.22 50.00
CA LEU A 415 42.99 -31.94 48.93
C LEU A 415 41.79 -31.19 48.38
N GLY A 416 41.78 -30.99 47.06
CA GLY A 416 40.69 -30.27 46.43
C GLY A 416 40.14 -31.01 45.22
N LEU A 417 38.86 -30.81 44.97
CA LEU A 417 38.18 -31.45 43.85
C LEU A 417 37.25 -30.46 43.17
N LYS A 418 37.18 -30.48 41.85
CA LYS A 418 36.19 -29.65 41.15
C LYS A 418 35.93 -30.16 39.74
N GLY A 419 34.79 -29.78 39.18
CA GLY A 419 34.44 -30.21 37.85
C GLY A 419 33.22 -29.52 37.27
N GLY A 420 32.93 -29.77 36.01
CA GLY A 420 31.79 -29.16 35.36
C GLY A 420 31.31 -29.95 34.15
N ALA A 421 30.06 -29.71 33.75
CA ALA A 421 29.50 -30.37 32.59
C ALA A 421 28.47 -29.49 31.89
N GLN A 422 28.29 -29.72 30.60
CA GLN A 422 27.40 -28.91 29.78
C GLN A 422 26.56 -29.76 28.84
N TYR A 423 25.29 -29.40 28.69
CA TYR A 423 24.37 -30.13 27.82
C TYR A 423 23.66 -29.19 26.86
N ASP A 424 23.47 -29.67 25.63
CA ASP A 424 22.71 -28.95 24.62
C ASP A 424 21.94 -29.97 23.79
N THR A 425 20.62 -29.95 23.92
CA THR A 425 19.73 -30.89 23.24
C THR A 425 19.91 -30.85 21.72
N ARG A 426 20.19 -29.68 21.19
CA ARG A 426 20.35 -29.49 19.76
C ARG A 426 21.61 -30.17 19.22
N LEU A 427 22.57 -30.41 20.11
CA LEU A 427 23.83 -31.03 19.72
C LEU A 427 23.99 -32.43 20.31
N GLY A 428 22.89 -32.99 20.80
CA GLY A 428 22.89 -34.35 21.31
C GLY A 428 23.41 -34.50 22.72
N SER A 429 22.62 -34.06 23.70
CA SER A 429 22.92 -34.20 25.12
C SER A 429 24.26 -33.59 25.54
N LEU A 430 25.13 -34.40 26.14
CA LEU A 430 26.40 -33.93 26.70
C LEU A 430 27.35 -33.40 25.64
N THR A 431 27.87 -32.20 25.86
CA THR A 431 28.77 -31.57 24.91
C THR A 431 30.18 -31.38 25.46
N LEU A 432 30.27 -30.89 26.70
CA LEU A 432 31.53 -30.65 27.36
C LEU A 432 31.46 -31.17 28.78
N GLY A 433 32.58 -31.67 29.28
CA GLY A 433 32.64 -32.09 30.66
C GLY A 433 34.10 -32.17 31.07
N ASN A 434 34.38 -31.94 32.34
CA ASN A 434 35.74 -32.09 32.84
C ASN A 434 35.77 -32.10 34.35
N ALA A 435 36.76 -32.79 34.90
CA ALA A 435 36.92 -32.84 36.34
C ALA A 435 38.39 -32.85 36.68
N ILE A 436 38.75 -32.28 37.82
CA ILE A 436 40.14 -32.29 38.24
C ILE A 436 40.22 -32.34 39.76
N MET A 437 41.12 -33.19 40.24
CA MET A 437 41.40 -33.35 41.66
C MET A 437 42.85 -33.06 41.91
N GLU A 438 43.15 -32.33 42.99
CA GLU A 438 44.53 -32.01 43.31
C GLU A 438 44.86 -32.06 44.79
N TYR A 439 45.95 -32.76 45.09
CA TYR A 439 46.57 -32.73 46.42
C TYR A 439 47.84 -31.90 46.35
N ARG A 440 48.11 -31.15 47.42
CA ARG A 440 49.34 -30.39 47.53
C ARG A 440 49.61 -30.00 48.99
N LYS A 441 50.81 -30.32 49.47
CA LYS A 441 51.21 -30.02 50.85
C LYS A 441 51.98 -28.70 50.91
N ASP A 442 53.14 -28.67 50.24
CA ASP A 442 53.96 -27.45 50.13
C ASP A 442 54.31 -27.21 48.67
N ALA A 443 55.60 -27.24 48.36
CA ALA A 443 56.05 -27.11 46.98
C ALA A 443 57.09 -28.18 46.71
N ASP A 444 56.81 -29.36 47.24
CA ASP A 444 57.64 -30.54 47.06
C ASP A 444 56.73 -31.74 46.85
N ARG A 445 55.53 -31.65 47.43
CA ARG A 445 54.54 -32.72 47.36
C ARG A 445 53.28 -32.28 46.60
N MET A 446 52.96 -32.98 45.52
CA MET A 446 51.81 -32.61 44.70
C MET A 446 51.33 -33.77 43.84
N ILE A 447 50.03 -33.99 43.81
CA ILE A 447 49.44 -34.98 42.91
C ILE A 447 48.22 -34.36 42.22
N GLN A 448 48.00 -34.68 40.96
CA GLN A 448 46.89 -34.07 40.22
C GLN A 448 46.31 -35.04 39.18
N LEU A 449 45.03 -35.37 39.34
CA LEU A 449 44.28 -36.16 38.37
C LEU A 449 43.30 -35.27 37.62
N ASN A 450 43.06 -35.58 36.35
CA ASN A 450 42.06 -34.81 35.61
C ASN A 450 41.52 -35.57 34.42
N TYR A 451 40.31 -35.21 34.00
CA TYR A 451 39.73 -35.78 32.79
C TYR A 451 39.01 -34.67 32.04
N ARG A 452 39.18 -34.67 30.73
CA ARG A 452 38.52 -33.69 29.88
C ARG A 452 37.79 -34.38 28.74
N TYR A 453 36.54 -33.97 28.52
CA TYR A 453 35.73 -34.48 27.45
C TYR A 453 35.05 -33.35 26.68
N ALA A 454 34.99 -33.52 25.37
CA ALA A 454 34.28 -32.63 24.47
C ALA A 454 33.69 -33.47 23.36
N SER A 455 32.37 -33.42 23.19
CA SER A 455 31.71 -34.15 22.11
C SER A 455 32.19 -33.68 20.73
N PRO A 456 32.21 -34.58 19.74
CA PRO A 456 32.53 -34.26 18.35
C PRO A 456 31.62 -33.19 17.78
N LYS A 457 30.31 -33.38 17.97
CA LYS A 457 29.33 -32.43 17.46
C LYS A 457 29.52 -31.05 18.08
N TYR A 458 29.95 -31.01 19.34
CA TYR A 458 30.18 -29.72 19.97
C TYR A 458 31.35 -29.03 19.30
N ILE A 459 32.38 -29.79 18.94
CA ILE A 459 33.55 -29.19 18.30
C ILE A 459 33.16 -28.71 16.91
N GLN A 460 32.31 -29.48 16.24
CA GLN A 460 31.82 -29.13 14.91
C GLN A 460 30.96 -27.86 14.93
N ALA A 461 30.26 -27.64 16.05
CA ALA A 461 29.41 -26.47 16.17
C ALA A 461 30.15 -25.22 16.65
N ALA A 462 30.90 -25.37 17.74
CA ALA A 462 31.54 -24.24 18.39
C ALA A 462 32.70 -23.68 17.59
N VAL A 463 33.52 -24.57 17.02
CA VAL A 463 34.63 -24.12 16.20
C VAL A 463 34.66 -24.88 14.87
N PRO A 464 33.99 -24.33 13.86
CA PRO A 464 33.97 -24.92 12.51
C PRO A 464 35.36 -24.87 11.88
N LYS A 465 35.48 -25.31 10.62
CA LYS A 465 36.77 -25.35 9.94
C LYS A 465 37.75 -26.20 10.74
N VAL A 466 37.18 -27.12 11.51
CA VAL A 466 37.86 -28.14 12.28
C VAL A 466 36.70 -28.93 12.88
N TYR A 467 36.06 -29.71 12.02
CA TYR A 467 34.70 -30.23 12.26
C TYR A 467 34.63 -31.61 12.92
N ASN A 468 33.62 -32.39 12.50
CA ASN A 468 33.30 -33.73 12.98
C ASN A 468 34.49 -34.71 13.07
N PRO A 469 34.25 -36.00 13.38
CA PRO A 469 35.51 -36.71 13.66
C PRO A 469 36.33 -37.20 12.45
N ASP A 470 36.47 -36.43 11.37
CA ASP A 470 37.33 -36.90 10.28
C ASP A 470 38.73 -36.95 10.84
N TYR A 471 39.04 -38.09 11.47
CA TYR A 471 40.27 -38.31 12.24
C TYR A 471 40.30 -37.39 13.47
N GLN A 472 39.56 -36.30 13.47
CA GLN A 472 39.57 -35.43 14.65
C GLN A 472 38.27 -35.54 15.42
N GLN A 473 38.33 -36.48 16.37
CA GLN A 473 37.29 -36.77 17.34
C GLN A 473 37.05 -35.57 18.23
N GLY A 474 36.27 -35.78 19.27
CA GLY A 474 36.07 -34.82 20.32
C GLY A 474 37.34 -34.92 21.16
N ILE A 475 37.24 -34.59 22.44
CA ILE A 475 38.38 -34.72 23.32
C ILE A 475 37.99 -35.69 24.43
N SER A 476 38.89 -36.62 24.76
CA SER A 476 38.69 -37.52 25.88
C SER A 476 40.06 -37.86 26.44
N GLN A 477 40.52 -37.00 27.33
CA GLN A 477 41.91 -36.98 27.78
C GLN A 477 41.98 -37.19 29.28
N VAL A 478 42.75 -38.20 29.69
CA VAL A 478 42.98 -38.46 31.10
C VAL A 478 44.39 -38.04 31.44
N GLY A 479 44.56 -37.35 32.56
CA GLY A 479 45.85 -36.79 32.88
C GLY A 479 46.26 -36.94 34.33
N THR A 480 47.55 -37.17 34.52
CA THR A 480 48.12 -37.25 35.85
C THR A 480 49.41 -36.44 35.89
N THR A 481 49.64 -35.78 37.02
CA THR A 481 50.87 -35.05 37.23
C THR A 481 51.27 -35.23 38.68
N ALA A 482 52.57 -35.29 38.97
CA ALA A 482 53.02 -35.47 40.34
C ALA A 482 54.42 -34.94 40.57
N SER A 483 54.68 -34.57 41.81
CA SER A 483 56.00 -34.14 42.24
C SER A 483 56.16 -34.58 43.69
N TRP A 484 57.08 -35.51 43.93
CA TRP A 484 57.21 -36.10 45.24
C TRP A 484 58.66 -36.36 45.62
N PRO A 485 59.00 -36.11 46.90
CA PRO A 485 60.33 -36.43 47.41
C PRO A 485 60.39 -37.92 47.69
N ILE A 486 61.50 -38.57 47.36
CA ILE A 486 61.58 -40.02 47.56
C ILE A 486 62.76 -40.46 48.42
N ALA A 487 63.82 -39.66 48.48
CA ALA A 487 64.97 -39.98 49.31
C ALA A 487 65.37 -38.81 50.21
N ASP A 488 66.65 -38.68 50.53
CA ASP A 488 67.08 -37.65 51.46
C ASP A 488 67.15 -36.30 50.77
N ARG A 489 67.75 -36.33 49.59
CA ARG A 489 67.89 -35.17 48.74
C ARG A 489 67.52 -35.47 47.29
N TRP A 490 66.64 -36.46 47.12
CA TRP A 490 66.15 -36.82 45.80
C TRP A 490 64.74 -36.30 45.62
N ALA A 491 64.32 -36.15 44.37
CA ALA A 491 62.99 -35.65 44.06
C ALA A 491 62.58 -36.13 42.68
N ILE A 492 61.34 -36.56 42.52
CA ILE A 492 60.89 -37.06 41.23
C ILE A 492 59.60 -36.36 40.77
N VAL A 493 59.52 -36.06 39.48
CA VAL A 493 58.31 -35.48 38.91
C VAL A 493 57.84 -36.32 37.73
N GLY A 494 56.52 -36.31 37.50
CA GLY A 494 55.94 -37.07 36.42
C GLY A 494 54.72 -36.37 35.83
N ALA A 495 54.43 -36.67 34.56
CA ALA A 495 53.26 -36.10 33.90
C ALA A 495 52.89 -36.97 32.70
N TYR A 496 51.71 -37.59 32.79
CA TYR A 496 51.24 -38.47 31.74
C TYR A 496 49.84 -38.04 31.29
N TYR A 497 49.71 -37.78 29.99
CA TYR A 497 48.41 -37.43 29.42
C TYR A 497 48.07 -38.42 28.32
N TYR A 498 46.88 -39.00 28.41
CA TYR A 498 46.49 -40.11 27.56
C TYR A 498 45.16 -39.85 26.85
N ASP A 499 45.19 -40.03 25.53
CA ASP A 499 43.99 -39.98 24.69
C ASP A 499 43.36 -41.36 24.66
N THR A 500 42.14 -41.44 25.18
CA THR A 500 41.44 -42.71 25.39
C THR A 500 40.73 -43.25 24.15
N LYS A 501 40.33 -42.37 23.25
CA LYS A 501 39.64 -42.80 22.05
C LYS A 501 40.63 -43.35 21.03
N ALA A 502 41.75 -42.63 20.89
CA ALA A 502 42.83 -43.06 20.00
C ALA A 502 43.76 -44.06 20.69
N LYS A 503 43.56 -44.25 21.99
CA LYS A 503 44.34 -45.18 22.80
C LYS A 503 45.84 -44.93 22.68
N GLN A 504 46.26 -43.69 22.90
CA GLN A 504 47.69 -43.36 22.80
C GLN A 504 48.07 -42.17 23.67
N PRO A 505 49.35 -42.10 24.08
CA PRO A 505 49.80 -40.95 24.87
C PRO A 505 49.83 -39.66 24.04
N ALA A 506 49.31 -38.59 24.61
CA ALA A 506 49.39 -37.27 24.00
C ALA A 506 50.67 -36.59 24.45
N SER A 507 51.01 -36.77 25.72
CA SER A 507 52.22 -36.19 26.30
C SER A 507 52.68 -36.97 27.53
N GLN A 508 53.99 -36.99 27.73
CA GLN A 508 54.61 -37.79 28.79
C GLN A 508 55.90 -37.13 29.24
N LEU A 509 56.11 -37.10 30.55
CA LEU A 509 57.26 -36.42 31.12
C LEU A 509 57.69 -37.10 32.42
N VAL A 510 58.96 -37.50 32.48
CA VAL A 510 59.50 -38.14 33.68
C VAL A 510 60.75 -37.39 34.10
N GLY A 511 60.91 -37.13 35.40
CA GLY A 511 62.03 -36.33 35.83
C GLY A 511 62.59 -36.61 37.21
N LEU A 512 63.91 -36.48 37.34
CA LEU A 512 64.60 -36.61 38.61
C LEU A 512 65.35 -35.34 38.97
N GLN A 513 65.46 -35.07 40.26
CA GLN A 513 66.19 -33.91 40.78
C GLN A 513 67.07 -34.30 41.95
N TYR A 514 68.24 -33.66 42.04
CA TYR A 514 69.20 -33.95 43.09
C TYR A 514 69.58 -32.69 43.83
N ASN A 515 69.53 -32.75 45.14
CA ASN A 515 69.79 -31.58 45.94
C ASN A 515 70.98 -31.79 46.88
N THR A 516 71.74 -30.73 47.10
CA THR A 516 72.82 -30.70 48.09
C THR A 516 72.94 -29.27 48.55
N CYS A 517 73.41 -29.07 49.79
CA CYS A 517 73.70 -27.75 50.37
C CYS A 517 73.53 -26.55 49.41
N CYS A 518 74.12 -26.67 48.23
CA CYS A 518 73.95 -25.73 47.11
C CYS A 518 72.48 -25.60 46.69
N TRP A 519 72.20 -25.84 45.42
CA TRP A 519 70.82 -25.87 44.94
C TRP A 519 70.40 -27.25 44.40
N ALA A 520 70.12 -27.31 43.10
CA ALA A 520 69.62 -28.54 42.48
C ALA A 520 70.10 -28.86 41.07
N VAL A 521 70.15 -30.16 40.78
CA VAL A 521 70.47 -30.70 39.47
C VAL A 521 69.20 -31.37 38.92
N ASN A 522 68.91 -31.15 37.63
CA ASN A 522 67.73 -31.75 37.01
C ASN A 522 68.02 -32.64 35.80
N LEU A 523 67.38 -33.80 35.78
CA LEU A 523 67.48 -34.72 34.64
C LEU A 523 66.06 -35.06 34.19
N GLY A 524 65.82 -35.05 32.89
CA GLY A 524 64.46 -35.24 32.40
C GLY A 524 64.26 -35.88 31.04
N TYR A 525 63.15 -36.59 30.92
CA TYR A 525 62.74 -37.21 29.66
C TYR A 525 61.33 -36.73 29.30
N GLU A 526 61.09 -36.55 28.01
CA GLU A 526 59.82 -36.00 27.53
C GLU A 526 59.48 -36.56 26.15
N ARG A 527 58.25 -37.05 26.02
CA ARG A 527 57.76 -37.57 24.75
C ARG A 527 56.36 -37.03 24.49
N LYS A 528 56.20 -36.31 23.38
CA LYS A 528 54.95 -35.62 23.10
C LYS A 528 54.50 -35.82 21.65
N ILE A 529 53.19 -35.75 21.42
CA ILE A 529 52.69 -35.70 20.06
C ILE A 529 53.08 -34.35 19.48
N THR A 530 53.69 -34.36 18.30
CA THR A 530 54.23 -33.14 17.72
C THR A 530 53.80 -32.96 16.28
N GLY A 531 53.26 -34.00 15.66
CA GLY A 531 52.81 -33.89 14.29
C GLY A 531 51.80 -34.95 13.89
N TRP A 532 51.48 -34.97 12.60
CA TRP A 532 50.55 -35.96 12.07
C TRP A 532 50.98 -36.51 10.73
N ASN A 533 50.99 -37.85 10.63
CA ASN A 533 51.31 -38.50 9.37
C ASN A 533 50.03 -38.68 8.56
N ALA A 534 49.94 -37.97 7.43
CA ALA A 534 48.74 -38.02 6.59
C ALA A 534 48.45 -39.39 5.98
N GLN A 535 49.49 -40.09 5.57
CA GLN A 535 49.32 -41.42 4.99
C GLN A 535 49.38 -42.49 6.07
N GLY A 536 48.43 -43.41 6.02
CA GLY A 536 48.35 -44.50 6.96
C GLY A 536 48.24 -44.00 8.40
N GLN A 537 47.54 -42.88 8.54
CA GLN A 537 47.25 -42.24 9.83
C GLN A 537 48.46 -42.14 10.76
N THR A 538 48.24 -42.44 12.04
CA THR A 538 49.24 -42.37 13.11
C THR A 538 49.73 -40.95 13.40
N SER A 539 50.24 -40.75 14.60
CA SER A 539 50.73 -39.45 15.03
C SER A 539 52.25 -39.41 15.03
N LYS A 540 52.82 -38.22 14.88
CA LYS A 540 54.26 -38.06 14.96
C LYS A 540 54.68 -37.60 16.35
N TYR A 541 55.56 -38.39 16.99
CA TYR A 541 56.07 -38.09 18.32
C TYR A 541 57.48 -37.52 18.26
N ASP A 542 57.92 -36.93 19.36
CA ASP A 542 59.30 -36.46 19.52
C ASP A 542 59.84 -36.74 20.91
N ASN A 543 61.14 -37.04 20.97
CA ASN A 543 61.79 -37.36 22.22
C ASN A 543 62.74 -36.25 22.64
N LYS A 544 62.88 -36.09 23.95
CA LYS A 544 63.84 -35.15 24.52
C LYS A 544 64.38 -35.73 25.81
N ILE A 545 65.70 -35.79 25.94
CA ILE A 545 66.28 -36.18 27.22
C ILE A 545 67.50 -35.32 27.48
N GLY A 546 67.44 -34.52 28.55
CA GLY A 546 68.48 -33.56 28.80
C GLY A 546 68.81 -33.28 30.26
N PHE A 547 69.82 -32.44 30.45
CA PHE A 547 70.29 -32.07 31.76
C PHE A 547 70.60 -30.57 31.84
N ASN A 548 70.13 -29.97 32.92
CA ASN A 548 70.57 -28.64 33.32
C ASN A 548 70.75 -28.63 34.84
N ILE A 549 71.24 -27.52 35.38
CA ILE A 549 71.50 -27.41 36.80
C ILE A 549 70.82 -26.14 37.29
N GLU A 550 71.42 -25.01 36.91
CA GLU A 550 70.79 -23.69 36.90
C GLU A 550 69.37 -23.60 37.48
N GLY A 561 64.32 -25.98 39.11
CA GLY A 561 63.90 -27.37 39.05
C GLY A 561 62.46 -27.58 39.47
N THR A 562 62.04 -28.85 39.48
CA THR A 562 60.68 -29.24 39.85
C THR A 562 59.64 -28.57 38.95
N ALA A 563 59.12 -27.43 39.40
CA ALA A 563 58.14 -26.67 38.63
C ALA A 563 58.70 -26.27 37.27
N GLN A 564 59.99 -25.95 37.25
CA GLN A 564 60.65 -25.51 36.02
C GLN A 564 60.65 -26.66 35.01
N MET A 565 60.60 -27.88 35.53
CA MET A 565 60.52 -29.06 34.69
C MET A 565 59.05 -29.41 34.43
N LEU A 566 58.18 -29.13 35.42
CA LEU A 566 56.75 -29.36 35.26
C LEU A 566 56.18 -28.40 34.23
N ASN A 567 56.75 -27.20 34.18
CA ASN A 567 56.35 -26.17 33.22
C ASN A 567 57.27 -26.16 32.01
N SER A 568 57.15 -27.17 31.15
CA SER A 568 58.03 -27.30 30.00
C SER A 568 57.38 -28.08 28.86
N GLY A 569 56.42 -28.93 29.18
CA GLY A 569 55.75 -29.73 28.17
C GLY A 569 54.73 -28.93 27.40
N ILE A 570 54.02 -29.60 26.49
CA ILE A 570 52.94 -28.98 25.74
C ILE A 570 51.70 -28.80 26.63
N LEU A 571 51.64 -29.57 27.71
CA LEU A 571 50.58 -29.44 28.68
C LEU A 571 51.17 -29.12 30.04
N PRO A 572 51.68 -27.89 30.21
CA PRO A 572 52.40 -27.52 31.42
C PRO A 572 51.51 -27.55 32.67
N TYR A 573 52.12 -27.78 33.81
CA TYR A 573 51.39 -27.86 35.07
C TYR A 573 50.81 -26.50 35.48
N GLN A 574 49.50 -26.46 35.64
CA GLN A 574 48.85 -25.30 36.21
C GLN A 574 48.16 -25.70 37.49
N SER A 575 48.57 -25.09 38.60
CA SER A 575 48.02 -25.44 39.91
C SER A 575 46.55 -25.07 39.98
N ALA A 576 45.70 -26.08 40.19
CA ALA A 576 44.29 -25.83 40.37
C ALA A 576 44.04 -25.22 41.75
N PHE A 577 42.85 -24.66 41.93
CA PHE A 577 42.44 -24.05 43.20
C PHE A 577 43.40 -22.94 43.63
N PHE B 7 16.50 -21.19 63.49
CA PHE B 7 15.43 -22.14 63.73
C PHE B 7 15.27 -23.08 62.55
N ASN B 8 16.32 -23.85 62.30
CA ASN B 8 16.29 -25.07 61.49
C ASN B 8 16.28 -24.93 59.97
N LEU B 9 15.20 -24.44 59.40
CA LEU B 9 15.02 -24.40 57.95
C LEU B 9 15.21 -23.00 57.38
N ARG B 10 15.07 -22.87 56.07
CA ARG B 10 15.52 -21.72 55.28
C ARG B 10 14.93 -20.39 55.72
N GLY B 11 15.83 -19.44 55.99
CA GLY B 11 15.46 -18.06 56.21
C GLY B 11 16.34 -17.20 55.32
N THR B 12 15.91 -15.98 55.03
CA THR B 12 16.71 -15.09 54.19
C THR B 12 17.58 -14.13 54.98
N THR B 13 18.88 -14.22 54.78
CA THR B 13 19.86 -13.25 55.30
C THR B 13 21.16 -13.46 54.51
N GLN B 14 22.30 -13.04 55.07
CA GLN B 14 23.63 -13.19 54.48
C GLN B 14 23.84 -12.26 53.29
N THR B 17 28.61 -9.87 54.27
CA THR B 17 29.43 -9.07 55.16
C THR B 17 28.65 -8.30 56.22
N GLU B 18 28.79 -8.67 57.49
CA GLU B 18 28.34 -7.79 58.55
C GLU B 18 29.53 -6.86 58.72
N LEU B 19 29.27 -5.61 59.12
CA LEU B 19 30.24 -4.50 59.16
C LEU B 19 30.17 -3.90 57.76
N GLN B 20 30.37 -2.60 57.65
CA GLN B 20 30.30 -1.94 56.36
C GLN B 20 31.32 -0.81 56.38
N LYS B 21 31.37 -0.03 55.31
CA LYS B 21 32.29 1.10 55.21
C LYS B 21 33.77 0.66 55.30
N LEU B 22 34.50 0.82 54.21
CA LEU B 22 35.94 0.50 54.20
C LEU B 22 36.77 1.39 53.27
N LEU B 23 38.09 1.32 53.41
CA LEU B 23 38.99 2.00 52.48
C LEU B 23 39.41 1.01 51.41
N LEU B 24 39.75 1.52 50.23
CA LEU B 24 40.10 0.63 49.13
C LEU B 24 41.36 1.12 48.42
N GLU B 25 42.46 0.42 48.62
CA GLU B 25 43.70 0.79 47.94
C GLU B 25 44.05 -0.27 46.91
N SER B 26 44.67 0.17 45.81
CA SER B 26 44.99 -0.75 44.72
C SER B 26 46.20 -0.27 43.96
N SER B 27 47.01 -1.22 43.49
CA SER B 27 48.13 -0.92 42.62
C SER B 27 47.64 -0.31 41.31
N ASP B 28 46.41 -0.65 40.95
CA ASP B 28 45.82 -0.21 39.69
C ASP B 28 44.40 0.32 39.91
N PRO B 29 44.29 1.53 40.49
CA PRO B 29 43.01 2.13 40.89
C PRO B 29 42.04 2.36 39.73
N TYR B 30 42.57 2.54 38.53
CA TYR B 30 41.74 2.86 37.38
C TYR B 30 41.64 1.70 36.41
N GLY B 31 42.18 0.55 36.83
CA GLY B 31 42.13 -0.65 36.03
C GLY B 31 40.77 -1.33 36.11
N PRO B 32 40.48 -2.25 35.17
CA PRO B 32 39.19 -2.94 35.11
C PRO B 32 38.89 -3.79 36.35
N LEU B 33 39.91 -4.43 36.91
CA LEU B 33 39.73 -5.23 38.11
C LEU B 33 39.21 -4.37 39.26
N ALA B 34 39.83 -3.21 39.45
CA ALA B 34 39.42 -2.28 40.50
C ALA B 34 37.98 -1.81 40.28
N ARG B 35 37.60 -1.66 39.02
CA ARG B 35 36.24 -1.27 38.70
C ARG B 35 35.26 -2.36 39.10
N SER B 36 35.59 -3.61 38.77
CA SER B 36 34.75 -4.74 39.14
C SER B 36 34.60 -4.84 40.66
N ILE B 37 35.71 -4.67 41.36
CA ILE B 37 35.69 -4.73 42.82
C ILE B 37 34.82 -3.61 43.40
N ARG B 38 34.91 -2.43 42.83
CA ARG B 38 34.06 -1.31 43.25
C ARG B 38 32.58 -1.60 43.00
N GLN B 39 32.27 -2.13 41.82
CA GLN B 39 30.89 -2.46 41.48
C GLN B 39 30.32 -3.47 42.46
N GLN B 40 31.14 -4.46 42.81
CA GLN B 40 30.69 -5.52 43.71
C GLN B 40 30.52 -5.02 45.14
N LEU B 41 31.46 -4.21 45.61
CA LEU B 41 31.33 -3.61 46.94
C LEU B 41 30.07 -2.75 47.00
N ARG B 42 29.82 -2.03 45.92
CA ARG B 42 28.64 -1.17 45.81
C ARG B 42 27.35 -1.99 45.81
N LEU B 43 27.40 -3.18 45.20
CA LEU B 43 26.25 -4.07 45.15
C LEU B 43 25.96 -4.66 46.52
N ASN B 44 26.97 -4.69 47.38
CA ASN B 44 26.79 -5.22 48.73
C ASN B 44 26.65 -4.10 49.76
N ASN B 45 26.25 -2.92 49.28
CA ASN B 45 25.98 -1.77 50.12
C ASN B 45 27.14 -1.41 51.03
N VAL B 46 28.34 -1.39 50.45
CA VAL B 46 29.55 -1.01 51.18
C VAL B 46 30.00 0.37 50.72
N THR B 47 30.01 1.32 51.65
CA THR B 47 30.42 2.68 51.31
C THR B 47 31.94 2.79 51.22
N ILE B 48 32.44 3.18 50.06
CA ILE B 48 33.87 3.29 49.82
C ILE B 48 34.34 4.74 49.97
N VAL B 49 35.00 5.04 51.08
CA VAL B 49 35.41 6.41 51.36
C VAL B 49 36.87 6.75 51.09
N ASP B 50 37.14 8.05 51.17
CA ASP B 50 38.40 8.69 50.82
C ASP B 50 39.33 9.08 51.97
N ASP B 51 39.18 8.49 53.15
CA ASP B 51 39.79 9.08 54.34
C ASP B 51 41.30 8.89 54.49
N ALA B 52 41.72 7.65 54.77
CA ALA B 52 43.13 7.35 55.07
C ALA B 52 43.58 8.18 56.27
N MET B 53 44.88 8.33 56.46
CA MET B 53 45.46 9.09 57.57
C MET B 53 44.90 8.70 58.95
N ARG B 54 43.61 8.92 59.15
CA ARG B 54 42.96 8.59 60.42
C ARG B 54 42.07 7.40 60.23
N LYS B 55 42.74 6.27 60.10
CA LYS B 55 42.08 5.03 59.74
C LYS B 55 40.86 4.62 60.53
N ASP B 56 41.06 4.09 61.76
CA ASP B 56 40.06 3.27 62.51
C ASP B 56 38.87 2.70 61.70
N ILE B 57 39.15 2.26 60.46
CA ILE B 57 38.17 1.61 59.59
C ILE B 57 38.89 0.51 58.80
N PRO B 58 38.25 -0.66 58.63
CA PRO B 58 38.95 -1.71 57.88
C PRO B 58 39.31 -1.30 56.45
N THR B 59 40.41 -1.81 55.94
CA THR B 59 40.86 -1.46 54.60
C THR B 59 41.06 -2.70 53.74
N LEU B 60 40.75 -2.58 52.46
CA LEU B 60 40.98 -3.64 51.49
C LEU B 60 42.07 -3.20 50.50
N ARG B 61 43.18 -3.92 50.54
CA ARG B 61 44.32 -3.60 49.71
C ARG B 61 44.50 -4.66 48.62
N ILE B 62 44.41 -4.25 47.36
CA ILE B 62 44.69 -5.16 46.27
C ILE B 62 46.18 -5.00 45.93
N ILE B 63 46.95 -6.03 46.27
CA ILE B 63 48.40 -5.98 46.07
C ILE B 63 48.73 -6.00 44.58
N GLY B 64 48.15 -6.96 43.87
CA GLY B 64 48.36 -7.07 42.44
C GLY B 64 47.57 -8.21 41.85
N SER B 65 47.74 -8.41 40.54
CA SER B 65 47.04 -9.48 39.84
C SER B 65 47.87 -9.94 38.65
N SER B 66 47.71 -11.21 38.28
CA SER B 66 48.44 -11.75 37.14
C SER B 66 47.54 -12.65 36.29
N GLU B 67 47.81 -12.66 34.98
CA GLU B 67 47.02 -13.47 34.05
C GLU B 67 47.90 -14.54 33.44
N SER B 68 47.29 -15.67 33.10
CA SER B 68 48.04 -16.79 32.55
C SER B 68 47.22 -17.48 31.47
N GLN B 69 47.90 -18.19 30.58
CA GLN B 69 47.24 -18.94 29.52
C GLN B 69 48.09 -20.12 29.07
N GLU B 70 47.56 -21.33 29.24
CA GLU B 70 48.26 -22.53 28.80
C GLU B 70 47.32 -23.48 28.05
N THR B 71 47.91 -24.41 27.31
CA THR B 71 47.14 -25.45 26.62
C THR B 71 46.84 -26.59 27.58
N VAL B 72 45.60 -27.05 27.62
CA VAL B 72 45.20 -28.11 28.54
C VAL B 72 44.75 -29.37 27.83
N SER B 73 44.64 -29.32 26.51
CA SER B 73 44.33 -30.50 25.71
C SER B 73 44.73 -30.30 24.25
N ILE B 74 45.04 -31.40 23.59
CA ILE B 74 45.45 -31.35 22.19
C ILE B 74 44.68 -32.36 21.33
N PHE B 75 44.75 -32.18 20.02
CA PHE B 75 44.19 -33.15 19.09
C PHE B 75 45.26 -34.18 18.69
N ARG B 76 44.92 -35.07 17.76
CA ARG B 76 45.85 -36.13 17.35
C ARG B 76 47.04 -35.59 16.57
N ASN B 77 46.87 -34.43 15.95
CA ASN B 77 47.92 -33.83 15.14
C ASN B 77 48.87 -32.93 15.93
N GLY B 78 48.64 -32.84 17.23
CA GLY B 78 49.55 -32.10 18.10
C GLY B 78 49.14 -30.66 18.37
N VAL B 79 48.21 -30.15 17.58
CA VAL B 79 47.76 -28.77 17.74
C VAL B 79 46.88 -28.64 18.99
N ALA B 80 46.85 -27.44 19.56
CA ALA B 80 46.07 -27.20 20.78
C ALA B 80 44.58 -27.34 20.51
N ALA B 81 43.87 -27.93 21.47
CA ALA B 81 42.42 -28.08 21.39
C ALA B 81 41.74 -27.08 22.31
N GLU B 82 41.93 -27.26 23.61
CA GLU B 82 41.36 -26.36 24.60
C GLU B 82 42.47 -25.55 25.26
N ASN B 83 42.22 -24.25 25.43
CA ASN B 83 43.11 -23.38 26.18
C ASN B 83 42.43 -22.88 27.45
N GLN B 84 43.25 -22.65 28.48
CA GLN B 84 42.73 -22.21 29.77
C GLN B 84 43.31 -20.87 30.20
N LEU B 85 42.42 -19.92 30.48
CA LEU B 85 42.82 -18.63 31.04
C LEU B 85 42.73 -18.67 32.56
N VAL B 86 43.74 -18.10 33.20
CA VAL B 86 43.82 -18.09 34.66
C VAL B 86 44.03 -16.67 35.20
N LEU B 87 43.28 -16.31 36.23
CA LEU B 87 43.46 -15.03 36.90
C LEU B 87 43.80 -15.22 38.38
N HIS B 88 44.95 -14.70 38.78
CA HIS B 88 45.33 -14.69 40.19
C HIS B 88 45.22 -13.28 40.75
N VAL B 89 44.60 -13.16 41.92
CA VAL B 89 44.47 -11.88 42.60
C VAL B 89 44.91 -12.02 44.05
N GLN B 90 45.85 -11.19 44.47
CA GLN B 90 46.33 -11.17 45.86
C GLN B 90 45.85 -9.93 46.58
N ALA B 91 45.16 -10.13 47.71
CA ALA B 91 44.63 -9.02 48.48
C ALA B 91 45.02 -9.12 49.95
N GLN B 92 44.68 -8.09 50.71
CA GLN B 92 44.96 -8.01 52.13
C GLN B 92 43.86 -7.23 52.83
N VAL B 93 43.41 -7.73 53.97
CA VAL B 93 42.44 -6.99 54.77
C VAL B 93 43.08 -6.50 56.07
N LEU B 94 43.08 -5.18 56.24
CA LEU B 94 43.67 -4.58 57.42
C LEU B 94 42.58 -4.05 58.35
N ILE B 95 42.39 -4.72 59.48
CA ILE B 95 41.47 -4.22 60.50
C ILE B 95 42.26 -3.69 61.69
N PRO B 96 42.00 -2.43 62.07
CA PRO B 96 42.76 -1.73 63.11
C PRO B 96 42.71 -2.41 64.47
N GLY B 97 41.70 -3.24 64.72
CA GLY B 97 41.61 -3.97 65.98
C GLY B 97 42.71 -4.99 66.17
N HIS B 98 43.04 -5.73 65.11
CA HIS B 98 44.03 -6.80 65.21
C HIS B 98 44.99 -6.77 64.01
N ASP B 99 45.54 -7.94 63.66
CA ASP B 99 46.52 -8.02 62.59
C ASP B 99 45.92 -8.23 61.19
N ILE B 100 46.78 -8.33 60.19
CA ILE B 100 46.39 -8.35 58.79
C ILE B 100 46.02 -9.75 58.28
N TYR B 101 44.89 -9.83 57.57
CA TYR B 101 44.43 -11.12 57.06
C TYR B 101 44.53 -11.16 55.53
N PRO B 102 45.46 -11.97 55.00
CA PRO B 102 45.73 -12.07 53.56
C PRO B 102 44.67 -12.87 52.80
N LEU B 103 44.38 -12.44 51.58
CA LEU B 103 43.42 -13.12 50.72
C LEU B 103 44.03 -13.45 49.36
N GLN B 104 43.53 -14.52 48.76
CA GLN B 104 43.96 -14.93 47.42
C GLN B 104 42.79 -15.52 46.65
N VAL B 105 42.68 -15.16 45.37
CA VAL B 105 41.58 -15.64 44.54
C VAL B 105 42.11 -16.10 43.18
N ASN B 106 41.67 -17.29 42.77
CA ASN B 106 42.05 -17.81 41.45
C ASN B 106 40.83 -18.18 40.63
N VAL B 107 40.77 -17.67 39.41
CA VAL B 107 39.62 -17.90 38.54
C VAL B 107 40.06 -18.54 37.23
N PHE B 108 39.26 -19.46 36.72
CA PHE B 108 39.62 -20.24 35.53
C PHE B 108 38.54 -20.22 34.46
N ARG B 109 38.96 -20.16 33.19
CA ARG B 109 38.04 -20.33 32.08
C ARG B 109 38.68 -21.18 30.98
N THR B 110 37.86 -21.80 30.15
CA THR B 110 38.36 -22.66 29.08
C THR B 110 37.64 -22.38 27.75
N PHE B 111 38.40 -22.34 26.66
CA PHE B 111 37.78 -22.19 25.35
C PHE B 111 38.61 -22.89 24.28
N PHE B 112 37.97 -23.34 23.22
CA PHE B 112 38.67 -23.98 22.11
C PHE B 112 39.42 -22.95 21.28
N ASP B 113 40.56 -23.35 20.73
CA ASP B 113 41.36 -22.45 19.90
C ASP B 113 40.98 -22.66 18.44
N ASN B 114 41.18 -21.63 17.63
CA ASN B 114 40.88 -21.74 16.20
C ASN B 114 41.75 -20.80 15.40
N PRO B 115 42.83 -21.34 14.79
CA PRO B 115 43.80 -20.56 14.02
C PRO B 115 43.20 -19.90 12.78
N LEU B 116 42.03 -20.37 12.34
CA LEU B 116 41.39 -19.80 11.16
C LEU B 116 40.47 -18.63 11.53
N THR B 117 40.30 -18.38 12.82
CA THR B 117 39.49 -17.25 13.29
C THR B 117 40.18 -16.55 14.45
N ALA B 118 41.50 -16.41 14.36
CA ALA B 118 42.33 -15.89 15.44
C ALA B 118 41.76 -14.61 16.07
N LEU B 119 41.50 -13.60 15.25
CA LEU B 119 40.96 -12.34 15.72
C LEU B 119 39.71 -12.55 16.58
N ALA B 120 38.75 -13.31 16.04
CA ALA B 120 37.53 -13.62 16.76
C ALA B 120 37.88 -14.21 18.13
N LYS B 121 38.80 -15.16 18.13
CA LYS B 121 39.22 -15.79 19.38
C LYS B 121 39.77 -14.78 20.37
N GLU B 122 40.58 -13.85 19.86
CA GLU B 122 41.14 -12.82 20.72
C GLU B 122 39.99 -12.09 21.37
N ALA B 123 39.00 -11.72 20.56
CA ALA B 123 37.81 -11.04 21.06
C ALA B 123 37.19 -11.87 22.18
N GLU B 124 36.97 -13.15 21.90
CA GLU B 124 36.38 -14.04 22.88
C GLU B 124 37.18 -13.98 24.18
N ALA B 125 38.50 -14.07 24.05
CA ALA B 125 39.38 -14.06 25.21
C ALA B 125 39.08 -12.84 26.07
N GLU B 126 39.00 -11.68 25.41
CA GLU B 126 38.76 -10.44 26.14
C GLU B 126 37.49 -10.55 26.95
N VAL B 127 36.42 -11.02 26.31
CA VAL B 127 35.15 -11.21 27.00
C VAL B 127 35.39 -12.06 28.23
N LEU B 128 36.03 -13.21 28.03
CA LEU B 128 36.30 -14.13 29.12
C LEU B 128 37.01 -13.41 30.25
N ARG B 129 38.04 -12.64 29.89
CA ARG B 129 38.86 -11.99 30.89
C ARG B 129 37.96 -11.07 31.72
N GLN B 130 37.11 -10.34 31.02
CA GLN B 130 36.16 -9.45 31.68
C GLN B 130 35.39 -10.23 32.74
N GLU B 131 34.76 -11.31 32.31
CA GLU B 131 33.96 -12.13 33.21
C GLU B 131 34.79 -12.57 34.39
N MET B 132 36.01 -13.03 34.11
CA MET B 132 36.87 -13.54 35.16
C MET B 132 37.11 -12.48 36.21
N ARG B 133 37.43 -11.27 35.75
CA ARG B 133 37.67 -10.18 36.68
C ARG B 133 36.47 -10.02 37.58
N GLU B 134 35.28 -9.99 36.97
CA GLU B 134 34.06 -9.83 37.73
C GLU B 134 33.95 -10.93 38.78
N GLN B 135 34.17 -12.17 38.36
CA GLN B 135 34.03 -13.29 39.29
C GLN B 135 34.98 -13.11 40.45
N ALA B 136 36.22 -12.70 40.15
CA ALA B 136 37.21 -12.50 41.19
C ALA B 136 36.63 -11.59 42.26
N ALA B 137 36.09 -10.46 41.80
CA ALA B 137 35.54 -9.46 42.71
C ALA B 137 34.53 -10.13 43.64
N GLN B 138 33.61 -10.89 43.05
CA GLN B 138 32.59 -11.57 43.83
C GLN B 138 33.22 -12.35 44.98
N GLN B 139 34.16 -13.23 44.62
CA GLN B 139 34.76 -14.10 45.61
C GLN B 139 35.37 -13.26 46.71
N LEU B 140 36.06 -12.19 46.29
CA LEU B 140 36.72 -11.32 47.23
C LEU B 140 35.73 -10.82 48.27
N VAL B 141 34.60 -10.29 47.81
CA VAL B 141 33.60 -9.76 48.72
C VAL B 141 33.15 -10.89 49.65
N ARG B 142 32.88 -12.06 49.09
CA ARG B 142 32.43 -13.17 49.93
C ARG B 142 33.50 -13.56 50.93
N GLN B 143 34.76 -13.48 50.50
CA GLN B 143 35.84 -13.88 51.39
C GLN B 143 35.98 -12.92 52.56
N LEU B 144 35.38 -11.75 52.45
CA LEU B 144 35.39 -10.81 53.58
C LEU B 144 34.70 -11.47 54.77
N LEU B 145 33.74 -12.35 54.49
CA LEU B 145 33.10 -13.14 55.54
C LEU B 145 34.13 -13.92 56.33
N THR B 146 35.04 -14.57 55.61
CA THR B 146 36.08 -15.36 56.24
C THR B 146 36.94 -14.45 57.12
N VAL B 147 37.12 -13.21 56.67
CA VAL B 147 37.90 -12.23 57.42
C VAL B 147 37.17 -11.84 58.70
N HIS B 148 35.84 -11.81 58.64
CA HIS B 148 35.04 -11.41 59.80
C HIS B 148 35.10 -12.45 60.90
N ALA B 149 34.21 -13.42 60.79
CA ALA B 149 34.15 -14.57 61.69
C ALA B 149 34.00 -14.13 63.15
N SER C 20 -33.60 -16.72 33.30
CA SER C 20 -33.36 -15.58 34.18
C SER C 20 -33.33 -16.01 35.64
N MET C 21 -33.88 -17.20 35.90
CA MET C 21 -33.78 -17.92 37.17
C MET C 21 -34.76 -17.52 38.27
N SER C 22 -34.23 -17.60 39.50
CA SER C 22 -34.89 -17.40 40.81
C SER C 22 -34.62 -18.60 41.71
N GLY C 23 -33.65 -19.44 41.33
CA GLY C 23 -33.36 -20.64 42.09
C GLY C 23 -32.23 -20.43 43.09
N PHE C 24 -31.48 -21.49 43.36
CA PHE C 24 -30.30 -21.38 44.19
C PHE C 24 -29.08 -21.29 43.32
N LEU C 25 -27.99 -20.79 43.89
CA LEU C 25 -26.72 -20.75 43.18
C LEU C 25 -25.83 -21.74 43.91
N ILE C 26 -24.84 -22.29 43.22
CA ILE C 26 -24.01 -23.33 43.81
C ILE C 26 -23.26 -22.80 45.01
N PRO C 27 -23.34 -23.53 46.14
CA PRO C 27 -22.68 -23.09 47.35
C PRO C 27 -21.18 -23.07 47.18
N ASN C 28 -20.49 -22.46 48.13
CA ASN C 28 -19.04 -22.53 48.13
C ASN C 28 -18.57 -22.55 49.57
N ALA C 29 -17.32 -22.91 49.80
CA ALA C 29 -16.89 -23.06 51.18
C ALA C 29 -15.45 -22.62 51.36
N LYS C 30 -15.04 -22.53 52.62
CA LYS C 30 -13.65 -22.18 52.90
C LYS C 30 -13.27 -22.45 54.34
N PHE C 31 -11.99 -22.25 54.64
CA PHE C 31 -11.47 -22.43 55.98
C PHE C 31 -10.55 -21.29 56.33
N THR C 32 -10.91 -20.56 57.38
CA THR C 32 -10.21 -19.35 57.77
C THR C 32 -9.61 -19.57 59.15
N SER C 33 -8.48 -18.93 59.40
CA SER C 33 -7.76 -19.05 60.66
C SER C 33 -8.46 -18.32 61.80
N ASN C 34 -9.46 -17.51 61.48
CA ASN C 34 -10.15 -16.71 62.50
C ASN C 34 -11.61 -17.10 62.70
N ASN C 35 -12.24 -17.68 61.68
CA ASN C 35 -13.63 -18.11 61.80
C ASN C 35 -13.82 -19.61 61.60
N GLY C 36 -12.73 -20.32 61.34
CA GLY C 36 -12.79 -21.76 61.13
C GLY C 36 -13.47 -22.07 59.82
N PHE C 37 -14.30 -23.11 59.81
CA PHE C 37 -15.00 -23.48 58.58
C PHE C 37 -16.11 -22.49 58.25
N GLU C 38 -16.19 -22.12 56.99
CA GLU C 38 -17.18 -21.17 56.51
C GLU C 38 -17.93 -21.78 55.33
N PHE C 39 -19.24 -21.53 55.31
CA PHE C 39 -20.14 -22.12 54.32
C PHE C 39 -21.08 -21.08 53.71
N LEU C 40 -21.01 -20.92 52.39
CA LEU C 40 -21.84 -19.97 51.66
C LEU C 40 -22.91 -20.66 50.85
N LEU C 41 -24.16 -20.26 51.05
CA LEU C 41 -25.27 -20.86 50.33
C LEU C 41 -26.16 -19.78 49.70
N PRO C 42 -25.81 -19.34 48.49
CA PRO C 42 -26.53 -18.22 47.89
C PRO C 42 -27.86 -18.59 47.24
N TYR C 43 -28.82 -17.68 47.32
CA TYR C 43 -30.12 -17.81 46.69
C TYR C 43 -30.41 -16.56 45.88
N TYR C 44 -30.89 -16.75 44.65
CA TYR C 44 -31.14 -15.66 43.72
C TYR C 44 -32.65 -15.45 43.56
N TRP C 45 -33.09 -14.18 43.59
CA TRP C 45 -34.52 -13.88 43.63
C TRP C 45 -35.10 -13.49 42.28
N ASN C 46 -34.54 -12.48 41.63
CA ASN C 46 -35.07 -11.95 40.37
C ASN C 46 -36.49 -11.40 40.54
N ILE C 47 -36.57 -10.14 40.95
CA ILE C 47 -37.85 -9.48 41.23
C ILE C 47 -38.50 -8.90 39.96
N ALA C 48 -37.68 -8.29 39.12
CA ALA C 48 -38.16 -7.63 37.91
C ALA C 48 -37.02 -7.59 36.88
N PRO C 49 -37.34 -7.23 35.62
CA PRO C 49 -36.26 -7.10 34.63
C PRO C 49 -35.20 -6.07 35.01
N ASN C 50 -35.55 -5.10 35.86
CA ASN C 50 -34.61 -4.08 36.28
C ASN C 50 -34.37 -4.10 37.79
N PHE C 51 -34.68 -5.22 38.41
CA PHE C 51 -34.46 -5.40 39.85
C PHE C 51 -33.98 -6.82 40.17
N ASP C 52 -32.95 -6.92 41.00
CA ASP C 52 -32.40 -8.21 41.42
C ASP C 52 -32.07 -8.22 42.90
N ALA C 53 -32.11 -9.42 43.48
CA ALA C 53 -31.71 -9.60 44.86
C ALA C 53 -30.98 -10.93 45.02
N THR C 54 -30.15 -11.00 46.05
CA THR C 54 -29.41 -12.21 46.37
C THR C 54 -29.35 -12.33 47.88
N ILE C 55 -29.77 -13.47 48.40
CA ILE C 55 -29.79 -13.66 49.85
C ILE C 55 -28.93 -14.86 50.14
N THR C 56 -27.97 -14.68 51.06
CA THR C 56 -26.93 -15.68 51.22
C THR C 56 -26.64 -15.95 52.68
N PRO C 57 -27.09 -17.12 53.16
CA PRO C 57 -26.63 -17.62 54.45
C PRO C 57 -25.13 -17.92 54.40
N HIS C 58 -24.44 -17.45 55.43
CA HIS C 58 -23.00 -17.57 55.54
C HIS C 58 -22.70 -18.11 56.92
N TYR C 59 -22.51 -19.42 57.01
CA TYR C 59 -22.22 -20.07 58.27
C TYR C 59 -20.74 -19.90 58.59
N MET C 60 -20.47 -19.58 59.85
CA MET C 60 -19.12 -19.46 60.35
C MET C 60 -19.04 -20.25 61.63
N GLU C 61 -18.25 -21.33 61.57
CA GLU C 61 -18.09 -22.31 62.63
C GLU C 61 -18.01 -21.70 64.03
N ARG C 62 -17.08 -20.76 64.19
CA ARG C 62 -16.80 -20.19 65.49
C ARG C 62 -17.57 -18.92 65.80
N ARG C 63 -18.18 -18.32 64.79
CA ARG C 63 -18.81 -17.00 64.96
C ARG C 63 -20.34 -17.03 64.96
N GLY C 64 -20.93 -17.62 63.94
CA GLY C 64 -22.39 -17.70 63.88
C GLY C 64 -22.94 -17.75 62.47
N LEU C 65 -24.24 -17.49 62.33
CA LEU C 65 -24.86 -17.50 61.01
C LEU C 65 -25.14 -16.09 60.51
N GLN C 66 -24.47 -15.71 59.42
CA GLN C 66 -24.65 -14.38 58.85
C GLN C 66 -25.63 -14.44 57.68
N TRP C 67 -26.28 -13.31 57.41
CA TRP C 67 -27.15 -13.19 56.26
C TRP C 67 -26.68 -12.03 55.41
N GLN C 68 -26.38 -12.30 54.15
CA GLN C 68 -25.92 -11.24 53.26
C GLN C 68 -26.92 -11.01 52.14
N ASN C 69 -27.54 -9.84 52.12
CA ASN C 69 -28.55 -9.53 51.09
C ASN C 69 -28.01 -8.46 50.13
N GLU C 70 -28.13 -8.69 48.82
CA GLU C 70 -27.65 -7.71 47.87
C GLU C 70 -28.75 -7.38 46.87
N PHE C 71 -29.01 -6.08 46.70
CA PHE C 71 -30.11 -5.63 45.88
C PHE C 71 -29.62 -4.71 44.78
N ARG C 72 -29.71 -5.18 43.54
CA ARG C 72 -29.21 -4.42 42.39
C ARG C 72 -30.37 -3.84 41.60
N TYR C 73 -30.23 -2.58 41.19
CA TYR C 73 -31.29 -1.94 40.43
C TYR C 73 -30.75 -1.11 39.26
N LEU C 74 -31.61 -0.87 38.28
CA LEU C 74 -31.30 -0.01 37.15
C LEU C 74 -32.49 0.87 36.83
N LEU C 75 -32.35 2.17 37.11
CA LEU C 75 -33.43 3.12 36.88
C LEU C 75 -32.93 4.33 36.10
N ALA C 76 -33.85 5.23 35.77
CA ALA C 76 -33.50 6.44 35.02
C ALA C 76 -32.49 7.34 35.76
N PRO C 77 -32.64 7.53 37.08
CA PRO C 77 -31.59 8.29 37.76
C PRO C 77 -30.25 7.56 37.85
N GLY C 78 -30.20 6.30 37.43
CA GLY C 78 -28.95 5.58 37.39
C GLY C 78 -29.04 4.13 37.85
N SER C 79 -27.91 3.43 37.80
CA SER C 79 -27.86 2.06 38.31
C SER C 79 -27.22 2.07 39.70
N GLY C 80 -27.60 1.10 40.52
CA GLY C 80 -27.12 1.07 41.88
C GLY C 80 -27.20 -0.28 42.56
N THR C 81 -26.59 -0.35 43.74
CA THR C 81 -26.54 -1.57 44.53
C THR C 81 -26.62 -1.27 46.03
N MET C 82 -27.56 -1.91 46.71
CA MET C 82 -27.66 -1.83 48.16
C MET C 82 -27.29 -3.17 48.78
N ALA C 83 -26.89 -3.16 50.04
CA ALA C 83 -26.43 -4.36 50.72
C ALA C 83 -26.57 -4.26 52.22
N LEU C 84 -27.02 -5.36 52.84
CA LEU C 84 -27.17 -5.43 54.30
C LEU C 84 -26.63 -6.78 54.78
N ASP C 85 -25.57 -6.75 55.59
CA ASP C 85 -25.05 -7.96 56.19
C ASP C 85 -25.46 -7.96 57.65
N TRP C 86 -25.95 -9.10 58.10
CA TRP C 86 -26.55 -9.19 59.42
C TRP C 86 -26.17 -10.50 60.12
N LEU C 87 -25.43 -10.36 61.21
CA LEU C 87 -24.99 -11.48 62.03
C LEU C 87 -25.48 -11.29 63.46
N PRO C 88 -26.54 -12.02 63.84
CA PRO C 88 -27.26 -11.83 65.11
C PRO C 88 -26.43 -12.03 66.36
N ASN C 89 -25.88 -13.23 66.55
CA ASN C 89 -25.19 -13.58 67.79
C ASN C 89 -23.73 -14.00 67.59
N ASP C 90 -22.84 -13.02 67.67
CA ASP C 90 -21.41 -13.26 67.51
C ASP C 90 -20.81 -13.79 68.81
N ARG C 91 -20.21 -14.98 68.73
CA ARG C 91 -19.71 -15.69 69.91
C ARG C 91 -18.21 -15.44 70.17
N ILE C 92 -17.60 -14.57 69.38
CA ILE C 92 -16.17 -14.30 69.53
C ILE C 92 -15.86 -12.84 69.84
N TYR C 93 -16.77 -11.95 69.43
CA TYR C 93 -16.43 -10.54 69.28
C TYR C 93 -16.20 -9.75 70.55
N THR C 94 -16.94 -10.04 71.62
CA THR C 94 -16.85 -9.28 72.86
C THR C 94 -17.17 -7.80 72.59
N GLY C 95 -16.25 -6.90 72.93
CA GLY C 95 -16.48 -5.48 72.76
C GLY C 95 -15.26 -4.69 72.32
N PRO C 96 -15.45 -3.41 71.96
CA PRO C 96 -14.30 -2.53 71.74
C PRO C 96 -13.46 -2.44 73.01
N ASP C 97 -14.13 -2.18 74.12
CA ASP C 97 -13.50 -2.22 75.44
C ASP C 97 -13.37 -3.68 75.87
N GLY C 98 -13.84 -3.99 77.08
CA GLY C 98 -13.82 -5.35 77.58
C GLY C 98 -14.80 -6.14 76.74
N THR C 99 -16.07 -6.08 77.12
CA THR C 99 -17.14 -6.75 76.38
C THR C 99 -18.54 -6.38 76.85
N ASP C 100 -19.53 -6.61 75.99
CA ASP C 100 -20.83 -7.09 76.45
C ASP C 100 -21.04 -8.37 75.62
N LYS C 101 -21.78 -9.34 76.15
CA LYS C 101 -21.75 -10.72 75.64
C LYS C 101 -21.91 -10.99 74.13
N ASN C 102 -23.11 -10.92 73.55
CA ASN C 102 -23.24 -11.23 72.12
C ASN C 102 -23.87 -10.15 71.27
N ALA C 103 -23.03 -9.42 70.53
CA ALA C 103 -23.52 -8.27 69.78
C ALA C 103 -23.89 -8.67 68.36
N THR C 104 -24.70 -7.82 67.72
CA THR C 104 -25.10 -8.05 66.35
C THR C 104 -24.19 -7.24 65.43
N ARG C 105 -23.51 -7.95 64.53
CA ARG C 105 -22.68 -7.33 63.51
C ARG C 105 -23.51 -6.99 62.30
N TRP C 106 -23.36 -5.78 61.78
CA TRP C 106 -24.10 -5.43 60.58
C TRP C 106 -23.36 -4.45 59.69
N LEU C 107 -23.65 -4.53 58.40
CA LEU C 107 -23.06 -3.64 57.42
C LEU C 107 -24.13 -3.16 56.46
N TYR C 108 -24.13 -1.86 56.16
CA TYR C 108 -25.03 -1.34 55.15
C TYR C 108 -24.23 -0.60 54.08
N TYR C 109 -24.57 -0.90 52.83
CA TYR C 109 -23.88 -0.29 51.69
C TYR C 109 -24.87 0.20 50.65
N TRP C 110 -24.58 1.36 50.06
CA TRP C 110 -25.34 1.86 48.94
C TRP C 110 -24.40 2.53 47.96
N GLY C 111 -24.37 2.02 46.73
CA GLY C 111 -23.60 2.64 45.67
C GLY C 111 -24.55 3.01 44.56
N HIS C 112 -24.42 4.22 44.02
CA HIS C 112 -25.26 4.63 42.91
C HIS C 112 -24.50 5.50 41.93
N SER C 113 -24.81 5.35 40.66
CA SER C 113 -24.20 6.18 39.64
C SER C 113 -25.15 6.34 38.47
N GLY C 114 -25.35 7.59 38.04
CA GLY C 114 -26.20 7.83 36.90
C GLY C 114 -26.28 9.26 36.39
N VAL C 115 -26.56 9.38 35.09
CA VAL C 115 -26.81 10.66 34.46
C VAL C 115 -28.19 10.68 33.80
N MET C 116 -29.15 11.30 34.46
CA MET C 116 -30.52 11.34 33.96
C MET C 116 -30.75 12.55 33.04
N ASP C 117 -31.29 12.27 31.86
CA ASP C 117 -31.65 13.29 30.89
C ASP C 117 -30.47 14.19 30.52
N GLN C 118 -29.28 13.60 30.48
CA GLN C 118 -28.04 14.26 30.09
C GLN C 118 -27.55 15.38 31.01
N VAL C 119 -28.44 15.94 31.83
CA VAL C 119 -28.06 17.09 32.64
C VAL C 119 -28.10 16.84 34.15
N TRP C 120 -28.79 15.78 34.58
CA TRP C 120 -28.86 15.47 36.00
C TRP C 120 -27.83 14.41 36.35
N ARG C 121 -27.15 14.59 37.47
CA ARG C 121 -26.04 13.72 37.83
C ARG C 121 -26.16 13.26 39.27
N PHE C 122 -26.24 11.96 39.47
CA PHE C 122 -26.40 11.38 40.80
C PHE C 122 -25.31 10.35 41.10
N ASN C 123 -24.73 10.48 42.28
CA ASN C 123 -23.66 9.59 42.74
C ASN C 123 -23.73 9.32 44.23
N ILE C 124 -23.77 8.05 44.60
CA ILE C 124 -23.79 7.68 46.01
C ILE C 124 -22.68 6.67 46.32
N ASN C 125 -21.93 6.94 47.38
CA ASN C 125 -20.92 6.00 47.86
C ASN C 125 -21.01 5.93 49.39
N TYR C 126 -21.92 5.10 49.87
CA TYR C 126 -22.23 5.04 51.30
C TYR C 126 -21.91 3.66 51.87
N THR C 127 -21.14 3.65 52.96
CA THR C 127 -20.84 2.42 53.68
C THR C 127 -20.84 2.70 55.17
N ARG C 128 -21.57 1.89 55.93
CA ARG C 128 -21.60 2.04 57.38
C ARG C 128 -21.57 0.68 58.07
N VAL C 129 -20.74 0.55 59.10
CA VAL C 129 -20.64 -0.72 59.82
C VAL C 129 -20.98 -0.56 61.30
N SER C 130 -21.23 -1.70 61.95
CA SER C 130 -21.69 -1.75 63.33
C SER C 130 -20.60 -1.42 64.34
N ASP C 131 -19.35 -1.61 63.95
CA ASP C 131 -18.22 -1.43 64.87
C ASP C 131 -16.91 -1.32 64.10
N PRO C 132 -15.86 -0.75 64.73
CA PRO C 132 -14.57 -0.57 64.05
C PRO C 132 -13.93 -1.85 63.54
N ALA C 133 -14.21 -2.97 64.21
CA ALA C 133 -13.51 -4.22 63.93
C ALA C 133 -14.26 -5.10 62.94
N TYR C 134 -15.19 -4.51 62.19
CA TYR C 134 -16.02 -5.29 61.29
C TYR C 134 -15.20 -6.02 60.22
N PHE C 135 -14.49 -5.27 59.40
CA PHE C 135 -13.77 -5.84 58.25
C PHE C 135 -12.60 -6.72 58.66
N THR C 136 -12.16 -6.59 59.91
CA THR C 136 -11.12 -7.46 60.43
C THR C 136 -11.65 -8.87 60.62
N ASP C 137 -12.91 -8.96 61.04
CA ASP C 137 -13.51 -10.23 61.42
C ASP C 137 -14.39 -10.82 60.33
N LEU C 138 -15.05 -9.94 59.58
CA LEU C 138 -16.01 -10.39 58.58
C LEU C 138 -15.58 -10.03 57.16
N THR C 139 -15.89 -10.90 56.22
CA THR C 139 -15.52 -10.69 54.83
C THR C 139 -16.65 -10.00 54.08
N SER C 140 -16.31 -8.93 53.38
CA SER C 140 -17.28 -8.23 52.55
C SER C 140 -16.64 -7.72 51.26
N GLN C 141 -17.47 -7.41 50.28
CA GLN C 141 -17.02 -6.88 49.02
C GLN C 141 -16.83 -5.36 49.12
N TYR C 142 -17.38 -4.78 50.18
CA TYR C 142 -17.41 -3.33 50.35
C TYR C 142 -16.53 -2.85 51.50
N GLY C 143 -15.34 -3.43 51.60
CA GLY C 143 -14.41 -3.05 52.64
C GLY C 143 -13.33 -4.11 52.79
N SER C 144 -12.30 -3.80 53.57
CA SER C 144 -11.18 -4.71 53.73
C SER C 144 -10.46 -4.49 55.06
N THR C 145 -9.55 -5.40 55.37
CA THR C 145 -8.81 -5.31 56.63
C THR C 145 -7.77 -4.19 56.56
N THR C 146 -7.51 -3.70 55.35
CA THR C 146 -6.58 -2.60 55.14
C THR C 146 -7.27 -1.27 55.40
N ASP C 147 -8.61 -1.29 55.39
CA ASP C 147 -9.38 -0.06 55.54
C ASP C 147 -9.30 0.51 56.95
N GLY C 148 -9.19 1.83 57.02
CA GLY C 148 -9.13 2.52 58.30
C GLY C 148 -10.39 3.35 58.55
N TYR C 149 -11.26 3.39 57.54
CA TYR C 149 -12.52 4.11 57.66
C TYR C 149 -13.50 3.72 56.56
N ALA C 150 -14.73 4.19 56.69
CA ALA C 150 -15.75 3.97 55.68
C ALA C 150 -16.23 5.30 55.12
N THR C 151 -16.50 5.33 53.83
CA THR C 151 -16.91 6.55 53.13
C THR C 151 -18.42 6.67 53.01
N GLN C 152 -18.94 7.85 53.30
CA GLN C 152 -20.37 8.12 53.21
C GLN C 152 -20.58 9.43 52.44
N ILE C 153 -20.77 9.30 51.13
CA ILE C 153 -20.84 10.47 50.25
C ILE C 153 -22.09 10.45 49.38
N PHE C 154 -22.82 11.56 49.37
CA PHE C 154 -23.96 11.74 48.47
C PHE C 154 -23.70 12.94 47.58
N THR C 155 -24.07 12.82 46.30
CA THR C 155 -23.77 13.86 45.33
C THR C 155 -24.88 13.99 44.31
N ALA C 156 -25.46 15.18 44.21
CA ALA C 156 -26.47 15.45 43.20
C ALA C 156 -26.19 16.79 42.52
N GLY C 157 -26.23 16.81 41.19
CA GLY C 157 -25.88 18.03 40.48
C GLY C 157 -26.45 18.20 39.10
N TYR C 158 -26.40 19.44 38.62
CA TYR C 158 -26.82 19.78 37.28
C TYR C 158 -25.61 20.19 36.42
N ALA C 159 -25.68 19.93 35.11
CA ALA C 159 -24.58 20.29 34.21
C ALA C 159 -25.00 20.42 32.75
N ASN C 160 -24.59 21.50 32.11
CA ASN C 160 -24.72 21.65 30.66
C ASN C 160 -23.41 22.10 30.03
N GLU C 161 -23.45 22.60 28.80
CA GLU C 161 -22.24 22.97 28.08
C GLU C 161 -21.52 24.16 28.73
N ASN C 162 -22.27 25.06 29.37
CA ASN C 162 -21.70 26.31 29.83
C ASN C 162 -21.36 26.31 31.32
N TRP C 163 -22.17 25.61 32.12
CA TRP C 163 -21.99 25.64 33.56
C TRP C 163 -22.45 24.36 34.24
N ASN C 164 -22.15 24.25 35.53
CA ASN C 164 -22.61 23.13 36.34
C ASN C 164 -22.61 23.48 37.82
N ALA C 165 -23.50 22.83 38.58
CA ALA C 165 -23.52 22.99 40.03
C ALA C 165 -23.71 21.63 40.67
N THR C 166 -23.18 21.46 41.88
CA THR C 166 -23.16 20.15 42.52
C THR C 166 -23.27 20.28 44.04
N LEU C 167 -24.29 19.66 44.59
CA LEU C 167 -24.51 19.62 46.03
C LEU C 167 -24.05 18.27 46.58
N SER C 168 -23.29 18.30 47.67
CA SER C 168 -22.67 17.11 48.20
C SER C 168 -22.72 17.01 49.72
N SER C 169 -22.80 15.79 50.21
CA SER C 169 -22.63 15.51 51.63
C SER C 169 -21.50 14.50 51.79
N LYS C 170 -20.45 14.89 52.50
CA LYS C 170 -19.29 14.02 52.69
C LYS C 170 -19.04 13.77 54.16
N GLN C 171 -19.14 12.50 54.55
CA GLN C 171 -19.02 12.13 55.95
C GLN C 171 -18.26 10.80 56.03
N PHE C 172 -17.58 10.56 57.15
CA PHE C 172 -16.73 9.37 57.24
C PHE C 172 -16.81 8.65 58.58
N GLN C 173 -16.77 7.32 58.54
CA GLN C 173 -16.77 6.50 59.73
C GLN C 173 -15.35 5.97 59.99
N VAL C 174 -14.58 6.71 60.78
CA VAL C 174 -13.20 6.32 61.08
C VAL C 174 -13.16 5.24 62.16
N PHE C 175 -12.31 4.24 61.95
CA PHE C 175 -12.31 3.04 62.79
C PHE C 175 -11.49 3.17 64.07
N THR C 176 -11.23 4.40 64.50
CA THR C 176 -10.67 4.66 65.82
C THR C 176 -11.50 5.74 66.50
N ALA C 177 -11.61 5.68 67.82
CA ALA C 177 -12.47 6.60 68.56
C ALA C 177 -12.07 8.06 68.34
N ALA C 178 -10.82 8.39 68.67
CA ALA C 178 -10.31 9.75 68.52
C ALA C 178 -10.38 10.18 67.05
N GLY C 179 -10.01 9.26 66.16
CA GLY C 179 -10.01 9.53 64.74
C GLY C 179 -11.39 9.87 64.24
N ASN C 180 -12.39 9.10 64.66
CA ASN C 180 -13.77 9.35 64.27
C ASN C 180 -14.28 10.64 64.89
N SER C 181 -13.77 10.95 66.07
CA SER C 181 -14.19 12.12 66.83
C SER C 181 -13.72 13.42 66.18
N ASN C 182 -12.51 13.39 65.62
CA ASN C 182 -11.89 14.57 65.05
C ASN C 182 -12.04 14.65 63.53
N ALA C 183 -12.72 13.67 62.95
CA ALA C 183 -12.92 13.63 61.50
C ALA C 183 -13.94 14.67 61.05
N TYR C 184 -13.50 15.63 60.26
CA TYR C 184 -14.41 16.66 59.75
C TYR C 184 -15.33 16.15 58.65
N ARG C 185 -16.50 16.76 58.57
CA ARG C 185 -17.49 16.41 57.56
C ARG C 185 -17.80 17.63 56.71
N ALA C 186 -18.24 17.40 55.48
CA ALA C 186 -18.72 18.47 54.62
C ALA C 186 -20.23 18.44 54.53
N GLN C 187 -20.90 19.43 55.13
CA GLN C 187 -22.33 19.32 55.38
C GLN C 187 -23.09 20.63 55.25
N PRO C 188 -23.44 21.02 54.02
CA PRO C 188 -23.06 20.37 52.77
C PRO C 188 -21.90 21.09 52.07
N GLN C 189 -21.56 20.62 50.87
CA GLN C 189 -20.60 21.31 50.05
C GLN C 189 -21.26 21.64 48.71
N LEU C 190 -21.13 22.89 48.27
CA LEU C 190 -21.69 23.31 47.00
C LEU C 190 -20.57 23.74 46.07
N ASP C 191 -20.49 23.09 44.91
CA ASP C 191 -19.48 23.40 43.91
C ASP C 191 -20.13 23.93 42.65
N MET C 192 -19.64 25.06 42.16
CA MET C 192 -20.19 25.66 40.96
C MET C 192 -19.10 26.02 39.96
N ASN C 193 -19.40 25.82 38.69
CA ASN C 193 -18.47 26.17 37.62
C ASN C 193 -19.17 26.86 36.48
N TYR C 194 -18.59 27.96 36.01
CA TYR C 194 -19.11 28.64 34.83
C TYR C 194 -17.98 28.81 33.83
N TYR C 195 -18.23 28.40 32.59
CA TYR C 195 -17.22 28.47 31.54
C TYR C 195 -17.66 29.40 30.42
N LYS C 196 -16.69 30.03 29.77
CA LYS C 196 -16.99 30.82 28.58
C LYS C 196 -15.77 30.92 27.67
N ASN C 197 -15.85 30.33 26.49
CA ASN C 197 -14.75 30.44 25.54
C ASN C 197 -14.95 31.63 24.61
N ASP C 198 -13.87 32.05 23.97
CA ASP C 198 -13.90 33.09 22.94
C ASP C 198 -14.43 34.44 23.44
N VAL C 199 -14.18 34.77 24.70
CA VAL C 199 -14.43 36.13 25.18
C VAL C 199 -13.32 37.04 24.68
N GLY C 200 -13.43 37.46 23.42
CA GLY C 200 -12.33 38.15 22.78
C GLY C 200 -11.22 37.14 22.53
N PRO C 201 -10.00 37.48 22.95
CA PRO C 201 -8.88 36.56 22.78
C PRO C 201 -8.79 35.56 23.93
N PHE C 202 -9.64 35.73 24.95
CA PHE C 202 -9.52 34.96 26.17
C PHE C 202 -10.56 33.85 26.33
N ASP C 203 -10.21 32.86 27.14
CA ASP C 203 -11.15 31.90 27.67
C ASP C 203 -11.31 32.19 29.16
N MET C 204 -12.53 32.24 29.64
CA MET C 204 -12.79 32.57 31.03
C MET C 204 -13.45 31.42 31.77
N HIS C 205 -13.16 31.33 33.07
CA HIS C 205 -13.72 30.29 33.90
C HIS C 205 -13.84 30.77 35.35
N VAL C 206 -15.05 30.67 35.90
CA VAL C 206 -15.27 31.03 37.30
C VAL C 206 -15.63 29.79 38.11
N TYR C 207 -14.93 29.59 39.23
CA TYR C 207 -15.24 28.49 40.11
C TYR C 207 -15.68 29.02 41.47
N GLY C 208 -16.68 28.38 42.07
CA GLY C 208 -17.17 28.80 43.37
C GLY C 208 -17.48 27.62 44.28
N GLN C 209 -17.37 27.85 45.58
CA GLN C 209 -17.67 26.81 46.55
C GLN C 209 -18.24 27.37 47.85
N ALA C 210 -19.23 26.69 48.41
CA ALA C 210 -19.74 27.04 49.72
C ALA C 210 -19.84 25.78 50.57
N ALA C 211 -19.08 25.71 51.65
CA ALA C 211 -19.03 24.49 52.45
C ALA C 211 -19.23 24.73 53.94
N LYS C 212 -19.83 23.75 54.60
CA LYS C 212 -19.99 23.77 56.04
C LYS C 212 -19.23 22.59 56.67
N PHE C 213 -18.15 22.90 57.37
CA PHE C 213 -17.33 21.90 58.03
C PHE C 213 -17.63 21.80 59.51
N THR C 214 -18.03 20.60 59.93
CA THR C 214 -18.28 20.32 61.34
C THR C 214 -17.69 18.97 61.74
N SER C 215 -17.41 18.80 63.03
CA SER C 215 -16.98 17.50 63.54
C SER C 215 -17.66 17.22 64.87
N VAL C 216 -17.63 15.95 65.29
CA VAL C 216 -18.31 15.51 66.50
C VAL C 216 -17.68 16.09 67.76
N ASN C 217 -16.36 16.01 67.86
CA ASN C 217 -15.62 16.51 69.01
C ASN C 217 -15.93 17.99 69.27
N PRO C 218 -16.55 18.26 70.44
CA PRO C 218 -17.00 19.61 70.82
C PRO C 218 -15.86 20.62 70.95
N THR C 219 -14.65 20.13 71.18
CA THR C 219 -13.48 21.00 71.28
C THR C 219 -13.12 21.61 69.93
N ASN C 220 -13.28 20.82 68.86
CA ASN C 220 -12.91 21.24 67.50
C ASN C 220 -13.76 22.38 66.96
N PRO C 221 -13.12 23.31 66.24
CA PRO C 221 -13.83 24.45 65.63
C PRO C 221 -14.77 24.04 64.50
N GLU C 222 -15.89 24.74 64.34
CA GLU C 222 -16.73 24.55 63.16
C GLU C 222 -16.53 25.72 62.21
N ALA C 223 -16.90 25.55 60.94
CA ALA C 223 -16.61 26.60 59.97
C ALA C 223 -17.53 26.65 58.75
N SER C 224 -17.84 27.86 58.31
CA SER C 224 -18.47 28.07 57.01
C SER C 224 -17.44 28.71 56.08
N ARG C 225 -17.19 28.08 54.94
CA ARG C 225 -16.19 28.56 54.01
C ARG C 225 -16.81 28.93 52.67
N PHE C 226 -16.54 30.14 52.20
CA PHE C 226 -17.02 30.57 50.89
C PHE C 226 -15.83 30.92 50.02
N HIS C 227 -15.87 30.51 48.77
CA HIS C 227 -14.73 30.68 47.89
C HIS C 227 -15.17 31.03 46.48
N ILE C 228 -14.60 32.10 45.94
CA ILE C 228 -14.82 32.49 44.57
C ILE C 228 -13.47 32.62 43.88
N GLU C 229 -13.41 32.24 42.62
CA GLU C 229 -12.15 32.13 41.90
C GLU C 229 -12.33 32.31 40.40
N PRO C 230 -12.21 33.56 39.92
CA PRO C 230 -12.23 33.84 38.48
C PRO C 230 -10.87 33.61 37.84
N THR C 231 -10.91 33.19 36.57
CA THR C 231 -9.73 32.82 35.82
C THR C 231 -9.83 33.29 34.37
N VAL C 232 -8.87 34.09 33.94
CA VAL C 232 -8.79 34.52 32.56
C VAL C 232 -7.56 33.89 31.91
N ASN C 233 -7.75 33.37 30.70
CA ASN C 233 -6.75 32.56 30.03
C ASN C 233 -6.48 33.04 28.60
N LEU C 234 -5.21 33.22 28.27
CA LEU C 234 -4.78 33.56 26.92
C LEU C 234 -4.01 32.40 26.32
N PRO C 235 -4.69 31.58 25.52
CA PRO C 235 -4.11 30.40 24.87
C PRO C 235 -3.68 30.63 23.43
N LEU C 236 -2.40 30.42 23.15
CA LEU C 236 -1.88 30.50 21.80
C LEU C 236 -1.38 29.12 21.41
N SER C 237 -2.08 28.50 20.47
CA SER C 237 -1.82 27.12 20.11
C SER C 237 -1.28 27.02 18.69
N ASN C 238 -0.56 25.94 18.41
CA ASN C 238 0.09 25.78 17.13
C ASN C 238 0.17 24.29 16.81
N SER C 239 0.69 23.97 15.63
CA SER C 239 0.94 22.58 15.27
C SER C 239 2.16 22.03 16.02
N TRP C 240 3.18 22.86 16.19
CA TRP C 240 4.40 22.48 16.91
C TRP C 240 4.62 23.05 18.30
N GLY C 241 3.76 23.93 18.77
CA GLY C 241 3.95 24.49 20.10
C GLY C 241 2.75 25.20 20.66
N SER C 242 2.84 25.57 21.94
CA SER C 242 1.74 26.32 22.54
C SER C 242 2.19 27.04 23.79
N ILE C 243 1.60 28.20 24.01
CA ILE C 243 1.88 28.99 25.20
C ILE C 243 0.56 29.43 25.79
N ASN C 244 0.52 29.60 27.10
CA ASN C 244 -0.71 29.91 27.79
C ASN C 244 -0.41 30.86 28.94
N THR C 245 -1.05 32.02 28.94
CA THR C 245 -0.88 32.97 30.03
C THR C 245 -2.16 32.97 30.85
N GLU C 246 -2.03 32.97 32.16
CA GLU C 246 -3.17 32.75 33.03
C GLU C 246 -3.18 33.69 34.24
N ALA C 247 -4.29 34.41 34.37
CA ALA C 247 -4.49 35.24 35.55
C ALA C 247 -5.63 34.67 36.38
N LYS C 248 -5.38 34.50 37.67
CA LYS C 248 -6.39 33.89 38.53
C LYS C 248 -6.55 34.72 39.78
N LEU C 249 -7.76 34.75 40.32
CA LEU C 249 -7.96 35.45 41.59
C LEU C 249 -8.58 34.50 42.61
N LEU C 250 -7.85 34.23 43.67
CA LEU C 250 -8.31 33.33 44.72
C LEU C 250 -8.90 34.14 45.87
N ALA C 251 -10.22 34.14 46.00
CA ALA C 251 -10.87 34.91 47.07
C ALA C 251 -11.65 33.99 48.00
N THR C 252 -11.31 34.03 49.28
CA THR C 252 -11.89 33.10 50.24
C THR C 252 -12.30 33.82 51.53
N HIS C 253 -13.51 33.55 52.00
CA HIS C 253 -13.99 34.06 53.28
C HIS C 253 -14.34 32.93 54.23
N TYR C 254 -13.82 33.04 55.45
CA TYR C 254 -14.03 32.07 56.50
C TYR C 254 -14.88 32.63 57.64
N GLN C 255 -15.86 31.86 58.08
CA GLN C 255 -16.59 32.13 59.31
C GLN C 255 -16.33 30.97 60.25
N GLN C 256 -15.40 31.16 61.18
CA GLN C 256 -15.00 30.08 62.09
C GLN C 256 -15.55 30.23 63.50
N ASP C 257 -16.42 29.31 63.89
CA ASP C 257 -16.87 29.25 65.27
C ASP C 257 -15.88 28.43 66.09
N ILE C 258 -15.25 29.09 67.06
CA ILE C 258 -14.17 28.49 67.83
C ILE C 258 -14.56 28.35 69.29
N PRO C 259 -14.70 27.11 69.78
CA PRO C 259 -15.03 26.88 71.20
C PRO C 259 -13.99 27.48 72.14
N ALA C 260 -14.40 27.81 73.36
CA ALA C 260 -13.51 28.46 74.32
C ALA C 260 -12.39 27.56 74.80
N SER C 261 -12.69 26.27 74.96
CA SER C 261 -11.68 25.30 75.37
C SER C 261 -10.57 25.19 74.35
N PHE C 262 -10.92 25.37 73.07
CA PHE C 262 -9.93 25.31 72.00
C PHE C 262 -9.10 26.58 72.03
N ALA C 263 -9.78 27.72 72.09
CA ALA C 263 -9.12 29.02 72.10
C ALA C 263 -8.59 29.35 73.49
N ASP C 264 -7.72 28.50 74.02
CA ASP C 264 -7.20 28.66 75.36
C ASP C 264 -6.06 27.66 75.56
N ASN C 265 -5.67 27.00 74.47
CA ASN C 265 -4.52 26.13 74.49
C ASN C 265 -3.30 26.85 73.94
N ALA C 266 -2.17 26.69 74.61
CA ALA C 266 -0.93 27.37 74.23
C ALA C 266 -0.33 26.75 72.97
N SER C 267 -0.88 25.61 72.56
CA SER C 267 -0.32 24.85 71.44
C SER C 267 -1.27 24.83 70.26
N ASN C 268 -2.46 25.39 70.44
CA ASN C 268 -3.41 25.51 69.35
C ASN C 268 -3.13 26.80 68.61
N PRO C 269 -3.31 26.80 67.28
CA PRO C 269 -3.10 28.04 66.53
C PRO C 269 -4.16 29.09 66.86
N LYS C 270 -3.74 30.35 66.86
CA LYS C 270 -4.65 31.45 67.17
C LYS C 270 -5.60 31.73 66.01
N LEU C 271 -6.76 31.08 66.02
CA LEU C 271 -7.74 31.22 64.95
C LEU C 271 -8.55 32.51 65.08
N LYS C 272 -9.15 32.93 63.98
CA LYS C 272 -9.99 34.12 63.94
C LYS C 272 -11.44 33.81 63.58
N ASP C 273 -12.36 34.60 64.12
CA ASP C 273 -13.79 34.38 63.91
C ASP C 273 -14.16 34.61 62.44
N SER C 274 -13.64 35.69 61.88
CA SER C 274 -13.85 36.01 60.47
C SER C 274 -12.52 36.21 59.75
N VAL C 275 -12.33 35.49 58.64
CA VAL C 275 -11.06 35.59 57.91
C VAL C 275 -11.25 35.88 56.42
N ASN C 276 -10.51 36.87 55.93
CA ASN C 276 -10.48 37.14 54.49
C ASN C 276 -9.12 36.80 53.89
N ARG C 277 -9.13 36.09 52.78
CA ARG C 277 -7.91 35.78 52.06
C ARG C 277 -8.07 36.01 50.56
N VAL C 278 -7.39 37.02 50.03
CA VAL C 278 -7.43 37.27 48.60
C VAL C 278 -6.02 37.23 48.04
N LEU C 279 -5.78 36.29 47.13
CA LEU C 279 -4.47 36.08 46.54
C LEU C 279 -4.56 36.01 45.03
N PRO C 280 -3.87 36.91 44.34
CA PRO C 280 -3.79 36.81 42.88
C PRO C 280 -2.74 35.76 42.48
N GLN C 281 -2.96 35.10 41.36
CA GLN C 281 -2.00 34.12 40.89
C GLN C 281 -1.68 34.37 39.42
N PHE C 282 -0.39 34.45 39.12
CA PHE C 282 0.05 34.63 37.74
C PHE C 282 0.80 33.39 37.26
N LYS C 283 0.41 32.86 36.10
CA LYS C 283 1.08 31.67 35.58
C LYS C 283 1.32 31.77 34.08
N VAL C 284 2.54 31.47 33.64
CA VAL C 284 2.78 31.40 32.20
C VAL C 284 3.43 30.06 31.85
N ASP C 285 2.82 29.34 30.92
CA ASP C 285 3.24 27.98 30.62
C ASP C 285 3.43 27.76 29.12
N GLY C 286 4.62 27.35 28.71
CA GLY C 286 4.91 27.14 27.31
C GLY C 286 5.51 25.78 27.03
N LYS C 287 5.23 25.26 25.85
CA LYS C 287 5.68 23.94 25.44
C LYS C 287 6.00 23.92 23.94
N VAL C 288 7.06 23.19 23.57
CA VAL C 288 7.43 23.09 22.15
C VAL C 288 7.75 21.64 21.78
N VAL C 289 7.34 21.22 20.59
CA VAL C 289 7.60 19.85 20.15
C VAL C 289 8.47 19.74 18.89
N PHE C 290 9.73 19.37 19.09
CA PHE C 290 10.62 19.01 17.99
C PHE C 290 10.43 17.53 17.63
N ASP C 291 10.80 17.15 16.41
CA ASP C 291 10.84 15.74 16.05
C ASP C 291 11.81 15.48 14.90
N ARG C 292 12.16 14.22 14.70
CA ARG C 292 13.11 13.83 13.66
C ARG C 292 13.01 12.34 13.34
N SER C 293 13.41 11.96 12.14
CA SER C 293 13.58 10.54 11.82
C SER C 293 14.94 10.12 12.33
N MET C 294 14.97 9.09 13.18
CA MET C 294 16.21 8.63 13.80
C MET C 294 17.24 8.06 12.82
N ASP C 295 18.51 8.13 13.22
CA ASP C 295 19.62 7.77 12.36
C ASP C 295 19.78 6.26 12.36
N TRP C 296 20.17 5.72 11.22
CA TRP C 296 20.40 4.28 11.02
C TRP C 296 19.11 3.47 11.10
N ALA C 297 18.21 3.85 12.00
CA ALA C 297 16.90 3.20 12.11
C ALA C 297 15.86 3.93 11.27
N THR C 298 15.44 3.28 10.19
CA THR C 298 14.50 3.91 9.25
C THR C 298 13.06 3.51 9.58
N GLY C 299 12.16 4.50 9.60
CA GLY C 299 10.76 4.26 9.88
C GLY C 299 10.34 4.84 11.21
N PHE C 300 11.29 4.94 12.14
CA PHE C 300 11.02 5.43 13.48
C PHE C 300 11.09 6.96 13.56
N THR C 301 10.36 7.53 14.51
CA THR C 301 10.38 8.97 14.73
C THR C 301 10.64 9.27 16.21
N GLN C 302 11.62 10.13 16.48
CA GLN C 302 11.92 10.55 17.84
C GLN C 302 11.49 12.00 18.07
N THR C 303 10.77 12.24 19.16
CA THR C 303 10.31 13.58 19.48
C THR C 303 10.98 14.11 20.73
N LEU C 304 11.24 15.42 20.72
CA LEU C 304 11.86 16.11 21.85
C LEU C 304 10.96 17.27 22.28
N GLU C 305 10.44 17.20 23.50
CA GLU C 305 9.40 18.12 23.93
C GLU C 305 9.74 18.85 25.22
N PRO C 306 10.39 20.03 25.10
CA PRO C 306 10.66 20.88 26.26
C PRO C 306 9.45 21.70 26.70
N ARG C 307 9.39 21.94 28.00
CA ARG C 307 8.26 22.62 28.63
C ARG C 307 8.72 23.47 29.82
N ALA C 308 8.24 24.70 29.89
CA ALA C 308 8.62 25.61 30.97
C ALA C 308 7.41 26.36 31.52
N GLN C 309 7.37 26.56 32.82
CA GLN C 309 6.25 27.26 33.45
C GLN C 309 6.74 28.13 34.59
N TYR C 310 6.37 29.41 34.55
CA TYR C 310 6.64 30.28 35.68
C TYR C 310 5.36 30.49 36.47
N LEU C 311 5.49 30.46 37.80
CA LEU C 311 4.36 30.59 38.70
C LEU C 311 4.65 31.58 39.81
N TYR C 312 3.72 32.51 40.01
CA TYR C 312 3.83 33.48 41.08
C TYR C 312 2.55 33.65 41.89
N VAL C 313 2.70 33.49 43.20
CA VAL C 313 1.66 33.72 44.19
C VAL C 313 2.27 34.44 45.39
N PRO C 314 1.71 35.61 45.76
CA PRO C 314 2.25 36.37 46.89
C PRO C 314 2.04 35.68 48.22
N TYR C 315 2.86 36.01 49.22
CA TYR C 315 2.74 35.37 50.53
C TYR C 315 1.66 36.01 51.38
N ARG C 316 0.94 35.17 52.12
CA ARG C 316 -0.09 35.61 53.04
C ARG C 316 -0.15 34.65 54.22
N ASN C 317 0.03 35.20 55.43
CA ASN C 317 -0.02 34.38 56.64
C ASN C 317 -1.42 33.78 56.82
N GLN C 318 -1.47 32.46 56.95
CA GLN C 318 -2.75 31.77 57.06
C GLN C 318 -2.81 30.88 58.30
N ASP C 319 -2.04 31.26 59.33
CA ASP C 319 -2.03 30.53 60.59
C ASP C 319 -3.34 30.71 61.35
N ASP C 320 -4.10 31.74 61.00
CA ASP C 320 -5.38 32.00 61.66
C ASP C 320 -6.52 31.19 61.02
N ILE C 321 -6.17 30.34 60.06
CA ILE C 321 -7.13 29.43 59.46
C ILE C 321 -6.82 27.98 59.85
N TYR C 322 -7.86 27.24 60.22
CA TYR C 322 -7.68 25.85 60.63
C TYR C 322 -7.68 24.93 59.41
N ILE C 323 -7.35 23.65 59.63
CA ILE C 323 -7.34 22.67 58.56
C ILE C 323 -8.63 21.86 58.56
N TYR C 324 -9.29 21.80 57.40
CA TYR C 324 -10.56 21.10 57.29
C TYR C 324 -10.50 20.00 56.24
N ASP C 325 -10.12 20.36 55.03
CA ASP C 325 -10.06 19.41 53.92
C ASP C 325 -8.75 19.54 53.16
N THR C 326 -7.69 19.89 53.87
CA THR C 326 -6.42 20.23 53.24
C THR C 326 -5.28 19.31 53.64
N THR C 327 -4.67 18.69 52.64
CA THR C 327 -3.51 17.82 52.85
C THR C 327 -2.48 18.07 51.75
N LEU C 328 -1.27 17.54 51.95
CA LEU C 328 -0.22 17.72 50.97
C LEU C 328 -0.44 16.82 49.75
N MET C 329 -0.52 17.45 48.57
CA MET C 329 -0.71 16.71 47.33
C MET C 329 0.57 15.98 46.99
N GLN C 330 0.44 14.82 46.34
CA GLN C 330 1.62 14.11 45.91
C GLN C 330 1.95 14.52 44.47
N SER C 331 3.15 15.02 44.26
CA SER C 331 3.54 15.52 42.95
C SER C 331 4.35 14.49 42.17
N ASP C 332 3.90 14.20 40.96
CA ASP C 332 4.62 13.33 40.05
C ASP C 332 5.23 14.24 38.98
N TYR C 333 5.61 13.68 37.85
CA TYR C 333 6.18 14.50 36.79
C TYR C 333 5.11 15.51 36.34
N SER C 334 3.87 15.03 36.27
CA SER C 334 2.74 15.89 35.94
C SER C 334 2.57 16.94 37.03
N GLY C 335 2.58 16.50 38.27
CA GLY C 335 2.39 17.36 39.43
C GLY C 335 3.37 18.52 39.54
N LEU C 336 4.47 18.44 38.80
CA LEU C 336 5.45 19.51 38.76
C LEU C 336 4.81 20.79 38.24
N PHE C 337 3.88 20.64 37.31
CA PHE C 337 3.29 21.80 36.66
C PHE C 337 1.93 22.14 37.28
N ARG C 338 1.61 21.47 38.38
CA ARG C 338 0.40 21.76 39.15
C ARG C 338 0.61 23.04 39.97
N ASP C 339 -0.37 23.94 39.93
CA ASP C 339 -0.23 25.23 40.58
C ASP C 339 -0.60 25.23 42.05
N ARG C 340 -1.03 24.09 42.57
CA ARG C 340 -1.39 23.97 43.97
C ARG C 340 -0.50 22.96 44.67
N THR C 341 -0.09 23.27 45.89
CA THR C 341 0.74 22.38 46.68
C THR C 341 -0.13 21.48 47.55
N TYR C 342 -1.20 22.08 48.09
CA TYR C 342 -2.12 21.37 48.98
C TYR C 342 -3.46 21.11 48.31
N SER C 343 -4.23 20.20 48.89
CA SER C 343 -5.60 19.99 48.46
C SER C 343 -6.51 20.95 49.23
N GLY C 344 -7.78 20.99 48.86
CA GLY C 344 -8.74 21.85 49.53
C GLY C 344 -8.42 23.32 49.34
N LEU C 345 -8.79 24.15 50.32
CA LEU C 345 -8.64 25.59 50.20
C LEU C 345 -8.16 26.27 51.49
N ASP C 346 -7.63 25.49 52.43
CA ASP C 346 -7.23 26.04 53.71
C ASP C 346 -5.81 26.57 53.70
N ARG C 347 -5.01 26.13 52.73
CA ARG C 347 -3.64 26.61 52.59
C ARG C 347 -3.28 26.86 51.14
N ILE C 348 -3.04 28.12 50.79
CA ILE C 348 -2.52 28.47 49.49
C ILE C 348 -1.07 28.92 49.62
N ALA C 349 -0.14 28.05 49.23
CA ALA C 349 1.28 28.35 49.34
C ALA C 349 1.69 29.49 48.41
N SER C 350 2.63 30.31 48.88
CA SER C 350 3.21 31.34 48.03
C SER C 350 4.07 30.67 46.97
N ALA C 351 4.04 31.20 45.76
CA ALA C 351 4.82 30.65 44.67
C ALA C 351 5.72 31.70 44.05
N ASN C 352 6.91 31.28 43.64
CA ASN C 352 7.83 32.14 42.91
C ASN C 352 8.84 31.23 42.27
N GLN C 353 8.40 30.52 41.24
CA GLN C 353 9.18 29.37 40.79
C GLN C 353 9.07 29.06 39.30
N VAL C 354 10.08 28.36 38.80
CA VAL C 354 10.08 27.87 37.42
C VAL C 354 10.14 26.35 37.39
N SER C 355 9.15 25.74 36.76
CA SER C 355 9.13 24.30 36.54
C SER C 355 9.51 24.00 35.10
N THR C 356 10.57 23.22 34.91
CA THR C 356 11.00 22.84 33.58
C THR C 356 10.93 21.34 33.42
N GLY C 357 10.70 20.89 32.19
CA GLY C 357 10.55 19.47 31.93
C GLY C 357 10.92 19.14 30.50
N LEU C 358 11.39 17.91 30.29
CA LEU C 358 11.75 17.45 28.96
C LEU C 358 11.14 16.07 28.73
N THR C 359 10.45 15.91 27.61
CA THR C 359 9.80 14.64 27.30
C THR C 359 10.20 14.12 25.93
N SER C 360 10.89 12.99 25.89
CA SER C 360 11.27 12.39 24.61
C SER C 360 10.40 11.18 24.31
N ARG C 361 9.90 11.10 23.07
CA ARG C 361 9.07 9.95 22.69
C ARG C 361 9.63 9.24 21.46
N ILE C 362 9.22 8.00 21.25
CA ILE C 362 9.61 7.24 20.07
C ILE C 362 8.42 6.52 19.43
N TYR C 363 8.12 6.86 18.18
CA TYR C 363 7.07 6.19 17.41
C TYR C 363 7.68 5.28 16.36
N ASP C 364 6.94 4.26 15.95
CA ASP C 364 7.43 3.33 14.94
C ASP C 364 6.72 3.53 13.60
N ASP C 365 6.72 2.47 12.77
CA ASP C 365 6.11 2.52 11.45
C ASP C 365 4.62 2.83 11.48
N ALA C 366 3.90 2.21 12.41
CA ALA C 366 2.45 2.37 12.50
C ALA C 366 2.07 3.52 13.44
N ARG C 367 3.01 4.45 13.62
CA ARG C 367 2.83 5.57 14.53
C ARG C 367 2.37 5.14 15.92
N VAL C 368 2.91 4.03 16.40
CA VAL C 368 2.65 3.57 17.77
C VAL C 368 3.75 4.03 18.72
N GLU C 369 3.34 4.67 19.81
CA GLU C 369 4.30 5.10 20.81
C GLU C 369 4.89 3.91 21.55
N ARG C 370 6.18 3.67 21.36
CA ARG C 370 6.84 2.48 21.88
C ARG C 370 7.76 2.74 23.08
N PHE C 371 8.29 3.96 23.16
CA PHE C 371 9.14 4.34 24.29
C PHE C 371 8.84 5.77 24.72
N ASN C 372 9.13 6.07 25.98
CA ASN C 372 8.84 7.37 26.55
C ASN C 372 9.64 7.64 27.83
N VAL C 373 10.23 8.83 27.93
CA VAL C 373 10.94 9.23 29.13
C VAL C 373 10.71 10.72 29.39
N SER C 374 10.46 11.05 30.65
CA SER C 374 10.25 12.45 31.03
C SER C 374 11.02 12.75 32.30
N VAL C 375 11.75 13.86 32.28
CA VAL C 375 12.44 14.34 33.48
C VAL C 375 12.14 15.82 33.67
N GLY C 376 11.76 16.20 34.88
CA GLY C 376 11.46 17.58 35.17
C GLY C 376 11.95 18.03 36.54
N GLN C 377 11.92 19.34 36.77
CA GLN C 377 12.40 19.89 38.03
C GLN C 377 11.68 21.19 38.38
N ILE C 378 11.80 21.60 39.65
CA ILE C 378 11.29 22.88 40.09
C ILE C 378 12.38 23.72 40.74
N TYR C 379 12.58 24.91 40.18
CA TYR C 379 13.51 25.90 40.72
C TYR C 379 12.75 26.97 41.47
N TYR C 380 13.00 27.08 42.77
CA TYR C 380 12.36 28.09 43.59
C TYR C 380 13.22 29.34 43.70
N PHE C 381 12.65 30.50 43.41
CA PHE C 381 13.39 31.74 43.55
C PHE C 381 13.29 32.26 44.97
N SER C 382 12.23 31.84 45.66
CA SER C 382 12.06 32.16 47.07
C SER C 382 11.31 31.04 47.76
N ARG C 383 11.40 31.02 49.09
CA ARG C 383 10.76 30.00 49.90
C ARG C 383 9.24 29.99 49.76
N SER C 384 8.67 28.79 49.75
CA SER C 384 7.21 28.65 49.76
C SER C 384 6.71 28.74 51.20
N ARG C 385 5.70 29.57 51.42
CA ARG C 385 5.21 29.82 52.77
C ARG C 385 3.70 29.78 52.87
N THR C 386 3.21 29.46 54.06
CA THR C 386 1.79 29.48 54.37
C THR C 386 1.56 30.03 55.76
N GLY C 387 2.66 30.27 56.47
CA GLY C 387 2.60 30.72 57.85
C GLY C 387 3.94 31.22 58.37
N ASN C 388 4.25 30.92 59.63
CA ASN C 388 5.40 31.53 60.28
C ASN C 388 6.49 30.58 60.78
N THR C 389 6.44 29.32 60.36
CA THR C 389 7.47 28.37 60.77
C THR C 389 8.56 28.17 59.72
N GLU C 390 9.80 28.01 60.19
CA GLU C 390 10.95 27.71 59.36
C GLU C 390 11.24 28.81 58.35
N ASN C 396 14.58 29.46 54.13
CA ASN C 396 15.65 28.49 54.21
C ASN C 396 16.26 28.14 52.84
N ALA C 397 15.70 27.16 52.15
CA ALA C 397 16.29 26.68 50.90
C ALA C 397 15.57 27.17 49.65
N THR C 398 16.36 27.46 48.62
CA THR C 398 15.85 27.86 47.32
C THR C 398 16.72 27.16 46.27
N GLY C 399 16.38 27.36 45.00
CA GLY C 399 17.10 26.70 43.93
C GLY C 399 16.32 25.52 43.37
N SER C 400 17.01 24.69 42.60
CA SER C 400 16.41 23.46 42.08
C SER C 400 16.21 22.44 43.19
N LEU C 401 15.01 22.40 43.76
CA LEU C 401 14.81 21.58 44.97
C LEU C 401 14.04 20.29 44.71
N VAL C 402 13.13 20.33 43.74
CA VAL C 402 12.28 19.18 43.46
C VAL C 402 12.61 18.60 42.10
N TRP C 403 12.80 17.29 42.05
CA TRP C 403 13.00 16.61 40.77
C TRP C 403 11.99 15.49 40.66
N ALA C 404 11.65 15.11 39.42
CA ALA C 404 10.72 14.02 39.20
C ALA C 404 10.88 13.48 37.80
N GLY C 405 10.68 12.18 37.65
CA GLY C 405 10.80 11.56 36.34
C GLY C 405 9.91 10.35 36.20
N ASP C 406 9.57 10.02 34.97
CA ASP C 406 8.83 8.79 34.69
C ASP C 406 9.20 8.27 33.32
N THR C 407 8.92 7.01 33.08
CA THR C 407 9.31 6.37 31.83
C THR C 407 8.38 5.22 31.48
N PHE C 408 8.22 5.00 30.18
CA PHE C 408 7.38 3.93 29.65
C PHE C 408 8.07 3.31 28.45
N TRP C 409 7.96 1.99 28.33
CA TRP C 409 8.62 1.25 27.28
C TRP C 409 7.80 0.02 26.87
N ARG C 410 7.38 0.00 25.61
CA ARG C 410 6.71 -1.16 25.03
C ARG C 410 7.76 -2.06 24.38
N ILE C 411 8.25 -3.02 25.14
CA ILE C 411 9.37 -3.86 24.71
C ILE C 411 8.98 -4.73 23.51
N ASN C 412 7.78 -5.30 23.55
CA ASN C 412 7.17 -5.90 22.37
C ASN C 412 5.65 -5.87 22.53
N ASP C 413 4.94 -6.57 21.66
CA ASP C 413 3.48 -6.50 21.65
C ASP C 413 2.83 -7.05 22.92
N GLN C 414 3.58 -7.81 23.71
CA GLN C 414 3.03 -8.41 24.92
C GLN C 414 3.75 -8.00 26.19
N LEU C 415 4.90 -7.34 26.06
CA LEU C 415 5.71 -7.00 27.22
C LEU C 415 5.83 -5.49 27.41
N GLY C 416 5.52 -5.02 28.61
CA GLY C 416 5.59 -3.61 28.92
C GLY C 416 6.33 -3.31 30.21
N LEU C 417 6.96 -2.15 30.24
CA LEU C 417 7.72 -1.69 31.41
C LEU C 417 7.45 -0.23 31.65
N LYS C 418 7.34 0.18 32.91
CA LYS C 418 7.20 1.59 33.23
C LYS C 418 7.58 1.87 34.67
N GLY C 419 7.92 3.14 34.96
CA GLY C 419 8.29 3.50 36.31
C GLY C 419 8.40 4.99 36.55
N GLY C 420 8.63 5.37 37.80
CA GLY C 420 8.75 6.77 38.16
C GLY C 420 9.53 6.99 39.43
N ALA C 421 10.06 8.21 39.60
CA ALA C 421 10.82 8.55 40.79
C ALA C 421 10.68 10.03 41.12
N GLN C 422 10.84 10.35 42.40
CA GLN C 422 10.69 11.72 42.90
C GLN C 422 11.80 12.06 43.90
N TYR C 423 12.32 13.27 43.79
CA TYR C 423 13.36 13.75 44.68
C TYR C 423 13.01 15.10 45.29
N ASP C 424 13.38 15.28 46.55
CA ASP C 424 13.22 16.56 47.24
C ASP C 424 14.40 16.75 48.19
N THR C 425 15.24 17.74 47.87
CA THR C 425 16.44 18.03 48.63
C THR C 425 16.14 18.29 50.11
N ARG C 426 14.99 18.91 50.35
CA ARG C 426 14.56 19.24 51.71
C ARG C 426 14.16 18.01 52.52
N LEU C 427 13.81 16.92 51.84
CA LEU C 427 13.35 15.72 52.52
C LEU C 427 14.36 14.57 52.37
N GLY C 428 15.57 14.92 51.97
CA GLY C 428 16.65 13.95 51.89
C GLY C 428 16.63 13.11 50.61
N SER C 429 16.98 13.74 49.49
CA SER C 429 17.10 13.08 48.19
C SER C 429 15.82 12.36 47.77
N LEU C 430 15.96 11.06 47.47
CA LEU C 430 14.84 10.27 46.95
C LEU C 430 13.71 10.12 47.97
N THR C 431 12.49 10.39 47.53
CA THR C 431 11.34 10.31 48.43
C THR C 431 10.41 9.19 48.01
N LEU C 432 10.13 9.12 46.72
CA LEU C 432 9.23 8.09 46.18
C LEU C 432 9.85 7.48 44.95
N GLY C 433 9.58 6.19 44.74
CA GLY C 433 10.03 5.52 43.54
C GLY C 433 9.22 4.27 43.35
N ASN C 434 9.01 3.86 42.09
CA ASN C 434 8.33 2.61 41.83
C ASN C 434 8.50 2.17 40.39
N ALA C 435 8.47 0.86 40.18
CA ALA C 435 8.58 0.32 38.82
C ALA C 435 7.72 -0.93 38.68
N ILE C 436 7.23 -1.17 37.47
CA ILE C 436 6.43 -2.36 37.22
C ILE C 436 6.62 -2.86 35.79
N MET C 437 6.77 -4.18 35.67
CA MET C 437 6.89 -4.84 34.38
C MET C 437 5.76 -5.84 34.24
N GLU C 438 5.11 -5.88 33.09
CA GLU C 438 4.03 -6.83 32.90
C GLU C 438 4.00 -7.46 31.51
N TYR C 439 3.95 -8.79 31.49
CA TYR C 439 3.70 -9.56 30.29
C TYR C 439 2.29 -10.12 30.32
N ARG C 440 1.64 -10.14 29.16
CA ARG C 440 0.36 -10.84 29.01
C ARG C 440 0.08 -11.04 27.52
N LYS C 441 -0.29 -12.26 27.14
CA LYS C 441 -0.54 -12.56 25.72
C LYS C 441 -2.03 -12.39 25.46
N ASP C 442 -2.85 -13.14 26.20
CA ASP C 442 -4.31 -13.01 26.14
C ASP C 442 -4.89 -12.84 27.54
N ALA C 443 -5.72 -13.78 27.97
CA ALA C 443 -6.29 -13.72 29.31
C ALA C 443 -6.18 -15.09 29.98
N ASP C 444 -5.03 -15.72 29.80
CA ASP C 444 -4.72 -16.99 30.43
C ASP C 444 -3.26 -16.95 30.89
N ARG C 445 -2.46 -16.17 30.17
CA ARG C 445 -1.03 -16.04 30.44
C ARG C 445 -0.66 -14.62 30.85
N MET C 446 -0.08 -14.48 32.04
CA MET C 446 0.25 -13.17 32.58
C MET C 446 1.32 -13.23 33.66
N ILE C 447 2.30 -12.34 33.58
CA ILE C 447 3.31 -12.21 34.62
C ILE C 447 3.47 -10.72 34.96
N GLN C 448 3.68 -10.41 36.23
CA GLN C 448 3.82 -9.03 36.66
C GLN C 448 4.79 -8.90 37.83
N LEU C 449 5.85 -8.13 37.60
CA LEU C 449 6.80 -7.79 38.65
C LEU C 449 6.60 -6.33 39.04
N ASN C 450 6.84 -5.99 40.30
CA ASN C 450 6.75 -4.59 40.70
C ASN C 450 7.57 -4.31 41.96
N TYR C 451 7.98 -3.05 42.11
CA TYR C 451 8.65 -2.63 43.32
C TYR C 451 8.17 -1.24 43.67
N ARG C 452 7.93 -1.03 44.96
CA ARG C 452 7.48 0.27 45.46
C ARG C 452 8.33 0.74 46.63
N TYR C 453 8.77 1.98 46.58
CA TYR C 453 9.55 2.58 47.66
C TYR C 453 9.02 3.95 48.03
N ALA C 454 9.01 4.19 49.34
CA ALA C 454 8.66 5.48 49.91
C ALA C 454 9.53 5.71 51.15
N SER C 455 10.29 6.78 51.12
CA SER C 455 11.15 7.15 52.24
C SER C 455 10.36 7.43 53.51
N PRO C 456 10.95 7.11 54.67
CA PRO C 456 10.34 7.45 55.97
C PRO C 456 10.09 8.95 56.08
N LYS C 457 11.09 9.75 55.72
CA LYS C 457 10.95 11.20 55.80
C LYS C 457 9.81 11.69 54.91
N TYR C 458 9.61 11.05 53.77
CA TYR C 458 8.52 11.45 52.89
C TYR C 458 7.16 11.17 53.52
N ILE C 459 7.02 10.03 54.20
CA ILE C 459 5.75 9.69 54.83
C ILE C 459 5.49 10.62 56.02
N GLN C 460 6.54 10.92 56.78
CA GLN C 460 6.42 11.81 57.93
C GLN C 460 6.10 13.23 57.47
N ALA C 461 6.51 13.57 56.25
CA ALA C 461 6.23 14.90 55.70
C ALA C 461 4.82 14.99 55.10
N ALA C 462 4.50 14.02 54.24
CA ALA C 462 3.25 14.05 53.50
C ALA C 462 2.04 13.75 54.37
N VAL C 463 2.15 12.74 55.23
CA VAL C 463 1.06 12.38 56.13
C VAL C 463 1.51 12.16 57.58
N PRO C 464 1.54 13.23 58.38
CA PRO C 464 1.98 13.18 59.78
C PRO C 464 1.07 12.32 60.69
N LYS C 465 1.40 12.25 61.98
CA LYS C 465 0.71 11.41 62.97
C LYS C 465 0.32 10.02 62.48
N VAL C 466 0.97 9.57 61.41
CA VAL C 466 0.78 8.23 60.84
C VAL C 466 2.19 7.86 60.33
N TYR C 467 3.17 8.47 60.97
CA TYR C 467 4.54 8.63 60.45
C TYR C 467 5.74 7.74 60.84
N ASN C 468 5.93 7.41 62.11
CA ASN C 468 7.20 6.74 62.50
C ASN C 468 7.40 5.55 63.44
N PRO C 469 6.61 5.43 64.52
CA PRO C 469 6.97 4.54 65.65
C PRO C 469 7.60 3.20 65.26
N ASP C 470 6.79 2.17 65.29
CA ASP C 470 7.01 0.98 64.49
C ASP C 470 5.90 1.02 63.45
N TYR C 471 5.08 -0.03 63.43
CA TYR C 471 3.92 -0.12 62.55
C TYR C 471 4.09 0.42 61.13
N GLN C 472 4.20 1.74 61.05
CA GLN C 472 4.32 2.44 59.80
C GLN C 472 5.63 3.22 59.71
N GLN C 473 6.56 2.74 58.88
CA GLN C 473 7.81 3.45 58.66
C GLN C 473 7.93 3.96 57.23
N GLY C 474 8.36 3.11 56.32
CA GLY C 474 8.41 3.51 54.93
C GLY C 474 7.82 2.41 54.11
N ILE C 475 8.06 2.45 52.81
CA ILE C 475 7.59 1.37 51.96
C ILE C 475 8.77 0.85 51.15
N SER C 476 8.91 -0.46 51.14
CA SER C 476 9.90 -1.13 50.31
C SER C 476 9.36 -2.50 49.99
N GLN C 477 8.55 -2.57 48.93
CA GLN C 477 7.73 -3.74 48.66
C GLN C 477 8.02 -4.33 47.29
N VAL C 478 8.35 -5.62 47.26
CA VAL C 478 8.57 -6.33 46.01
C VAL C 478 7.40 -7.26 45.74
N GLY C 479 6.93 -7.30 44.51
CA GLY C 479 5.74 -8.06 44.20
C GLY C 479 5.80 -8.86 42.91
N THR C 480 5.19 -10.03 42.96
CA THR C 480 5.08 -10.90 41.80
C THR C 480 3.64 -11.38 41.69
N THR C 481 3.13 -11.45 40.47
CA THR C 481 1.82 -12.02 40.23
C THR C 481 1.90 -12.79 38.94
N ALA C 482 1.17 -13.89 38.84
CA ALA C 482 1.21 -14.70 37.63
C ALA C 482 -0.06 -15.51 37.44
N SER C 483 -0.36 -15.80 36.19
CA SER C 483 -1.47 -16.67 35.81
C SER C 483 -1.08 -17.44 34.56
N TRP C 484 -0.93 -18.75 34.69
CA TRP C 484 -0.41 -19.55 33.60
C TRP C 484 -1.09 -20.90 33.48
N PRO C 485 -1.38 -21.34 32.24
CA PRO C 485 -1.93 -22.69 32.06
C PRO C 485 -0.78 -23.71 32.13
N ILE C 486 -1.00 -24.83 32.79
CA ILE C 486 0.08 -25.81 32.92
C ILE C 486 -0.35 -27.19 32.41
N ALA C 487 -1.64 -27.47 32.42
CA ALA C 487 -2.09 -28.66 31.72
C ALA C 487 -2.92 -28.11 30.57
N ASP C 488 -3.82 -28.89 30.01
CA ASP C 488 -4.63 -28.38 28.91
C ASP C 488 -5.93 -27.78 29.41
N ARG C 489 -6.41 -28.28 30.54
CA ARG C 489 -7.60 -27.72 31.15
C ARG C 489 -7.28 -27.30 32.58
N TRP C 490 -5.99 -27.07 32.82
CA TRP C 490 -5.49 -26.55 34.10
C TRP C 490 -4.92 -25.15 34.00
N ALA C 491 -4.88 -24.49 35.15
CA ALA C 491 -4.37 -23.12 35.26
C ALA C 491 -3.97 -22.83 36.70
N ILE C 492 -2.85 -22.15 36.87
CA ILE C 492 -2.36 -21.81 38.20
C ILE C 492 -2.17 -20.29 38.30
N VAL C 493 -2.54 -19.73 39.44
CA VAL C 493 -2.31 -18.32 39.70
C VAL C 493 -1.53 -18.14 40.99
N GLY C 494 -0.73 -17.08 41.04
CA GLY C 494 0.08 -16.80 42.20
C GLY C 494 0.23 -15.31 42.42
N ALA C 495 0.48 -14.93 43.67
CA ALA C 495 0.69 -13.53 44.01
C ALA C 495 1.44 -13.44 45.33
N TYR C 496 2.67 -12.93 45.27
CA TYR C 496 3.51 -12.81 46.45
C TYR C 496 4.00 -11.38 46.60
N TYR C 497 3.74 -10.79 47.76
CA TYR C 497 4.23 -9.45 48.04
C TYR C 497 5.06 -9.47 49.32
N TYR C 498 6.26 -8.92 49.23
CA TYR C 498 7.23 -9.04 50.31
C TYR C 498 7.75 -7.68 50.76
N ASP C 499 7.70 -7.47 52.07
CA ASP C 499 8.29 -6.30 52.69
C ASP C 499 9.75 -6.60 53.03
N THR C 500 10.63 -5.85 52.38
CA THR C 500 12.08 -6.11 52.42
C THR C 500 12.75 -5.55 53.68
N LYS C 501 12.16 -4.51 54.27
CA LYS C 501 12.74 -3.91 55.46
C LYS C 501 12.44 -4.77 56.68
N ALA C 502 11.20 -5.24 56.76
CA ALA C 502 10.78 -6.13 57.85
C ALA C 502 11.10 -7.58 57.54
N LYS C 503 11.53 -7.85 56.32
CA LYS C 503 11.87 -9.20 55.88
C LYS C 503 10.71 -10.15 56.11
N GLN C 504 9.52 -9.78 55.64
CA GLN C 504 8.35 -10.64 55.83
C GLN C 504 7.29 -10.46 54.75
N PRO C 505 6.50 -11.51 54.49
CA PRO C 505 5.42 -11.42 53.50
C PRO C 505 4.28 -10.52 53.95
N ALA C 506 3.83 -9.65 53.06
CA ALA C 506 2.66 -8.81 53.31
C ALA C 506 1.41 -9.55 52.86
N SER C 507 1.51 -10.23 51.71
CA SER C 507 0.38 -10.97 51.18
C SER C 507 0.87 -12.09 50.26
N GLN C 508 0.11 -13.19 50.23
CA GLN C 508 0.50 -14.39 49.52
C GLN C 508 -0.76 -15.12 49.05
N LEU C 509 -0.73 -15.59 47.81
CA LEU C 509 -1.91 -16.19 47.20
C LEU C 509 -1.52 -17.25 46.18
N VAL C 510 -2.06 -18.46 46.36
CA VAL C 510 -1.80 -19.58 45.45
C VAL C 510 -3.13 -20.15 44.97
N GLY C 511 -3.23 -20.48 43.68
CA GLY C 511 -4.50 -20.93 43.17
C GLY C 511 -4.42 -21.92 42.02
N LEU C 512 -5.36 -22.87 42.02
CA LEU C 512 -5.52 -23.82 40.93
C LEU C 512 -6.93 -23.69 40.37
N GLN C 513 -7.06 -23.90 39.07
CA GLN C 513 -8.36 -23.88 38.42
C GLN C 513 -8.45 -25.05 37.47
N TYR C 514 -9.65 -25.62 37.36
CA TYR C 514 -9.89 -26.79 36.53
C TYR C 514 -11.05 -26.53 35.58
N ASN C 515 -10.85 -26.86 34.30
CA ASN C 515 -11.86 -26.63 33.28
C ASN C 515 -12.27 -27.91 32.59
N THR C 516 -13.52 -27.97 32.20
CA THR C 516 -14.05 -29.03 31.37
C THR C 516 -15.19 -28.38 30.60
N CYS C 517 -15.98 -29.17 29.88
CA CYS C 517 -17.17 -28.60 29.28
C CYS C 517 -17.97 -28.11 30.48
N CYS C 518 -18.57 -26.93 30.32
CA CYS C 518 -19.33 -26.17 31.31
C CYS C 518 -18.36 -25.07 31.70
N TRP C 519 -18.52 -24.48 32.89
CA TRP C 519 -17.60 -23.45 33.32
C TRP C 519 -16.27 -23.97 33.89
N ALA C 520 -15.91 -23.48 35.07
CA ALA C 520 -14.64 -23.82 35.73
C ALA C 520 -14.82 -23.96 37.23
N VAL C 521 -13.98 -24.78 37.85
CA VAL C 521 -13.96 -24.93 39.30
C VAL C 521 -12.64 -24.37 39.85
N ASN C 522 -12.71 -23.68 40.99
CA ASN C 522 -11.55 -23.00 41.57
C ASN C 522 -11.13 -23.37 43.01
N LEU C 523 -9.84 -23.59 43.23
CA LEU C 523 -9.31 -23.85 44.58
C LEU C 523 -8.19 -22.87 44.94
N GLY C 524 -8.19 -22.33 46.16
CA GLY C 524 -7.22 -21.30 46.52
C GLY C 524 -6.77 -21.18 47.98
N TYR C 525 -5.54 -20.72 48.16
CA TYR C 525 -4.97 -20.42 49.49
C TYR C 525 -4.48 -18.97 49.57
N GLU C 526 -4.64 -18.36 50.75
CA GLU C 526 -4.33 -16.94 50.94
C GLU C 526 -3.85 -16.64 52.35
N ARG C 527 -2.72 -15.96 52.45
CA ARG C 527 -2.16 -15.56 53.74
C ARG C 527 -1.73 -14.10 53.70
N LYS C 528 -2.31 -13.28 54.57
CA LYS C 528 -2.07 -11.85 54.53
C LYS C 528 -1.80 -11.26 55.91
N ILE C 529 -1.05 -10.16 55.96
CA ILE C 529 -0.91 -9.41 57.19
C ILE C 529 -2.25 -8.73 57.49
N THR C 530 -2.75 -8.89 58.71
CA THR C 530 -4.07 -8.39 59.04
C THR C 530 -4.10 -7.58 60.34
N GLY C 531 -3.03 -7.66 61.12
CA GLY C 531 -2.99 -6.91 62.37
C GLY C 531 -1.60 -6.69 62.91
N TRP C 532 -1.52 -6.18 64.13
CA TRP C 532 -0.22 -5.96 64.76
C TRP C 532 -0.25 -6.35 66.23
N ASN C 533 0.74 -7.14 66.64
CA ASN C 533 0.87 -7.52 68.05
C ASN C 533 1.70 -6.50 68.82
N ALA C 534 1.05 -5.84 69.77
CA ALA C 534 1.69 -4.83 70.61
C ALA C 534 2.82 -5.44 71.44
N GLN C 535 2.63 -6.68 71.86
CA GLN C 535 3.62 -7.39 72.65
C GLN C 535 4.63 -8.07 71.74
N GLY C 536 5.91 -7.90 72.08
CA GLY C 536 7.02 -8.40 71.31
C GLY C 536 6.89 -8.19 69.80
N GLN C 537 6.35 -7.01 69.46
CA GLN C 537 6.16 -6.58 68.07
C GLN C 537 5.54 -7.65 67.17
N THR C 538 6.07 -7.80 65.96
CA THR C 538 5.58 -8.75 64.94
C THR C 538 4.17 -8.45 64.44
N SER C 539 3.85 -8.98 63.28
CA SER C 539 2.55 -8.73 62.66
C SER C 539 1.61 -9.92 62.85
N LYS C 540 0.31 -9.62 62.81
CA LYS C 540 -0.72 -10.66 62.90
C LYS C 540 -1.18 -11.06 61.52
N TYR C 541 -1.07 -12.36 61.22
CA TYR C 541 -1.48 -12.92 59.94
C TYR C 541 -2.82 -13.64 60.02
N ASP C 542 -3.42 -13.89 58.86
CA ASP C 542 -4.62 -14.72 58.78
C ASP C 542 -4.55 -15.63 57.56
N ASN C 543 -5.06 -16.85 57.71
CA ASN C 543 -5.05 -17.83 56.62
C ASN C 543 -6.43 -18.08 56.07
N LYS C 544 -6.51 -18.38 54.77
CA LYS C 544 -7.76 -18.75 54.12
C LYS C 544 -7.51 -19.77 53.01
N ILE C 545 -8.29 -20.85 53.02
CA ILE C 545 -8.24 -21.82 51.94
C ILE C 545 -9.65 -22.28 51.57
N GLY C 546 -10.08 -22.01 50.35
CA GLY C 546 -11.46 -22.31 49.98
C GLY C 546 -11.69 -22.77 48.56
N PHE C 547 -12.94 -23.15 48.28
CA PHE C 547 -13.32 -23.68 46.98
C PHE C 547 -14.68 -23.10 46.55
N ASN C 548 -14.76 -22.64 45.31
CA ASN C 548 -16.03 -22.31 44.66
C ASN C 548 -16.04 -22.76 43.20
N ILE C 549 -17.18 -22.61 42.53
CA ILE C 549 -17.28 -23.03 41.13
C ILE C 549 -17.89 -21.91 40.28
N THR C 562 -9.90 -17.13 36.86
CA THR C 562 -8.65 -16.83 37.54
C THR C 562 -8.59 -15.37 37.97
N ALA C 563 -9.30 -14.51 37.24
CA ALA C 563 -9.39 -13.09 37.57
C ALA C 563 -10.07 -12.90 38.92
N GLN C 564 -10.99 -13.82 39.22
CA GLN C 564 -11.75 -13.79 40.46
C GLN C 564 -10.90 -14.11 41.68
N MET C 565 -9.83 -14.89 41.47
CA MET C 565 -8.89 -15.22 42.53
C MET C 565 -7.77 -14.19 42.59
N LEU C 566 -7.39 -13.68 41.41
CA LEU C 566 -6.36 -12.65 41.30
C LEU C 566 -6.86 -11.34 41.93
N ASN C 567 -8.15 -11.08 41.78
CA ASN C 567 -8.80 -9.92 42.37
C ASN C 567 -9.50 -10.29 43.67
N SER C 568 -8.74 -10.54 44.74
CA SER C 568 -9.34 -11.02 45.98
C SER C 568 -8.54 -10.70 47.25
N GLY C 569 -7.23 -10.55 47.12
CA GLY C 569 -6.39 -10.27 48.27
C GLY C 569 -6.45 -8.82 48.73
N ILE C 570 -5.63 -8.48 49.72
CA ILE C 570 -5.52 -7.10 50.18
C ILE C 570 -4.76 -6.26 49.17
N LEU C 571 -4.00 -6.94 48.31
CA LEU C 571 -3.31 -6.28 47.20
C LEU C 571 -3.77 -6.92 45.91
N PRO C 572 -5.03 -6.64 45.51
CA PRO C 572 -5.65 -7.30 44.37
C PRO C 572 -4.92 -6.98 43.06
N TYR C 573 -5.02 -7.88 42.09
CA TYR C 573 -4.35 -7.68 40.82
C TYR C 573 -4.97 -6.51 40.05
N GLN C 574 -4.13 -5.54 39.71
CA GLN C 574 -4.56 -4.46 38.85
C GLN C 574 -3.70 -4.48 37.60
N SER C 575 -4.33 -4.63 36.45
CA SER C 575 -3.59 -4.68 35.21
C SER C 575 -2.92 -3.34 34.97
N ALA C 576 -1.59 -3.34 34.91
CA ALA C 576 -0.87 -2.14 34.56
C ALA C 576 -1.04 -1.95 33.06
N PHE C 577 -0.72 -0.75 32.58
CA PHE C 577 -0.83 -0.42 31.16
C PHE C 577 -2.26 -0.61 30.62
N PHE D 7 15.70 17.61 5.95
CA PHE D 7 16.88 17.19 6.68
C PHE D 7 16.55 16.08 7.66
N ASN D 8 17.56 15.68 8.44
CA ASN D 8 17.32 14.90 9.65
C ASN D 8 17.48 15.87 10.81
N LEU D 9 17.77 15.36 12.00
CA LEU D 9 17.97 16.21 13.19
C LEU D 9 16.74 17.08 13.50
N ARG D 10 16.79 17.77 14.62
CA ARG D 10 15.62 18.44 15.19
C ARG D 10 15.06 19.57 14.32
N GLY D 11 13.79 19.47 13.98
CA GLY D 11 13.09 20.57 13.37
C GLY D 11 11.79 20.77 14.12
N THR D 12 11.20 21.95 14.03
CA THR D 12 9.91 22.13 14.69
C THR D 12 8.81 21.87 13.69
N THR D 13 8.07 20.80 13.91
CA THR D 13 6.84 20.58 13.20
C THR D 13 6.03 19.50 13.89
N GLN D 14 5.04 19.03 13.13
CA GLN D 14 4.08 17.98 13.44
C GLN D 14 2.83 18.54 12.80
N VAL D 15 1.69 18.16 13.38
CA VAL D 15 0.26 18.35 13.06
C VAL D 15 -0.30 17.04 13.57
N PRO D 16 -0.04 16.73 14.86
CA PRO D 16 -0.46 15.45 15.44
C PRO D 16 -1.98 15.18 15.36
N THR D 17 -2.60 15.69 14.31
CA THR D 17 -3.98 15.42 13.98
C THR D 17 -4.13 15.66 12.48
N GLU D 18 -4.59 14.64 11.74
CA GLU D 18 -4.85 14.81 10.32
C GLU D 18 -6.06 15.72 10.09
N LEU D 19 -7.15 15.44 10.78
CA LEU D 19 -8.38 16.18 10.55
C LEU D 19 -8.36 17.53 11.25
N GLN D 20 -9.10 18.49 10.70
CA GLN D 20 -9.26 19.80 11.32
C GLN D 20 -10.70 19.88 11.79
N LYS D 21 -11.58 19.26 11.02
CA LYS D 21 -13.01 19.20 11.28
C LYS D 21 -13.49 17.79 11.67
N LEU D 22 -14.06 17.63 12.86
CA LEU D 22 -14.66 16.33 13.21
C LEU D 22 -15.96 16.48 14.00
N LEU D 23 -16.70 15.38 14.08
CA LEU D 23 -17.88 15.32 14.93
C LEU D 23 -17.51 14.68 16.27
N LEU D 24 -18.26 14.99 17.32
CA LEU D 24 -17.94 14.46 18.64
C LEU D 24 -19.19 13.95 19.35
N GLU D 25 -19.35 12.65 19.43
CA GLU D 25 -20.51 12.09 20.13
C GLU D 25 -20.09 11.38 21.43
N SER D 26 -20.96 11.45 22.43
CA SER D 26 -20.62 10.90 23.75
C SER D 26 -21.82 10.47 24.58
N SER D 27 -21.62 9.42 25.35
CA SER D 27 -22.60 8.96 26.34
C SER D 27 -22.84 10.03 27.41
N ASP D 28 -21.82 10.86 27.64
CA ASP D 28 -21.89 11.88 28.68
C ASP D 28 -21.42 13.23 28.16
N PRO D 29 -22.27 13.91 27.37
CA PRO D 29 -21.91 15.15 26.68
C PRO D 29 -21.56 16.31 27.61
N TYR D 30 -22.11 16.32 28.82
CA TYR D 30 -21.90 17.44 29.74
C TYR D 30 -21.05 17.04 30.94
N GLY D 31 -20.50 15.84 30.89
CA GLY D 31 -19.64 15.35 31.94
C GLY D 31 -18.25 15.96 31.84
N PRO D 32 -17.47 15.86 32.92
CA PRO D 32 -16.12 16.44 32.97
C PRO D 32 -15.16 15.85 31.93
N LEU D 33 -15.26 14.56 31.66
CA LEU D 33 -14.39 13.92 30.66
C LEU D 33 -14.56 14.56 29.29
N ALA D 34 -15.81 14.74 28.88
CA ALA D 34 -16.12 15.37 27.60
C ALA D 34 -15.62 16.81 27.54
N ARG D 35 -15.66 17.51 28.67
CA ARG D 35 -15.14 18.87 28.71
C ARG D 35 -13.63 18.87 28.51
N SER D 36 -12.94 17.96 29.18
CA SER D 36 -11.49 17.84 29.02
C SER D 36 -11.14 17.53 27.55
N ILE D 37 -11.90 16.61 26.97
CA ILE D 37 -11.69 16.22 25.57
C ILE D 37 -11.91 17.38 24.62
N ARG D 38 -12.95 18.17 24.89
CA ARG D 38 -13.23 19.37 24.10
C ARG D 38 -12.12 20.41 24.21
N GLN D 39 -11.66 20.65 25.43
CA GLN D 39 -10.58 21.60 25.65
C GLN D 39 -9.32 21.16 24.90
N GLN D 40 -9.05 19.85 24.94
CA GLN D 40 -7.85 19.31 24.31
C GLN D 40 -7.93 19.38 22.78
N LEU D 41 -9.09 19.03 22.24
CA LEU D 41 -9.31 19.12 20.80
C LEU D 41 -9.17 20.56 20.33
N ARG D 42 -9.70 21.48 21.13
CA ARG D 42 -9.62 22.90 20.82
C ARG D 42 -8.19 23.40 20.91
N LEU D 43 -7.41 22.83 21.82
CA LEU D 43 -6.01 23.18 21.99
C LEU D 43 -5.17 22.69 20.80
N ASN D 44 -5.65 21.65 20.12
CA ASN D 44 -4.96 21.13 18.96
C ASN D 44 -5.58 21.63 17.65
N ASN D 45 -6.28 22.76 17.75
CA ASN D 45 -6.87 23.43 16.61
C ASN D 45 -7.78 22.54 15.77
N VAL D 46 -8.64 21.80 16.46
CA VAL D 46 -9.61 20.92 15.80
C VAL D 46 -11.03 21.47 15.90
N THR D 47 -11.64 21.75 14.76
CA THR D 47 -13.01 22.27 14.74
C THR D 47 -14.05 21.17 15.00
N ILE D 48 -14.85 21.36 16.04
CA ILE D 48 -15.85 20.39 16.43
C ILE D 48 -17.23 20.77 15.91
N VAL D 49 -17.84 19.91 15.09
CA VAL D 49 -19.14 20.24 14.55
C VAL D 49 -20.21 19.47 15.33
N ASP D 50 -21.46 19.95 15.26
CA ASP D 50 -22.56 19.36 16.01
C ASP D 50 -23.55 18.61 15.11
N ASP D 51 -23.40 18.80 13.80
CA ASP D 51 -24.40 18.36 12.84
C ASP D 51 -24.25 16.87 12.52
N ALA D 52 -25.27 16.09 12.90
CA ALA D 52 -25.24 14.64 12.70
C ALA D 52 -25.34 14.28 11.22
N MET D 53 -24.35 13.53 10.74
CA MET D 53 -24.27 13.12 9.34
C MET D 53 -24.21 14.33 8.42
N ARG D 54 -23.11 15.07 8.48
CA ARG D 54 -22.93 16.23 7.62
C ARG D 54 -21.87 15.90 6.57
N LYS D 55 -22.36 15.43 5.42
CA LYS D 55 -21.49 14.92 4.35
C LYS D 55 -20.47 13.91 4.89
N ASP D 56 -19.26 13.95 4.34
CA ASP D 56 -18.21 13.00 4.70
C ASP D 56 -17.26 13.62 5.71
N ILE D 57 -17.51 13.39 7.00
CA ILE D 57 -16.65 13.91 8.04
C ILE D 57 -16.46 12.89 9.16
N PRO D 58 -15.20 12.69 9.60
CA PRO D 58 -14.85 11.75 10.66
C PRO D 58 -15.51 12.07 11.99
N THR D 59 -15.79 11.04 12.77
CA THR D 59 -16.44 11.22 14.06
C THR D 59 -15.61 10.58 15.18
N LEU D 60 -15.63 11.21 16.35
CA LEU D 60 -15.01 10.66 17.54
C LEU D 60 -16.10 10.32 18.53
N ARG D 61 -16.24 9.04 18.81
CA ARG D 61 -17.29 8.57 19.71
C ARG D 61 -16.70 8.08 21.02
N ILE D 62 -17.07 8.71 22.13
CA ILE D 62 -16.64 8.21 23.43
C ILE D 62 -17.70 7.27 23.95
N ILE D 63 -17.34 5.99 23.98
CA ILE D 63 -18.26 4.93 24.38
C ILE D 63 -18.57 5.01 25.88
N GLY D 64 -17.53 5.10 26.69
CA GLY D 64 -17.70 5.19 28.13
C GLY D 64 -16.39 5.30 28.88
N SER D 65 -16.50 5.33 30.21
CA SER D 65 -15.34 5.43 31.08
C SER D 65 -15.65 4.76 32.42
N SER D 66 -14.61 4.23 33.06
CA SER D 66 -14.78 3.61 34.37
C SER D 66 -13.64 4.00 35.31
N GLU D 67 -13.95 4.11 36.59
CA GLU D 67 -12.95 4.47 37.59
C GLU D 67 -12.75 3.35 38.60
N SER D 68 -11.53 3.27 39.13
CA SER D 68 -11.17 2.21 40.05
C SER D 68 -10.26 2.72 41.15
N GLN D 69 -10.24 2.00 42.27
CA GLN D 69 -9.36 2.33 43.39
C GLN D 69 -9.04 1.07 44.18
N GLU D 70 -7.76 0.70 44.23
CA GLU D 70 -7.32 -0.44 45.02
C GLU D 70 -6.07 -0.09 45.80
N THR D 71 -5.78 -0.89 46.83
CA THR D 71 -4.57 -0.72 47.61
C THR D 71 -3.40 -1.40 46.92
N VAL D 72 -2.26 -0.72 46.82
CA VAL D 72 -1.10 -1.28 46.15
C VAL D 72 0.08 -1.50 47.09
N SER D 73 -0.05 -1.07 48.34
CA SER D 73 0.96 -1.34 49.36
C SER D 73 0.40 -1.14 50.77
N ILE D 74 0.95 -1.87 51.73
CA ILE D 74 0.49 -1.77 53.11
C ILE D 74 1.64 -1.59 54.08
N PHE D 75 1.33 -1.21 55.32
CA PHE D 75 2.34 -1.17 56.36
C PHE D 75 2.32 -2.53 57.04
N ARG D 76 3.17 -2.76 58.02
CA ARG D 76 3.21 -4.08 58.68
C ARG D 76 2.01 -4.31 59.61
N ASN D 77 1.29 -3.26 59.99
CA ASN D 77 0.16 -3.45 60.90
C ASN D 77 -1.08 -3.82 60.09
N GLY D 78 -0.89 -3.90 58.77
CA GLY D 78 -1.94 -4.34 57.88
C GLY D 78 -2.76 -3.22 57.26
N VAL D 79 -2.60 -2.01 57.78
CA VAL D 79 -3.37 -0.88 57.25
C VAL D 79 -2.83 -0.47 55.88
N ALA D 80 -3.68 0.12 55.06
CA ALA D 80 -3.29 0.52 53.72
C ALA D 80 -2.26 1.63 53.74
N ALA D 81 -1.28 1.56 52.84
CA ALA D 81 -0.27 2.59 52.72
C ALA D 81 -0.55 3.46 51.49
N GLU D 82 -0.41 2.87 50.32
CA GLU D 82 -0.68 3.59 49.08
C GLU D 82 -1.91 3.04 48.39
N ASN D 83 -2.73 3.96 47.89
CA ASN D 83 -3.87 3.60 47.07
C ASN D 83 -3.67 4.09 45.65
N GLN D 84 -4.22 3.37 44.69
CA GLN D 84 -4.07 3.71 43.29
C GLN D 84 -5.41 3.96 42.62
N LEU D 85 -5.52 5.15 42.01
CA LEU D 85 -6.68 5.50 41.21
C LEU D 85 -6.42 5.14 39.76
N VAL D 86 -7.41 4.55 39.11
CA VAL D 86 -7.28 4.15 37.72
C VAL D 86 -8.46 4.68 36.91
N LEU D 87 -8.17 5.21 35.72
CA LEU D 87 -9.22 5.64 34.82
C LEU D 87 -9.12 4.87 33.50
N HIS D 88 -10.21 4.20 33.15
CA HIS D 88 -10.30 3.48 31.88
C HIS D 88 -11.21 4.27 30.95
N VAL D 89 -10.78 4.45 29.70
CA VAL D 89 -11.60 5.14 28.71
C VAL D 89 -11.67 4.37 27.39
N GLN D 90 -12.90 4.11 26.94
CA GLN D 90 -13.16 3.43 25.68
C GLN D 90 -13.70 4.39 24.62
N ALA D 91 -13.00 4.51 23.50
CA ALA D 91 -13.41 5.39 22.42
C ALA D 91 -13.38 4.70 21.06
N GLN D 92 -13.85 5.40 20.04
CA GLN D 92 -13.89 4.90 18.67
C GLN D 92 -13.70 6.04 17.68
N VAL D 93 -12.91 5.80 16.64
CA VAL D 93 -12.77 6.75 15.56
C VAL D 93 -13.43 6.20 14.31
N LEU D 94 -14.44 6.91 13.84
CA LEU D 94 -15.22 6.50 12.67
C LEU D 94 -14.90 7.37 11.46
N ILE D 95 -14.20 6.80 10.48
CA ILE D 95 -13.96 7.49 9.23
C ILE D 95 -14.84 6.83 8.16
N PRO D 96 -15.67 7.63 7.47
CA PRO D 96 -16.66 7.09 6.53
C PRO D 96 -16.02 6.29 5.39
N GLY D 97 -14.77 6.61 5.11
CA GLY D 97 -14.00 5.92 4.08
C GLY D 97 -13.71 4.46 4.38
N HIS D 98 -13.46 4.14 5.65
CA HIS D 98 -12.98 2.82 6.02
C HIS D 98 -13.75 2.22 7.19
N ASP D 99 -13.10 1.36 7.95
CA ASP D 99 -13.74 0.66 9.06
C ASP D 99 -13.64 1.47 10.36
N ILE D 100 -14.18 0.91 11.44
CA ILE D 100 -14.20 1.60 12.71
C ILE D 100 -12.90 1.29 13.43
N TYR D 101 -12.22 2.31 13.95
CA TYR D 101 -10.95 2.05 14.62
C TYR D 101 -11.06 2.33 16.12
N PRO D 102 -11.03 1.28 16.94
CA PRO D 102 -11.22 1.43 18.39
C PRO D 102 -9.99 1.98 19.13
N LEU D 103 -10.25 2.80 20.14
CA LEU D 103 -9.20 3.36 20.96
C LEU D 103 -9.48 3.10 22.44
N GLN D 104 -8.44 2.97 23.24
CA GLN D 104 -8.60 2.84 24.68
C GLN D 104 -7.44 3.51 25.40
N VAL D 105 -7.74 4.14 26.53
CA VAL D 105 -6.75 4.87 27.30
C VAL D 105 -6.83 4.48 28.77
N ASN D 106 -5.68 4.20 29.37
CA ASN D 106 -5.63 3.87 30.79
C ASN D 106 -4.69 4.82 31.51
N VAL D 107 -5.20 5.47 32.56
CA VAL D 107 -4.41 6.45 33.30
C VAL D 107 -4.35 6.09 34.78
N PHE D 108 -3.20 6.31 35.40
CA PHE D 108 -2.96 5.85 36.76
C PHE D 108 -2.42 6.95 37.67
N ARG D 109 -2.88 6.96 38.93
CA ARG D 109 -2.31 7.85 39.94
C ARG D 109 -2.19 7.10 41.27
N THR D 110 -1.30 7.57 42.13
CA THR D 110 -1.13 6.94 43.43
C THR D 110 -1.03 8.00 44.51
N PHE D 111 -1.66 7.73 45.66
CA PHE D 111 -1.53 8.62 46.80
C PHE D 111 -1.58 7.85 48.10
N PHE D 112 -0.94 8.39 49.13
CA PHE D 112 -0.98 7.78 50.45
C PHE D 112 -2.31 8.04 51.13
N ASP D 113 -2.75 7.07 51.92
CA ASP D 113 -4.01 7.16 52.63
C ASP D 113 -3.77 7.68 54.04
N ASN D 114 -4.80 8.31 54.62
CA ASN D 114 -4.74 8.80 55.99
C ASN D 114 -6.13 8.85 56.61
N PRO D 115 -6.47 7.85 57.42
CA PRO D 115 -7.80 7.76 58.05
C PRO D 115 -8.08 8.92 59.00
N LEU D 116 -7.04 9.64 59.42
CA LEU D 116 -7.22 10.76 60.33
C LEU D 116 -7.48 12.08 59.59
N THR D 117 -7.40 12.04 58.27
CA THR D 117 -7.68 13.23 57.45
C THR D 117 -8.52 12.85 56.23
N ALA D 118 -9.47 11.93 56.45
CA ALA D 118 -10.29 11.36 55.38
C ALA D 118 -10.83 12.40 54.40
N LEU D 119 -11.51 13.40 54.94
CA LEU D 119 -12.10 14.46 54.12
C LEU D 119 -11.06 15.07 53.18
N ALA D 120 -9.93 15.47 53.76
CA ALA D 120 -8.85 16.04 52.98
C ALA D 120 -8.48 15.11 51.83
N LYS D 121 -8.34 13.83 52.15
CA LYS D 121 -7.97 12.83 51.16
C LYS D 121 -8.97 12.81 50.02
N GLU D 122 -10.26 12.88 50.36
CA GLU D 122 -11.30 12.92 49.33
C GLU D 122 -11.01 14.07 48.38
N ALA D 123 -10.74 15.24 48.95
CA ALA D 123 -10.42 16.41 48.15
C ALA D 123 -9.26 16.07 47.21
N GLU D 124 -8.18 15.54 47.78
CA GLU D 124 -7.02 15.19 46.98
C GLU D 124 -7.45 14.29 45.83
N ALA D 125 -8.23 13.26 46.17
CA ALA D 125 -8.69 12.29 45.20
C ALA D 125 -9.34 13.00 44.03
N GLU D 126 -10.25 13.92 44.34
CA GLU D 126 -11.00 14.61 43.31
C GLU D 126 -10.03 15.31 42.37
N VAL D 127 -9.06 16.01 42.94
CA VAL D 127 -8.05 16.69 42.14
C VAL D 127 -7.42 15.70 41.19
N LEU D 128 -6.93 14.59 41.75
CA LEU D 128 -6.26 13.57 40.94
C LEU D 128 -7.17 13.15 39.79
N ARG D 129 -8.44 12.88 40.11
CA ARG D 129 -9.36 12.35 39.12
C ARG D 129 -9.44 13.34 37.98
N GLN D 130 -9.58 14.61 38.35
CA GLN D 130 -9.63 15.68 37.37
C GLN D 130 -8.41 15.59 36.47
N GLU D 131 -7.23 15.59 37.08
CA GLU D 131 -5.99 15.53 36.34
C GLU D 131 -6.00 14.31 35.42
N MET D 132 -6.43 13.18 35.98
CA MET D 132 -6.42 11.94 35.21
C MET D 132 -7.27 12.11 33.97
N ARG D 133 -8.46 12.69 34.14
CA ARG D 133 -9.34 12.93 33.02
C ARG D 133 -8.59 13.72 31.96
N GLU D 134 -7.95 14.81 32.39
CA GLU D 134 -7.19 15.65 31.47
C GLU D 134 -6.18 14.80 30.74
N GLN D 135 -5.41 14.00 31.47
CA GLN D 135 -4.37 13.20 30.85
C GLN D 135 -5.00 12.27 29.81
N ALA D 136 -6.11 11.65 30.18
CA ALA D 136 -6.78 10.72 29.28
C ALA D 136 -7.03 11.45 27.97
N ALA D 137 -7.62 12.64 28.08
CA ALA D 137 -7.97 13.43 26.92
C ALA D 137 -6.75 13.60 26.01
N GLN D 138 -5.63 14.02 26.61
CA GLN D 138 -4.42 14.23 25.83
C GLN D 138 -4.08 13.00 25.02
N GLN D 139 -3.99 11.87 25.71
CA GLN D 139 -3.56 10.63 25.07
C GLN D 139 -4.49 10.34 23.91
N LEU D 140 -5.79 10.54 24.15
CA LEU D 140 -6.80 10.25 23.14
C LEU D 140 -6.47 11.00 21.86
N VAL D 141 -6.22 12.30 21.99
CA VAL D 141 -5.91 13.12 20.82
C VAL D 141 -4.68 12.57 20.11
N ARG D 142 -3.64 12.22 20.86
CA ARG D 142 -2.41 11.73 20.25
C ARG D 142 -2.67 10.43 19.51
N GLN D 143 -3.59 9.61 20.02
CA GLN D 143 -3.82 8.31 19.40
C GLN D 143 -4.41 8.47 18.01
N LEU D 144 -4.91 9.67 17.70
CA LEU D 144 -5.43 9.94 16.35
C LEU D 144 -4.32 9.74 15.30
N LEU D 145 -3.06 9.93 15.70
CA LEU D 145 -1.95 9.66 14.80
C LEU D 145 -2.04 8.24 14.25
N THR D 146 -2.28 7.30 15.16
CA THR D 146 -2.39 5.89 14.80
C THR D 146 -3.55 5.68 13.83
N VAL D 147 -4.60 6.49 13.95
CA VAL D 147 -5.73 6.35 13.05
C VAL D 147 -5.31 6.70 11.62
N HIS D 148 -4.41 7.67 11.47
CA HIS D 148 -3.93 8.02 10.14
C HIS D 148 -2.91 6.99 9.65
N ALA D 149 -2.59 6.02 10.51
CA ALA D 149 -1.71 4.91 10.17
C ALA D 149 -2.53 3.73 9.66
N ALA D 150 -3.86 3.89 9.71
CA ALA D 150 -4.80 2.88 9.26
C ALA D 150 -5.07 3.01 7.76
N GLU D 151 -4.46 4.02 7.13
CA GLU D 151 -4.57 4.18 5.70
C GLU D 151 -3.87 3.02 5.00
N VAL D 152 -2.77 2.60 5.57
CA VAL D 152 -1.88 1.60 4.98
C VAL D 152 -2.58 0.25 4.78
N MET E 21 -57.23 -24.22 -18.55
CA MET E 21 -58.40 -23.71 -19.24
C MET E 21 -58.93 -24.75 -20.23
N SER E 22 -59.39 -24.26 -21.38
CA SER E 22 -60.03 -25.02 -22.47
C SER E 22 -61.16 -24.16 -23.03
N GLY E 23 -60.82 -23.29 -23.97
CA GLY E 23 -61.79 -22.34 -24.50
C GLY E 23 -61.24 -21.67 -25.75
N PHE E 24 -61.63 -20.42 -25.95
CA PHE E 24 -61.08 -19.64 -27.05
C PHE E 24 -59.98 -18.71 -26.58
N LEU E 25 -59.18 -18.29 -27.53
CA LEU E 25 -58.15 -17.31 -27.27
C LEU E 25 -58.56 -16.10 -28.06
N ILE E 26 -58.12 -14.94 -27.60
CA ILE E 26 -58.46 -13.69 -28.25
C ILE E 26 -57.92 -13.69 -29.68
N PRO E 27 -58.82 -13.47 -30.66
CA PRO E 27 -58.48 -13.48 -32.09
C PRO E 27 -57.54 -12.36 -32.48
N ASN E 28 -57.02 -12.42 -33.70
CA ASN E 28 -56.17 -11.35 -34.20
C ASN E 28 -56.38 -11.17 -35.70
N ALA E 29 -55.88 -10.07 -36.26
CA ALA E 29 -56.10 -9.78 -37.67
C ALA E 29 -54.90 -9.10 -38.30
N LYS E 30 -54.90 -9.01 -39.63
CA LYS E 30 -53.83 -8.33 -40.35
C LYS E 30 -54.19 -8.05 -41.81
N PHE E 31 -53.29 -7.38 -42.51
CA PHE E 31 -53.46 -7.09 -43.93
C PHE E 31 -52.09 -7.37 -44.55
N THR E 32 -52.05 -8.31 -45.51
CA THR E 32 -50.77 -8.81 -45.98
C THR E 32 -50.39 -8.52 -47.44
N SER E 33 -51.18 -7.68 -48.12
CA SER E 33 -50.92 -7.28 -49.51
C SER E 33 -50.77 -8.41 -50.57
N ASN E 34 -50.61 -9.67 -50.14
CA ASN E 34 -50.52 -10.74 -51.12
C ASN E 34 -51.67 -11.71 -50.90
N ASN E 35 -52.12 -11.76 -49.64
CA ASN E 35 -53.24 -12.58 -49.22
C ASN E 35 -54.34 -11.68 -48.68
N GLY E 36 -54.05 -10.38 -48.68
CA GLY E 36 -55.01 -9.38 -48.25
C GLY E 36 -55.32 -9.40 -46.77
N PHE E 37 -56.58 -9.19 -46.44
CA PHE E 37 -57.01 -9.19 -45.05
C PHE E 37 -57.01 -10.61 -44.53
N GLU E 38 -56.47 -10.80 -43.33
CA GLU E 38 -56.37 -12.10 -42.72
C GLU E 38 -56.93 -12.06 -41.30
N PHE E 39 -57.62 -13.12 -40.92
CA PHE E 39 -58.28 -13.18 -39.62
C PHE E 39 -57.94 -14.51 -38.95
N LEU E 40 -57.32 -14.43 -37.77
CA LEU E 40 -56.89 -15.60 -37.00
C LEU E 40 -57.80 -15.77 -35.80
N LEU E 41 -58.36 -16.96 -35.65
CA LEU E 41 -59.29 -17.22 -34.55
C LEU E 41 -58.88 -18.49 -33.80
N PRO E 42 -57.98 -18.36 -32.82
CA PRO E 42 -57.43 -19.54 -32.14
C PRO E 42 -58.35 -20.15 -31.07
N TYR E 43 -58.26 -21.47 -30.95
CA TYR E 43 -59.03 -22.31 -30.02
C TYR E 43 -58.11 -23.22 -29.20
N TYR E 44 -58.26 -23.24 -27.88
CA TYR E 44 -57.37 -24.00 -27.00
C TYR E 44 -58.07 -25.19 -26.35
N TRP E 45 -57.40 -26.35 -26.34
CA TRP E 45 -58.05 -27.59 -25.92
C TRP E 45 -57.71 -28.05 -24.48
N ASN E 46 -56.43 -28.11 -24.15
CA ASN E 46 -55.95 -28.65 -22.87
C ASN E 46 -56.41 -30.09 -22.68
N ILE E 47 -55.62 -31.02 -23.21
CA ILE E 47 -55.95 -32.44 -23.16
C ILE E 47 -55.48 -33.11 -21.86
N ALA E 48 -54.27 -32.78 -21.44
CA ALA E 48 -53.67 -33.39 -20.26
C ALA E 48 -52.62 -32.45 -19.66
N PRO E 49 -52.14 -32.73 -18.43
CA PRO E 49 -51.06 -31.91 -17.88
C PRO E 49 -49.79 -31.92 -18.73
N ASN E 50 -49.60 -32.97 -19.52
CA ASN E 50 -48.44 -33.08 -20.39
C ASN E 50 -48.83 -33.22 -21.86
N PHE E 51 -50.07 -32.82 -22.17
CA PHE E 51 -50.56 -32.83 -23.54
C PHE E 51 -51.42 -31.59 -23.80
N ASP E 52 -51.15 -30.92 -24.93
CA ASP E 52 -51.88 -29.71 -25.29
C ASP E 52 -52.17 -29.71 -26.78
N ALA E 53 -53.24 -29.02 -27.15
CA ALA E 53 -53.56 -28.84 -28.56
C ALA E 53 -54.11 -27.44 -28.78
N THR E 54 -53.93 -26.94 -30.00
CA THR E 54 -54.40 -25.62 -30.38
C THR E 54 -54.86 -25.69 -31.83
N ILE E 55 -56.08 -25.24 -32.07
CA ILE E 55 -56.68 -25.33 -33.39
C ILE E 55 -57.08 -23.93 -33.85
N THR E 56 -56.67 -23.55 -35.05
CA THR E 56 -56.79 -22.16 -35.45
C THR E 56 -57.30 -21.99 -36.88
N PRO E 57 -58.58 -21.62 -37.02
CA PRO E 57 -59.07 -21.16 -38.31
C PRO E 57 -58.40 -19.84 -38.69
N HIS E 58 -57.94 -19.80 -39.95
CA HIS E 58 -57.18 -18.70 -40.49
C HIS E 58 -57.78 -18.26 -41.82
N TYR E 59 -58.63 -17.24 -41.77
CA TYR E 59 -59.27 -16.73 -42.98
C TYR E 59 -58.31 -15.81 -43.74
N MET E 60 -58.28 -15.98 -45.05
CA MET E 60 -57.45 -15.16 -45.92
C MET E 60 -58.24 -14.67 -47.12
N GLU E 61 -58.38 -13.35 -47.19
CA GLU E 61 -59.22 -12.64 -48.15
C GLU E 61 -59.23 -13.21 -49.57
N ARG E 62 -58.05 -13.33 -50.19
CA ARG E 62 -57.99 -13.80 -51.57
C ARG E 62 -57.74 -15.30 -51.72
N ARG E 63 -57.35 -15.96 -50.64
CA ARG E 63 -56.91 -17.35 -50.78
C ARG E 63 -57.93 -18.36 -50.22
N GLY E 64 -58.37 -18.18 -48.97
CA GLY E 64 -59.35 -19.11 -48.43
C GLY E 64 -59.28 -19.32 -46.94
N LEU E 65 -59.89 -20.41 -46.47
CA LEU E 65 -59.89 -20.72 -45.05
C LEU E 65 -58.91 -21.82 -44.72
N GLN E 66 -57.87 -21.48 -43.96
CA GLN E 66 -56.85 -22.45 -43.57
C GLN E 66 -57.14 -22.94 -42.15
N TRP E 67 -56.66 -24.14 -41.83
CA TRP E 67 -56.77 -24.67 -40.49
C TRP E 67 -55.37 -25.01 -39.98
N GLN E 68 -55.00 -24.44 -38.84
CA GLN E 68 -53.68 -24.68 -38.28
C GLN E 68 -53.77 -25.45 -36.96
N ASN E 69 -53.24 -26.66 -36.96
CA ASN E 69 -53.29 -27.52 -35.78
C ASN E 69 -51.91 -27.70 -35.16
N GLU E 70 -51.82 -27.50 -33.84
CA GLU E 70 -50.56 -27.68 -33.13
C GLU E 70 -50.74 -28.53 -31.88
N PHE E 71 -49.91 -29.55 -31.73
CA PHE E 71 -50.04 -30.50 -30.63
C PHE E 71 -48.73 -30.59 -29.85
N ARG E 72 -48.73 -30.12 -28.61
CA ARG E 72 -47.51 -30.12 -27.80
C ARG E 72 -47.54 -31.20 -26.73
N TYR E 73 -46.40 -31.89 -26.55
CA TYR E 73 -46.32 -32.97 -25.56
C TYR E 73 -45.03 -32.96 -24.75
N LEU E 74 -45.10 -33.61 -23.59
CA LEU E 74 -43.93 -33.80 -22.72
C LEU E 74 -43.93 -35.22 -22.17
N LEU E 75 -42.98 -36.04 -22.63
CA LEU E 75 -42.90 -37.42 -22.20
C LEU E 75 -41.49 -37.78 -21.73
N ALA E 76 -41.32 -39.00 -21.23
CA ALA E 76 -40.03 -39.48 -20.77
C ALA E 76 -38.96 -39.48 -21.88
N PRO E 77 -39.32 -39.91 -23.10
CA PRO E 77 -38.30 -39.78 -24.16
C PRO E 77 -38.01 -38.33 -24.57
N GLY E 78 -38.75 -37.36 -24.04
CA GLY E 78 -38.47 -35.97 -24.30
C GLY E 78 -39.70 -35.12 -24.54
N SER E 79 -39.50 -33.82 -24.76
CA SER E 79 -40.59 -32.91 -25.08
C SER E 79 -40.65 -32.63 -26.58
N GLY E 80 -41.84 -32.34 -27.08
CA GLY E 80 -42.01 -32.14 -28.51
C GLY E 80 -43.24 -31.37 -28.96
N THR E 81 -43.27 -31.06 -30.26
CA THR E 81 -44.36 -30.32 -30.87
C THR E 81 -44.62 -30.81 -32.30
N MET E 82 -45.86 -31.19 -32.58
CA MET E 82 -46.27 -31.54 -33.92
C MET E 82 -47.23 -30.51 -34.48
N ALA E 83 -47.35 -30.43 -35.80
CA ALA E 83 -48.18 -29.40 -36.42
C ALA E 83 -48.65 -29.79 -37.81
N LEU E 84 -49.91 -29.49 -38.09
CA LEU E 84 -50.50 -29.76 -39.40
C LEU E 84 -51.33 -28.56 -39.85
N ASP E 85 -50.89 -27.93 -40.92
CA ASP E 85 -51.62 -26.84 -41.54
C ASP E 85 -52.29 -27.35 -42.81
N TRP E 86 -53.55 -26.98 -42.99
CA TRP E 86 -54.37 -27.51 -44.07
C TRP E 86 -55.21 -26.39 -44.67
N LEU E 87 -54.93 -26.07 -45.94
CA LEU E 87 -55.67 -25.05 -46.65
C LEU E 87 -56.36 -25.69 -47.82
N PRO E 88 -57.68 -25.89 -47.69
CA PRO E 88 -58.48 -26.63 -48.64
C PRO E 88 -58.48 -26.03 -50.03
N ASN E 89 -58.93 -24.79 -50.24
CA ASN E 89 -59.16 -24.27 -51.61
C ASN E 89 -58.40 -23.00 -52.05
N ASP E 90 -57.18 -23.15 -52.54
CA ASP E 90 -56.39 -22.01 -53.03
C ASP E 90 -56.73 -21.61 -54.47
N ARG E 91 -57.20 -20.37 -54.65
CA ARG E 91 -57.63 -19.84 -55.95
C ARG E 91 -56.55 -18.96 -56.60
N ILE E 92 -55.36 -18.93 -55.99
CA ILE E 92 -54.27 -18.08 -56.45
C ILE E 92 -53.07 -18.89 -56.94
N TYR E 93 -52.96 -20.12 -56.47
CA TYR E 93 -51.69 -20.85 -56.54
C TYR E 93 -51.25 -21.29 -57.95
N THR E 94 -52.21 -21.53 -58.85
CA THR E 94 -51.96 -22.03 -60.22
C THR E 94 -50.80 -23.04 -60.43
N GLY E 95 -49.84 -23.11 -59.51
CA GLY E 95 -48.74 -24.07 -59.57
C GLY E 95 -47.86 -24.19 -60.80
N PRO E 96 -46.79 -24.99 -60.68
CA PRO E 96 -45.97 -25.46 -61.81
C PRO E 96 -46.87 -26.19 -62.80
N ASP E 97 -47.84 -26.93 -62.26
CA ASP E 97 -48.83 -27.62 -63.08
C ASP E 97 -49.69 -26.54 -63.73
N GLY E 98 -50.31 -26.85 -64.87
CA GLY E 98 -51.11 -25.91 -65.63
C GLY E 98 -52.02 -24.97 -64.84
N THR E 99 -52.69 -25.52 -63.82
CA THR E 99 -53.53 -24.76 -62.91
C THR E 99 -53.83 -25.73 -61.74
N ASP E 100 -54.51 -25.27 -60.69
CA ASP E 100 -54.67 -26.15 -59.56
C ASP E 100 -56.15 -26.37 -59.18
N LYS E 101 -57.02 -25.55 -59.76
CA LYS E 101 -58.42 -25.44 -59.34
C LYS E 101 -58.46 -24.93 -57.91
N ASN E 102 -58.06 -25.77 -56.96
CA ASN E 102 -58.12 -25.35 -55.56
C ASN E 102 -56.88 -25.66 -54.69
N ALA E 103 -56.23 -26.79 -54.93
CA ALA E 103 -55.11 -27.27 -54.11
C ALA E 103 -55.30 -27.42 -52.63
N THR E 104 -54.62 -28.43 -52.10
CA THR E 104 -54.49 -28.52 -50.67
C THR E 104 -53.11 -27.96 -50.39
N ARG E 105 -53.05 -26.85 -49.67
CA ARG E 105 -51.75 -26.38 -49.22
C ARG E 105 -51.62 -27.07 -47.88
N TRP E 106 -50.50 -27.72 -47.62
CA TRP E 106 -50.37 -28.37 -46.34
C TRP E 106 -48.96 -28.36 -45.83
N LEU E 107 -48.85 -28.34 -44.50
CA LEU E 107 -47.56 -28.38 -43.85
C LEU E 107 -47.60 -29.33 -42.67
N TYR E 108 -46.58 -30.18 -42.56
CA TYR E 108 -46.45 -31.05 -41.42
C TYR E 108 -45.11 -30.82 -40.74
N TYR E 109 -45.14 -30.67 -39.42
CA TYR E 109 -43.94 -30.40 -38.65
C TYR E 109 -43.87 -31.29 -37.42
N TRP E 110 -42.67 -31.76 -37.09
CA TRP E 110 -42.45 -32.51 -35.88
C TRP E 110 -41.08 -32.14 -35.27
N GLY E 111 -41.10 -31.64 -34.05
CA GLY E 111 -39.88 -31.36 -33.32
C GLY E 111 -39.84 -32.14 -32.02
N HIS E 112 -38.71 -32.74 -31.71
CA HIS E 112 -38.56 -33.48 -30.45
C HIS E 112 -37.16 -33.35 -29.88
N SER E 113 -37.07 -33.29 -28.56
CA SER E 113 -35.77 -33.24 -27.89
C SER E 113 -35.87 -33.84 -26.49
N GLY E 114 -34.95 -34.76 -26.18
CA GLY E 114 -34.94 -35.35 -24.85
C GLY E 114 -33.80 -36.31 -24.55
N VAL E 115 -33.44 -36.40 -23.28
CA VAL E 115 -32.46 -37.36 -22.80
C VAL E 115 -33.06 -38.27 -21.73
N MET E 116 -33.42 -39.49 -22.14
CA MET E 116 -34.04 -40.45 -21.23
C MET E 116 -33.02 -41.32 -20.52
N ASP E 117 -33.15 -41.41 -19.20
CA ASP E 117 -32.30 -42.24 -18.35
C ASP E 117 -30.82 -41.91 -18.51
N GLN E 118 -30.54 -40.63 -18.74
CA GLN E 118 -29.18 -40.09 -18.83
C GLN E 118 -28.35 -40.63 -20.00
N VAL E 119 -28.76 -41.75 -20.59
CA VAL E 119 -27.95 -42.38 -21.64
C VAL E 119 -28.63 -42.44 -23.00
N TRP E 120 -29.95 -42.28 -23.04
CA TRP E 120 -30.67 -42.30 -24.31
C TRP E 120 -30.96 -40.89 -24.80
N ARG E 121 -30.78 -40.67 -26.10
CA ARG E 121 -30.85 -39.33 -26.68
C ARG E 121 -31.74 -39.32 -27.91
N PHE E 122 -32.80 -38.52 -27.87
CA PHE E 122 -33.73 -38.45 -28.99
C PHE E 122 -33.93 -37.02 -29.47
N ASN E 123 -33.80 -36.83 -30.78
CA ASN E 123 -33.95 -35.51 -31.41
C ASN E 123 -34.60 -35.60 -32.77
N ILE E 124 -35.67 -34.85 -32.98
CA ILE E 124 -36.37 -34.83 -34.27
C ILE E 124 -36.57 -33.40 -34.77
N ASN E 125 -36.23 -33.18 -36.05
CA ASN E 125 -36.49 -31.91 -36.72
C ASN E 125 -37.03 -32.14 -38.13
N TYR E 126 -38.33 -32.35 -38.23
CA TYR E 126 -38.98 -32.72 -39.49
C TYR E 126 -39.96 -31.65 -39.96
N THR E 127 -39.81 -31.25 -41.22
CA THR E 127 -40.72 -30.31 -41.83
C THR E 127 -40.98 -30.69 -43.29
N ARG E 128 -42.26 -30.75 -43.67
CA ARG E 128 -42.63 -31.05 -45.04
C ARG E 128 -43.80 -30.18 -45.51
N VAL E 129 -43.67 -29.63 -46.72
CA VAL E 129 -44.71 -28.78 -47.27
C VAL E 129 -45.26 -29.32 -48.58
N SER E 130 -46.42 -28.80 -48.99
CA SER E 130 -47.11 -29.29 -50.17
C SER E 130 -46.48 -28.82 -51.47
N ASP E 131 -45.75 -27.71 -51.42
CA ASP E 131 -45.20 -27.10 -52.63
C ASP E 131 -44.09 -26.11 -52.30
N PRO E 132 -43.23 -25.78 -53.29
CA PRO E 132 -42.11 -24.85 -53.06
C PRO E 132 -42.52 -23.45 -52.60
N ALA E 133 -43.71 -23.01 -53.00
CA ALA E 133 -44.12 -21.64 -52.74
C ALA E 133 -44.94 -21.49 -51.46
N TYR E 134 -44.86 -22.48 -50.58
CA TYR E 134 -45.68 -22.47 -49.37
C TYR E 134 -45.36 -21.27 -48.48
N PHE E 135 -44.12 -21.18 -48.01
CA PHE E 135 -43.74 -20.13 -47.08
C PHE E 135 -43.75 -18.75 -47.74
N THR E 136 -43.73 -18.72 -49.06
CA THR E 136 -43.85 -17.47 -49.80
C THR E 136 -45.27 -16.92 -49.71
N ASP E 137 -46.24 -17.82 -49.74
CA ASP E 137 -47.65 -17.45 -49.82
C ASP E 137 -48.33 -17.51 -48.46
N LEU E 138 -47.91 -18.45 -47.62
CA LEU E 138 -48.55 -18.69 -46.34
C LEU E 138 -47.62 -18.40 -45.17
N THR E 139 -48.20 -17.89 -44.09
CA THR E 139 -47.44 -17.53 -42.90
C THR E 139 -47.42 -18.69 -41.91
N SER E 140 -46.23 -19.07 -41.44
CA SER E 140 -46.10 -20.15 -40.46
C SER E 140 -44.97 -19.92 -39.45
N GLN E 141 -45.03 -20.69 -38.36
CA GLN E 141 -44.03 -20.65 -37.30
C GLN E 141 -42.78 -21.45 -37.66
N TYR E 142 -42.91 -22.34 -38.62
CA TYR E 142 -41.84 -23.28 -38.96
C TYR E 142 -41.27 -23.02 -40.34
N GLY E 143 -41.06 -21.75 -40.67
CA GLY E 143 -40.51 -21.37 -41.95
C GLY E 143 -40.69 -19.90 -42.26
N SER E 144 -40.06 -19.45 -43.32
CA SER E 144 -40.09 -18.04 -43.73
C SER E 144 -39.81 -17.92 -45.22
N THR E 145 -39.93 -16.70 -45.74
CA THR E 145 -39.70 -16.46 -47.15
C THR E 145 -38.22 -16.55 -47.52
N THR E 146 -37.37 -16.55 -46.50
CA THR E 146 -35.93 -16.64 -46.71
C THR E 146 -35.48 -18.09 -46.93
N ASP E 147 -36.33 -19.04 -46.56
CA ASP E 147 -35.98 -20.45 -46.66
C ASP E 147 -35.92 -20.95 -48.10
N GLY E 148 -34.93 -21.79 -48.37
CA GLY E 148 -34.77 -22.37 -49.69
C GLY E 148 -35.04 -23.86 -49.66
N TYR E 149 -35.26 -24.40 -48.46
CA TYR E 149 -35.57 -25.81 -48.29
C TYR E 149 -36.14 -26.10 -46.90
N ALA E 150 -36.58 -27.34 -46.71
CA ALA E 150 -37.08 -27.80 -45.42
C ALA E 150 -36.22 -28.93 -44.89
N THR E 151 -35.99 -28.95 -43.59
CA THR E 151 -35.14 -29.96 -42.98
C THR E 151 -35.96 -31.12 -42.39
N GLN E 152 -35.51 -32.33 -42.66
CA GLN E 152 -36.15 -33.54 -42.18
C GLN E 152 -35.12 -34.50 -41.58
N ILE E 153 -34.93 -34.41 -40.27
CA ILE E 153 -33.89 -35.16 -39.58
C ILE E 153 -34.39 -35.93 -38.36
N PHE E 154 -34.03 -37.20 -38.28
CA PHE E 154 -34.33 -38.01 -37.09
C PHE E 154 -33.03 -38.51 -36.48
N THR E 155 -32.94 -38.49 -35.15
CA THR E 155 -31.71 -38.85 -34.47
C THR E 155 -31.97 -39.57 -33.13
N ALA E 156 -31.45 -40.77 -33.01
CA ALA E 156 -31.56 -41.53 -31.76
C ALA E 156 -30.21 -42.15 -31.42
N GLY E 157 -29.77 -42.02 -30.17
CA GLY E 157 -28.45 -42.53 -29.80
C GLY E 157 -28.25 -42.89 -28.34
N TYR E 158 -27.19 -43.64 -28.08
CA TYR E 158 -26.79 -43.99 -26.72
C TYR E 158 -25.50 -43.26 -26.36
N ALA E 159 -25.32 -42.96 -25.07
CA ALA E 159 -24.11 -42.27 -24.62
C ALA E 159 -23.83 -42.49 -23.14
N ASN E 160 -22.59 -42.83 -22.81
CA ASN E 160 -22.15 -42.85 -21.41
C ASN E 160 -20.83 -42.09 -21.26
N GLU E 161 -20.13 -42.32 -20.14
CA GLU E 161 -18.91 -41.59 -19.85
C GLU E 161 -17.79 -41.90 -20.84
N ASN E 162 -17.76 -43.13 -21.34
CA ASN E 162 -16.62 -43.60 -22.12
C ASN E 162 -16.85 -43.54 -23.62
N TRP E 163 -18.08 -43.77 -24.05
CA TRP E 163 -18.36 -43.84 -25.48
C TRP E 163 -19.80 -43.43 -25.80
N ASN E 164 -20.08 -43.29 -27.11
CA ASN E 164 -21.43 -42.99 -27.57
C ASN E 164 -21.64 -43.42 -29.02
N ALA E 165 -22.88 -43.73 -29.36
CA ALA E 165 -23.23 -44.07 -30.74
C ALA E 165 -24.55 -43.40 -31.11
N THR E 166 -24.73 -43.10 -32.40
CA THR E 166 -25.87 -42.32 -32.84
C THR E 166 -26.33 -42.71 -34.25
N LEU E 167 -27.59 -43.10 -34.34
CA LEU E 167 -28.22 -43.42 -35.61
C LEU E 167 -29.10 -42.25 -36.06
N SER E 168 -28.94 -41.86 -37.32
CA SER E 168 -29.61 -40.67 -37.84
C SER E 168 -30.11 -40.83 -39.26
N SER E 169 -31.21 -40.16 -39.58
CA SER E 169 -31.68 -40.02 -40.95
C SER E 169 -31.73 -38.53 -41.30
N LYS E 170 -31.00 -38.15 -42.34
CA LYS E 170 -30.95 -36.75 -42.75
C LYS E 170 -31.43 -36.59 -44.18
N GLN E 171 -32.51 -35.84 -44.32
CA GLN E 171 -33.23 -35.65 -45.58
C GLN E 171 -33.72 -34.22 -45.72
N PHE E 172 -33.86 -33.74 -46.96
CA PHE E 172 -34.21 -32.34 -47.19
C PHE E 172 -35.19 -32.14 -48.34
N GLN E 173 -36.12 -31.21 -48.16
CA GLN E 173 -37.06 -30.87 -49.21
C GLN E 173 -36.67 -29.53 -49.83
N VAL E 174 -35.89 -29.59 -50.90
CA VAL E 174 -35.41 -28.39 -51.57
C VAL E 174 -36.49 -27.78 -52.45
N PHE E 175 -36.62 -26.46 -52.39
CA PHE E 175 -37.73 -25.76 -53.03
C PHE E 175 -37.43 -25.44 -54.50
N THR E 176 -36.50 -26.18 -55.09
CA THR E 176 -36.26 -26.09 -56.53
C THR E 176 -36.27 -27.48 -57.17
N ALA E 177 -36.71 -27.56 -58.41
CA ALA E 177 -36.84 -28.84 -59.10
C ALA E 177 -35.50 -29.55 -59.19
N ALA E 178 -34.54 -28.90 -59.84
CA ALA E 178 -33.20 -29.44 -60.01
C ALA E 178 -32.54 -29.65 -58.66
N GLY E 179 -32.73 -28.67 -57.77
CA GLY E 179 -32.14 -28.71 -56.44
C GLY E 179 -32.63 -29.90 -55.63
N ASN E 180 -33.94 -30.13 -55.64
CA ASN E 180 -34.51 -31.26 -54.94
C ASN E 180 -34.09 -32.57 -55.59
N SER E 181 -33.90 -32.52 -56.91
CA SER E 181 -33.53 -33.69 -57.67
C SER E 181 -32.11 -34.13 -57.33
N ASN E 182 -31.22 -33.16 -57.12
CA ASN E 182 -29.81 -33.44 -56.87
C ASN E 182 -29.42 -33.46 -55.38
N ALA E 183 -30.37 -33.23 -54.50
CA ALA E 183 -30.08 -33.20 -53.06
C ALA E 183 -29.80 -34.58 -52.49
N TYR E 184 -28.57 -34.80 -52.05
CA TYR E 184 -28.17 -36.07 -51.45
C TYR E 184 -28.73 -36.23 -50.03
N ARG E 185 -28.96 -37.46 -49.62
CA ARG E 185 -29.41 -37.74 -48.26
C ARG E 185 -28.48 -38.66 -47.48
N ALA E 186 -28.54 -38.57 -46.15
CA ALA E 186 -27.85 -39.51 -45.30
C ALA E 186 -28.91 -40.49 -44.82
N GLN E 187 -28.86 -41.70 -45.33
CA GLN E 187 -29.98 -42.62 -45.22
C GLN E 187 -29.55 -44.08 -45.13
N PRO E 188 -29.18 -44.54 -43.93
CA PRO E 188 -29.01 -43.72 -42.74
C PRO E 188 -27.53 -43.37 -42.51
N GLN E 189 -27.26 -42.67 -41.42
CA GLN E 189 -25.88 -42.39 -41.00
C GLN E 189 -25.66 -42.83 -39.55
N LEU E 190 -24.55 -43.55 -39.32
CA LEU E 190 -24.19 -44.01 -37.99
C LEU E 190 -22.87 -43.39 -37.54
N ASP E 191 -22.91 -42.71 -36.39
CA ASP E 191 -21.73 -42.07 -35.82
C ASP E 191 -21.33 -42.73 -34.50
N MET E 192 -20.06 -43.05 -34.34
CA MET E 192 -19.58 -43.67 -33.11
C MET E 192 -18.35 -42.98 -32.56
N ASN E 193 -18.28 -42.88 -31.24
CA ASN E 193 -17.14 -42.29 -30.56
C ASN E 193 -16.72 -43.12 -29.35
N TYR E 194 -15.42 -43.35 -29.22
CA TYR E 194 -14.88 -44.00 -28.04
C TYR E 194 -13.75 -43.16 -27.47
N TYR E 195 -13.82 -42.86 -26.18
CA TYR E 195 -12.80 -42.03 -25.54
C TYR E 195 -12.10 -42.82 -24.44
N LYS E 196 -10.83 -42.52 -24.22
CA LYS E 196 -10.14 -43.08 -23.06
C LYS E 196 -8.95 -42.22 -22.67
N ASN E 197 -9.02 -41.63 -21.48
CA ASN E 197 -7.92 -40.81 -20.98
C ASN E 197 -6.89 -41.62 -20.19
N ASP E 198 -5.72 -41.03 -20.00
CA ASP E 198 -4.66 -41.59 -19.15
C ASP E 198 -4.18 -42.96 -19.59
N VAL E 199 -4.18 -43.22 -20.89
CA VAL E 199 -3.51 -44.40 -21.41
C VAL E 199 -2.02 -44.11 -21.39
N GLY E 200 -1.41 -44.25 -20.21
CA GLY E 200 -0.05 -43.80 -20.00
C GLY E 200 -0.08 -42.28 -19.99
N PRO E 201 0.80 -41.64 -20.78
CA PRO E 201 0.85 -40.19 -20.87
C PRO E 201 -0.15 -39.63 -21.88
N PHE E 202 -0.81 -40.50 -22.62
CA PHE E 202 -1.66 -40.07 -23.72
C PHE E 202 -3.16 -40.12 -23.42
N ASP E 203 -3.92 -39.31 -24.15
CA ASP E 203 -5.36 -39.42 -24.20
C ASP E 203 -5.74 -39.94 -25.59
N MET E 204 -6.63 -40.91 -25.64
CA MET E 204 -6.99 -41.50 -26.92
C MET E 204 -8.46 -41.31 -27.26
N HIS E 205 -8.74 -41.21 -28.55
CA HIS E 205 -10.11 -41.04 -29.04
C HIS E 205 -10.26 -41.64 -30.42
N VAL E 206 -11.21 -42.55 -30.57
CA VAL E 206 -11.49 -43.13 -31.89
C VAL E 206 -12.88 -42.73 -32.35
N TYR E 207 -12.98 -42.21 -33.57
CA TYR E 207 -14.26 -41.85 -34.15
C TYR E 207 -14.54 -42.71 -35.38
N GLY E 208 -15.80 -43.10 -35.56
CA GLY E 208 -16.19 -43.91 -36.70
C GLY E 208 -17.50 -43.46 -37.32
N GLN E 209 -17.66 -43.70 -38.62
CA GLN E 209 -18.91 -43.35 -39.31
C GLN E 209 -19.25 -44.30 -40.45
N ALA E 210 -20.53 -44.62 -40.58
CA ALA E 210 -21.01 -45.40 -41.72
C ALA E 210 -22.26 -44.74 -42.31
N ALA E 211 -22.17 -44.28 -43.55
CA ALA E 211 -23.28 -43.53 -44.15
C ALA E 211 -23.67 -44.05 -45.53
N LYS E 212 -24.96 -43.91 -45.85
CA LYS E 212 -25.47 -44.24 -47.17
C LYS E 212 -26.04 -42.99 -47.86
N PHE E 213 -25.35 -42.54 -48.90
CA PHE E 213 -25.76 -41.36 -49.67
C PHE E 213 -26.48 -41.72 -50.97
N THR E 214 -27.72 -41.24 -51.09
CA THR E 214 -28.51 -41.41 -52.30
C THR E 214 -29.24 -40.12 -52.67
N SER E 215 -29.58 -39.98 -53.95
CA SER E 215 -30.43 -38.87 -54.38
C SER E 215 -31.45 -39.36 -55.41
N VAL E 216 -32.49 -38.56 -55.64
CA VAL E 216 -33.58 -38.93 -56.53
C VAL E 216 -33.13 -39.05 -57.99
N ASN E 217 -32.41 -38.04 -58.45
CA ASN E 217 -31.89 -37.99 -59.83
C ASN E 217 -31.09 -39.25 -60.19
N PRO E 218 -31.58 -40.01 -61.17
CA PRO E 218 -30.96 -41.26 -61.62
C PRO E 218 -29.56 -41.07 -62.19
N THR E 219 -29.25 -39.86 -62.65
CA THR E 219 -27.91 -39.58 -63.17
C THR E 219 -26.86 -39.57 -62.06
N ASN E 220 -27.23 -39.03 -60.91
CA ASN E 220 -26.30 -38.89 -59.79
C ASN E 220 -25.87 -40.23 -59.21
N PRO E 221 -24.58 -40.36 -58.87
CA PRO E 221 -24.01 -41.57 -58.27
C PRO E 221 -24.53 -41.80 -56.85
N GLU E 222 -24.69 -43.07 -56.46
CA GLU E 222 -24.99 -43.38 -55.06
C GLU E 222 -23.71 -43.88 -54.40
N ALA E 223 -23.66 -43.84 -53.07
CA ALA E 223 -22.42 -44.23 -52.40
C ALA E 223 -22.63 -44.74 -50.99
N SER E 224 -21.86 -45.75 -50.62
CA SER E 224 -21.76 -46.21 -49.24
C SER E 224 -20.38 -45.84 -48.71
N ARG E 225 -20.35 -45.09 -47.62
CA ARG E 225 -19.09 -44.59 -47.07
C ARG E 225 -18.80 -45.10 -45.66
N PHE E 226 -17.59 -45.63 -45.48
CA PHE E 226 -17.14 -46.10 -44.16
C PHE E 226 -15.89 -45.35 -43.76
N HIS E 227 -15.82 -44.92 -42.50
CA HIS E 227 -14.71 -44.08 -42.05
C HIS E 227 -14.29 -44.40 -40.62
N ILE E 228 -12.99 -44.60 -40.43
CA ILE E 228 -12.44 -44.81 -39.09
C ILE E 228 -11.31 -43.80 -38.86
N GLU E 229 -11.19 -43.34 -37.62
CA GLU E 229 -10.30 -42.23 -37.30
C GLU E 229 -9.81 -42.30 -35.86
N PRO E 230 -8.67 -42.98 -35.65
CA PRO E 230 -8.03 -42.99 -34.33
C PRO E 230 -7.17 -41.76 -34.10
N THR E 231 -7.11 -41.32 -32.84
CA THR E 231 -6.39 -40.10 -32.46
C THR E 231 -5.70 -40.30 -31.12
N VAL E 232 -4.39 -40.12 -31.12
CA VAL E 232 -3.60 -40.16 -29.89
C VAL E 232 -3.07 -38.77 -29.58
N ASN E 233 -3.18 -38.38 -28.32
CA ASN E 233 -2.93 -37.02 -27.89
C ASN E 233 -1.97 -36.95 -26.70
N LEU E 234 -0.95 -36.10 -26.80
CA LEU E 234 -0.03 -35.83 -25.71
C LEU E 234 -0.22 -34.40 -25.22
N PRO E 235 -0.99 -34.23 -24.13
CA PRO E 235 -1.31 -32.93 -23.53
C PRO E 235 -0.43 -32.55 -22.34
N LEU E 236 0.25 -31.41 -22.45
CA LEU E 236 1.07 -30.89 -21.37
C LEU E 236 0.50 -29.55 -20.90
N SER E 237 -0.05 -29.53 -19.68
CA SER E 237 -0.76 -28.36 -19.19
C SER E 237 -0.06 -27.72 -17.99
N ASN E 238 -0.32 -26.43 -17.79
CA ASN E 238 0.33 -25.66 -16.75
C ASN E 238 -0.55 -24.51 -16.25
N SER E 239 -0.07 -23.77 -15.26
CA SER E 239 -0.78 -22.56 -14.81
C SER E 239 -0.60 -21.48 -15.87
N TRP E 240 0.61 -21.40 -16.41
CA TRP E 240 0.90 -20.54 -17.54
C TRP E 240 1.15 -21.43 -18.75
N GLY E 241 0.50 -21.14 -19.86
CA GLY E 241 0.68 -21.89 -21.09
C GLY E 241 0.41 -23.38 -21.08
N SER E 242 0.37 -23.96 -22.28
CA SER E 242 0.16 -25.38 -22.47
C SER E 242 0.53 -25.80 -23.89
N ILE E 243 0.96 -27.04 -24.07
CA ILE E 243 1.31 -27.52 -25.41
C ILE E 243 0.64 -28.88 -25.64
N ASN E 244 0.33 -29.19 -26.90
CA ASN E 244 -0.39 -30.40 -27.24
C ASN E 244 0.08 -31.00 -28.56
N THR E 245 0.49 -32.26 -28.52
CA THR E 245 0.90 -32.95 -29.74
C THR E 245 -0.15 -33.99 -30.10
N GLU E 246 -0.48 -34.08 -31.38
CA GLU E 246 -1.61 -34.91 -31.80
C GLU E 246 -1.30 -35.69 -33.07
N ALA E 247 -1.46 -37.01 -32.96
CA ALA E 247 -1.31 -37.90 -34.10
C ALA E 247 -2.67 -38.48 -34.45
N LYS E 248 -3.05 -38.37 -35.71
CA LYS E 248 -4.38 -38.80 -36.14
C LYS E 248 -4.30 -39.66 -37.39
N LEU E 249 -5.20 -40.62 -37.53
CA LEU E 249 -5.24 -41.40 -38.75
C LEU E 249 -6.62 -41.37 -39.40
N LEU E 250 -6.69 -40.79 -40.59
CA LEU E 250 -7.94 -40.68 -41.32
C LEU E 250 -8.05 -41.81 -42.34
N ALA E 251 -8.91 -42.79 -42.08
CA ALA E 251 -9.07 -43.91 -43.01
C ALA E 251 -10.49 -43.97 -43.56
N THR E 252 -10.59 -43.95 -44.89
CA THR E 252 -11.89 -43.85 -45.53
C THR E 252 -12.02 -44.84 -46.69
N HIS E 253 -13.15 -45.55 -46.70
CA HIS E 253 -13.50 -46.47 -47.78
C HIS E 253 -14.80 -46.06 -48.46
N TYR E 254 -14.75 -45.95 -49.79
CA TYR E 254 -15.91 -45.58 -50.60
C TYR E 254 -16.37 -46.71 -51.52
N GLN E 255 -17.68 -46.93 -51.55
CA GLN E 255 -18.31 -47.77 -52.56
C GLN E 255 -19.29 -46.94 -53.38
N GLN E 256 -18.87 -46.48 -54.54
CA GLN E 256 -19.70 -45.62 -55.37
C GLN E 256 -20.29 -46.34 -56.57
N ASP E 257 -21.60 -46.53 -56.57
CA ASP E 257 -22.28 -47.04 -57.76
C ASP E 257 -22.65 -45.89 -58.69
N ILE E 258 -22.10 -45.93 -59.89
CA ILE E 258 -22.17 -44.84 -60.86
C ILE E 258 -23.01 -45.17 -62.11
N PRO E 259 -24.11 -44.44 -62.31
CA PRO E 259 -25.02 -44.56 -63.45
C PRO E 259 -24.33 -44.34 -64.80
N ALA E 260 -24.91 -44.91 -65.86
CA ALA E 260 -24.33 -44.85 -67.19
C ALA E 260 -24.34 -43.45 -67.81
N SER E 261 -25.37 -42.67 -67.53
CA SER E 261 -25.50 -41.32 -68.05
C SER E 261 -24.36 -40.42 -67.60
N PHE E 262 -23.87 -40.68 -66.39
CA PHE E 262 -22.80 -39.88 -65.77
C PHE E 262 -21.42 -40.12 -66.39
N ALA E 263 -21.10 -41.38 -66.66
CA ALA E 263 -19.75 -41.75 -67.10
C ALA E 263 -19.46 -41.34 -68.53
N ASP E 264 -18.19 -41.01 -68.77
CA ASP E 264 -17.71 -40.52 -70.07
C ASP E 264 -18.44 -39.28 -70.54
N ASN E 265 -18.64 -38.35 -69.60
CA ASN E 265 -19.19 -37.03 -69.88
C ASN E 265 -18.05 -36.04 -69.96
N ALA E 266 -18.14 -35.07 -70.88
CA ALA E 266 -17.04 -34.15 -71.10
C ALA E 266 -16.86 -33.19 -69.92
N SER E 267 -17.83 -33.15 -69.02
CA SER E 267 -17.75 -32.22 -67.89
C SER E 267 -17.73 -32.95 -66.55
N ASN E 268 -17.97 -34.25 -66.58
CA ASN E 268 -17.97 -35.06 -65.37
C ASN E 268 -16.60 -35.63 -64.97
N PRO E 269 -16.34 -35.69 -63.65
CA PRO E 269 -15.12 -36.29 -63.11
C PRO E 269 -15.09 -37.81 -63.30
N LYS E 270 -13.91 -38.35 -63.57
CA LYS E 270 -13.76 -39.79 -63.72
C LYS E 270 -13.80 -40.46 -62.36
N LEU E 271 -14.99 -40.84 -61.91
CA LEU E 271 -15.12 -41.47 -60.60
C LEU E 271 -14.69 -42.93 -60.65
N LYS E 272 -14.34 -43.48 -59.49
CA LYS E 272 -13.97 -44.89 -59.42
C LYS E 272 -14.98 -45.62 -58.53
N ASP E 273 -15.23 -46.89 -58.87
CA ASP E 273 -16.28 -47.67 -58.22
C ASP E 273 -15.98 -47.92 -56.75
N SER E 274 -14.73 -48.27 -56.44
CA SER E 274 -14.28 -48.45 -55.05
C SER E 274 -13.06 -47.58 -54.78
N VAL E 275 -13.10 -46.78 -53.71
CA VAL E 275 -11.99 -45.86 -53.44
C VAL E 275 -11.42 -46.00 -52.03
N ASN E 276 -10.09 -46.09 -51.94
CA ASN E 276 -9.41 -46.10 -50.65
C ASN E 276 -8.67 -44.80 -50.41
N ARG E 277 -8.86 -44.22 -49.23
CA ARG E 277 -8.10 -43.02 -48.87
C ARG E 277 -7.58 -43.13 -47.44
N VAL E 278 -6.27 -43.24 -47.29
CA VAL E 278 -5.67 -43.27 -45.96
C VAL E 278 -4.66 -42.14 -45.79
N LEU E 279 -4.95 -41.24 -44.86
CA LEU E 279 -4.12 -40.06 -44.64
C LEU E 279 -3.81 -39.86 -43.16
N PRO E 280 -2.52 -39.86 -42.81
CA PRO E 280 -2.09 -39.51 -41.46
C PRO E 280 -2.07 -37.99 -41.26
N GLN E 281 -2.31 -37.55 -40.04
CA GLN E 281 -2.27 -36.12 -39.72
C GLN E 281 -1.42 -35.85 -38.49
N PHE E 282 -0.48 -34.94 -38.63
CA PHE E 282 0.33 -34.51 -37.49
C PHE E 282 0.02 -33.06 -37.13
N LYS E 283 -0.26 -32.82 -35.87
CA LYS E 283 -0.56 -31.46 -35.43
C LYS E 283 0.11 -31.14 -34.11
N VAL E 284 0.78 -29.99 -34.02
CA VAL E 284 1.31 -29.58 -32.73
C VAL E 284 0.87 -28.15 -32.43
N ASP E 285 0.25 -27.96 -31.26
CA ASP E 285 -0.36 -26.68 -30.92
C ASP E 285 0.06 -26.20 -29.53
N GLY E 286 0.62 -25.00 -29.48
CA GLY E 286 1.10 -24.44 -28.23
C GLY E 286 0.55 -23.05 -27.96
N LYS E 287 0.40 -22.74 -26.66
CA LYS E 287 -0.17 -21.48 -26.22
C LYS E 287 0.56 -21.00 -24.97
N VAL E 288 0.76 -19.69 -24.85
CA VAL E 288 1.42 -19.15 -23.66
C VAL E 288 0.67 -17.92 -23.15
N VAL E 289 0.53 -17.76 -21.84
CA VAL E 289 -0.19 -16.62 -21.29
C VAL E 289 0.66 -15.70 -20.40
N PHE E 290 1.05 -14.55 -20.95
CA PHE E 290 1.66 -13.48 -20.18
C PHE E 290 0.60 -12.58 -19.56
N ASP E 291 0.98 -11.86 -18.50
CA ASP E 291 0.12 -10.82 -17.96
C ASP E 291 0.92 -9.79 -17.17
N ARG E 292 0.28 -8.65 -16.89
CA ARG E 292 0.92 -7.59 -16.11
C ARG E 292 -0.13 -6.65 -15.55
N SER E 293 0.17 -6.02 -14.43
CA SER E 293 -0.64 -4.93 -13.94
C SER E 293 -0.19 -3.64 -14.62
N MET E 294 -1.10 -2.97 -15.31
CA MET E 294 -0.76 -1.71 -15.98
C MET E 294 -0.46 -0.71 -14.87
N ASP E 295 0.41 0.26 -15.16
CA ASP E 295 0.93 1.11 -14.09
C ASP E 295 0.07 2.32 -13.73
N TRP E 296 -0.13 3.23 -14.68
CA TRP E 296 -0.93 4.43 -14.41
C TRP E 296 -2.35 4.07 -13.99
N ALA E 297 -2.90 3.03 -14.62
CA ALA E 297 -4.22 2.51 -14.26
C ALA E 297 -4.09 1.37 -13.25
N THR E 298 -4.51 1.62 -12.02
CA THR E 298 -4.35 0.64 -10.94
C THR E 298 -5.59 -0.23 -10.74
N GLY E 299 -5.37 -1.54 -10.59
CA GLY E 299 -6.45 -2.49 -10.37
C GLY E 299 -6.72 -3.43 -11.53
N PHE E 300 -6.38 -2.97 -12.73
CA PHE E 300 -6.62 -3.71 -13.96
C PHE E 300 -5.48 -4.68 -14.29
N THR E 301 -5.76 -5.72 -15.07
CA THR E 301 -4.70 -6.63 -15.53
C THR E 301 -4.76 -6.83 -17.05
N GLN E 302 -3.63 -6.68 -17.73
CA GLN E 302 -3.57 -6.93 -19.17
C GLN E 302 -2.83 -8.23 -19.47
N THR E 303 -3.44 -9.08 -20.29
CA THR E 303 -2.83 -10.36 -20.65
C THR E 303 -2.47 -10.42 -22.13
N LEU E 304 -1.37 -11.10 -22.43
CA LEU E 304 -0.89 -11.27 -23.79
C LEU E 304 -0.71 -12.76 -24.08
N GLU E 305 -1.47 -13.27 -25.05
CA GLU E 305 -1.56 -14.71 -25.28
C GLU E 305 -1.20 -15.12 -26.70
N PRO E 306 0.08 -15.44 -26.93
CA PRO E 306 0.51 -15.97 -28.23
C PRO E 306 0.19 -17.46 -28.37
N ARG E 307 -0.10 -17.86 -29.61
CA ARG E 307 -0.53 -19.21 -29.92
C ARG E 307 -0.01 -19.62 -31.29
N ALA E 308 0.58 -20.81 -31.38
CA ALA E 308 1.14 -21.29 -32.64
C ALA E 308 0.78 -22.75 -32.88
N GLN E 309 0.50 -23.10 -34.13
CA GLN E 309 0.15 -24.47 -34.45
C GLN E 309 0.70 -24.89 -35.81
N TYR E 310 1.42 -26.01 -35.84
CA TYR E 310 1.85 -26.57 -37.11
C TYR E 310 0.96 -27.75 -37.46
N LEU E 311 0.60 -27.82 -38.74
CA LEU E 311 -0.28 -28.86 -39.23
C LEU E 311 0.29 -29.47 -40.50
N TYR E 312 0.33 -30.80 -40.52
CA TYR E 312 0.79 -31.54 -41.69
C TYR E 312 -0.12 -32.70 -42.05
N VAL E 313 -0.57 -32.68 -43.31
CA VAL E 313 -1.36 -33.74 -43.93
C VAL E 313 -0.85 -33.94 -45.35
N PRO E 314 -0.46 -35.18 -45.69
CA PRO E 314 0.06 -35.44 -47.04
C PRO E 314 -0.99 -35.28 -48.12
N TYR E 315 -0.57 -35.03 -49.36
CA TYR E 315 -1.52 -34.88 -50.45
C TYR E 315 -1.96 -36.23 -51.02
N ARG E 316 -3.23 -36.30 -51.39
CA ARG E 316 -3.81 -37.48 -51.99
C ARG E 316 -4.87 -37.05 -53.00
N ASN E 317 -4.71 -37.44 -54.25
CA ASN E 317 -5.66 -37.08 -55.30
C ASN E 317 -7.03 -37.70 -55.02
N GLN E 318 -8.06 -36.87 -54.95
CA GLN E 318 -9.39 -37.32 -54.60
C GLN E 318 -10.43 -36.91 -55.65
N ASP E 319 -9.99 -36.76 -56.88
CA ASP E 319 -10.88 -36.40 -57.98
C ASP E 319 -11.84 -37.53 -58.34
N ASP E 320 -11.49 -38.75 -57.95
CA ASP E 320 -12.31 -39.92 -58.25
C ASP E 320 -13.41 -40.13 -57.21
N ILE E 321 -13.51 -39.21 -56.26
CA ILE E 321 -14.57 -39.23 -55.27
C ILE E 321 -15.55 -38.08 -55.53
N TYR E 322 -16.84 -38.38 -55.47
CA TYR E 322 -17.85 -37.36 -55.73
C TYR E 322 -18.14 -36.57 -54.45
N ILE E 323 -18.92 -35.51 -54.58
CA ILE E 323 -19.29 -34.69 -53.42
C ILE E 323 -20.64 -35.12 -52.88
N TYR E 324 -20.70 -35.40 -51.57
CA TYR E 324 -21.94 -35.87 -50.95
C TYR E 324 -22.39 -34.98 -49.79
N ASP E 325 -21.51 -34.77 -48.81
CA ASP E 325 -21.86 -33.97 -47.65
C ASP E 325 -20.74 -32.97 -47.34
N THR E 326 -20.07 -32.51 -48.39
CA THR E 326 -18.86 -31.71 -48.22
C THR E 326 -18.96 -30.32 -48.84
N THR E 327 -18.77 -29.31 -48.00
CA THR E 327 -18.73 -27.93 -48.46
C THR E 327 -17.61 -27.19 -47.74
N LEU E 328 -17.28 -25.99 -48.22
CA LEU E 328 -16.19 -25.21 -47.63
C LEU E 328 -16.60 -24.59 -46.29
N MET E 329 -15.84 -24.88 -45.25
CA MET E 329 -16.09 -24.34 -43.92
C MET E 329 -15.78 -22.85 -43.92
N GLN E 330 -16.48 -22.09 -43.09
CA GLN E 330 -16.17 -20.67 -42.96
C GLN E 330 -15.17 -20.50 -41.83
N SER E 331 -14.04 -19.88 -42.12
CA SER E 331 -13.00 -19.70 -41.12
C SER E 331 -13.08 -18.33 -40.48
N ASP E 332 -13.19 -18.31 -39.16
CA ASP E 332 -13.10 -17.07 -38.39
C ASP E 332 -11.75 -17.09 -37.72
N TYR E 333 -11.56 -16.28 -36.68
CA TYR E 333 -10.29 -16.30 -35.97
C TYR E 333 -10.09 -17.69 -35.35
N SER E 334 -11.17 -18.26 -34.84
CA SER E 334 -11.13 -19.61 -34.28
C SER E 334 -10.76 -20.62 -35.37
N GLY E 335 -11.45 -20.50 -36.50
CA GLY E 335 -11.26 -21.41 -37.63
C GLY E 335 -9.84 -21.47 -38.15
N LEU E 336 -9.02 -20.50 -37.76
CA LEU E 336 -7.61 -20.48 -38.12
C LEU E 336 -6.91 -21.73 -37.61
N PHE E 337 -7.32 -22.22 -36.45
CA PHE E 337 -6.66 -23.36 -35.84
C PHE E 337 -7.42 -24.65 -36.06
N ARG E 338 -8.45 -24.59 -36.91
CA ARG E 338 -9.20 -25.77 -37.29
C ARG E 338 -8.41 -26.59 -38.29
N ASP E 339 -8.32 -27.90 -38.06
CA ASP E 339 -7.46 -28.77 -38.86
C ASP E 339 -8.13 -29.26 -40.14
N ARG E 340 -9.39 -28.88 -40.35
CA ARG E 340 -10.11 -29.28 -41.54
C ARG E 340 -10.53 -28.06 -42.37
N THR E 341 -10.41 -28.18 -43.68
CA THR E 341 -10.80 -27.09 -44.58
C THR E 341 -12.25 -27.26 -45.02
N TYR E 342 -12.64 -28.50 -45.28
CA TYR E 342 -14.00 -28.79 -45.72
C TYR E 342 -14.81 -29.52 -44.64
N SER E 343 -16.12 -29.53 -44.80
CA SER E 343 -16.98 -30.30 -43.93
C SER E 343 -17.09 -31.72 -44.47
N GLY E 344 -17.71 -32.61 -43.71
CA GLY E 344 -17.88 -33.98 -44.14
C GLY E 344 -16.55 -34.70 -44.28
N LEU E 345 -16.49 -35.65 -45.20
CA LEU E 345 -15.31 -36.50 -45.34
C LEU E 345 -14.94 -36.78 -46.80
N ASP E 346 -15.50 -36.01 -47.72
CA ASP E 346 -15.27 -36.27 -49.15
C ASP E 346 -14.01 -35.57 -49.64
N ARG E 347 -13.55 -34.56 -48.89
CA ARG E 347 -12.32 -33.86 -49.23
C ARG E 347 -11.47 -33.57 -48.00
N ILE E 348 -10.31 -34.21 -47.95
CA ILE E 348 -9.31 -33.90 -46.93
C ILE E 348 -8.17 -33.14 -47.58
N ALA E 349 -8.12 -31.83 -47.34
CA ALA E 349 -7.10 -30.99 -47.96
C ALA E 349 -5.71 -31.33 -47.43
N SER E 350 -4.72 -31.24 -48.30
CA SER E 350 -3.34 -31.42 -47.86
C SER E 350 -2.95 -30.23 -47.01
N ALA E 351 -2.20 -30.49 -45.96
CA ALA E 351 -1.77 -29.42 -45.07
C ALA E 351 -0.26 -29.41 -44.89
N ASN E 352 0.28 -28.20 -44.81
CA ASN E 352 1.68 -27.98 -44.50
C ASN E 352 1.80 -26.53 -44.09
N GLN E 353 1.31 -26.23 -42.88
CA GLN E 353 1.09 -24.83 -42.55
C GLN E 353 1.28 -24.50 -41.09
N VAL E 354 1.54 -23.22 -40.83
CA VAL E 354 1.63 -22.70 -39.48
C VAL E 354 0.56 -21.63 -39.26
N SER E 355 -0.28 -21.85 -38.26
CA SER E 355 -1.27 -20.86 -37.86
C SER E 355 -0.81 -20.17 -36.58
N THR E 356 -0.67 -18.85 -36.66
CA THR E 356 -0.25 -18.07 -35.49
C THR E 356 -1.35 -17.10 -35.09
N GLY E 357 -1.40 -16.79 -33.81
CA GLY E 357 -2.43 -15.89 -33.30
C GLY E 357 -1.98 -15.20 -32.03
N LEU E 358 -2.50 -14.01 -31.81
CA LEU E 358 -2.19 -13.24 -30.61
C LEU E 358 -3.47 -12.69 -30.00
N THR E 359 -3.67 -12.94 -28.71
CA THR E 359 -4.88 -12.49 -28.05
C THR E 359 -4.57 -11.69 -26.79
N SER E 360 -4.92 -10.42 -26.80
CA SER E 360 -4.72 -9.58 -25.63
C SER E 360 -6.05 -9.35 -24.91
N ARG E 361 -6.05 -9.50 -23.59
CA ARG E 361 -7.26 -9.26 -22.82
C ARG E 361 -7.03 -8.22 -21.73
N ILE E 362 -8.11 -7.64 -21.24
CA ILE E 362 -8.04 -6.67 -20.13
C ILE E 362 -9.12 -6.95 -19.08
N TYR E 363 -8.67 -7.22 -17.85
CA TYR E 363 -9.56 -7.44 -16.71
C TYR E 363 -9.54 -6.22 -15.79
N ASP E 364 -10.61 -6.05 -15.03
CA ASP E 364 -10.71 -4.90 -14.12
C ASP E 364 -10.54 -5.29 -12.66
N ASP E 365 -11.08 -4.46 -11.77
CA ASP E 365 -11.01 -4.67 -10.33
C ASP E 365 -11.69 -5.97 -9.91
N ALA E 366 -12.86 -6.22 -10.49
CA ALA E 366 -13.67 -7.39 -10.13
C ALA E 366 -13.35 -8.57 -11.05
N ARG E 367 -12.16 -8.53 -11.62
CA ARG E 367 -11.68 -9.54 -12.56
C ARG E 367 -12.70 -9.86 -13.64
N VAL E 368 -13.37 -8.83 -14.13
CA VAL E 368 -14.30 -8.94 -15.23
C VAL E 368 -13.60 -8.59 -16.54
N GLU E 369 -13.73 -9.47 -17.53
CA GLU E 369 -13.16 -9.21 -18.85
C GLU E 369 -13.91 -8.05 -19.52
N ARG E 370 -13.20 -6.94 -19.70
CA ARG E 370 -13.82 -5.73 -20.21
C ARG E 370 -13.45 -5.43 -21.66
N PHE E 371 -12.27 -5.89 -22.08
CA PHE E 371 -11.83 -5.70 -23.46
C PHE E 371 -11.11 -6.94 -23.99
N ASN E 372 -11.11 -7.10 -25.31
CA ASN E 372 -10.53 -8.27 -25.96
C ASN E 372 -10.26 -8.04 -27.45
N VAL E 373 -9.05 -8.41 -27.89
CA VAL E 373 -8.70 -8.31 -29.30
C VAL E 373 -7.82 -9.49 -29.73
N SER E 374 -8.12 -10.05 -30.90
CA SER E 374 -7.37 -11.19 -31.41
C SER E 374 -7.02 -11.01 -32.88
N VAL E 375 -5.77 -11.24 -33.23
CA VAL E 375 -5.35 -11.23 -34.63
C VAL E 375 -4.55 -12.49 -34.94
N GLY E 376 -4.89 -13.16 -36.03
CA GLY E 376 -4.20 -14.38 -36.41
C GLY E 376 -4.00 -14.50 -37.91
N GLN E 377 -3.15 -15.44 -38.31
CA GLN E 377 -2.82 -15.63 -39.71
C GLN E 377 -2.44 -17.08 -40.02
N ILE E 378 -2.47 -17.44 -41.29
CA ILE E 378 -2.01 -18.76 -41.73
C ILE E 378 -0.91 -18.64 -42.79
N TYR E 379 0.24 -19.22 -42.48
CA TYR E 379 1.37 -19.27 -43.40
C TYR E 379 1.46 -20.66 -44.03
N TYR E 380 1.30 -20.73 -45.34
CA TYR E 380 1.38 -22.00 -46.05
C TYR E 380 2.78 -22.24 -46.61
N PHE E 381 3.34 -23.40 -46.32
CA PHE E 381 4.64 -23.78 -46.88
C PHE E 381 4.45 -24.43 -48.24
N SER E 382 3.26 -24.97 -48.47
CA SER E 382 2.91 -25.56 -49.76
C SER E 382 1.43 -25.37 -50.04
N ARG E 383 1.05 -25.51 -51.31
CA ARG E 383 -0.34 -25.34 -51.73
C ARG E 383 -1.21 -26.40 -51.07
N SER E 384 -2.42 -26.03 -50.66
CA SER E 384 -3.38 -27.04 -50.21
C SER E 384 -4.09 -27.63 -51.42
N ARG E 385 -4.15 -28.96 -51.49
CA ARG E 385 -4.70 -29.63 -52.67
C ARG E 385 -5.68 -30.72 -52.27
N THR E 386 -6.60 -31.02 -53.18
CA THR E 386 -7.57 -32.10 -53.01
C THR E 386 -7.71 -32.86 -54.31
N GLY E 387 -7.07 -32.32 -55.36
CA GLY E 387 -7.12 -32.89 -56.68
C GLY E 387 -6.10 -32.23 -57.59
N ASN E 388 -6.42 -32.10 -58.87
CA ASN E 388 -5.45 -31.65 -59.86
C ASN E 388 -5.81 -30.45 -60.73
N THR E 389 -6.86 -29.71 -60.38
CA THR E 389 -7.31 -28.64 -61.28
C THR E 389 -7.63 -27.28 -60.66
N GLU E 390 -6.60 -26.46 -60.46
CA GLU E 390 -6.77 -25.08 -60.02
C GLU E 390 -7.86 -24.35 -60.81
N ASN E 394 -5.00 -19.49 -62.70
CA ASN E 394 -4.24 -20.30 -61.76
C ASN E 394 -4.56 -19.95 -60.30
N SER E 395 -3.63 -19.22 -59.67
CA SER E 395 -3.73 -18.81 -58.28
C SER E 395 -2.53 -17.91 -58.05
N ASN E 396 -1.57 -18.39 -57.25
CA ASN E 396 -0.18 -18.04 -57.43
C ASN E 396 0.71 -19.06 -56.72
N ALA E 397 0.96 -18.88 -55.43
CA ALA E 397 1.87 -19.78 -54.74
C ALA E 397 1.52 -20.11 -53.29
N THR E 398 2.37 -19.64 -52.39
CA THR E 398 2.29 -19.91 -50.95
C THR E 398 2.60 -18.69 -50.08
N GLY E 399 2.71 -18.95 -48.78
CA GLY E 399 2.98 -17.92 -47.79
C GLY E 399 1.84 -17.54 -46.86
N SER E 400 1.98 -16.41 -46.18
CA SER E 400 0.94 -15.91 -45.30
C SER E 400 -0.24 -15.44 -46.12
N LEU E 401 -1.23 -16.32 -46.29
CA LEU E 401 -2.30 -16.04 -47.23
C LEU E 401 -3.60 -15.65 -46.56
N VAL E 402 -3.84 -16.20 -45.37
CA VAL E 402 -5.09 -15.97 -44.67
C VAL E 402 -4.86 -15.18 -43.38
N TRP E 403 -5.65 -14.14 -43.17
CA TRP E 403 -5.64 -13.40 -41.92
C TRP E 403 -7.06 -13.37 -41.36
N ALA E 404 -7.18 -13.20 -40.05
CA ALA E 404 -8.49 -13.11 -39.41
C ALA E 404 -8.36 -12.46 -38.05
N GLY E 405 -9.38 -11.70 -37.67
CA GLY E 405 -9.36 -11.01 -36.40
C GLY E 405 -10.75 -10.82 -35.81
N ASP E 406 -10.80 -10.65 -34.49
CA ASP E 406 -12.04 -10.35 -33.81
C ASP E 406 -11.75 -9.49 -32.57
N THR E 407 -12.79 -8.82 -32.07
CA THR E 407 -12.63 -7.92 -30.95
C THR E 407 -13.92 -7.78 -30.14
N PHE E 408 -13.75 -7.54 -28.85
CA PHE E 408 -14.87 -7.34 -27.93
C PHE E 408 -14.50 -6.26 -26.91
N TRP E 409 -15.47 -5.43 -26.56
CA TRP E 409 -15.26 -4.32 -25.64
C TRP E 409 -16.51 -4.06 -24.83
N ARG E 410 -16.36 -4.19 -23.51
CA ARG E 410 -17.43 -3.83 -22.59
C ARG E 410 -17.21 -2.39 -22.18
N ILE E 411 -17.84 -1.48 -22.93
CA ILE E 411 -17.64 -0.05 -22.76
C ILE E 411 -18.15 0.43 -21.40
N ASN E 412 -19.31 -0.08 -21.00
CA ASN E 412 -19.80 0.06 -19.63
C ASN E 412 -20.76 -1.07 -19.31
N ASP E 413 -21.42 -0.98 -18.16
CA ASP E 413 -22.27 -2.08 -17.70
C ASP E 413 -23.46 -2.36 -18.61
N GLN E 414 -23.78 -1.41 -19.49
CA GLN E 414 -24.96 -1.55 -20.34
C GLN E 414 -24.63 -1.48 -21.83
N LEU E 415 -23.40 -1.09 -22.15
CA LEU E 415 -23.02 -0.89 -23.55
C LEU E 415 -21.92 -1.86 -23.96
N GLY E 416 -22.15 -2.56 -25.06
CA GLY E 416 -21.19 -3.52 -25.56
C GLY E 416 -20.91 -3.37 -27.03
N LEU E 417 -19.68 -3.71 -27.43
CA LEU E 417 -19.26 -3.63 -28.82
C LEU E 417 -18.43 -4.86 -29.18
N LYS E 418 -18.61 -5.37 -30.39
CA LYS E 418 -17.78 -6.47 -30.86
C LYS E 418 -17.79 -6.55 -32.37
N GLY E 419 -16.77 -7.20 -32.95
CA GLY E 419 -16.71 -7.32 -34.39
C GLY E 419 -15.63 -8.29 -34.87
N GLY E 420 -15.59 -8.54 -36.17
CA GLY E 420 -14.61 -9.44 -36.74
C GLY E 420 -14.37 -9.20 -38.23
N ALA E 421 -13.23 -9.66 -38.73
CA ALA E 421 -12.90 -9.49 -40.14
C ALA E 421 -11.99 -10.62 -40.64
N GLN E 422 -12.04 -10.88 -41.94
CA GLN E 422 -11.29 -11.96 -42.57
C GLN E 422 -10.65 -11.53 -43.88
N TYR E 423 -9.41 -11.96 -44.10
CA TYR E 423 -8.67 -11.64 -45.32
C TYR E 423 -8.09 -12.90 -45.97
N ASP E 424 -8.11 -12.91 -47.31
CA ASP E 424 -7.51 -13.99 -48.09
C ASP E 424 -6.91 -13.44 -49.37
N THR E 425 -5.59 -13.50 -49.49
CA THR E 425 -4.87 -12.99 -50.66
C THR E 425 -5.37 -13.64 -51.95
N ARG E 426 -5.74 -14.92 -51.85
CA ARG E 426 -6.23 -15.66 -53.01
C ARG E 426 -7.60 -15.17 -53.48
N LEU E 427 -8.35 -14.55 -52.57
CA LEU E 427 -9.70 -14.09 -52.88
C LEU E 427 -9.83 -12.57 -52.89
N GLY E 428 -8.70 -11.87 -52.94
CA GLY E 428 -8.72 -10.43 -53.03
C GLY E 428 -8.97 -9.69 -51.73
N SER E 429 -7.96 -9.70 -50.85
CA SER E 429 -8.00 -8.98 -49.58
C SER E 429 -9.20 -9.36 -48.70
N LEU E 430 -9.98 -8.35 -48.31
CA LEU E 430 -11.08 -8.54 -47.39
C LEU E 430 -12.18 -9.41 -48.00
N THR E 431 -12.59 -10.42 -47.25
CA THR E 431 -13.60 -11.36 -47.72
C THR E 431 -14.87 -11.26 -46.89
N LEU E 432 -14.70 -11.22 -45.57
CA LEU E 432 -15.83 -11.12 -44.65
C LEU E 432 -15.55 -10.07 -43.59
N GLY E 433 -16.60 -9.43 -43.11
CA GLY E 433 -16.48 -8.47 -42.04
C GLY E 433 -17.81 -8.24 -41.38
N ASN E 434 -17.80 -7.90 -40.10
CA ASN E 434 -19.04 -7.56 -39.40
C ASN E 434 -18.77 -6.88 -38.07
N ALA E 435 -19.69 -6.03 -37.65
CA ALA E 435 -19.57 -5.35 -36.36
C ALA E 435 -20.93 -5.14 -35.76
N ILE E 436 -21.01 -5.15 -34.44
CA ILE E 436 -22.29 -4.91 -33.77
C ILE E 436 -22.09 -4.22 -32.42
N MET E 437 -22.92 -3.22 -32.18
CA MET E 437 -22.93 -2.48 -30.93
C MET E 437 -24.30 -2.61 -30.30
N GLU E 438 -24.36 -2.86 -28.99
CA GLU E 438 -25.66 -2.97 -28.33
C GLU E 438 -25.67 -2.35 -26.95
N TYR E 439 -26.67 -1.49 -26.74
CA TYR E 439 -26.99 -0.97 -25.43
C TYR E 439 -28.24 -1.66 -24.93
N ARG E 440 -28.28 -1.94 -23.63
CA ARG E 440 -29.47 -2.47 -22.99
C ARG E 440 -29.36 -2.30 -21.48
N LYS E 441 -30.38 -1.74 -20.86
CA LYS E 441 -30.37 -1.54 -19.41
C LYS E 441 -31.10 -2.66 -18.68
N ASP E 442 -32.38 -2.82 -19.00
CA ASP E 442 -33.20 -3.87 -18.43
C ASP E 442 -33.91 -4.66 -19.52
N ALA E 443 -35.24 -4.64 -19.51
CA ALA E 443 -36.01 -5.31 -20.55
C ALA E 443 -37.10 -4.38 -21.05
N ASP E 444 -36.74 -3.11 -21.21
CA ASP E 444 -37.64 -2.10 -21.75
C ASP E 444 -36.86 -1.20 -22.69
N ARG E 445 -35.57 -1.06 -22.39
CA ARG E 445 -34.68 -0.17 -23.13
C ARG E 445 -33.54 -0.91 -23.82
N MET E 446 -33.46 -0.78 -25.14
CA MET E 446 -32.45 -1.49 -25.92
C MET E 446 -32.21 -0.83 -27.27
N ILE E 447 -30.94 -0.66 -27.64
CA ILE E 447 -30.58 -0.16 -28.96
C ILE E 447 -29.49 -1.06 -29.54
N GLN E 448 -29.54 -1.30 -30.85
CA GLN E 448 -28.58 -2.18 -31.49
C GLN E 448 -28.25 -1.74 -32.91
N LEU E 449 -26.97 -1.45 -33.13
CA LEU E 449 -26.45 -1.15 -34.47
C LEU E 449 -25.64 -2.32 -34.95
N ASN E 450 -25.65 -2.57 -36.26
CA ASN E 450 -24.81 -3.63 -36.81
C ASN E 450 -24.53 -3.43 -38.29
N TYR E 451 -23.42 -3.98 -38.75
CA TYR E 451 -23.07 -3.97 -40.17
C TYR E 451 -22.47 -5.30 -40.57
N ARG E 452 -22.87 -5.79 -41.73
CA ARG E 452 -22.36 -7.05 -42.25
C ARG E 452 -21.86 -6.90 -43.68
N TYR E 453 -20.68 -7.44 -43.95
CA TYR E 453 -20.10 -7.41 -45.28
C TYR E 453 -19.56 -8.78 -45.70
N ALA E 454 -19.79 -9.10 -46.97
CA ALA E 454 -19.25 -10.29 -47.60
C ALA E 454 -18.91 -9.98 -49.05
N SER E 455 -17.63 -10.15 -49.40
CA SER E 455 -17.16 -9.92 -50.75
C SER E 455 -17.85 -10.85 -51.76
N PRO E 456 -18.05 -10.36 -52.99
CA PRO E 456 -18.61 -11.19 -54.06
C PRO E 456 -17.77 -12.44 -54.30
N LYS E 457 -16.45 -12.25 -54.36
CA LYS E 457 -15.52 -13.35 -54.62
C LYS E 457 -15.58 -14.43 -53.55
N TYR E 458 -15.80 -14.02 -52.30
CA TYR E 458 -15.90 -14.99 -51.23
C TYR E 458 -17.15 -15.83 -51.37
N ILE E 459 -18.27 -15.21 -51.76
CA ILE E 459 -19.50 -15.96 -51.93
C ILE E 459 -19.41 -16.89 -53.13
N GLN E 460 -18.81 -16.44 -54.23
CA GLN E 460 -18.66 -17.31 -55.38
C GLN E 460 -17.68 -18.45 -55.07
N ALA E 461 -16.79 -18.23 -54.11
CA ALA E 461 -15.82 -19.25 -53.74
C ALA E 461 -16.41 -20.30 -52.78
N ALA E 462 -17.06 -19.83 -51.71
CA ALA E 462 -17.56 -20.70 -50.67
C ALA E 462 -18.78 -21.47 -51.17
N VAL E 463 -19.64 -20.76 -51.88
CA VAL E 463 -20.86 -21.32 -52.49
C VAL E 463 -20.96 -20.87 -53.96
N PRO E 464 -20.50 -21.72 -54.89
CA PRO E 464 -20.40 -21.38 -56.32
C PRO E 464 -21.72 -20.99 -57.03
N LYS E 465 -22.65 -21.93 -57.23
CA LYS E 465 -23.88 -21.63 -57.99
C LYS E 465 -25.01 -20.89 -57.24
N VAL E 466 -24.68 -20.23 -56.13
CA VAL E 466 -25.62 -19.38 -55.41
C VAL E 466 -26.97 -20.04 -55.17
N TYR E 471 -24.01 -12.93 -62.20
CA TYR E 471 -24.26 -11.54 -61.85
C TYR E 471 -23.25 -11.06 -60.82
N GLN E 472 -22.86 -11.96 -59.93
CA GLN E 472 -21.86 -11.69 -58.88
C GLN E 472 -22.15 -10.48 -58.00
N GLN E 473 -22.81 -10.69 -56.88
CA GLN E 473 -22.91 -9.63 -55.90
C GLN E 473 -22.40 -10.12 -54.54
N GLY E 474 -22.58 -9.31 -53.51
CA GLY E 474 -22.15 -9.65 -52.17
C GLY E 474 -23.12 -9.15 -51.12
N ILE E 475 -22.62 -8.98 -49.91
CA ILE E 475 -23.45 -8.46 -48.82
C ILE E 475 -22.82 -7.19 -48.25
N SER E 476 -23.67 -6.17 -48.08
CA SER E 476 -23.28 -4.93 -47.42
C SER E 476 -24.53 -4.37 -46.75
N GLN E 477 -24.78 -4.81 -45.54
CA GLN E 477 -26.06 -4.59 -44.89
C GLN E 477 -25.91 -3.81 -43.58
N VAL E 478 -26.65 -2.71 -43.47
CA VAL E 478 -26.66 -1.91 -42.25
C VAL E 478 -27.96 -2.13 -41.50
N GLY E 479 -27.87 -2.29 -40.18
CA GLY E 479 -29.06 -2.62 -39.41
C GLY E 479 -29.15 -1.86 -38.10
N THR E 480 -30.38 -1.49 -37.76
CA THR E 480 -30.68 -0.87 -36.48
C THR E 480 -31.91 -1.53 -35.89
N THR E 481 -31.90 -1.69 -34.57
CA THR E 481 -33.05 -2.23 -33.86
C THR E 481 -33.17 -1.47 -32.55
N ALA E 482 -34.39 -1.25 -32.09
CA ALA E 482 -34.58 -0.50 -30.86
C ALA E 482 -35.88 -0.86 -30.16
N SER E 483 -35.88 -0.67 -28.84
CA SER E 483 -37.05 -0.83 -28.01
C SER E 483 -36.96 0.18 -26.89
N TRP E 484 -37.86 1.15 -26.90
CA TRP E 484 -37.77 2.25 -25.95
C TRP E 484 -39.16 2.66 -25.46
N PRO E 485 -39.27 2.93 -24.15
CA PRO E 485 -40.53 3.38 -23.55
C PRO E 485 -40.81 4.86 -23.78
N ILE E 486 -42.08 5.17 -24.04
CA ILE E 486 -42.54 6.52 -24.28
C ILE E 486 -43.62 6.80 -23.25
N ALA E 487 -43.69 8.06 -22.78
CA ALA E 487 -44.72 8.46 -21.82
C ALA E 487 -44.61 7.62 -20.55
N ASP E 488 -45.72 7.47 -19.84
CA ASP E 488 -45.71 6.69 -18.61
C ASP E 488 -46.00 5.22 -18.85
N ARG E 489 -46.88 4.93 -19.81
CA ARG E 489 -47.21 3.54 -20.12
C ARG E 489 -47.14 3.15 -21.60
N TRP E 490 -46.36 3.86 -22.40
CA TRP E 490 -46.24 3.48 -23.81
C TRP E 490 -44.87 2.90 -24.12
N ALA E 491 -44.77 2.19 -25.26
CA ALA E 491 -43.51 1.58 -25.68
C ALA E 491 -43.46 1.40 -27.19
N ILE E 492 -42.31 1.71 -27.79
CA ILE E 492 -42.13 1.62 -29.24
C ILE E 492 -40.92 0.75 -29.61
N VAL E 493 -41.06 -0.03 -30.68
CA VAL E 493 -39.96 -0.84 -31.20
C VAL E 493 -39.73 -0.55 -32.68
N GLY E 494 -38.48 -0.73 -33.11
CA GLY E 494 -38.11 -0.49 -34.50
C GLY E 494 -37.01 -1.41 -35.01
N ALA E 495 -36.98 -1.62 -36.32
CA ALA E 495 -35.96 -2.46 -36.94
C ALA E 495 -35.82 -2.15 -38.44
N TYR E 496 -34.66 -1.63 -38.83
CA TYR E 496 -34.39 -1.27 -40.22
C TYR E 496 -33.13 -1.95 -40.72
N TYR E 497 -33.24 -2.67 -41.83
CA TYR E 497 -32.09 -3.29 -42.45
C TYR E 497 -32.00 -2.84 -43.90
N TYR E 498 -30.83 -2.34 -44.29
CA TYR E 498 -30.64 -1.69 -45.58
C TYR E 498 -29.48 -2.30 -46.36
N ASP E 499 -29.74 -2.63 -47.62
CA ASP E 499 -28.67 -3.04 -48.50
C ASP E 499 -28.12 -1.77 -49.13
N THR E 500 -26.84 -1.49 -48.84
CA THR E 500 -26.23 -0.21 -49.18
C THR E 500 -25.74 -0.13 -50.61
N LYS E 501 -25.38 -1.29 -51.17
CA LYS E 501 -24.90 -1.35 -52.54
C LYS E 501 -26.09 -1.29 -53.47
N ALA E 502 -27.18 -1.96 -53.08
CA ALA E 502 -28.42 -1.88 -53.82
C ALA E 502 -29.23 -0.65 -53.41
N LYS E 503 -28.81 0.03 -52.34
CA LYS E 503 -29.49 1.24 -51.89
C LYS E 503 -30.98 1.06 -51.68
N GLN E 504 -31.37 0.04 -50.94
CA GLN E 504 -32.79 -0.18 -50.71
C GLN E 504 -33.04 -0.92 -49.42
N PRO E 505 -34.22 -0.72 -48.82
CA PRO E 505 -34.55 -1.46 -47.61
C PRO E 505 -34.73 -2.94 -47.92
N ALA E 506 -34.09 -3.79 -47.14
CA ALA E 506 -34.28 -5.23 -47.24
C ALA E 506 -35.44 -5.64 -46.34
N SER E 507 -35.51 -5.01 -45.17
CA SER E 507 -36.55 -5.29 -44.20
C SER E 507 -36.78 -4.11 -43.27
N GLN E 508 -38.02 -3.98 -42.81
CA GLN E 508 -38.45 -2.83 -42.01
C GLN E 508 -39.57 -3.24 -41.06
N LEU E 509 -39.51 -2.78 -39.83
CA LEU E 509 -40.49 -3.15 -38.83
C LEU E 509 -40.69 -2.03 -37.82
N VAL E 510 -41.93 -1.59 -37.68
CA VAL E 510 -42.29 -0.54 -36.74
C VAL E 510 -43.39 -1.06 -35.84
N GLY E 511 -43.32 -0.79 -34.55
CA GLY E 511 -44.31 -1.34 -33.64
C GLY E 511 -44.59 -0.48 -32.42
N LEU E 512 -45.86 -0.48 -32.01
CA LEU E 512 -46.26 0.19 -30.79
C LEU E 512 -46.92 -0.80 -29.84
N GLN E 513 -46.69 -0.61 -28.54
CA GLN E 513 -47.36 -1.41 -27.54
C GLN E 513 -47.78 -0.50 -26.39
N TYR E 514 -48.92 -0.82 -25.81
CA TYR E 514 -49.48 -0.05 -24.71
C TYR E 514 -49.84 -0.95 -23.55
N ASN E 515 -49.38 -0.57 -22.36
CA ASN E 515 -49.66 -1.38 -21.18
C ASN E 515 -50.40 -0.51 -20.18
N THR E 516 -51.33 -1.14 -19.48
CA THR E 516 -52.05 -0.51 -18.39
C THR E 516 -52.46 -1.65 -17.49
N CYS E 517 -52.62 -1.39 -16.19
CA CYS E 517 -53.19 -2.36 -15.21
C CYS E 517 -53.75 -3.66 -15.82
N CYS E 518 -54.45 -3.46 -16.94
CA CYS E 518 -55.04 -4.46 -17.82
C CYS E 518 -54.09 -5.51 -18.40
N TRP E 519 -54.60 -6.09 -19.49
CA TRP E 519 -53.83 -6.70 -20.56
C TRP E 519 -54.19 -5.81 -21.75
N ALA E 520 -53.21 -5.28 -22.49
CA ALA E 520 -53.56 -4.35 -23.56
C ALA E 520 -52.81 -4.45 -24.90
N VAL E 521 -53.56 -4.08 -25.93
CA VAL E 521 -53.17 -3.92 -27.34
C VAL E 521 -51.68 -3.96 -27.79
N ASN E 522 -51.44 -4.68 -28.88
CA ASN E 522 -50.15 -4.69 -29.57
C ASN E 522 -50.40 -4.32 -31.04
N LEU E 523 -49.64 -3.38 -31.59
CA LEU E 523 -49.79 -3.00 -33.00
C LEU E 523 -48.48 -3.00 -33.78
N GLY E 524 -48.49 -3.50 -35.02
CA GLY E 524 -47.26 -3.58 -35.80
C GLY E 524 -47.37 -3.47 -37.32
N TYR E 525 -46.34 -2.88 -37.92
CA TYR E 525 -46.21 -2.77 -39.38
C TYR E 525 -44.88 -3.37 -39.83
N GLU E 526 -44.89 -4.04 -40.98
CA GLU E 526 -43.72 -4.78 -41.43
C GLU E 526 -43.63 -4.87 -42.97
N ARG E 527 -42.47 -4.53 -43.52
CA ARG E 527 -42.25 -4.58 -44.96
C ARG E 527 -40.91 -5.25 -45.31
N LYS E 528 -40.98 -6.32 -46.09
CA LYS E 528 -39.79 -7.14 -46.37
C LYS E 528 -39.63 -7.46 -47.84
N ILE E 529 -38.39 -7.68 -48.27
CA ILE E 529 -38.13 -8.23 -49.59
C ILE E 529 -38.55 -9.69 -49.60
N THR E 530 -39.33 -10.09 -50.60
CA THR E 530 -39.86 -11.45 -50.63
C THR E 530 -39.61 -12.16 -51.95
N GLY E 531 -39.20 -11.41 -52.98
CA GLY E 531 -38.87 -12.05 -54.24
C GLY E 531 -38.02 -11.24 -55.19
N TRP E 532 -37.83 -11.80 -56.39
CA TRP E 532 -37.11 -11.10 -57.45
C TRP E 532 -37.83 -11.37 -58.76
N ASN E 533 -38.25 -10.31 -59.42
CA ASN E 533 -38.90 -10.44 -60.71
C ASN E 533 -37.90 -10.27 -61.86
N ALA E 534 -37.92 -11.22 -62.80
CA ALA E 534 -37.00 -11.23 -63.94
C ALA E 534 -37.01 -9.91 -64.71
N GLN E 535 -38.13 -9.18 -64.60
CA GLN E 535 -38.37 -7.82 -65.12
C GLN E 535 -37.22 -6.85 -65.40
N GLY E 536 -37.58 -5.57 -65.47
CA GLY E 536 -36.62 -4.50 -65.56
C GLY E 536 -36.02 -4.41 -64.15
N GLN E 537 -35.31 -5.48 -63.78
CA GLN E 537 -34.72 -5.68 -62.47
C GLN E 537 -35.68 -5.45 -61.31
N THR E 538 -35.20 -4.81 -60.24
CA THR E 538 -35.93 -4.51 -59.00
C THR E 538 -36.40 -5.78 -58.25
N SER E 539 -36.64 -5.61 -56.96
CA SER E 539 -37.07 -6.70 -56.08
C SER E 539 -38.56 -6.65 -55.76
N LYS E 540 -39.13 -7.80 -55.38
CA LYS E 540 -40.52 -7.83 -54.92
C LYS E 540 -40.65 -7.77 -53.41
N TYR E 541 -41.41 -6.77 -52.96
CA TYR E 541 -41.70 -6.56 -51.55
C TYR E 541 -43.09 -7.05 -51.20
N ASP E 542 -43.36 -7.23 -49.92
CA ASP E 542 -44.71 -7.50 -49.44
C ASP E 542 -44.93 -6.76 -48.12
N ASN E 543 -46.16 -6.28 -47.93
CA ASN E 543 -46.48 -5.49 -46.76
C ASN E 543 -47.33 -6.25 -45.77
N LYS E 544 -47.20 -5.92 -44.50
CA LYS E 544 -48.03 -6.52 -43.46
C LYS E 544 -48.34 -5.48 -42.40
N ILE E 545 -49.62 -5.34 -42.08
CA ILE E 545 -50.04 -4.46 -40.99
C ILE E 545 -51.15 -5.14 -40.20
N GLY E 546 -50.85 -5.45 -38.94
CA GLY E 546 -51.79 -6.22 -38.14
C GLY E 546 -51.83 -5.93 -36.66
N PHE E 547 -52.76 -6.61 -36.01
CA PHE E 547 -52.99 -6.51 -34.59
C PHE E 547 -53.22 -7.87 -33.96
N ASN E 548 -52.49 -8.13 -32.89
CA ASN E 548 -52.77 -9.21 -31.97
C ASN E 548 -52.50 -8.69 -30.58
N ILE E 549 -52.73 -9.53 -29.57
CA ILE E 549 -52.51 -9.15 -28.18
C ILE E 549 -51.64 -10.16 -27.45
N THR E 562 -42.65 -6.55 -24.85
CA THR E 562 -41.83 -6.27 -26.02
C THR E 562 -41.45 -7.55 -26.77
N ALA E 563 -40.28 -8.10 -26.46
CA ALA E 563 -39.72 -9.36 -26.99
C ALA E 563 -40.68 -10.34 -27.70
N GLN E 564 -41.53 -9.82 -28.58
CA GLN E 564 -42.54 -10.63 -29.27
C GLN E 564 -42.75 -10.09 -30.67
N MET E 565 -42.58 -8.78 -30.80
CA MET E 565 -42.69 -8.07 -32.06
C MET E 565 -41.33 -7.94 -32.74
N LEU E 566 -40.28 -7.83 -31.94
CA LEU E 566 -38.92 -7.78 -32.45
C LEU E 566 -38.56 -9.11 -33.09
N ASN E 567 -39.12 -10.18 -32.53
CA ASN E 567 -38.92 -11.52 -33.06
C ASN E 567 -40.10 -11.93 -33.95
N SER E 568 -40.16 -11.37 -35.16
CA SER E 568 -41.28 -11.62 -36.06
C SER E 568 -40.90 -11.46 -37.53
N GLY E 569 -39.91 -10.62 -37.82
CA GLY E 569 -39.49 -10.38 -39.19
C GLY E 569 -38.61 -11.47 -39.78
N ILE E 570 -38.14 -11.24 -41.00
CA ILE E 570 -37.19 -12.15 -41.65
C ILE E 570 -35.81 -12.00 -41.04
N LEU E 571 -35.58 -10.86 -40.37
CA LEU E 571 -34.33 -10.63 -39.66
C LEU E 571 -34.64 -10.34 -38.19
N PRO E 572 -35.07 -11.37 -37.45
CA PRO E 572 -35.52 -11.21 -36.06
C PRO E 572 -34.39 -10.78 -35.13
N TYR E 573 -34.75 -10.09 -34.05
CA TYR E 573 -33.79 -9.62 -33.07
C TYR E 573 -33.16 -10.79 -32.31
N GLN E 574 -31.84 -10.89 -32.38
CA GLN E 574 -31.09 -11.84 -31.56
C GLN E 574 -30.14 -11.06 -30.67
N SER E 575 -30.29 -11.24 -29.37
CA SER E 575 -29.50 -10.50 -28.40
C SER E 575 -28.02 -10.84 -28.53
N ALA E 576 -27.22 -9.83 -28.85
CA ALA E 576 -25.78 -9.98 -28.91
C ALA E 576 -25.21 -10.09 -27.51
N PHE E 577 -23.96 -10.54 -27.43
CA PHE E 577 -23.26 -10.71 -26.15
C PHE E 577 -24.02 -11.63 -25.20
N ASN F 8 4.81 -6.56 -13.12
CA ASN F 8 5.96 -6.05 -13.88
C ASN F 8 5.71 -6.14 -15.38
N LEU F 9 6.59 -5.50 -16.15
CA LEU F 9 6.46 -5.43 -17.61
C LEU F 9 6.41 -6.83 -18.25
N ARG F 10 5.20 -7.37 -18.34
CA ARG F 10 4.94 -8.77 -18.70
C ARG F 10 5.70 -9.84 -17.93
N GLY F 11 4.94 -10.76 -17.34
CA GLY F 11 5.54 -11.95 -16.77
C GLY F 11 4.78 -13.18 -17.27
N THR F 12 5.43 -14.33 -17.27
CA THR F 12 4.77 -15.57 -17.68
C THR F 12 4.30 -16.34 -16.45
N THR F 13 3.28 -15.81 -15.78
CA THR F 13 2.68 -16.51 -14.66
C THR F 13 1.26 -16.06 -14.48
N GLN F 14 0.66 -16.45 -13.36
CA GLN F 14 -0.68 -16.02 -12.98
C GLN F 14 -1.78 -16.56 -13.92
N VAL F 15 -3.01 -16.09 -13.67
CA VAL F 15 -4.22 -16.51 -14.37
C VAL F 15 -4.47 -18.03 -14.40
N PRO F 16 -4.38 -18.72 -13.25
CA PRO F 16 -4.75 -20.13 -13.32
C PRO F 16 -6.20 -20.36 -12.90
N THR F 17 -6.42 -21.18 -11.88
CA THR F 17 -7.76 -21.35 -11.33
C THR F 17 -7.76 -21.74 -9.85
N GLU F 18 -8.35 -20.84 -9.08
CA GLU F 18 -8.69 -20.92 -7.65
C GLU F 18 -8.35 -22.25 -6.91
N LEU F 19 -9.37 -23.02 -6.54
CA LEU F 19 -9.22 -24.18 -5.65
C LEU F 19 -8.78 -25.55 -6.19
N GLN F 20 -8.52 -25.67 -7.49
CA GLN F 20 -7.99 -26.92 -8.04
C GLN F 20 -8.97 -28.11 -7.95
N LYS F 21 -9.56 -28.33 -6.78
CA LYS F 21 -10.48 -29.44 -6.55
C LYS F 21 -11.95 -29.02 -6.45
N LEU F 22 -12.75 -29.53 -7.39
CA LEU F 22 -14.19 -29.30 -7.33
C LEU F 22 -15.02 -30.49 -7.81
N LEU F 23 -16.31 -30.43 -7.51
CA LEU F 23 -17.26 -31.40 -8.03
C LEU F 23 -18.02 -30.86 -9.25
N LEU F 24 -18.52 -31.78 -10.07
CA LEU F 24 -19.14 -31.37 -11.33
C LEU F 24 -20.48 -32.06 -11.55
N GLU F 25 -21.55 -31.27 -11.42
CA GLU F 25 -22.89 -31.77 -11.63
C GLU F 25 -23.44 -31.16 -12.92
N SER F 26 -24.27 -31.93 -13.62
CA SER F 26 -24.78 -31.50 -14.92
C SER F 26 -26.14 -32.08 -15.24
N SER F 27 -26.96 -31.30 -15.93
CA SER F 27 -28.25 -31.77 -16.43
C SER F 27 -28.07 -32.91 -17.43
N ASP F 28 -26.93 -32.92 -18.12
CA ASP F 28 -26.64 -33.93 -19.13
C ASP F 28 -25.20 -34.43 -18.96
N PRO F 29 -24.98 -35.31 -17.97
CA PRO F 29 -23.63 -35.75 -17.59
C PRO F 29 -22.86 -36.43 -18.72
N TYR F 30 -23.58 -37.05 -19.66
CA TYR F 30 -22.91 -37.80 -20.73
C TYR F 30 -23.07 -37.10 -22.07
N GLY F 31 -23.60 -35.88 -22.05
CA GLY F 31 -23.76 -35.08 -23.26
C GLY F 31 -22.45 -34.47 -23.68
N PRO F 32 -22.38 -33.99 -24.93
CA PRO F 32 -21.15 -33.42 -25.50
C PRO F 32 -20.64 -32.17 -24.77
N LEU F 33 -21.55 -31.31 -24.33
CA LEU F 33 -21.18 -30.09 -23.63
C LEU F 33 -20.42 -30.43 -22.35
N ALA F 34 -20.95 -31.38 -21.59
CA ALA F 34 -20.31 -31.83 -20.35
C ALA F 34 -18.94 -32.42 -20.63
N ARG F 35 -18.80 -33.07 -21.78
CA ARG F 35 -17.51 -33.62 -22.17
C ARG F 35 -16.50 -32.50 -22.43
N SER F 36 -16.94 -31.47 -23.15
CA SER F 36 -16.08 -30.32 -23.40
C SER F 36 -15.66 -29.66 -22.09
N ILE F 37 -16.62 -29.51 -21.18
CA ILE F 37 -16.36 -28.92 -19.88
C ILE F 37 -15.33 -29.74 -19.09
N ARG F 38 -15.47 -31.07 -19.16
CA ARG F 38 -14.53 -31.97 -18.51
C ARG F 38 -13.12 -31.86 -19.11
N GLN F 39 -13.05 -31.82 -20.43
CA GLN F 39 -11.76 -31.69 -21.12
C GLN F 39 -11.09 -30.39 -20.71
N GLN F 40 -11.87 -29.32 -20.62
CA GLN F 40 -11.33 -28.00 -20.29
C GLN F 40 -10.87 -27.92 -18.83
N LEU F 41 -11.68 -28.46 -17.92
CA LEU F 41 -11.30 -28.52 -16.51
C LEU F 41 -10.03 -29.33 -16.35
N ARG F 42 -9.95 -30.42 -17.11
CA ARG F 42 -8.78 -31.30 -17.07
C ARG F 42 -7.54 -30.60 -17.62
N LEU F 43 -7.76 -29.73 -18.61
CA LEU F 43 -6.67 -28.96 -19.19
C LEU F 43 -6.15 -27.91 -18.22
N ASN F 44 -7.01 -27.50 -17.29
CA ASN F 44 -6.61 -26.52 -16.29
C ASN F 44 -6.26 -27.20 -14.97
N ASN F 45 -5.92 -28.48 -15.06
CA ASN F 45 -5.47 -29.26 -13.92
C ASN F 45 -6.47 -29.23 -12.76
N VAL F 46 -7.74 -29.46 -13.07
CA VAL F 46 -8.79 -29.46 -12.07
C VAL F 46 -9.28 -30.87 -11.75
N THR F 47 -9.12 -31.28 -10.50
CA THR F 47 -9.56 -32.59 -10.05
C THR F 47 -11.07 -32.54 -9.85
N ILE F 48 -11.77 -33.43 -10.54
CA ILE F 48 -13.22 -33.45 -10.54
C ILE F 48 -13.81 -34.45 -9.53
N VAL F 49 -13.11 -35.56 -9.31
CA VAL F 49 -13.53 -36.71 -8.45
C VAL F 49 -14.98 -37.21 -8.75
N ASP F 50 -15.30 -38.41 -8.29
CA ASP F 50 -16.58 -38.98 -8.64
C ASP F 50 -17.56 -39.00 -7.48
N ASP F 51 -17.06 -38.74 -6.27
CA ASP F 51 -17.84 -38.97 -5.05
C ASP F 51 -18.81 -37.83 -4.72
N ALA F 52 -20.08 -38.17 -4.53
CA ALA F 52 -21.09 -37.16 -4.20
C ALA F 52 -21.37 -37.28 -2.71
N MET F 53 -20.43 -36.80 -1.89
CA MET F 53 -20.45 -37.02 -0.45
C MET F 53 -19.32 -36.28 0.24
N ARG F 54 -18.71 -35.35 -0.49
CA ARG F 54 -17.60 -34.54 0.01
C ARG F 54 -18.09 -33.14 0.40
N LYS F 55 -18.02 -32.86 1.70
CA LYS F 55 -18.64 -31.67 2.30
C LYS F 55 -17.86 -30.35 2.25
N ASP F 56 -16.57 -30.39 1.99
CA ASP F 56 -15.78 -29.17 2.07
C ASP F 56 -15.11 -28.77 0.77
N ILE F 57 -15.80 -28.97 -0.35
CA ILE F 57 -15.28 -28.57 -1.64
C ILE F 57 -16.40 -28.02 -2.54
N PRO F 58 -16.12 -26.89 -3.22
CA PRO F 58 -17.04 -26.19 -4.12
C PRO F 58 -17.56 -27.06 -5.26
N THR F 59 -18.77 -26.73 -5.73
CA THR F 59 -19.42 -27.50 -6.77
C THR F 59 -19.74 -26.64 -8.00
N LEU F 60 -19.65 -27.23 -9.17
CA LEU F 60 -20.05 -26.55 -10.40
C LEU F 60 -21.25 -27.26 -11.00
N ARG F 61 -22.39 -26.57 -11.02
CA ARG F 61 -23.63 -27.15 -11.51
C ARG F 61 -24.05 -26.52 -12.84
N ILE F 62 -24.12 -27.34 -13.88
CA ILE F 62 -24.61 -26.86 -15.17
C ILE F 62 -26.12 -27.07 -15.27
N ILE F 63 -26.85 -25.97 -15.26
CA ILE F 63 -28.30 -25.99 -15.27
C ILE F 63 -28.86 -26.52 -16.58
N GLY F 64 -28.41 -25.94 -17.69
CA GLY F 64 -28.87 -26.36 -19.00
C GLY F 64 -28.23 -25.57 -20.11
N SER F 65 -28.65 -25.86 -21.34
CA SER F 65 -28.13 -25.17 -22.52
C SER F 65 -29.18 -25.13 -23.61
N SER F 66 -29.13 -24.09 -24.44
CA SER F 66 -30.08 -23.97 -25.55
C SER F 66 -29.37 -23.51 -26.82
N GLU F 67 -29.86 -23.98 -27.95
CA GLU F 67 -29.29 -23.63 -29.24
C GLU F 67 -30.30 -22.88 -30.10
N SER F 68 -29.81 -22.01 -30.97
CA SER F 68 -30.68 -21.17 -31.79
C SER F 68 -30.13 -20.99 -33.20
N GLN F 69 -31.00 -20.66 -34.13
CA GLN F 69 -30.59 -20.36 -35.50
C GLN F 69 -31.56 -19.43 -36.22
N GLU F 70 -31.05 -18.25 -36.60
CA GLU F 70 -31.83 -17.28 -37.36
C GLU F 70 -31.04 -16.70 -38.52
N THR F 71 -31.75 -16.09 -39.46
CA THR F 71 -31.13 -15.41 -40.59
C THR F 71 -30.71 -14.00 -40.18
N VAL F 72 -29.48 -13.62 -40.53
CA VAL F 72 -28.97 -12.31 -40.16
C VAL F 72 -28.66 -11.44 -41.37
N SER F 73 -28.79 -12.00 -42.56
CA SER F 73 -28.66 -11.24 -43.80
C SER F 73 -29.29 -11.98 -44.97
N ILE F 74 -29.77 -11.22 -45.95
CA ILE F 74 -30.42 -11.78 -47.13
C ILE F 74 -29.85 -11.20 -48.43
N PHE F 75 -30.17 -11.83 -49.54
CA PHE F 75 -29.83 -11.31 -50.85
C PHE F 75 -30.98 -10.45 -51.41
N ARG F 76 -30.82 -9.97 -52.64
CA ARG F 76 -31.81 -9.10 -53.27
C ARG F 76 -33.09 -9.84 -53.64
N ASN F 77 -32.98 -11.16 -53.80
CA ASN F 77 -34.12 -11.98 -54.18
C ASN F 77 -34.92 -12.47 -52.98
N GLY F 78 -34.47 -12.09 -51.78
CA GLY F 78 -35.22 -12.41 -50.58
C GLY F 78 -34.77 -13.67 -49.85
N VAL F 79 -33.96 -14.48 -50.51
CA VAL F 79 -33.48 -15.73 -49.91
C VAL F 79 -32.45 -15.43 -48.84
N ALA F 80 -32.32 -16.32 -47.86
CA ALA F 80 -31.37 -16.14 -46.77
C ALA F 80 -29.94 -16.19 -47.28
N ALA F 81 -29.09 -15.32 -46.74
CA ALA F 81 -27.68 -15.31 -47.09
C ALA F 81 -26.84 -15.92 -45.98
N GLU F 82 -26.80 -15.24 -44.83
CA GLU F 82 -26.06 -15.74 -43.69
C GLU F 82 -26.99 -16.14 -42.55
N ASN F 83 -26.67 -17.27 -41.92
CA ASN F 83 -27.36 -17.73 -40.73
C ASN F 83 -26.44 -17.69 -39.52
N GLN F 84 -27.03 -17.48 -38.36
CA GLN F 84 -26.26 -17.38 -37.12
C GLN F 84 -26.70 -18.43 -36.12
N LEU F 85 -25.74 -19.23 -35.66
CA LEU F 85 -25.96 -20.19 -34.60
C LEU F 85 -25.59 -19.59 -33.25
N VAL F 86 -26.44 -19.82 -32.26
CA VAL F 86 -26.23 -19.26 -30.92
C VAL F 86 -26.31 -20.37 -29.88
N LEU F 87 -25.37 -20.36 -28.94
CA LEU F 87 -25.40 -21.30 -27.81
C LEU F 87 -25.47 -20.55 -26.48
N HIS F 88 -26.51 -20.83 -25.71
CA HIS F 88 -26.65 -20.27 -24.37
C HIS F 88 -26.39 -21.35 -23.33
N VAL F 89 -25.59 -21.02 -22.33
CA VAL F 89 -25.29 -21.95 -21.23
C VAL F 89 -25.47 -21.28 -19.88
N GLN F 90 -26.30 -21.87 -19.03
CA GLN F 90 -26.51 -21.36 -17.68
C GLN F 90 -25.87 -22.29 -16.65
N ALA F 91 -24.98 -21.73 -15.84
CA ALA F 91 -24.28 -22.51 -14.82
C ALA F 91 -24.33 -21.84 -13.46
N GLN F 92 -23.80 -22.54 -12.45
CA GLN F 92 -23.78 -22.04 -11.08
C GLN F 92 -22.55 -22.57 -10.34
N VAL F 93 -21.91 -21.69 -9.57
CA VAL F 93 -20.82 -22.11 -8.70
C VAL F 93 -21.28 -22.02 -7.25
N LEU F 94 -21.28 -23.17 -6.58
CA LEU F 94 -21.72 -23.26 -5.20
C LEU F 94 -20.53 -23.46 -4.27
N ILE F 95 -20.19 -22.43 -3.51
CA ILE F 95 -19.17 -22.57 -2.48
C ILE F 95 -19.83 -22.60 -1.12
N PRO F 96 -19.57 -23.66 -0.34
CA PRO F 96 -20.24 -23.90 0.95
C PRO F 96 -20.01 -22.81 2.00
N GLY F 97 -18.95 -22.02 1.87
CA GLY F 97 -18.70 -20.95 2.82
C GLY F 97 -19.78 -19.89 2.80
N HIS F 98 -20.24 -19.57 1.60
CA HIS F 98 -21.23 -18.51 1.41
C HIS F 98 -22.33 -18.91 0.42
N ASP F 99 -22.92 -17.93 -0.25
CA ASP F 99 -24.03 -18.20 -1.15
C ASP F 99 -23.58 -18.49 -2.60
N ILE F 100 -24.56 -18.70 -3.46
CA ILE F 100 -24.35 -19.20 -4.82
C ILE F 100 -24.04 -18.11 -5.86
N TYR F 101 -23.06 -18.38 -6.72
CA TYR F 101 -22.66 -17.44 -7.78
C TYR F 101 -23.05 -17.93 -9.17
N PRO F 102 -24.04 -17.26 -9.79
CA PRO F 102 -24.56 -17.67 -11.11
C PRO F 102 -23.65 -17.29 -12.28
N LEU F 103 -23.61 -18.16 -13.29
CA LEU F 103 -22.82 -17.94 -14.49
C LEU F 103 -23.66 -18.09 -15.75
N GLN F 104 -23.27 -17.36 -16.79
CA GLN F 104 -23.93 -17.43 -18.09
C GLN F 104 -22.92 -17.25 -19.22
N VAL F 105 -23.06 -18.04 -20.29
CA VAL F 105 -22.15 -17.97 -21.42
C VAL F 105 -22.93 -17.98 -22.73
N ASN F 106 -22.59 -17.06 -23.63
CA ASN F 106 -23.23 -17.01 -24.93
C ASN F 106 -22.20 -17.05 -26.05
N VAL F 107 -22.36 -17.99 -26.97
CA VAL F 107 -21.39 -18.18 -28.06
C VAL F 107 -22.07 -18.10 -29.42
N PHE F 108 -21.40 -17.49 -30.39
CA PHE F 108 -22.00 -17.21 -31.69
C PHE F 108 -21.17 -17.70 -32.86
N ARG F 109 -21.83 -18.21 -33.90
CA ARG F 109 -21.16 -18.52 -35.15
C ARG F 109 -22.02 -18.10 -36.34
N THR F 110 -21.39 -17.88 -37.49
CA THR F 110 -22.12 -17.47 -38.68
C THR F 110 -21.67 -18.27 -39.89
N PHE F 111 -22.61 -18.70 -40.72
CA PHE F 111 -22.27 -19.39 -41.97
C PHE F 111 -23.28 -19.10 -43.07
N PHE F 112 -22.81 -19.14 -44.31
CA PHE F 112 -23.70 -18.94 -45.46
C PHE F 112 -24.58 -20.15 -45.69
N ASP F 113 -25.80 -19.92 -46.17
CA ASP F 113 -26.72 -21.00 -46.45
C ASP F 113 -26.62 -21.38 -47.92
N ASN F 114 -26.96 -22.63 -48.22
CA ASN F 114 -26.97 -23.10 -49.60
C ASN F 114 -27.95 -24.25 -49.78
N PRO F 115 -29.14 -23.95 -50.33
CA PRO F 115 -30.19 -24.94 -50.54
C PRO F 115 -29.81 -26.05 -51.53
N LEU F 116 -28.77 -25.83 -52.33
CA LEU F 116 -28.36 -26.83 -53.32
C LEU F 116 -27.36 -27.83 -52.73
N THR F 117 -26.91 -27.59 -51.51
CA THR F 117 -26.00 -28.50 -50.81
C THR F 117 -26.41 -28.67 -49.35
N ALA F 118 -27.72 -28.74 -49.12
CA ALA F 118 -28.30 -28.76 -47.77
C ALA F 118 -27.56 -29.71 -46.84
N LEU F 119 -27.42 -30.96 -47.27
CA LEU F 119 -26.76 -31.99 -46.47
C LEU F 119 -25.39 -31.52 -45.99
N ALA F 120 -24.58 -31.04 -46.93
CA ALA F 120 -23.25 -30.53 -46.61
C ALA F 120 -23.34 -29.48 -45.51
N LYS F 121 -24.29 -28.56 -45.66
CA LYS F 121 -24.46 -27.48 -44.69
C LYS F 121 -24.73 -28.06 -43.31
N GLU F 122 -25.57 -29.09 -43.26
CA GLU F 122 -25.87 -29.75 -42.00
C GLU F 122 -24.58 -30.19 -41.33
N ALA F 123 -23.72 -30.83 -42.10
CA ALA F 123 -22.43 -31.27 -41.59
C ALA F 123 -21.73 -30.10 -40.95
N GLU F 124 -21.60 -29.01 -41.71
CA GLU F 124 -20.94 -27.81 -41.25
C GLU F 124 -21.54 -27.37 -39.93
N ALA F 125 -22.88 -27.33 -39.89
CA ALA F 125 -23.58 -26.89 -38.70
C ALA F 125 -23.07 -27.68 -37.49
N GLU F 126 -23.04 -29.01 -37.60
CA GLU F 126 -22.58 -29.83 -36.48
C GLU F 126 -21.22 -29.42 -36.02
N VAL F 127 -20.29 -29.31 -36.97
CA VAL F 127 -18.93 -28.93 -36.64
C VAL F 127 -18.98 -27.66 -35.81
N LEU F 128 -19.67 -26.66 -36.35
CA LEU F 128 -19.73 -25.36 -35.69
C LEU F 128 -20.21 -25.52 -34.25
N ARG F 129 -21.30 -26.26 -34.08
CA ARG F 129 -21.88 -26.37 -32.76
C ARG F 129 -20.89 -27.00 -31.81
N GLN F 130 -20.19 -28.04 -32.27
CA GLN F 130 -19.18 -28.67 -31.45
C GLN F 130 -18.22 -27.60 -30.96
N GLU F 131 -17.67 -26.85 -31.91
CA GLU F 131 -16.72 -25.80 -31.58
C GLU F 131 -17.31 -24.85 -30.55
N MET F 132 -18.57 -24.47 -30.78
CA MET F 132 -19.23 -23.52 -29.90
C MET F 132 -19.24 -24.06 -28.49
N ARG F 133 -19.61 -25.34 -28.35
CA ARG F 133 -19.62 -25.97 -27.05
C ARG F 133 -18.25 -25.86 -26.41
N GLU F 134 -17.23 -26.22 -27.18
CA GLU F 134 -15.86 -26.15 -26.69
C GLU F 134 -15.59 -24.72 -26.22
N GLN F 135 -15.91 -23.75 -27.06
CA GLN F 135 -15.65 -22.36 -26.74
C GLN F 135 -16.35 -22.00 -25.44
N ALA F 136 -17.60 -22.44 -25.31
CA ALA F 136 -18.38 -22.16 -24.11
C ALA F 136 -17.59 -22.61 -22.90
N ALA F 137 -17.14 -23.85 -22.95
CA ALA F 137 -16.39 -24.44 -21.85
C ALA F 137 -15.24 -23.53 -21.45
N GLN F 138 -14.47 -23.10 -22.45
CA GLN F 138 -13.33 -22.23 -22.20
C GLN F 138 -13.76 -21.04 -21.37
N GLN F 139 -14.76 -20.32 -21.86
CA GLN F 139 -15.21 -19.11 -21.22
C GLN F 139 -15.64 -19.43 -19.79
N LEU F 140 -16.34 -20.54 -19.64
CA LEU F 140 -16.85 -20.95 -18.35
C LEU F 140 -15.69 -21.04 -17.37
N VAL F 141 -14.63 -21.73 -17.77
CA VAL F 141 -13.47 -21.90 -16.91
C VAL F 141 -12.91 -20.52 -16.54
N ARG F 142 -12.81 -19.64 -17.52
CA ARG F 142 -12.24 -18.33 -17.26
C ARG F 142 -13.11 -17.58 -16.26
N GLN F 143 -14.43 -17.75 -16.36
CA GLN F 143 -15.32 -17.00 -15.49
C GLN F 143 -15.17 -17.47 -14.05
N LEU F 144 -14.61 -18.66 -13.86
CA LEU F 144 -14.36 -19.14 -12.50
C LEU F 144 -13.42 -18.22 -11.76
N LEU F 145 -12.50 -17.59 -12.49
CA LEU F 145 -11.59 -16.62 -11.87
C LEU F 145 -12.41 -15.49 -11.24
N THR F 146 -13.46 -15.06 -11.94
CA THR F 146 -14.34 -13.99 -11.45
C THR F 146 -14.99 -14.41 -10.12
N VAL F 147 -15.16 -15.72 -9.91
CA VAL F 147 -15.75 -16.21 -8.68
C VAL F 147 -14.84 -15.85 -7.51
N HIS F 148 -13.54 -15.76 -7.77
CA HIS F 148 -12.59 -15.41 -6.72
C HIS F 148 -12.79 -13.90 -6.47
N ALA F 149 -13.02 -13.13 -7.54
CA ALA F 149 -13.42 -11.72 -7.37
C ALA F 149 -14.69 -11.58 -6.51
N ALA F 150 -15.37 -12.70 -6.22
CA ALA F 150 -16.59 -12.69 -5.42
C ALA F 150 -16.32 -12.93 -3.93
N GLU F 151 -15.05 -13.21 -3.62
CA GLU F 151 -14.58 -13.34 -2.24
C GLU F 151 -14.61 -11.96 -1.60
N VAL F 152 -14.28 -10.94 -2.40
CA VAL F 152 -14.13 -9.59 -1.90
C VAL F 152 -15.43 -9.10 -1.28
N SER G 22 15.36 53.35 -54.97
CA SER G 22 15.44 53.40 -53.51
C SER G 22 14.96 54.73 -52.97
N GLY G 23 14.42 55.58 -53.84
CA GLY G 23 14.07 56.95 -53.48
C GLY G 23 13.13 57.21 -52.31
N PHE G 24 12.39 58.30 -52.38
CA PHE G 24 11.44 58.60 -51.32
C PHE G 24 10.03 58.18 -51.72
N LEU G 25 9.18 58.00 -50.72
CA LEU G 25 7.78 57.75 -50.99
C LEU G 25 7.05 58.97 -50.48
N ILE G 26 5.87 59.20 -51.04
CA ILE G 26 5.10 60.38 -50.76
C ILE G 26 4.74 60.37 -49.27
N PRO G 27 5.06 61.45 -48.54
CA PRO G 27 4.80 61.53 -47.10
C PRO G 27 3.32 61.52 -46.78
N ASN G 28 2.97 61.35 -45.51
CA ASN G 28 1.55 61.44 -45.13
C ASN G 28 1.44 62.05 -43.75
N ALA G 29 0.24 62.45 -43.35
CA ALA G 29 0.10 63.14 -42.08
C ALA G 29 -1.21 62.80 -41.40
N LYS G 30 -1.34 63.20 -40.14
CA LYS G 30 -2.59 63.01 -39.42
C LYS G 30 -2.63 63.87 -38.16
N PHE G 31 -3.77 63.87 -37.49
CA PHE G 31 -3.95 64.60 -36.25
C PHE G 31 -4.69 63.74 -35.25
N THR G 32 -4.05 63.47 -34.12
CA THR G 32 -4.59 62.56 -33.12
C THR G 32 -4.86 63.29 -31.82
N SER G 33 -5.85 62.81 -31.07
CA SER G 33 -6.26 63.41 -29.82
C SER G 33 -5.28 63.14 -28.68
N ASN G 34 -4.32 62.23 -28.90
CA ASN G 34 -3.37 61.87 -27.86
C ASN G 34 -1.93 62.27 -28.18
N ASN G 35 -1.60 62.39 -29.46
CA ASN G 35 -0.25 62.79 -29.85
C ASN G 35 -0.21 64.10 -30.63
N GLY G 36 -1.37 64.69 -30.87
CA GLY G 36 -1.44 65.93 -31.61
C GLY G 36 -1.11 65.71 -33.08
N PHE G 37 -0.38 66.64 -33.68
CA PHE G 37 -0.04 66.52 -35.09
C PHE G 37 1.01 65.44 -35.32
N GLU G 38 0.81 64.63 -36.36
CA GLU G 38 1.72 63.55 -36.69
C GLU G 38 2.13 63.60 -38.17
N PHE G 39 3.40 63.30 -38.43
CA PHE G 39 3.98 63.41 -39.77
C PHE G 39 4.81 62.17 -40.12
N LEU G 40 4.46 61.50 -41.22
CA LEU G 40 5.11 60.27 -41.68
C LEU G 40 5.96 60.53 -42.93
N LEU G 41 7.25 60.17 -42.86
CA LEU G 41 8.18 60.42 -43.96
C LEU G 41 9.02 59.19 -44.36
N PRO G 42 8.51 58.33 -45.25
CA PRO G 42 9.18 57.07 -45.62
C PRO G 42 10.27 57.15 -46.71
N TYR G 43 11.27 56.28 -46.59
CA TYR G 43 12.32 56.05 -47.57
C TYR G 43 12.30 54.55 -47.82
N TYR G 44 12.26 54.11 -49.07
CA TYR G 44 12.19 52.68 -49.30
C TYR G 44 13.50 52.19 -49.87
N TRP G 45 14.07 51.22 -49.19
CA TRP G 45 15.39 50.72 -49.49
C TRP G 45 15.21 49.44 -50.26
N ASN G 46 15.97 49.26 -51.33
CA ASN G 46 15.84 48.09 -52.16
C ASN G 46 17.19 47.40 -52.24
N ILE G 47 17.45 46.51 -51.28
CA ILE G 47 18.75 45.86 -51.20
C ILE G 47 18.86 44.70 -52.18
N ALA G 48 17.81 43.90 -52.32
CA ALA G 48 17.88 42.73 -53.20
C ALA G 48 16.51 42.31 -53.73
N PRO G 49 16.48 41.44 -54.76
CA PRO G 49 15.20 40.90 -55.20
C PRO G 49 14.48 40.12 -54.10
N ASN G 50 15.23 39.61 -53.13
CA ASN G 50 14.64 38.85 -52.04
C ASN G 50 14.95 39.50 -50.69
N PHE G 51 15.32 40.77 -50.73
CA PHE G 51 15.55 41.56 -49.53
C PHE G 51 14.99 42.96 -49.76
N ASP G 52 14.21 43.43 -48.80
CA ASP G 52 13.56 44.73 -48.93
C ASP G 52 13.59 45.49 -47.61
N ALA G 53 13.61 46.81 -47.67
CA ALA G 53 13.57 47.60 -46.45
C ALA G 53 12.74 48.88 -46.62
N THR G 54 12.24 49.39 -45.49
CA THR G 54 11.49 50.62 -45.45
C THR G 54 11.84 51.35 -44.15
N ILE G 55 12.26 52.60 -44.27
CA ILE G 55 12.70 53.36 -43.11
C ILE G 55 11.86 54.63 -42.99
N THR G 56 11.26 54.87 -41.83
CA THR G 56 10.27 55.94 -41.74
C THR G 56 10.35 56.76 -40.46
N PRO G 57 10.93 57.97 -40.55
CA PRO G 57 10.76 58.92 -39.44
C PRO G 57 9.31 59.36 -39.32
N HIS G 58 8.83 59.35 -38.08
CA HIS G 58 7.45 59.62 -37.73
C HIS G 58 7.39 60.63 -36.58
N TYR G 59 7.18 61.90 -36.94
CA TYR G 59 7.12 62.96 -35.94
C TYR G 59 5.75 63.00 -35.26
N MET G 60 5.78 63.21 -33.95
CA MET G 60 4.57 63.35 -33.14
C MET G 60 4.70 64.57 -32.24
N GLU G 61 3.82 65.55 -32.48
CA GLU G 61 3.84 66.85 -31.83
C GLU G 61 4.14 66.82 -30.33
N ARG G 62 3.36 66.04 -29.58
CA ARG G 62 3.47 66.05 -28.13
C ARG G 62 4.43 65.01 -27.59
N ARG G 63 4.84 64.08 -28.44
CA ARG G 63 5.60 62.92 -27.96
C ARG G 63 7.07 62.93 -28.36
N GLY G 64 7.36 63.08 -29.65
CA GLY G 64 8.75 63.09 -30.09
C GLY G 64 8.93 62.57 -31.50
N LEU G 65 10.16 62.22 -31.85
CA LEU G 65 10.47 61.70 -33.19
C LEU G 65 10.69 60.19 -33.16
N GLN G 66 9.80 59.44 -33.81
CA GLN G 66 9.90 57.99 -33.85
C GLN G 66 10.58 57.54 -35.14
N TRP G 67 11.20 56.36 -35.10
CA TRP G 67 11.80 55.76 -36.28
C TRP G 67 11.24 54.36 -36.52
N GLN G 68 10.71 54.12 -37.71
CA GLN G 68 10.15 52.81 -38.01
C GLN G 68 10.93 52.06 -39.09
N ASN G 69 11.50 50.92 -38.70
CA ASN G 69 12.25 50.12 -39.64
C ASN G 69 11.48 48.85 -39.95
N GLU G 70 11.29 48.57 -41.24
CA GLU G 70 10.61 47.34 -41.64
C GLU G 70 11.41 46.63 -42.73
N PHE G 71 11.69 45.35 -42.50
CA PHE G 71 12.56 44.59 -43.39
C PHE G 71 11.84 43.33 -43.86
N ARG G 72 11.54 43.29 -45.16
CA ARG G 72 10.78 42.18 -45.74
C ARG G 72 11.71 41.25 -46.51
N TYR G 73 11.57 39.94 -46.31
CA TYR G 73 12.44 39.02 -47.04
C TYR G 73 11.73 37.79 -47.58
N LEU G 74 12.34 37.16 -48.56
CA LEU G 74 11.86 35.90 -49.12
C LEU G 74 13.04 34.96 -49.34
N LEU G 75 13.12 33.90 -48.54
CA LEU G 75 14.22 32.95 -48.63
C LEU G 75 13.73 31.51 -48.73
N ALA G 76 14.66 30.59 -48.94
CA ALA G 76 14.34 29.16 -49.02
C ALA G 76 13.69 28.61 -47.74
N PRO G 77 14.19 29.01 -46.54
CA PRO G 77 13.45 28.58 -45.35
C PRO G 77 12.08 29.25 -45.19
N GLY G 78 11.76 30.21 -46.04
CA GLY G 78 10.44 30.82 -46.03
C GLY G 78 10.46 32.33 -46.22
N SER G 79 9.28 32.94 -46.28
CA SER G 79 9.18 34.39 -46.38
C SER G 79 8.87 34.99 -45.02
N GLY G 80 9.30 36.23 -44.80
CA GLY G 80 9.13 36.85 -43.50
C GLY G 80 9.21 38.36 -43.48
N THR G 81 8.90 38.92 -42.31
CA THR G 81 8.94 40.35 -42.10
C THR G 81 9.41 40.66 -40.69
N MET G 82 10.47 41.46 -40.58
CA MET G 82 10.94 41.94 -39.29
C MET G 82 10.65 43.42 -39.18
N ALA G 83 10.58 43.93 -37.96
CA ALA G 83 10.24 45.32 -37.75
C ALA G 83 10.73 45.83 -36.41
N LEU G 84 11.30 47.03 -36.41
CA LEU G 84 11.79 47.67 -35.21
C LEU G 84 11.38 49.14 -35.16
N ASP G 85 10.56 49.48 -34.19
CA ASP G 85 10.16 50.86 -33.96
C ASP G 85 10.90 51.41 -32.75
N TRP G 86 11.42 52.63 -32.88
CA TRP G 86 12.29 53.22 -31.86
C TRP G 86 12.02 54.72 -31.67
N LEU G 87 11.55 55.07 -30.48
CA LEU G 87 11.27 56.46 -30.11
C LEU G 87 12.12 56.83 -28.89
N PRO G 88 13.20 57.60 -29.12
CA PRO G 88 14.26 57.90 -28.15
C PRO G 88 13.86 58.65 -26.88
N ASN G 89 13.33 59.86 -26.99
CA ASN G 89 13.14 60.70 -25.80
C ASN G 89 11.69 61.13 -25.49
N ASP G 90 10.76 60.19 -25.59
CA ASP G 90 9.34 60.40 -25.28
C ASP G 90 9.13 61.40 -24.15
N ARG G 91 8.41 62.49 -24.43
CA ARG G 91 8.26 63.58 -23.46
C ARG G 91 6.98 63.49 -22.64
N ILE G 92 6.23 62.41 -22.79
CA ILE G 92 4.98 62.27 -22.05
C ILE G 92 5.03 61.08 -21.10
N TYR G 93 5.79 60.05 -21.48
CA TYR G 93 5.68 58.76 -20.82
C TYR G 93 6.84 58.67 -19.82
N THR G 94 6.58 58.15 -18.63
CA THR G 94 7.63 58.11 -17.61
C THR G 94 7.89 56.71 -17.06
N GLY G 95 7.30 55.71 -17.70
CA GLY G 95 7.45 54.33 -17.26
C GLY G 95 6.10 53.77 -16.89
N PRO G 96 6.00 52.45 -16.71
CA PRO G 96 4.75 51.90 -16.16
C PRO G 96 4.45 52.44 -14.77
N ASP G 97 5.44 52.30 -13.89
CA ASP G 97 5.38 52.83 -12.53
C ASP G 97 5.73 54.32 -12.48
N GLY G 98 6.55 54.78 -13.42
CA GLY G 98 6.95 56.17 -13.46
C GLY G 98 8.33 56.45 -12.88
N THR G 99 9.37 55.90 -13.50
CA THR G 99 10.74 56.06 -13.02
C THR G 99 11.70 56.34 -14.15
N ASP G 100 11.16 56.47 -15.36
CA ASP G 100 11.96 56.67 -16.55
C ASP G 100 11.48 57.92 -17.28
N LYS G 101 11.97 59.10 -16.85
CA LYS G 101 11.40 60.38 -17.30
C LYS G 101 11.28 60.46 -18.82
N ASN G 102 12.40 60.61 -19.51
CA ASN G 102 12.39 60.61 -20.96
C ASN G 102 12.77 59.21 -21.39
N ALA G 103 11.74 58.38 -21.55
CA ALA G 103 11.91 56.96 -21.76
C ALA G 103 12.00 56.64 -23.24
N THR G 104 12.58 55.48 -23.54
CA THR G 104 12.65 55.00 -24.90
C THR G 104 11.51 54.02 -25.15
N ARG G 105 10.66 54.36 -26.11
CA ARG G 105 9.62 53.44 -26.55
C ARG G 105 10.15 52.58 -27.68
N TRP G 106 9.94 51.27 -27.62
CA TRP G 106 10.39 50.44 -28.72
C TRP G 106 9.51 49.22 -28.94
N LEU G 107 9.48 48.76 -30.19
CA LEU G 107 8.74 47.57 -30.56
C LEU G 107 9.56 46.69 -31.49
N TYR G 108 9.60 45.39 -31.21
CA TYR G 108 10.25 44.46 -32.11
C TYR G 108 9.27 43.38 -32.55
N TYR G 109 9.25 43.13 -33.85
CA TYR G 109 8.33 42.17 -34.45
C TYR G 109 9.07 41.26 -35.43
N TRP G 110 8.72 39.98 -35.41
CA TRP G 110 9.26 39.04 -36.38
C TRP G 110 8.15 38.06 -36.78
N GLY G 111 7.84 38.03 -38.08
CA GLY G 111 6.89 37.07 -38.61
C GLY G 111 7.58 36.24 -39.66
N HIS G 112 7.38 34.93 -39.63
CA HIS G 112 7.97 34.06 -40.62
C HIS G 112 7.06 32.90 -40.97
N SER G 113 7.07 32.50 -42.22
CA SER G 113 6.30 31.34 -42.65
C SER G 113 6.98 30.69 -43.83
N GLY G 114 7.16 29.38 -43.76
CA GLY G 114 7.75 28.67 -44.87
C GLY G 114 7.82 27.16 -44.74
N VAL G 115 7.79 26.49 -45.88
CA VAL G 115 7.96 25.06 -45.96
C VAL G 115 9.15 24.73 -46.85
N MET G 116 10.28 24.42 -46.22
CA MET G 116 11.51 24.12 -46.93
C MET G 116 11.60 22.64 -47.28
N ASP G 117 11.86 22.35 -48.55
CA ASP G 117 12.02 20.99 -49.05
C ASP G 117 10.81 20.10 -48.76
N GLN G 118 9.64 20.72 -48.77
CA GLN G 118 8.35 20.02 -48.58
C GLN G 118 8.16 19.37 -47.20
N VAL G 119 9.24 19.15 -46.46
CA VAL G 119 9.14 18.43 -45.19
C VAL G 119 9.53 19.26 -43.97
N TRP G 120 10.22 20.36 -44.18
CA TRP G 120 10.59 21.23 -43.07
C TRP G 120 9.62 22.39 -42.96
N ARG G 121 9.22 22.71 -41.73
CA ARG G 121 8.17 23.68 -41.50
C ARG G 121 8.57 24.71 -40.46
N PHE G 122 8.60 25.97 -40.87
CA PHE G 122 8.99 27.05 -39.96
C PHE G 122 7.93 28.12 -39.91
N ASN G 123 7.58 28.51 -38.67
CA ASN G 123 6.56 29.52 -38.43
C ASN G 123 6.93 30.38 -37.22
N ILE G 124 6.97 31.69 -37.41
CA ILE G 124 7.29 32.63 -36.35
C ILE G 124 6.23 33.72 -36.23
N ASN G 125 5.78 33.95 -35.00
CA ASN G 125 4.90 35.05 -34.69
C ASN G 125 5.34 35.71 -33.39
N TYR G 126 6.33 36.59 -33.48
CA TYR G 126 6.95 37.18 -32.30
C TYR G 126 6.72 38.68 -32.23
N THR G 127 6.24 39.15 -31.09
CA THR G 127 6.05 40.58 -30.86
C THR G 127 6.43 40.92 -29.42
N ARG G 128 7.28 41.94 -29.26
CA ARG G 128 7.66 42.40 -27.93
C ARG G 128 7.71 43.92 -27.87
N VAL G 129 7.17 44.49 -26.81
CA VAL G 129 7.16 45.94 -26.64
C VAL G 129 7.88 46.37 -25.37
N SER G 130 8.22 47.65 -25.31
CA SER G 130 9.01 48.21 -24.21
C SER G 130 8.22 48.39 -22.92
N ASP G 131 6.91 48.50 -23.04
CA ASP G 131 6.07 48.81 -21.89
C ASP G 131 4.59 48.47 -22.15
N PRO G 132 3.80 48.32 -21.06
CA PRO G 132 2.37 47.97 -21.19
C PRO G 132 1.54 48.98 -21.99
N ALA G 133 1.92 50.24 -21.98
CA ALA G 133 1.09 51.30 -22.56
C ALA G 133 1.47 51.63 -24.00
N TYR G 134 2.21 50.74 -24.65
CA TYR G 134 2.71 51.01 -25.99
C TYR G 134 1.59 51.24 -27.00
N PHE G 135 0.75 50.23 -27.22
CA PHE G 135 -0.28 50.33 -28.24
C PHE G 135 -1.36 51.34 -27.88
N THR G 136 -1.41 51.73 -26.60
CA THR G 136 -2.31 52.77 -26.18
C THR G 136 -1.84 54.11 -26.73
N ASP G 137 -0.53 54.30 -26.75
CA ASP G 137 0.05 55.59 -27.10
C ASP G 137 0.59 55.67 -28.54
N LEU G 138 1.11 54.56 -29.05
CA LEU G 138 1.74 54.57 -30.37
C LEU G 138 0.99 53.68 -31.35
N THR G 139 0.96 54.10 -32.61
CA THR G 139 0.25 53.39 -33.65
C THR G 139 1.19 52.44 -34.38
N SER G 140 0.79 51.17 -34.50
CA SER G 140 1.58 50.21 -35.26
C SER G 140 0.69 49.24 -36.01
N GLN G 141 1.27 48.57 -37.00
CA GLN G 141 0.57 47.59 -37.81
C GLN G 141 0.52 46.24 -37.08
N TYR G 142 1.36 46.11 -36.06
CA TYR G 142 1.49 44.84 -35.33
C TYR G 142 0.94 44.94 -33.92
N GLY G 143 -0.22 45.60 -33.79
CA GLY G 143 -0.87 45.75 -32.50
C GLY G 143 -1.93 46.82 -32.50
N SER G 144 -2.72 46.86 -31.43
CA SER G 144 -3.82 47.81 -31.31
C SER G 144 -4.20 48.09 -29.86
N THR G 145 -5.10 49.04 -29.68
CA THR G 145 -5.55 49.42 -28.34
C THR G 145 -6.46 48.36 -27.74
N THR G 146 -6.93 47.45 -28.58
CA THR G 146 -7.79 46.36 -28.15
C THR G 146 -7.00 45.19 -27.57
N ASP G 147 -5.71 45.17 -27.84
CA ASP G 147 -4.83 44.09 -27.40
C ASP G 147 -4.61 44.11 -25.88
N GLY G 148 -4.61 42.92 -25.29
CA GLY G 148 -4.38 42.78 -23.86
C GLY G 148 -3.02 42.14 -23.59
N TYR G 149 -2.36 41.73 -24.66
CA TYR G 149 -1.03 41.12 -24.58
C TYR G 149 -0.34 41.08 -25.93
N ALA G 150 0.93 40.67 -25.93
CA ALA G 150 1.67 40.46 -27.16
C ALA G 150 2.03 38.98 -27.27
N THR G 151 1.96 38.44 -28.48
CA THR G 151 2.21 37.02 -28.71
C THR G 151 3.64 36.74 -29.18
N GLN G 152 4.26 35.72 -28.60
CA GLN G 152 5.63 35.35 -28.94
C GLN G 152 5.76 33.84 -29.16
N ILE G 153 5.63 33.41 -30.41
CA ILE G 153 5.60 31.98 -30.72
C ILE G 153 6.61 31.58 -31.79
N PHE G 154 7.41 30.56 -31.49
CA PHE G 154 8.34 29.98 -32.45
C PHE G 154 7.97 28.53 -32.72
N THR G 155 8.07 28.12 -33.98
CA THR G 155 7.66 26.78 -34.38
C THR G 155 8.54 26.21 -35.49
N ALA G 156 9.16 25.07 -35.22
CA ALA G 156 9.94 24.36 -36.23
C ALA G 156 9.59 22.89 -36.18
N GLY G 157 9.31 22.27 -37.33
CA GLY G 157 8.89 20.89 -37.33
C GLY G 157 9.15 20.13 -38.62
N TYR G 158 9.08 18.81 -38.51
CA TYR G 158 9.22 17.92 -39.66
C TYR G 158 7.86 17.30 -39.94
N ALA G 159 7.58 17.01 -41.22
CA ALA G 159 6.33 16.38 -41.60
C ALA G 159 6.43 15.68 -42.95
N ASN G 160 5.97 14.44 -43.01
CA ASN G 160 5.81 13.73 -44.27
C ASN G 160 4.43 13.08 -44.35
N GLU G 161 4.25 12.11 -45.25
CA GLU G 161 2.92 11.52 -45.44
C GLU G 161 2.43 10.75 -44.22
N ASN G 162 3.35 10.15 -43.46
CA ASN G 162 2.95 9.22 -42.40
C ASN G 162 2.96 9.84 -41.01
N TRP G 163 3.87 10.78 -40.78
CA TRP G 163 4.00 11.34 -39.45
C TRP G 163 4.52 12.77 -39.46
N ASN G 164 4.48 13.40 -38.31
CA ASN G 164 5.05 14.75 -38.16
C ASN G 164 5.39 15.02 -36.70
N ALA G 165 6.39 15.86 -36.49
CA ALA G 165 6.76 16.30 -35.16
C ALA G 165 7.00 17.79 -35.20
N THR G 166 6.77 18.47 -34.09
CA THR G 166 6.82 19.92 -34.08
C THR G 166 7.30 20.41 -32.72
N LEU G 167 8.39 21.17 -32.75
CA LEU G 167 8.94 21.79 -31.56
C LEU G 167 8.54 23.27 -31.53
N SER G 168 8.02 23.71 -30.39
CA SER G 168 7.46 25.05 -30.28
C SER G 168 7.79 25.72 -28.96
N SER G 169 7.93 27.04 -29.01
CA SER G 169 8.01 27.86 -27.82
C SER G 169 6.88 28.88 -27.86
N LYS G 170 6.04 28.86 -26.83
CA LYS G 170 4.90 29.77 -26.76
C LYS G 170 5.00 30.62 -25.50
N GLN G 171 5.12 31.93 -25.69
CA GLN G 171 5.32 32.84 -24.58
C GLN G 171 4.54 34.13 -24.84
N PHE G 172 4.14 34.82 -23.78
CA PHE G 172 3.27 35.98 -23.93
C PHE G 172 3.63 37.15 -23.03
N GLN G 173 3.51 38.36 -23.57
CA GLN G 173 3.74 39.58 -22.83
C GLN G 173 2.41 40.25 -22.46
N VAL G 174 1.88 39.92 -21.30
CA VAL G 174 0.58 40.45 -20.88
C VAL G 174 0.73 41.89 -20.39
N PHE G 175 -0.20 42.76 -20.80
CA PHE G 175 -0.05 44.19 -20.58
C PHE G 175 -0.54 44.66 -19.20
N THR G 176 -0.63 43.74 -18.26
CA THR G 176 -0.83 44.09 -16.85
C THR G 176 0.19 43.30 -16.02
N ALA G 177 0.62 43.86 -14.90
CA ALA G 177 1.68 43.27 -14.09
C ALA G 177 1.33 41.86 -13.59
N ALA G 178 0.22 41.74 -12.88
CA ALA G 178 -0.23 40.47 -12.34
C ALA G 178 -0.46 39.46 -13.46
N GLY G 179 -1.07 39.95 -14.55
CA GLY G 179 -1.38 39.12 -15.70
C GLY G 179 -0.13 38.53 -16.32
N ASN G 180 0.90 39.36 -16.49
CA ASN G 180 2.17 38.88 -17.04
C ASN G 180 2.84 37.93 -16.06
N SER G 181 2.61 38.18 -14.77
CA SER G 181 3.22 37.37 -13.73
C SER G 181 2.66 35.95 -13.69
N ASN G 182 1.35 35.82 -13.91
CA ASN G 182 0.71 34.51 -13.81
C ASN G 182 0.50 33.83 -15.16
N ALA G 183 0.93 34.49 -16.24
CA ALA G 183 0.77 33.93 -17.58
C ALA G 183 1.73 32.76 -17.80
N TYR G 184 1.16 31.58 -18.01
CA TYR G 184 1.97 30.40 -18.25
C TYR G 184 2.59 30.39 -19.64
N ARG G 185 3.74 29.74 -19.75
CA ARG G 185 4.44 29.60 -21.02
C ARG G 185 4.60 28.12 -21.37
N ALA G 186 4.71 27.83 -22.66
CA ALA G 186 5.04 26.47 -23.10
C ALA G 186 6.50 26.46 -23.53
N GLN G 187 7.33 25.81 -22.73
CA GLN G 187 8.79 25.96 -22.81
C GLN G 187 9.54 24.68 -22.52
N PRO G 188 9.67 23.79 -23.52
CA PRO G 188 9.04 23.86 -24.84
C PRO G 188 7.79 22.99 -24.93
N GLN G 189 7.20 22.96 -26.12
CA GLN G 189 6.10 22.04 -26.38
C GLN G 189 6.45 21.20 -27.61
N LEU G 190 6.30 19.89 -27.47
CA LEU G 190 6.57 18.96 -28.57
C LEU G 190 5.30 18.23 -28.95
N ASP G 191 4.89 18.36 -30.21
CA ASP G 191 3.69 17.69 -30.70
C ASP G 191 4.07 16.66 -31.76
N MET G 192 3.58 15.44 -31.63
CA MET G 192 3.88 14.41 -32.61
C MET G 192 2.60 13.69 -33.05
N ASN G 193 2.56 13.36 -34.33
CA ASN G 193 1.43 12.65 -34.92
C ASN G 193 1.90 11.53 -35.82
N TYR G 194 1.29 10.36 -35.68
CA TYR G 194 1.54 9.24 -36.56
C TYR G 194 0.22 8.73 -37.14
N TYR G 195 0.18 8.60 -38.46
CA TYR G 195 -1.03 8.17 -39.14
C TYR G 195 -0.78 6.86 -39.87
N LYS G 196 -1.82 6.02 -39.98
CA LYS G 196 -1.73 4.83 -40.81
C LYS G 196 -3.12 4.40 -41.26
N ASN G 197 -3.37 4.49 -42.56
CA ASN G 197 -4.64 4.06 -43.10
C ASN G 197 -4.62 2.60 -43.51
N ASP G 198 -5.80 2.01 -43.64
CA ASP G 198 -5.97 0.66 -44.16
C ASP G 198 -5.22 -0.40 -43.35
N VAL G 199 -5.12 -0.18 -42.04
CA VAL G 199 -4.65 -1.22 -41.14
C VAL G 199 -5.80 -2.20 -40.96
N GLY G 200 -5.98 -3.07 -41.94
CA GLY G 200 -7.17 -3.89 -42.01
C GLY G 200 -8.34 -3.01 -42.38
N PRO G 201 -9.44 -3.13 -41.63
CA PRO G 201 -10.62 -2.31 -41.89
C PRO G 201 -10.52 -0.94 -41.21
N PHE G 202 -9.48 -0.77 -40.42
CA PHE G 202 -9.36 0.41 -39.57
C PHE G 202 -8.37 1.45 -40.10
N ASP G 203 -8.58 2.68 -39.68
CA ASP G 203 -7.57 3.73 -39.79
C ASP G 203 -7.07 4.01 -38.39
N MET G 204 -5.75 4.08 -38.23
CA MET G 204 -5.18 4.30 -36.92
C MET G 204 -4.44 5.62 -36.88
N HIS G 205 -4.46 6.25 -35.71
CA HIS G 205 -3.81 7.54 -35.51
C HIS G 205 -3.35 7.69 -34.07
N VAL G 206 -2.06 7.95 -33.87
CA VAL G 206 -1.56 8.21 -32.54
C VAL G 206 -1.04 9.64 -32.41
N TYR G 207 -1.47 10.32 -31.36
CA TYR G 207 -1.00 11.67 -31.08
C TYR G 207 -0.25 11.68 -29.75
N GLY G 208 0.83 12.43 -29.71
CA GLY G 208 1.63 12.53 -28.49
C GLY G 208 2.07 13.96 -28.25
N GLN G 209 2.27 14.30 -26.98
CA GLN G 209 2.75 15.63 -26.61
C GLN G 209 3.61 15.63 -25.36
N ALA G 210 4.66 16.44 -25.39
CA ALA G 210 5.50 16.65 -24.21
C ALA G 210 5.70 18.14 -24.00
N ALA G 211 5.20 18.68 -22.89
CA ALA G 211 5.28 20.11 -22.67
C ALA G 211 5.82 20.48 -21.29
N LYS G 212 6.52 21.60 -21.21
CA LYS G 212 6.96 22.12 -19.92
C LYS G 212 6.33 23.49 -19.68
N PHE G 213 5.42 23.55 -18.72
CA PHE G 213 4.76 24.80 -18.38
C PHE G 213 5.39 25.45 -17.17
N THR G 214 5.87 26.68 -17.35
CA THR G 214 6.46 27.48 -16.28
C THR G 214 5.93 28.90 -16.33
N SER G 215 5.99 29.60 -15.21
CA SER G 215 5.63 31.01 -15.18
C SER G 215 6.60 31.82 -14.32
N VAL G 216 6.56 33.15 -14.48
CA VAL G 216 7.47 34.04 -13.79
C VAL G 216 7.23 34.02 -12.28
N ASN G 217 5.97 34.15 -11.89
CA ASN G 217 5.58 34.11 -10.49
C ASN G 217 6.10 32.85 -9.79
N PRO G 218 7.02 33.03 -8.83
CA PRO G 218 7.62 31.91 -8.08
C PRO G 218 6.59 31.11 -7.30
N THR G 219 5.46 31.73 -6.99
CA THR G 219 4.38 31.08 -6.26
C THR G 219 3.69 29.97 -7.08
N ASN G 220 3.51 30.24 -8.38
CA ASN G 220 2.82 29.31 -9.27
C ASN G 220 3.57 28.00 -9.49
N PRO G 221 2.83 26.88 -9.56
CA PRO G 221 3.43 25.57 -9.80
C PRO G 221 4.00 25.44 -11.21
N GLU G 222 5.09 24.69 -11.35
CA GLU G 222 5.62 24.36 -12.67
C GLU G 222 5.24 22.92 -13.00
N ALA G 223 5.29 22.55 -14.27
CA ALA G 223 4.87 21.20 -14.63
C ALA G 223 5.48 20.65 -15.90
N SER G 224 5.79 19.36 -15.89
CA SER G 224 6.14 18.64 -17.10
C SER G 224 5.01 17.67 -17.41
N ARG G 225 4.43 17.78 -18.60
CA ARG G 225 3.27 16.97 -18.99
C ARG G 225 3.58 16.09 -20.18
N PHE G 226 3.27 14.81 -20.03
CA PHE G 226 3.45 13.84 -21.11
C PHE G 226 2.10 13.23 -21.45
N HIS G 227 1.81 13.10 -22.74
CA HIS G 227 0.50 12.64 -23.16
C HIS G 227 0.58 11.76 -24.39
N ILE G 228 -0.05 10.60 -24.30
CA ILE G 228 -0.14 9.68 -25.43
C ILE G 228 -1.62 9.40 -25.69
N GLU G 229 -1.97 9.25 -26.96
CA GLU G 229 -3.36 9.16 -27.36
C GLU G 229 -3.52 8.36 -28.64
N PRO G 230 -3.68 7.03 -28.51
CA PRO G 230 -3.97 6.17 -29.66
C PRO G 230 -5.46 6.18 -30.02
N THR G 231 -5.74 6.07 -31.31
CA THR G 231 -7.09 6.15 -31.83
C THR G 231 -7.30 5.17 -32.98
N VAL G 232 -8.28 4.28 -32.83
CA VAL G 232 -8.66 3.37 -33.89
C VAL G 232 -10.03 3.74 -34.43
N ASN G 233 -10.14 3.76 -35.75
CA ASN G 233 -11.31 4.28 -36.43
C ASN G 233 -11.86 3.32 -37.48
N LEU G 234 -13.16 3.06 -37.41
CA LEU G 234 -13.85 2.23 -38.39
C LEU G 234 -14.82 3.09 -39.20
N PRO G 235 -14.38 3.53 -40.40
CA PRO G 235 -15.17 4.39 -41.29
C PRO G 235 -15.92 3.62 -42.38
N LEU G 236 -17.24 3.76 -42.39
CA LEU G 236 -18.09 3.15 -43.42
C LEU G 236 -18.80 4.22 -44.24
N SER G 237 -18.44 4.31 -45.52
CA SER G 237 -18.93 5.38 -46.38
C SER G 237 -19.85 4.88 -47.50
N ASN G 238 -20.70 5.79 -47.98
CA ASN G 238 -21.73 5.47 -48.98
C ASN G 238 -22.01 6.66 -49.89
N SER G 239 -22.88 6.47 -50.87
CA SER G 239 -23.35 7.59 -51.69
C SER G 239 -24.32 8.41 -50.84
N TRP G 240 -25.16 7.70 -50.08
CA TRP G 240 -26.06 8.32 -49.13
C TRP G 240 -25.60 8.00 -47.72
N GLY G 241 -25.25 9.04 -46.97
CA GLY G 241 -24.85 8.84 -45.59
C GLY G 241 -23.53 8.12 -45.37
N SER G 242 -23.08 8.16 -44.11
CA SER G 242 -21.85 7.50 -43.70
C SER G 242 -21.84 7.38 -42.18
N ILE G 243 -21.18 6.35 -41.68
CA ILE G 243 -21.08 6.14 -40.24
C ILE G 243 -19.64 5.86 -39.83
N ASN G 244 -19.29 6.22 -38.60
CA ASN G 244 -17.92 6.10 -38.12
C ASN G 244 -17.86 5.72 -36.65
N THR G 245 -17.18 4.62 -36.35
CA THR G 245 -17.00 4.21 -34.96
C THR G 245 -15.56 4.49 -34.54
N GLU G 246 -15.39 5.02 -33.34
CA GLU G 246 -14.08 5.49 -32.92
C GLU G 246 -13.77 5.13 -31.47
N ALA G 247 -12.65 4.44 -31.28
CA ALA G 247 -12.14 4.12 -29.95
C ALA G 247 -10.85 4.88 -29.69
N LYS G 248 -10.78 5.56 -28.55
CA LYS G 248 -9.62 6.39 -28.26
C LYS G 248 -9.13 6.15 -26.83
N LEU G 249 -7.82 6.28 -26.61
CA LEU G 249 -7.30 6.15 -25.26
C LEU G 249 -6.50 7.40 -24.87
N LEU G 250 -6.99 8.11 -23.86
CA LEU G 250 -6.31 9.31 -23.39
C LEU G 250 -5.44 8.99 -22.18
N ALA G 251 -4.13 8.97 -22.37
CA ALA G 251 -3.23 8.66 -21.26
C ALA G 251 -2.29 9.83 -20.98
N THR G 252 -2.32 10.33 -19.75
CA THR G 252 -1.58 11.53 -19.40
C THR G 252 -0.85 11.39 -18.07
N HIS G 253 0.41 11.80 -18.05
CA HIS G 253 1.17 11.86 -16.81
C HIS G 253 1.64 13.30 -16.55
N TYR G 254 1.37 13.74 -15.31
CA TYR G 254 1.72 15.09 -14.86
C TYR G 254 2.84 15.02 -13.81
N GLN G 255 3.85 15.84 -13.97
CA GLN G 255 4.83 16.06 -12.90
C GLN G 255 4.82 17.53 -12.52
N GLN G 256 4.12 17.83 -11.43
CA GLN G 256 3.94 19.22 -11.00
C GLN G 256 4.83 19.55 -9.80
N ASP G 257 5.84 20.38 -10.00
CA ASP G 257 6.60 20.88 -8.85
C ASP G 257 5.88 22.09 -8.28
N ILE G 258 5.47 21.95 -7.01
CA ILE G 258 4.62 22.92 -6.34
C ILE G 258 5.36 23.61 -5.20
N PRO G 259 5.55 24.93 -5.31
CA PRO G 259 6.22 25.73 -4.28
C PRO G 259 5.52 25.65 -2.93
N ALA G 260 6.27 25.86 -1.86
CA ALA G 260 5.74 25.75 -0.51
C ALA G 260 4.75 26.87 -0.25
N SER G 261 5.01 28.03 -0.85
CA SER G 261 4.13 29.18 -0.72
C SER G 261 2.74 28.89 -1.28
N PHE G 262 2.67 28.04 -2.30
CA PHE G 262 1.37 27.68 -2.87
C PHE G 262 0.67 26.71 -1.93
N ALA G 263 1.39 25.68 -1.49
CA ALA G 263 0.84 24.66 -0.61
C ALA G 263 0.81 25.18 0.83
N ASP G 264 0.09 26.28 1.04
CA ASP G 264 0.06 26.93 2.34
C ASP G 264 -1.06 27.98 2.31
N ASN G 265 -1.81 27.98 1.20
CA ASN G 265 -3.00 28.81 1.09
C ASN G 265 -4.26 27.99 1.33
N ALA G 266 -5.21 28.57 2.07
CA ALA G 266 -6.45 27.90 2.44
C ALA G 266 -7.43 27.79 1.26
N SER G 267 -7.11 28.48 0.17
CA SER G 267 -8.02 28.56 -0.97
C SER G 267 -7.46 27.89 -2.22
N ASN G 268 -6.23 27.42 -2.14
CA ASN G 268 -5.60 26.74 -3.27
C ASN G 268 -5.98 25.26 -3.30
N PRO G 269 -6.13 24.70 -4.52
CA PRO G 269 -6.44 23.28 -4.67
C PRO G 269 -5.31 22.36 -4.23
N LYS G 270 -5.66 21.23 -3.62
CA LYS G 270 -4.67 20.25 -3.17
C LYS G 270 -4.11 19.48 -4.35
N LEU G 271 -3.03 19.99 -4.95
CA LEU G 271 -2.40 19.35 -6.10
C LEU G 271 -1.50 18.19 -5.69
N LYS G 272 -1.21 17.32 -6.63
CA LYS G 272 -0.30 16.21 -6.39
C LYS G 272 0.96 16.34 -7.24
N ASP G 273 2.08 15.88 -6.69
CA ASP G 273 3.38 16.03 -7.35
C ASP G 273 3.42 15.23 -8.65
N SER G 274 2.92 14.00 -8.58
CA SER G 274 2.83 13.14 -9.75
C SER G 274 1.39 12.66 -9.93
N VAL G 275 0.83 12.86 -11.11
CA VAL G 275 -0.56 12.49 -11.36
C VAL G 275 -0.69 11.62 -12.61
N ASN G 276 -1.41 10.51 -12.49
CA ASN G 276 -1.71 9.67 -13.64
C ASN G 276 -3.20 9.73 -13.99
N ARG G 277 -3.49 9.95 -15.27
CA ARG G 277 -4.87 9.94 -15.73
C ARG G 277 -5.04 9.15 -17.01
N VAL G 278 -5.79 8.05 -16.93
CA VAL G 278 -6.10 7.25 -18.10
C VAL G 278 -7.60 7.14 -18.31
N LEU G 279 -8.07 7.64 -19.45
CA LEU G 279 -9.49 7.64 -19.75
C LEU G 279 -9.76 7.09 -21.15
N PRO G 280 -10.55 6.01 -21.23
CA PRO G 280 -10.98 5.52 -22.54
C PRO G 280 -12.16 6.34 -23.07
N GLN G 281 -12.24 6.47 -24.38
CA GLN G 281 -13.32 7.22 -25.01
C GLN G 281 -13.96 6.43 -26.13
N PHE G 282 -15.28 6.31 -26.06
CA PHE G 282 -16.05 5.67 -27.13
C PHE G 282 -16.93 6.68 -27.85
N LYS G 283 -16.85 6.70 -29.17
CA LYS G 283 -17.67 7.62 -29.94
C LYS G 283 -18.23 6.94 -31.18
N VAL G 284 -19.53 7.09 -31.41
CA VAL G 284 -20.08 6.60 -32.68
C VAL G 284 -20.88 7.72 -33.34
N ASP G 285 -20.55 8.02 -34.59
CA ASP G 285 -21.13 9.18 -35.26
C ASP G 285 -21.66 8.81 -36.64
N GLY G 286 -22.94 9.06 -36.87
CA GLY G 286 -23.58 8.72 -38.12
C GLY G 286 -24.34 9.87 -38.76
N LYS G 287 -24.40 9.84 -40.08
CA LYS G 287 -25.06 10.88 -40.86
C LYS G 287 -25.76 10.23 -42.05
N VAL G 288 -26.94 10.75 -42.41
CA VAL G 288 -27.68 10.24 -43.55
C VAL G 288 -28.22 11.42 -44.37
N VAL G 289 -28.21 11.31 -45.70
CA VAL G 289 -28.70 12.40 -46.54
C VAL G 289 -29.90 11.98 -47.40
N PHE G 290 -31.09 12.42 -46.99
CA PHE G 290 -32.27 12.32 -47.83
C PHE G 290 -32.26 13.51 -48.78
N ASP G 291 -32.96 13.40 -49.89
CA ASP G 291 -33.14 14.54 -50.77
C ASP G 291 -34.35 14.40 -51.68
N ARG G 292 -34.72 15.49 -52.33
CA ARG G 292 -35.84 15.49 -53.25
C ARG G 292 -35.77 16.66 -54.20
N SER G 293 -36.36 16.50 -55.38
CA SER G 293 -36.55 17.61 -56.29
C SER G 293 -37.78 18.38 -55.84
N MET G 294 -37.62 19.68 -55.61
CA MET G 294 -38.71 20.51 -55.15
C MET G 294 -39.79 20.55 -56.21
N ASP G 295 -41.02 20.83 -55.81
CA ASP G 295 -42.16 20.68 -56.71
C ASP G 295 -42.20 21.86 -57.67
N TRP G 296 -43.28 22.63 -57.61
CA TRP G 296 -43.49 23.85 -58.41
C TRP G 296 -42.22 24.52 -58.97
N ALA G 297 -41.15 24.50 -58.18
CA ALA G 297 -39.85 25.01 -58.61
C ALA G 297 -39.02 23.89 -59.23
N THR G 298 -38.83 23.95 -60.54
CA THR G 298 -38.13 22.88 -61.26
C THR G 298 -36.65 23.17 -61.42
N GLY G 299 -35.82 22.16 -61.14
CA GLY G 299 -34.38 22.28 -61.25
C GLY G 299 -33.69 22.28 -59.89
N PHE G 300 -34.40 22.73 -58.87
CA PHE G 300 -33.84 22.83 -57.52
C PHE G 300 -33.96 21.53 -56.74
N THR G 301 -33.03 21.34 -55.80
CA THR G 301 -33.04 20.16 -54.94
C THR G 301 -32.93 20.51 -53.46
N GLN G 302 -33.82 19.95 -52.65
CA GLN G 302 -33.75 20.15 -51.21
C GLN G 302 -33.25 18.86 -50.55
N THR G 303 -32.26 19.00 -49.67
CA THR G 303 -31.72 17.85 -48.97
C THR G 303 -32.04 17.94 -47.48
N LEU G 304 -32.28 16.80 -46.86
CA LEU G 304 -32.55 16.73 -45.43
C LEU G 304 -31.55 15.76 -44.81
N GLU G 305 -30.70 16.27 -43.92
CA GLU G 305 -29.54 15.52 -43.45
C GLU G 305 -29.49 15.41 -41.92
N PRO G 306 -30.07 14.32 -41.38
CA PRO G 306 -29.99 14.07 -39.94
C PRO G 306 -28.63 13.50 -39.56
N ARG G 307 -28.21 13.81 -38.34
CA ARG G 307 -26.91 13.41 -37.84
C ARG G 307 -27.02 13.11 -36.35
N ALA G 308 -26.46 11.98 -35.95
CA ALA G 308 -26.52 11.58 -34.56
C ALA G 308 -25.17 11.07 -34.10
N GLN G 309 -24.79 11.40 -32.87
CA GLN G 309 -23.51 10.97 -32.35
C GLN G 309 -23.62 10.65 -30.87
N TYR G 310 -23.21 9.44 -30.49
CA TYR G 310 -23.14 9.12 -29.08
C TYR G 310 -21.70 9.16 -28.61
N LEU G 311 -21.51 9.73 -27.42
CA LEU G 311 -20.19 9.89 -26.84
C LEU G 311 -20.19 9.46 -25.38
N TYR G 312 -19.21 8.62 -25.05
CA TYR G 312 -19.03 8.16 -23.68
C TYR G 312 -17.58 8.21 -23.20
N VAL G 313 -17.38 8.90 -22.09
CA VAL G 313 -16.10 8.97 -21.38
C VAL G 313 -16.38 8.89 -19.87
N PRO G 314 -15.76 7.93 -19.18
CA PRO G 314 -15.97 7.75 -17.73
C PRO G 314 -15.44 8.91 -16.91
N TYR G 315 -15.97 9.07 -15.70
CA TYR G 315 -15.55 10.18 -14.82
C TYR G 315 -14.24 9.88 -14.10
N ARG G 316 -13.43 10.93 -13.94
CA ARG G 316 -12.16 10.84 -13.23
C ARG G 316 -11.91 12.15 -12.51
N ASN G 317 -11.73 12.10 -11.19
CA ASN G 317 -11.47 13.29 -10.41
C ASN G 317 -10.12 13.88 -10.81
N GLN G 318 -10.13 15.15 -11.22
CA GLN G 318 -8.92 15.80 -11.70
C GLN G 318 -8.63 17.11 -10.97
N ASP G 319 -9.09 17.23 -9.74
CA ASP G 319 -8.87 18.43 -8.93
C ASP G 319 -7.41 18.60 -8.53
N ASP G 320 -6.64 17.51 -8.60
CA ASP G 320 -5.24 17.55 -8.22
C ASP G 320 -4.34 18.02 -9.36
N ILE G 321 -4.96 18.39 -10.49
CA ILE G 321 -4.22 18.94 -11.62
C ILE G 321 -4.52 20.43 -11.75
N TYR G 322 -3.48 21.23 -11.96
CA TYR G 322 -3.64 22.66 -12.10
C TYR G 322 -3.99 23.00 -13.55
N ILE G 323 -4.34 24.25 -13.81
CA ILE G 323 -4.67 24.68 -15.16
C ILE G 323 -3.48 25.35 -15.83
N TYR G 324 -3.14 24.90 -17.03
CA TYR G 324 -1.98 25.44 -17.74
C TYR G 324 -2.34 26.03 -19.11
N ASP G 325 -3.00 25.23 -19.94
CA ASP G 325 -3.38 25.66 -21.28
C ASP G 325 -4.83 25.29 -21.58
N THR G 326 -5.65 25.31 -20.54
CA THR G 326 -7.02 24.80 -20.63
C THR G 326 -8.10 25.83 -20.32
N THR G 327 -8.99 26.03 -21.29
CA THR G 327 -10.13 26.93 -21.12
C THR G 327 -11.38 26.30 -21.74
N LEU G 328 -12.54 26.88 -21.46
CA LEU G 328 -13.80 26.37 -21.99
C LEU G 328 -13.96 26.68 -23.48
N MET G 329 -14.13 25.64 -24.28
CA MET G 329 -14.33 25.80 -25.72
C MET G 329 -15.69 26.39 -26.01
N GLN G 330 -15.79 27.15 -27.09
CA GLN G 330 -17.08 27.70 -27.52
C GLN G 330 -17.72 26.77 -28.52
N SER G 331 -18.94 26.33 -28.21
CA SER G 331 -19.63 25.41 -29.09
C SER G 331 -20.60 26.15 -30.01
N ASP G 332 -20.44 25.96 -31.30
CA ASP G 332 -21.37 26.47 -32.29
C ASP G 332 -22.14 25.25 -32.75
N TYR G 333 -22.81 25.33 -33.91
CA TYR G 333 -23.50 24.14 -34.38
C TYR G 333 -22.49 23.03 -34.63
N SER G 334 -21.33 23.39 -35.16
CA SER G 334 -20.26 22.43 -35.37
C SER G 334 -19.79 21.86 -34.04
N GLY G 335 -19.54 22.77 -33.08
CA GLY G 335 -19.04 22.41 -31.78
C GLY G 335 -19.87 21.43 -30.99
N LEU G 336 -21.12 21.24 -31.41
CA LEU G 336 -22.01 20.27 -30.79
C LEU G 336 -21.42 18.87 -30.89
N PHE G 337 -20.72 18.61 -31.98
CA PHE G 337 -20.21 17.28 -32.26
C PHE G 337 -18.74 17.12 -31.90
N ARG G 338 -18.19 18.13 -31.24
CA ARG G 338 -16.82 18.07 -30.75
C ARG G 338 -16.72 17.20 -29.49
N ASP G 339 -15.71 16.33 -29.46
CA ASP G 339 -15.59 15.36 -28.37
C ASP G 339 -14.89 15.95 -27.16
N ARG G 340 -14.48 17.21 -27.27
CA ARG G 340 -13.81 17.88 -26.16
C ARG G 340 -14.61 19.09 -25.69
N THR G 341 -14.66 19.26 -24.37
CA THR G 341 -15.33 20.40 -23.77
C THR G 341 -14.33 21.52 -23.55
N TYR G 342 -13.13 21.15 -23.12
CA TYR G 342 -12.07 22.11 -22.84
C TYR G 342 -10.94 22.05 -23.86
N SER G 343 -10.12 23.09 -23.89
CA SER G 343 -8.91 23.10 -24.67
C SER G 343 -7.79 22.49 -23.83
N GLY G 344 -6.63 22.28 -24.43
CA GLY G 344 -5.50 21.73 -23.70
C GLY G 344 -5.77 20.31 -23.23
N LEU G 345 -5.15 19.92 -22.12
CA LEU G 345 -5.25 18.55 -21.64
C LEU G 345 -5.40 18.46 -20.12
N ASP G 346 -5.75 19.58 -19.49
CA ASP G 346 -5.82 19.63 -18.03
C ASP G 346 -7.18 19.18 -17.50
N ARG G 347 -8.19 19.20 -18.37
CA ARG G 347 -9.51 18.73 -17.98
C ARG G 347 -10.18 17.92 -19.08
N ILE G 348 -10.38 16.63 -18.82
CA ILE G 348 -11.16 15.80 -19.72
C ILE G 348 -12.51 15.52 -19.07
N ALA G 349 -13.54 16.21 -19.53
CA ALA G 349 -14.87 16.08 -18.96
C ALA G 349 -15.47 14.70 -19.21
N SER G 350 -16.24 14.21 -18.26
CA SER G 350 -16.96 12.96 -18.46
C SER G 350 -18.05 13.17 -19.50
N ALA G 351 -18.25 12.16 -20.33
CA ALA G 351 -19.27 12.25 -21.37
C ALA G 351 -20.21 11.06 -21.28
N ASN G 352 -21.48 11.33 -21.53
CA ASN G 352 -22.50 10.29 -21.62
C ASN G 352 -23.68 10.93 -22.31
N GLN G 353 -23.53 11.16 -23.61
CA GLN G 353 -24.46 12.06 -24.28
C GLN G 353 -24.72 11.73 -25.75
N VAL G 354 -25.86 12.20 -26.24
CA VAL G 354 -26.21 12.11 -27.65
C VAL G 354 -26.37 13.50 -28.25
N SER G 355 -25.59 13.78 -29.29
CA SER G 355 -25.72 15.01 -30.03
C SER G 355 -26.43 14.75 -31.35
N THR G 356 -27.55 15.45 -31.56
CA THR G 356 -28.32 15.29 -32.78
C THR G 356 -28.41 16.61 -33.53
N GLY G 357 -28.54 16.52 -34.84
CA GLY G 357 -28.59 17.70 -35.67
C GLY G 357 -29.34 17.42 -36.96
N LEU G 358 -29.95 18.45 -37.53
CA LEU G 358 -30.69 18.30 -38.77
C LEU G 358 -30.25 19.41 -39.71
N THR G 359 -29.85 19.05 -40.92
CA THR G 359 -29.36 20.06 -41.85
C THR G 359 -30.10 20.00 -43.18
N SER G 360 -30.85 21.04 -43.49
CA SER G 360 -31.57 21.11 -44.75
C SER G 360 -30.84 22.06 -45.70
N ARG G 361 -30.65 21.61 -46.93
CA ARG G 361 -29.93 22.41 -47.93
C ARG G 361 -30.74 22.61 -49.20
N ILE G 362 -30.38 23.61 -49.99
CA ILE G 362 -31.02 23.85 -51.28
C ILE G 362 -30.01 24.14 -52.39
N TYR G 363 -30.01 23.28 -53.41
CA TYR G 363 -29.17 23.48 -54.59
C TYR G 363 -30.03 23.95 -55.76
N ASP G 364 -29.39 24.65 -56.70
CA ASP G 364 -30.09 25.14 -57.88
C ASP G 364 -29.72 24.34 -59.12
N ASP G 365 -29.92 24.93 -60.30
CA ASP G 365 -29.60 24.27 -61.55
C ASP G 365 -28.11 23.98 -61.69
N ALA G 366 -27.27 24.91 -61.26
CA ALA G 366 -25.82 24.73 -61.40
C ALA G 366 -25.25 24.08 -60.15
N ARG G 367 -26.14 23.42 -59.42
CA ARG G 367 -25.84 22.75 -58.15
C ARG G 367 -25.01 23.59 -57.20
N VAL G 368 -25.36 24.88 -57.11
CA VAL G 368 -24.74 25.77 -56.17
C VAL G 368 -25.56 25.78 -54.89
N GLU G 369 -24.90 25.57 -53.76
CA GLU G 369 -25.60 25.64 -52.49
C GLU G 369 -26.02 27.07 -52.25
N ARG G 370 -27.33 27.31 -52.31
CA ARG G 370 -27.86 28.68 -52.25
C ARG G 370 -28.51 28.98 -50.92
N PHE G 371 -29.02 27.96 -50.25
CA PHE G 371 -29.60 28.12 -48.94
C PHE G 371 -29.17 26.96 -48.05
N ASN G 372 -29.12 27.20 -46.74
CA ASN G 372 -28.65 26.22 -45.78
C ASN G 372 -29.08 26.54 -44.36
N VAL G 373 -29.61 25.55 -43.65
CA VAL G 373 -30.03 25.73 -42.27
C VAL G 373 -29.73 24.50 -41.41
N SER G 374 -29.22 24.72 -40.20
CA SER G 374 -28.90 23.61 -39.30
C SER G 374 -29.39 23.88 -37.88
N VAL G 375 -30.04 22.89 -37.28
CA VAL G 375 -30.45 22.94 -35.89
C VAL G 375 -29.98 21.69 -35.17
N GLY G 376 -29.33 21.86 -34.03
CA GLY G 376 -28.81 20.74 -33.27
C GLY G 376 -28.93 20.87 -31.78
N GLN G 377 -28.71 19.77 -31.06
CA GLN G 377 -28.84 19.75 -29.61
C GLN G 377 -27.95 18.70 -28.95
N ILE G 378 -27.76 18.86 -27.65
CA ILE G 378 -27.06 17.85 -26.86
C ILE G 378 -27.92 17.37 -25.69
N TYR G 379 -28.15 16.06 -25.67
CA TYR G 379 -28.88 15.42 -24.59
C TYR G 379 -27.88 14.72 -23.66
N TYR G 380 -27.81 15.18 -22.42
CA TYR G 380 -26.92 14.58 -21.45
C TYR G 380 -27.66 13.53 -20.62
N PHE G 381 -27.11 12.33 -20.55
CA PHE G 381 -27.71 11.27 -19.75
C PHE G 381 -27.24 11.36 -18.30
N SER G 382 -26.08 11.99 -18.11
CA SER G 382 -25.55 12.24 -16.78
C SER G 382 -24.74 13.52 -16.78
N ARG G 383 -24.51 14.08 -15.59
CA ARG G 383 -23.73 15.31 -15.48
C ARG G 383 -22.30 15.14 -15.94
N SER G 384 -21.76 16.16 -16.60
CA SER G 384 -20.35 16.19 -16.94
C SER G 384 -19.57 16.66 -15.73
N ARG G 385 -18.51 15.94 -15.41
CA ARG G 385 -17.75 16.18 -14.18
C ARG G 385 -16.26 16.22 -14.47
N THR G 386 -15.51 16.92 -13.63
CA THR G 386 -14.06 16.95 -13.72
C THR G 386 -13.44 16.88 -12.33
N GLY G 387 -14.30 16.98 -11.33
CA GLY G 387 -13.90 16.95 -9.93
C GLY G 387 -15.18 16.93 -9.12
N ASN G 388 -15.18 17.62 -8.00
CA ASN G 388 -16.32 17.58 -7.10
C ASN G 388 -16.92 18.96 -7.02
N THR G 389 -16.53 19.78 -8.03
CA THR G 389 -17.01 21.13 -8.36
C THR G 389 -15.92 22.19 -8.12
N ASN G 396 -28.63 23.23 -12.00
CA ASN G 396 -29.00 21.89 -11.54
C ASN G 396 -29.84 21.09 -12.53
N ALA G 397 -29.17 20.40 -13.47
CA ALA G 397 -29.86 19.66 -14.52
C ALA G 397 -28.98 18.80 -15.45
N THR G 398 -29.64 17.85 -16.11
CA THR G 398 -29.11 17.09 -17.24
C THR G 398 -30.30 16.91 -18.19
N GLY G 399 -30.09 16.23 -19.31
CA GLY G 399 -31.13 16.13 -20.32
C GLY G 399 -30.75 17.00 -21.51
N SER G 400 -31.72 17.35 -22.36
CA SER G 400 -31.44 18.21 -23.50
C SER G 400 -31.10 19.64 -23.04
N LEU G 401 -29.81 19.91 -22.89
CA LEU G 401 -29.40 21.15 -22.23
C LEU G 401 -28.86 22.19 -23.19
N VAL G 402 -28.22 21.74 -24.27
CA VAL G 402 -27.57 22.64 -25.21
C VAL G 402 -28.25 22.63 -26.57
N TRP G 403 -28.51 23.81 -27.10
CA TRP G 403 -29.03 23.94 -28.46
C TRP G 403 -28.13 24.88 -29.25
N ALA G 404 -28.10 24.72 -30.57
CA ALA G 404 -27.30 25.57 -31.43
C ALA G 404 -27.79 25.48 -32.87
N GLY G 405 -27.69 26.61 -33.58
CA GLY G 405 -28.12 26.66 -34.96
C GLY G 405 -27.33 27.67 -35.78
N ASP G 406 -27.31 27.46 -37.08
CA ASP G 406 -26.71 28.43 -38.00
C ASP G 406 -27.43 28.38 -39.34
N THR G 407 -27.25 29.42 -40.14
CA THR G 407 -27.94 29.55 -41.41
C THR G 407 -27.15 30.38 -42.41
N PHE G 408 -27.32 30.03 -43.68
CA PHE G 408 -26.66 30.70 -44.80
C PHE G 408 -27.62 30.79 -45.99
N TRP G 409 -27.54 31.90 -46.71
CA TRP G 409 -28.43 32.16 -47.83
C TRP G 409 -27.70 33.01 -48.88
N ARG G 410 -27.54 32.46 -50.07
CA ARG G 410 -26.98 33.22 -51.18
C ARG G 410 -28.13 33.83 -51.97
N ILE G 411 -28.49 35.06 -51.61
CA ILE G 411 -29.65 35.73 -52.17
C ILE G 411 -29.48 36.04 -53.66
N ASN G 412 -28.28 36.50 -54.03
CA ASN G 412 -27.90 36.58 -55.44
C ASN G 412 -26.38 36.55 -55.58
N ASP G 413 -25.89 36.82 -56.78
CA ASP G 413 -24.47 36.73 -57.06
C ASP G 413 -23.64 37.75 -56.28
N GLN G 414 -24.30 38.77 -55.74
CA GLN G 414 -23.59 39.82 -55.01
C GLN G 414 -24.08 39.97 -53.57
N LEU G 415 -25.20 39.33 -53.24
CA LEU G 415 -25.81 39.52 -51.93
C LEU G 415 -25.83 38.22 -51.12
N GLY G 416 -25.30 38.27 -49.91
CA GLY G 416 -25.25 37.10 -49.04
C GLY G 416 -25.75 37.37 -47.63
N LEU G 417 -26.29 36.35 -46.99
CA LEU G 417 -26.80 36.46 -45.62
C LEU G 417 -26.41 35.24 -44.81
N LYS G 418 -26.03 35.42 -43.55
CA LYS G 418 -25.74 34.29 -42.68
C LYS G 418 -25.79 34.67 -41.20
N GLY G 419 -26.02 33.68 -40.34
CA GLY G 419 -26.08 33.93 -38.91
C GLY G 419 -26.12 32.69 -38.06
N GLY G 420 -26.06 32.84 -36.74
CA GLY G 420 -26.09 31.71 -35.85
C GLY G 420 -26.53 32.07 -34.44
N ALA G 421 -26.99 31.08 -33.69
CA ALA G 421 -27.43 31.31 -32.31
C ALA G 421 -27.20 30.08 -31.45
N GLN G 422 -27.05 30.30 -30.16
CA GLN G 422 -26.76 29.22 -29.21
C GLN G 422 -27.63 29.37 -27.96
N TYR G 423 -28.12 28.24 -27.46
CA TYR G 423 -28.96 28.24 -26.27
C TYR G 423 -28.39 27.26 -25.24
N ASP G 424 -28.50 27.62 -23.96
CA ASP G 424 -28.09 26.73 -22.89
C ASP G 424 -29.02 26.91 -21.69
N THR G 425 -29.79 25.87 -21.39
CA THR G 425 -30.76 25.89 -20.30
C THR G 425 -30.09 26.24 -18.96
N ARG G 426 -28.85 25.79 -18.81
CA ARG G 426 -28.10 26.03 -17.58
C ARG G 426 -27.70 27.50 -17.44
N LEU G 427 -27.67 28.23 -18.55
CA LEU G 427 -27.28 29.64 -18.52
C LEU G 427 -28.43 30.57 -18.90
N GLY G 428 -29.65 30.04 -18.91
CA GLY G 428 -30.83 30.84 -19.17
C GLY G 428 -31.09 31.12 -20.64
N SER G 429 -31.54 30.11 -21.37
CA SER G 429 -31.90 30.21 -22.78
C SER G 429 -30.75 30.72 -23.66
N LEU G 430 -31.01 31.80 -24.40
CA LEU G 430 -30.05 32.32 -25.37
C LEU G 430 -28.75 32.83 -24.74
N THR G 431 -27.63 32.37 -25.28
CA THR G 431 -26.31 32.74 -24.77
C THR G 431 -25.51 33.56 -25.78
N LEU G 432 -25.51 33.11 -27.03
CA LEU G 432 -24.79 33.77 -28.11
C LEU G 432 -25.69 33.89 -29.32
N GLY G 433 -25.49 34.96 -30.09
CA GLY G 433 -26.22 35.12 -31.33
C GLY G 433 -25.51 36.11 -32.22
N ASN G 434 -25.65 35.95 -33.52
CA ASN G 434 -25.09 36.91 -34.46
C ASN G 434 -25.65 36.71 -35.86
N ALA G 435 -25.70 37.79 -36.62
CA ALA G 435 -26.17 37.72 -37.99
C ALA G 435 -25.38 38.71 -38.82
N ILE G 436 -25.17 38.39 -40.09
CA ILE G 436 -24.44 39.31 -40.96
C ILE G 436 -24.91 39.21 -42.41
N MET G 437 -25.12 40.37 -43.02
CA MET G 437 -25.51 40.48 -44.42
C MET G 437 -24.47 41.29 -45.16
N GLU G 438 -24.09 40.85 -46.36
CA GLU G 438 -23.11 41.60 -47.12
C GLU G 438 -23.42 41.62 -48.62
N TYR G 439 -23.41 42.83 -49.18
CA TYR G 439 -23.47 43.04 -50.62
C TYR G 439 -22.09 43.44 -51.08
N ARG G 440 -21.70 42.97 -52.26
CA ARG G 440 -20.45 43.38 -52.87
C ARG G 440 -20.45 43.08 -54.37
N LYS G 441 -20.11 44.09 -55.18
CA LYS G 441 -20.07 43.94 -56.62
C LYS G 441 -18.68 43.62 -57.14
N ASP G 442 -17.73 44.52 -56.92
CA ASP G 442 -16.34 44.30 -57.30
C ASP G 442 -15.44 44.60 -56.11
N ALA G 443 -14.62 45.63 -56.27
CA ALA G 443 -13.69 46.06 -55.24
C ALA G 443 -13.79 47.57 -55.06
N ASP G 444 -15.03 48.06 -55.05
CA ASP G 444 -15.32 49.47 -54.85
C ASP G 444 -16.75 49.68 -54.32
N ARG G 445 -17.64 48.72 -54.58
CA ARG G 445 -19.03 48.79 -54.14
C ARG G 445 -19.26 47.68 -53.11
N MET G 446 -19.63 48.05 -51.89
CA MET G 446 -19.76 47.09 -50.80
C MET G 446 -20.61 47.64 -49.66
N ILE G 447 -21.53 46.82 -49.16
CA ILE G 447 -22.31 47.17 -47.97
C ILE G 447 -22.32 45.98 -47.03
N GLN G 448 -22.26 46.22 -45.73
CA GLN G 448 -22.23 45.13 -44.77
C GLN G 448 -22.94 45.52 -43.47
N LEU G 449 -24.01 44.80 -43.15
CA LEU G 449 -24.72 44.97 -41.90
C LEU G 449 -24.43 43.78 -41.00
N ASN G 450 -24.39 44.00 -39.69
CA ASN G 450 -24.20 42.87 -38.77
C ASN G 450 -24.69 43.17 -37.37
N TYR G 451 -25.02 42.11 -36.64
CA TYR G 451 -25.38 42.26 -35.23
C TYR G 451 -24.76 41.13 -34.45
N ARG G 452 -24.22 41.46 -33.27
CA ARG G 452 -23.60 40.49 -32.39
C ARG G 452 -24.13 40.59 -30.97
N TYR G 453 -24.48 39.44 -30.40
CA TYR G 453 -24.97 39.38 -29.03
C TYR G 453 -24.33 38.26 -28.20
N ALA G 454 -24.05 38.58 -26.93
CA ALA G 454 -23.60 37.61 -25.96
C ALA G 454 -24.15 37.96 -24.57
N SER G 455 -24.92 37.07 -23.97
CA SER G 455 -25.43 37.30 -22.62
C SER G 455 -24.28 37.38 -21.61
N PRO G 456 -24.47 38.15 -20.54
CA PRO G 456 -23.48 38.25 -19.45
C PRO G 456 -23.13 36.91 -18.83
N LYS G 457 -24.14 36.09 -18.54
CA LYS G 457 -23.92 34.79 -17.91
C LYS G 457 -23.02 33.89 -18.76
N TYR G 458 -23.15 34.01 -20.08
CA TYR G 458 -22.32 33.22 -20.97
C TYR G 458 -20.86 33.65 -20.88
N ILE G 459 -20.64 34.95 -20.78
CA ILE G 459 -19.27 35.47 -20.69
C ILE G 459 -18.63 35.14 -19.35
N GLN G 460 -19.39 35.27 -18.27
CA GLN G 460 -18.88 34.96 -16.94
C GLN G 460 -18.60 33.46 -16.83
N ALA G 461 -19.31 32.65 -17.60
CA ALA G 461 -19.09 31.20 -17.58
C ALA G 461 -17.90 30.78 -18.44
N ALA G 462 -17.86 31.28 -19.68
CA ALA G 462 -16.86 30.87 -20.67
C ALA G 462 -15.45 31.40 -20.36
N VAL G 463 -15.38 32.66 -19.95
CA VAL G 463 -14.13 33.31 -19.61
C VAL G 463 -14.26 33.97 -18.23
N PRO G 464 -13.75 33.29 -17.18
CA PRO G 464 -13.82 33.67 -15.75
C PRO G 464 -13.16 35.01 -15.44
N LYS G 465 -12.37 35.13 -14.37
CA LYS G 465 -11.73 36.39 -13.93
C LYS G 465 -11.59 37.60 -14.85
N VAL G 466 -12.34 37.64 -15.94
CA VAL G 466 -12.46 38.84 -16.72
C VAL G 466 -13.85 39.33 -16.31
N TYR G 467 -13.95 39.69 -15.02
CA TYR G 467 -15.24 39.82 -14.37
C TYR G 467 -15.78 41.22 -14.58
N ASN G 468 -15.68 42.04 -13.53
CA ASN G 468 -16.07 43.43 -13.60
C ASN G 468 -17.53 43.63 -14.04
N PRO G 469 -18.48 43.67 -13.09
CA PRO G 469 -19.88 43.64 -13.54
C PRO G 469 -20.33 44.94 -14.23
N ASP G 470 -20.24 46.08 -13.55
CA ASP G 470 -20.64 47.33 -14.21
C ASP G 470 -19.46 47.91 -14.98
N TYR G 471 -18.83 47.06 -15.78
CA TYR G 471 -17.61 47.39 -16.50
C TYR G 471 -17.56 46.50 -17.74
N GLN G 472 -18.03 45.26 -17.60
CA GLN G 472 -18.12 44.30 -18.69
C GLN G 472 -19.29 43.33 -18.54
N GLN G 473 -20.47 43.67 -19.05
CA GLN G 473 -21.53 42.67 -19.13
C GLN G 473 -22.13 42.52 -20.52
N GLY G 474 -21.76 41.41 -21.13
CA GLY G 474 -22.23 40.99 -22.44
C GLY G 474 -21.89 41.85 -23.63
N ILE G 475 -22.42 41.43 -24.77
CA ILE G 475 -22.24 42.10 -26.04
C ILE G 475 -23.59 42.34 -26.71
N SER G 476 -23.79 43.54 -27.21
CA SER G 476 -24.97 43.83 -28.03
C SER G 476 -24.58 44.93 -29.00
N GLN G 477 -24.02 44.52 -30.13
CA GLN G 477 -23.33 45.43 -31.03
C GLN G 477 -23.93 45.41 -32.44
N VAL G 478 -24.31 46.59 -32.93
CA VAL G 478 -24.83 46.73 -34.28
C VAL G 478 -23.79 47.39 -35.17
N GLY G 479 -23.60 46.88 -36.38
CA GLY G 479 -22.53 47.38 -37.22
C GLY G 479 -22.88 47.57 -38.68
N THR G 480 -22.31 48.63 -39.25
CA THR G 480 -22.45 48.93 -40.66
C THR G 480 -21.08 49.26 -41.25
N THR G 481 -20.85 48.81 -42.48
CA THR G 481 -19.64 49.13 -43.20
C THR G 481 -20.01 49.36 -44.65
N ALA G 482 -19.32 50.27 -45.33
CA ALA G 482 -19.66 50.56 -46.72
C ALA G 482 -18.49 51.14 -47.50
N SER G 483 -18.54 50.92 -48.81
CA SER G 483 -17.61 51.49 -49.77
C SER G 483 -18.40 51.74 -51.03
N TRP G 484 -18.59 53.00 -51.39
CA TRP G 484 -19.47 53.32 -52.50
C TRP G 484 -18.93 54.45 -53.34
N PRO G 485 -19.05 54.32 -54.66
CA PRO G 485 -18.60 55.39 -55.55
C PRO G 485 -19.59 56.55 -55.61
N ILE G 486 -19.07 57.77 -55.55
CA ILE G 486 -19.91 58.95 -55.67
C ILE G 486 -19.30 59.79 -56.78
N ALA G 487 -20.14 60.54 -57.47
CA ALA G 487 -19.71 61.35 -58.60
C ALA G 487 -19.05 60.42 -59.60
N ASP G 488 -18.18 60.95 -60.47
CA ASP G 488 -17.47 60.09 -61.40
C ASP G 488 -16.06 59.75 -60.94
N ARG G 489 -15.46 60.66 -60.17
CA ARG G 489 -14.14 60.39 -59.63
C ARG G 489 -14.06 60.46 -58.10
N TRP G 490 -15.20 60.34 -57.43
CA TRP G 490 -15.19 60.33 -55.97
C TRP G 490 -15.59 58.97 -55.38
N ALA G 491 -15.22 58.76 -54.11
CA ALA G 491 -15.53 57.51 -53.43
C ALA G 491 -15.58 57.71 -51.92
N ILE G 492 -16.56 57.09 -51.28
CA ILE G 492 -16.74 57.24 -49.84
C ILE G 492 -16.76 55.88 -49.12
N VAL G 493 -16.14 55.83 -47.95
CA VAL G 493 -16.18 54.63 -47.11
C VAL G 493 -16.70 54.97 -45.72
N GLY G 494 -17.34 54.00 -45.08
CA GLY G 494 -17.88 54.20 -43.76
C GLY G 494 -17.83 52.96 -42.90
N ALA G 495 -17.81 53.16 -41.59
CA ALA G 495 -17.82 52.06 -40.64
C ALA G 495 -18.31 52.57 -39.29
N TYR G 496 -19.49 52.11 -38.90
CA TYR G 496 -20.09 52.54 -37.64
C TYR G 496 -20.49 51.33 -36.80
N TYR G 497 -19.99 51.28 -35.57
CA TYR G 497 -20.34 50.22 -34.64
C TYR G 497 -20.91 50.80 -33.36
N TYR G 498 -22.06 50.28 -32.96
CA TYR G 498 -22.83 50.85 -31.87
C TYR G 498 -23.18 49.84 -30.79
N ASP G 499 -22.86 50.18 -29.55
CA ASP G 499 -23.28 49.39 -28.39
C ASP G 499 -24.65 49.86 -27.93
N THR G 500 -25.62 48.96 -28.01
CA THR G 500 -27.01 49.28 -27.77
C THR G 500 -27.37 49.29 -26.27
N LYS G 501 -26.63 48.52 -25.48
CA LYS G 501 -26.89 48.48 -24.03
C LYS G 501 -26.30 49.70 -23.34
N ALA G 502 -25.08 50.07 -23.73
CA ALA G 502 -24.43 51.26 -23.20
C ALA G 502 -24.91 52.49 -23.96
N LYS G 503 -25.62 52.25 -25.05
CA LYS G 503 -26.19 53.33 -25.86
C LYS G 503 -25.10 54.31 -26.29
N GLN G 504 -24.02 53.78 -26.83
CA GLN G 504 -22.89 54.61 -27.25
C GLN G 504 -22.06 53.94 -28.35
N PRO G 505 -21.38 54.74 -29.18
CA PRO G 505 -20.52 54.21 -30.25
C PRO G 505 -19.28 53.47 -29.72
N ALA G 506 -19.00 52.31 -30.29
CA ALA G 506 -17.78 51.58 -29.99
C ALA G 506 -16.64 52.03 -30.90
N SER G 507 -16.98 52.24 -32.17
CA SER G 507 -16.01 52.68 -33.17
C SER G 507 -16.72 53.38 -34.34
N GLN G 508 -16.03 54.31 -34.98
CA GLN G 508 -16.61 55.13 -36.05
C GLN G 508 -15.53 55.54 -37.03
N LEU G 509 -15.84 55.45 -38.33
CA LEU G 509 -14.85 55.73 -39.36
C LEU G 509 -15.52 56.27 -40.63
N VAL G 510 -15.09 57.45 -41.06
CA VAL G 510 -15.62 58.07 -42.28
C VAL G 510 -14.47 58.46 -43.20
N GLY G 511 -14.62 58.20 -44.50
CA GLY G 511 -13.52 58.44 -45.42
C GLY G 511 -13.93 58.83 -46.82
N LEU G 512 -13.12 59.69 -47.44
CA LEU G 512 -13.32 60.06 -48.82
C LEU G 512 -12.10 59.63 -49.61
N GLN G 513 -12.34 59.23 -50.85
CA GLN G 513 -11.23 58.85 -51.69
C GLN G 513 -11.39 59.48 -53.04
N TYR G 514 -10.25 59.87 -53.60
CA TYR G 514 -10.20 60.52 -54.88
C TYR G 514 -9.13 59.91 -55.77
N ASN G 515 -9.51 59.50 -56.98
CA ASN G 515 -8.56 58.84 -57.88
C ASN G 515 -8.33 59.50 -59.24
N THR G 516 -7.08 59.35 -59.69
CA THR G 516 -6.68 59.73 -61.04
C THR G 516 -5.57 58.76 -61.46
N CYS G 517 -5.96 57.70 -62.15
CA CYS G 517 -5.03 56.69 -62.67
C CYS G 517 -4.18 56.12 -61.54
N CYS G 518 -2.86 56.08 -61.76
CA CYS G 518 -1.89 55.62 -60.77
C CYS G 518 -1.89 56.35 -59.44
N TRP G 519 -2.65 57.44 -59.34
CA TRP G 519 -2.64 58.26 -58.13
C TRP G 519 -3.94 58.25 -57.34
N ALA G 520 -3.82 58.24 -56.02
CA ALA G 520 -5.00 58.21 -55.16
C ALA G 520 -4.82 59.07 -53.93
N VAL G 521 -5.89 59.73 -53.52
CA VAL G 521 -5.90 60.52 -52.29
C VAL G 521 -6.90 59.93 -51.32
N ASN G 522 -6.48 59.83 -50.06
CA ASN G 522 -7.39 59.41 -49.01
C ASN G 522 -7.46 60.36 -47.83
N LEU G 523 -8.69 60.62 -47.43
CA LEU G 523 -8.98 61.42 -46.24
C LEU G 523 -9.86 60.61 -45.31
N GLY G 524 -9.53 60.64 -44.02
CA GLY G 524 -10.28 59.84 -43.07
C GLY G 524 -10.35 60.41 -41.67
N TYR G 525 -11.48 60.15 -41.04
CA TYR G 525 -11.74 60.50 -39.65
C TYR G 525 -12.13 59.24 -38.90
N GLU G 526 -11.68 59.15 -37.65
CA GLU G 526 -11.87 57.95 -36.86
C GLU G 526 -12.04 58.27 -35.37
N ARG G 527 -13.08 57.70 -34.77
CA ARG G 527 -13.32 57.90 -33.34
C ARG G 527 -13.64 56.55 -32.70
N LYS G 528 -12.84 56.14 -31.73
CA LYS G 528 -12.98 54.81 -31.16
C LYS G 528 -12.93 54.83 -29.64
N ILE G 529 -13.60 53.87 -29.01
CA ILE G 529 -13.43 53.67 -27.57
C ILE G 529 -12.04 53.13 -27.29
N THR G 530 -11.35 53.76 -26.35
CA THR G 530 -9.97 53.40 -26.07
C THR G 530 -9.73 53.18 -24.58
N GLY G 531 -10.68 53.59 -23.75
CA GLY G 531 -10.54 53.36 -22.31
C GLY G 531 -11.84 53.41 -21.54
N TRP G 532 -11.72 53.33 -20.22
CA TRP G 532 -12.90 53.39 -19.35
C TRP G 532 -12.67 54.20 -18.07
N ASN G 533 -13.57 55.13 -17.82
CA ASN G 533 -13.57 55.92 -16.59
C ASN G 533 -14.37 55.25 -15.48
N ALA G 534 -13.67 54.86 -14.41
CA ALA G 534 -14.33 54.20 -13.29
C ALA G 534 -15.35 55.10 -12.59
N GLN G 535 -15.00 56.38 -12.43
CA GLN G 535 -15.91 57.34 -11.80
C GLN G 535 -16.79 58.08 -12.81
N GLY G 536 -18.07 58.16 -12.47
CA GLY G 536 -19.08 58.83 -13.28
C GLY G 536 -19.16 58.14 -14.63
N GLN G 537 -18.94 56.82 -14.58
CA GLN G 537 -19.01 55.93 -15.74
C GLN G 537 -18.34 56.50 -16.99
N THR G 538 -19.01 56.28 -18.12
CA THR G 538 -18.58 56.71 -19.46
C THR G 538 -17.26 56.09 -19.92
N SER G 539 -17.08 56.06 -21.24
CA SER G 539 -15.88 55.49 -21.84
C SER G 539 -14.97 56.59 -22.36
N LYS G 540 -13.68 56.27 -22.50
CA LYS G 540 -12.72 57.22 -23.04
C LYS G 540 -12.51 56.98 -24.54
N TYR G 541 -12.75 58.03 -25.31
CA TYR G 541 -12.64 57.99 -26.77
C TYR G 541 -11.34 58.60 -27.28
N ASP G 542 -11.01 58.34 -28.53
CA ASP G 542 -9.88 58.97 -29.20
C ASP G 542 -10.21 59.36 -30.63
N ASN G 543 -9.67 60.50 -31.06
CA ASN G 543 -9.92 61.01 -32.40
C ASN G 543 -8.69 60.89 -33.29
N LYS G 544 -8.91 60.68 -34.57
CA LYS G 544 -7.85 60.64 -35.56
C LYS G 544 -8.38 61.19 -36.88
N ILE G 545 -7.67 62.15 -37.47
CA ILE G 545 -8.05 62.67 -38.79
C ILE G 545 -6.81 62.96 -39.63
N GLY G 546 -6.66 62.27 -40.76
CA GLY G 546 -5.44 62.40 -41.54
C GLY G 546 -5.54 62.32 -43.06
N PHE G 547 -4.38 62.47 -43.71
CA PHE G 547 -4.26 62.46 -45.16
C PHE G 547 -3.13 61.52 -45.56
N ASN G 548 -3.40 60.63 -46.50
CA ASN G 548 -2.29 60.02 -47.23
C ASN G 548 -2.64 59.95 -48.70
N ILE G 549 -1.65 59.56 -49.52
CA ILE G 549 -1.90 59.40 -50.93
C ILE G 549 -1.04 58.28 -51.58
N GLU G 550 -1.71 57.21 -52.02
CA GLU G 550 -1.16 56.24 -52.99
C GLU G 550 -2.16 55.15 -53.36
N THR G 562 -9.66 52.26 -51.84
CA THR G 562 -10.21 51.90 -50.54
C THR G 562 -9.45 50.72 -49.95
N ALA G 563 -10.11 49.98 -49.06
CA ALA G 563 -9.57 48.77 -48.41
C ALA G 563 -8.53 49.04 -47.32
N GLN G 564 -7.73 50.08 -47.47
CA GLN G 564 -6.70 50.37 -46.46
C GLN G 564 -7.26 51.27 -45.36
N MET G 565 -8.32 52.00 -45.67
CA MET G 565 -8.99 52.80 -44.65
C MET G 565 -9.98 51.90 -43.92
N LEU G 566 -10.56 50.95 -44.65
CA LEU G 566 -11.44 49.96 -44.04
C LEU G 566 -10.66 49.02 -43.14
N ASN G 567 -9.42 48.73 -43.53
CA ASN G 567 -8.53 47.91 -42.72
C ASN G 567 -7.59 48.78 -41.92
N SER G 568 -8.11 49.45 -40.90
CA SER G 568 -7.31 50.39 -40.12
C SER G 568 -7.83 50.61 -38.71
N GLY G 569 -9.13 50.44 -38.52
CA GLY G 569 -9.75 50.63 -37.22
C GLY G 569 -9.53 49.48 -36.26
N ILE G 570 -10.14 49.57 -35.07
CA ILE G 570 -10.09 48.48 -34.11
C ILE G 570 -11.01 47.36 -34.57
N LEU G 571 -11.94 47.68 -35.46
CA LEU G 571 -12.82 46.70 -36.05
C LEU G 571 -12.70 46.72 -37.57
N PRO G 572 -11.57 46.25 -38.10
CA PRO G 572 -11.28 46.32 -39.53
C PRO G 572 -12.26 45.50 -40.37
N TYR G 573 -12.45 45.88 -41.62
CA TYR G 573 -13.36 45.17 -42.51
C TYR G 573 -12.86 43.78 -42.85
N GLN G 574 -13.66 42.77 -42.51
CA GLN G 574 -13.41 41.40 -42.94
C GLN G 574 -14.56 40.89 -43.77
N SER G 575 -14.27 40.52 -45.01
CA SER G 575 -15.30 40.04 -45.93
C SER G 575 -15.88 38.72 -45.45
N ALA G 576 -17.17 38.71 -45.18
CA ALA G 576 -17.86 37.47 -44.84
C ALA G 576 -18.02 36.67 -46.13
N PHE G 577 -18.39 35.40 -45.99
CA PHE G 577 -18.58 34.50 -47.13
C PHE G 577 -17.29 34.35 -47.94
N PHE H 7 -38.31 13.60 -59.76
CA PHE H 7 -39.62 13.53 -59.14
C PHE H 7 -39.52 13.04 -57.70
N ASN H 8 -40.67 12.72 -57.10
CA ASN H 8 -40.77 11.94 -55.86
C ASN H 8 -40.37 12.78 -54.65
N LEU H 9 -40.88 12.42 -53.47
CA LEU H 9 -40.55 13.16 -52.26
C LEU H 9 -39.58 12.28 -51.47
N ARG H 10 -39.01 12.81 -50.38
CA ARG H 10 -37.81 12.27 -49.73
C ARG H 10 -37.34 10.88 -50.17
N GLY H 11 -36.17 10.89 -50.80
CA GLY H 11 -35.43 9.70 -51.18
C GLY H 11 -34.00 9.96 -50.75
N THR H 12 -33.17 8.93 -50.72
CA THR H 12 -31.77 9.14 -50.34
C THR H 12 -30.91 9.44 -51.57
N THR H 13 -29.63 9.74 -51.36
CA THR H 13 -28.61 9.82 -52.44
C THR H 13 -28.60 11.08 -53.29
N GLN H 14 -28.03 10.93 -54.50
CA GLN H 14 -27.97 11.96 -55.53
C GLN H 14 -26.93 13.07 -55.24
N VAL H 15 -26.23 12.97 -54.12
CA VAL H 15 -25.25 14.01 -53.79
C VAL H 15 -23.81 13.58 -53.46
N PRO H 16 -23.19 12.68 -54.27
CA PRO H 16 -21.78 12.47 -53.92
C PRO H 16 -20.81 12.66 -55.10
N THR H 17 -21.36 12.87 -56.30
CA THR H 17 -20.62 13.14 -57.54
C THR H 17 -19.87 11.88 -58.01
N GLU H 18 -19.76 11.75 -59.33
CA GLU H 18 -19.04 10.64 -59.96
C GLU H 18 -17.51 10.70 -59.91
N LEU H 19 -16.94 11.86 -59.59
CA LEU H 19 -15.49 12.01 -59.66
C LEU H 19 -14.83 11.28 -58.48
N GLN H 20 -14.76 9.96 -58.58
CA GLN H 20 -14.16 9.12 -57.53
C GLN H 20 -12.69 8.79 -57.79
N LYS H 21 -12.23 8.87 -59.03
CA LYS H 21 -10.82 8.59 -59.28
C LYS H 21 -10.12 9.89 -59.66
N LEU H 22 -9.24 10.37 -58.79
CA LEU H 22 -8.47 11.57 -59.10
C LEU H 22 -7.06 11.58 -58.49
N LEU H 23 -6.22 12.46 -59.00
CA LEU H 23 -4.93 12.73 -58.38
C LEU H 23 -5.03 14.01 -57.56
N LEU H 24 -4.12 14.17 -56.60
CA LEU H 24 -4.17 15.29 -55.68
C LEU H 24 -2.83 16.02 -55.60
N GLU H 25 -2.80 17.22 -56.15
CA GLU H 25 -1.61 18.05 -56.14
C GLU H 25 -1.78 19.20 -55.16
N SER H 26 -0.69 19.60 -54.52
CA SER H 26 -0.75 20.64 -53.51
C SER H 26 0.57 21.40 -53.38
N SER H 27 0.45 22.69 -53.08
CA SER H 27 1.62 23.51 -52.76
C SER H 27 2.27 22.99 -51.47
N ASP H 28 1.45 22.37 -50.63
CA ASP H 28 1.90 21.87 -49.33
C ASP H 28 1.40 20.44 -49.10
N PRO H 29 2.02 19.46 -49.77
CA PRO H 29 1.57 18.07 -49.74
C PRO H 29 1.56 17.43 -48.35
N TYR H 30 2.40 17.89 -47.43
CA TYR H 30 2.50 17.26 -46.12
C TYR H 30 1.91 18.13 -45.01
N GLY H 31 1.26 19.22 -45.39
CA GLY H 31 0.62 20.10 -44.43
C GLY H 31 -0.70 19.55 -43.94
N PRO H 32 -1.21 20.10 -42.83
CA PRO H 32 -2.46 19.64 -42.20
C PRO H 32 -3.69 19.79 -43.10
N LEU H 33 -3.75 20.87 -43.87
CA LEU H 33 -4.88 21.10 -44.77
C LEU H 33 -5.02 19.98 -45.79
N ALA H 34 -3.89 19.61 -46.40
CA ALA H 34 -3.86 18.54 -47.38
C ALA H 34 -4.30 17.22 -46.76
N ARG H 35 -3.95 17.03 -45.49
CA ARG H 35 -4.36 15.83 -44.76
C ARG H 35 -5.86 15.81 -44.58
N SER H 36 -6.42 16.95 -44.19
CA SER H 36 -7.87 17.07 -44.02
C SER H 36 -8.60 16.76 -45.32
N ILE H 37 -8.09 17.31 -46.41
CA ILE H 37 -8.66 17.09 -47.73
C ILE H 37 -8.58 15.61 -48.13
N ARG H 38 -7.45 14.98 -47.81
CA ARG H 38 -7.28 13.55 -48.10
C ARG H 38 -8.30 12.71 -47.34
N GLN H 39 -8.45 12.99 -46.05
CA GLN H 39 -9.42 12.26 -45.24
C GLN H 39 -10.85 12.45 -45.76
N GLN H 40 -11.19 13.67 -46.16
CA GLN H 40 -12.55 13.93 -46.63
C GLN H 40 -12.86 13.26 -47.97
N LEU H 41 -11.93 13.36 -48.91
CA LEU H 41 -12.09 12.68 -50.20
C LEU H 41 -12.21 11.19 -49.96
N ARG H 42 -11.41 10.69 -49.01
CA ARG H 42 -11.45 9.28 -48.66
C ARG H 42 -12.80 8.91 -48.04
N LEU H 43 -13.38 9.85 -47.29
CA LEU H 43 -14.68 9.67 -46.67
C LEU H 43 -15.79 9.65 -47.70
N ASN H 44 -15.56 10.26 -48.85
CA ASN H 44 -16.57 10.26 -49.90
C ASN H 44 -16.26 9.23 -51.00
N ASN H 45 -15.50 8.21 -50.63
CA ASN H 45 -15.14 7.10 -51.52
C ASN H 45 -14.48 7.59 -52.80
N VAL H 46 -13.52 8.50 -52.66
CA VAL H 46 -12.78 9.01 -53.79
C VAL H 46 -11.36 8.45 -53.78
N THR H 47 -11.02 7.69 -54.82
CA THR H 47 -9.70 7.07 -54.92
C THR H 47 -8.62 8.04 -55.37
N ILE H 48 -7.59 8.20 -54.53
CA ILE H 48 -6.48 9.09 -54.82
C ILE H 48 -5.33 8.23 -55.38
N VAL H 49 -4.87 8.55 -56.59
CA VAL H 49 -3.87 7.73 -57.28
C VAL H 49 -2.43 8.28 -57.21
N ASP H 50 -1.48 7.50 -57.70
CA ASP H 50 -0.06 7.78 -57.54
C ASP H 50 0.74 8.38 -58.70
N ASP H 51 0.20 8.32 -59.92
CA ASP H 51 1.06 8.55 -61.09
C ASP H 51 1.35 10.00 -61.47
N ALA H 52 0.37 10.69 -62.03
CA ALA H 52 0.53 12.05 -62.57
C ALA H 52 1.50 12.05 -63.74
N MET H 53 1.62 10.90 -64.41
CA MET H 53 2.49 10.75 -65.55
C MET H 53 1.76 11.37 -66.74
N ARG H 54 0.73 10.68 -67.22
CA ARG H 54 -0.14 11.19 -68.27
C ARG H 54 -1.51 11.47 -67.64
N LYS H 55 -2.43 12.06 -68.40
CA LYS H 55 -3.70 12.47 -67.84
C LYS H 55 -4.91 11.71 -68.42
N ASP H 56 -5.48 10.86 -67.58
CA ASP H 56 -6.62 10.00 -67.94
C ASP H 56 -7.70 10.08 -66.87
N ILE H 57 -7.39 10.82 -65.81
CA ILE H 57 -8.31 11.06 -64.70
C ILE H 57 -8.14 12.50 -64.21
N PRO H 58 -9.26 13.16 -63.87
CA PRO H 58 -9.27 14.55 -63.40
C PRO H 58 -8.37 14.77 -62.18
N THR H 59 -7.89 16.01 -62.02
CA THR H 59 -6.94 16.34 -60.97
C THR H 59 -7.47 17.41 -60.03
N LEU H 60 -7.13 17.32 -58.75
CA LEU H 60 -7.49 18.37 -57.79
C LEU H 60 -6.23 19.06 -57.27
N ARG H 61 -6.09 20.34 -57.61
CA ARG H 61 -4.91 21.13 -57.24
C ARG H 61 -5.21 22.18 -56.18
N ILE H 62 -4.55 22.09 -55.03
CA ILE H 62 -4.67 23.13 -54.01
C ILE H 62 -3.56 24.14 -54.21
N ILE H 63 -3.95 25.35 -54.64
CA ILE H 63 -2.97 26.39 -54.94
C ILE H 63 -2.29 26.89 -53.67
N GLY H 64 -3.11 27.24 -52.69
CA GLY H 64 -2.59 27.72 -51.42
C GLY H 64 -3.71 28.02 -50.44
N SER H 65 -3.32 28.50 -49.27
CA SER H 65 -4.28 28.84 -48.23
C SER H 65 -3.72 29.95 -47.35
N SER H 66 -4.62 30.75 -46.78
CA SER H 66 -4.21 31.84 -45.92
C SER H 66 -5.09 31.93 -44.68
N GLU H 67 -4.50 32.35 -43.57
CA GLU H 67 -5.22 32.50 -42.32
C GLU H 67 -5.23 33.95 -41.89
N SER H 68 -6.29 34.33 -41.18
CA SER H 68 -6.46 35.71 -40.74
C SER H 68 -7.07 35.75 -39.35
N GLN H 69 -6.86 36.85 -38.63
CA GLN H 69 -7.46 37.01 -37.31
C GLN H 69 -7.65 38.50 -36.99
N GLU H 70 -8.90 38.90 -36.81
CA GLU H 70 -9.21 40.27 -36.44
C GLU H 70 -10.24 40.31 -35.32
N THR H 71 -10.34 41.46 -34.66
CA THR H 71 -11.33 41.67 -33.61
C THR H 71 -12.66 42.09 -34.22
N VAL H 72 -13.75 41.47 -33.77
CA VAL H 72 -15.07 41.77 -34.31
C VAL H 72 -16.03 42.38 -33.30
N SER H 73 -15.58 42.49 -32.05
CA SER H 73 -16.37 43.20 -31.02
C SER H 73 -15.50 43.59 -29.83
N ILE H 74 -15.90 44.67 -29.15
CA ILE H 74 -15.17 45.16 -27.99
C ILE H 74 -16.10 45.40 -26.80
N PHE H 75 -15.51 45.54 -25.62
CA PHE H 75 -16.25 45.89 -24.42
C PHE H 75 -16.27 47.41 -24.24
N ARG H 76 -16.82 47.88 -23.12
CA ARG H 76 -16.94 49.32 -22.87
C ARG H 76 -15.57 49.96 -22.63
N ASN H 77 -14.60 49.16 -22.21
CA ASN H 77 -13.27 49.67 -21.91
C ASN H 77 -12.32 49.65 -23.11
N GLY H 78 -12.82 49.19 -24.26
CA GLY H 78 -12.05 49.22 -25.48
C GLY H 78 -11.29 47.95 -25.78
N VAL H 79 -11.17 47.06 -24.79
CA VAL H 79 -10.44 45.81 -24.99
C VAL H 79 -11.26 44.86 -25.86
N ALA H 80 -10.57 43.95 -26.53
CA ALA H 80 -11.22 43.01 -27.44
C ALA H 80 -12.17 42.09 -26.70
N ALA H 81 -13.32 41.83 -27.31
CA ALA H 81 -14.30 40.91 -26.76
C ALA H 81 -14.29 39.59 -27.53
N GLU H 82 -14.71 39.65 -28.78
CA GLU H 82 -14.73 38.48 -29.65
C GLU H 82 -13.70 38.63 -30.76
N ASN H 83 -12.98 37.55 -31.04
CA ASN H 83 -12.07 37.51 -32.18
C ASN H 83 -12.57 36.51 -33.21
N GLN H 84 -12.27 36.78 -34.48
CA GLN H 84 -12.71 35.92 -35.57
C GLN H 84 -11.53 35.38 -36.36
N LEU H 85 -11.47 34.05 -36.46
CA LEU H 85 -10.49 33.37 -37.29
C LEU H 85 -11.07 33.10 -38.67
N VAL H 86 -10.26 33.33 -39.70
CA VAL H 86 -10.68 33.13 -41.08
C VAL H 86 -9.70 32.25 -41.84
N LEU H 87 -10.23 31.30 -42.61
CA LEU H 87 -9.40 30.49 -43.50
C LEU H 87 -9.86 30.63 -44.95
N HIS H 88 -8.95 31.07 -45.82
CA HIS H 88 -9.22 31.12 -47.25
C HIS H 88 -8.46 30.02 -47.96
N VAL H 89 -9.15 29.30 -48.84
CA VAL H 89 -8.53 28.24 -49.63
C VAL H 89 -8.88 28.37 -51.12
N GLN H 90 -7.85 28.42 -51.95
CA GLN H 90 -8.02 28.49 -53.40
C GLN H 90 -7.59 27.17 -54.05
N ALA H 91 -8.51 26.54 -54.78
CA ALA H 91 -8.26 25.26 -55.42
C ALA H 91 -8.65 25.28 -56.90
N GLN H 92 -8.36 24.18 -57.59
CA GLN H 92 -8.66 24.03 -59.02
C GLN H 92 -8.96 22.58 -59.38
N VAL H 93 -9.97 22.37 -60.21
CA VAL H 93 -10.27 21.05 -60.74
C VAL H 93 -9.97 20.99 -62.23
N LEU H 94 -9.06 20.09 -62.59
CA LEU H 94 -8.62 19.93 -63.97
C LEU H 94 -9.21 18.66 -64.58
N ILE H 95 -10.14 18.81 -65.50
CA ILE H 95 -10.66 17.66 -66.22
C ILE H 95 -10.11 17.66 -67.65
N PRO H 96 -9.44 16.57 -68.05
CA PRO H 96 -8.78 16.50 -69.34
C PRO H 96 -9.76 16.67 -70.50
N GLY H 97 -11.02 16.35 -70.22
CA GLY H 97 -12.11 16.52 -71.17
C GLY H 97 -12.43 17.96 -71.52
N HIS H 98 -12.30 18.84 -70.53
CA HIS H 98 -12.73 20.23 -70.68
C HIS H 98 -11.69 21.24 -70.20
N ASP H 99 -12.20 22.40 -69.81
CA ASP H 99 -11.38 23.51 -69.33
C ASP H 99 -11.18 23.41 -67.83
N ILE H 100 -10.44 24.36 -67.26
CA ILE H 100 -10.08 24.34 -65.86
C ILE H 100 -11.16 25.01 -65.00
N TYR H 101 -11.56 24.36 -63.91
CA TYR H 101 -12.59 24.94 -63.05
C TYR H 101 -12.05 25.33 -61.67
N PRO H 102 -11.88 26.64 -61.43
CA PRO H 102 -11.35 27.09 -60.13
C PRO H 102 -12.41 27.06 -59.03
N LEU H 103 -12.00 26.71 -57.82
CA LEU H 103 -12.90 26.68 -56.66
C LEU H 103 -12.31 27.49 -55.52
N GLN H 104 -13.17 28.04 -54.67
CA GLN H 104 -12.73 28.81 -53.51
C GLN H 104 -13.60 28.57 -52.28
N VAL H 105 -12.96 28.48 -51.12
CA VAL H 105 -13.67 28.21 -49.87
C VAL H 105 -13.22 29.14 -48.74
N ASN H 106 -14.19 29.70 -48.02
CA ASN H 106 -13.89 30.58 -46.88
C ASN H 106 -14.59 30.10 -45.62
N VAL H 107 -13.84 29.92 -44.54
CA VAL H 107 -14.40 29.39 -43.29
C VAL H 107 -14.13 30.33 -42.11
N PHE H 108 -15.11 30.47 -41.21
CA PHE H 108 -15.03 31.44 -40.13
C PHE H 108 -15.32 30.82 -38.76
N ARG H 109 -14.59 31.27 -37.73
CA ARG H 109 -14.90 30.91 -36.36
C ARG H 109 -14.76 32.12 -35.43
N THR H 110 -15.42 32.07 -34.28
CA THR H 110 -15.36 33.17 -33.33
C THR H 110 -15.13 32.66 -31.91
N PHE H 111 -14.27 33.34 -31.16
CA PHE H 111 -14.07 32.98 -29.76
C PHE H 111 -13.75 34.22 -28.92
N PHE H 112 -14.12 34.18 -27.64
CA PHE H 112 -13.82 35.29 -26.75
C PHE H 112 -12.34 35.31 -26.39
N ASP H 113 -11.80 36.51 -26.20
CA ASP H 113 -10.40 36.68 -25.87
C ASP H 113 -10.22 36.77 -24.36
N ASN H 114 -9.04 36.39 -23.88
CA ASN H 114 -8.73 36.48 -22.46
C ASN H 114 -7.23 36.62 -22.22
N PRO H 115 -6.78 37.86 -21.95
CA PRO H 115 -5.36 38.14 -21.75
C PRO H 115 -4.76 37.44 -20.53
N LEU H 116 -5.61 36.97 -19.62
CA LEU H 116 -5.15 36.29 -18.41
C LEU H 116 -4.98 34.78 -18.59
N THR H 117 -5.37 34.27 -19.76
CA THR H 117 -5.21 32.85 -20.06
C THR H 117 -4.68 32.66 -21.48
N ALA H 118 -3.76 33.54 -21.86
CA ALA H 118 -3.24 33.60 -23.23
C ALA H 118 -2.89 32.24 -23.81
N LEU H 119 -2.04 31.49 -23.10
CA LEU H 119 -1.61 30.16 -23.55
C LEU H 119 -2.82 29.30 -23.86
N ALA H 120 -3.74 29.22 -22.90
CA ALA H 120 -4.96 28.44 -23.08
C ALA H 120 -5.66 28.84 -24.36
N LYS H 121 -5.80 30.15 -24.57
CA LYS H 121 -6.50 30.64 -25.75
C LYS H 121 -5.82 30.16 -27.01
N GLU H 122 -4.50 30.20 -27.04
CA GLU H 122 -3.76 29.74 -28.20
C GLU H 122 -4.15 28.30 -28.50
N ALA H 123 -4.20 27.47 -27.46
CA ALA H 123 -4.59 26.08 -27.61
C ALA H 123 -5.94 26.04 -28.33
N GLU H 124 -6.90 26.78 -27.78
CA GLU H 124 -8.24 26.84 -28.34
C GLU H 124 -8.15 27.19 -29.82
N ALA H 125 -7.36 28.22 -30.11
CA ALA H 125 -7.23 28.70 -31.48
C ALA H 125 -6.86 27.55 -32.41
N GLU H 126 -5.82 26.80 -32.01
CA GLU H 126 -5.34 25.72 -32.86
C GLU H 126 -6.47 24.73 -33.13
N VAL H 127 -7.20 24.36 -32.08
CA VAL H 127 -8.35 23.47 -32.24
C VAL H 127 -9.26 24.02 -33.32
N LEU H 128 -9.66 25.28 -33.15
CA LEU H 128 -10.57 25.93 -34.10
C LEU H 128 -9.98 25.80 -35.49
N ARG H 129 -8.69 26.11 -35.61
CA ARG H 129 -8.06 26.13 -36.91
C ARG H 129 -8.17 24.77 -37.55
N GLN H 130 -7.87 23.73 -36.77
CA GLN H 130 -7.98 22.37 -37.27
C GLN H 130 -9.37 22.16 -37.83
N GLU H 131 -10.37 22.43 -37.00
CA GLU H 131 -11.75 22.24 -37.41
C GLU H 131 -12.02 22.99 -38.72
N MET H 132 -11.54 24.22 -38.78
CA MET H 132 -11.79 25.05 -39.95
C MET H 132 -11.26 24.35 -41.18
N ARG H 133 -10.04 23.84 -41.09
CA ARG H 133 -9.43 23.13 -42.20
C ARG H 133 -10.33 21.98 -42.59
N GLU H 134 -10.73 21.19 -41.60
CA GLU H 134 -11.60 20.05 -41.85
C GLU H 134 -12.84 20.54 -42.59
N GLN H 135 -13.46 21.58 -42.03
CA GLN H 135 -14.69 22.10 -42.62
C GLN H 135 -14.46 22.52 -44.06
N ALA H 136 -13.33 23.19 -44.29
CA ALA H 136 -13.00 23.65 -45.64
C ALA H 136 -13.09 22.48 -46.59
N ALA H 137 -12.44 21.38 -46.21
CA ALA H 137 -12.40 20.19 -47.04
C ALA H 137 -13.81 19.79 -47.42
N GLN H 138 -14.70 19.71 -46.42
CA GLN H 138 -16.08 19.34 -46.68
C GLN H 138 -16.67 20.20 -47.77
N GLN H 139 -16.60 21.52 -47.57
CA GLN H 139 -17.20 22.45 -48.51
C GLN H 139 -16.59 22.23 -49.88
N LEU H 140 -15.27 22.04 -49.90
CA LEU H 140 -14.55 21.83 -51.15
C LEU H 140 -15.17 20.64 -51.88
N VAL H 141 -15.32 19.53 -51.16
CA VAL H 141 -15.88 18.33 -51.75
C VAL H 141 -17.25 18.63 -52.34
N ARG H 142 -18.04 19.36 -51.58
CA ARG H 142 -19.39 19.65 -51.99
C ARG H 142 -19.39 20.48 -53.27
N GLN H 143 -18.40 21.36 -53.40
CA GLN H 143 -18.34 22.23 -54.57
C GLN H 143 -18.07 21.42 -55.83
N LEU H 144 -17.62 20.18 -55.67
CA LEU H 144 -17.42 19.29 -56.82
C LEU H 144 -18.75 19.10 -57.54
N LEU H 145 -19.85 19.16 -56.80
CA LEU H 145 -21.17 19.08 -57.42
C LEU H 145 -21.31 20.15 -58.48
N THR H 146 -20.91 21.37 -58.14
CA THR H 146 -21.00 22.46 -59.09
C THR H 146 -20.15 22.19 -60.31
N VAL H 147 -19.00 21.56 -60.09
CA VAL H 147 -18.08 21.27 -61.18
C VAL H 147 -18.75 20.31 -62.14
N HIS H 148 -19.58 19.43 -61.59
CA HIS H 148 -20.27 18.47 -62.42
C HIS H 148 -21.29 19.22 -63.26
N ALA H 149 -22.01 20.13 -62.62
CA ALA H 149 -22.97 20.93 -63.37
C ALA H 149 -22.27 21.85 -64.37
N ALA H 150 -20.96 22.02 -64.25
CA ALA H 150 -20.27 22.86 -65.21
C ALA H 150 -19.62 22.07 -66.33
N GLU H 151 -19.43 20.76 -66.12
CA GLU H 151 -18.92 19.93 -67.20
C GLU H 151 -20.05 19.48 -68.13
N VAL H 152 -21.20 19.13 -67.55
CA VAL H 152 -22.30 18.54 -68.30
C VAL H 152 -22.90 19.50 -69.36
N LYS H 153 -23.00 20.77 -69.00
CA LYS H 153 -23.52 21.78 -69.92
C LYS H 153 -22.49 22.89 -70.13
C1 C8E I . 15.16 1.81 31.72
C2 C8E I . 15.70 0.69 32.59
C3 C8E I . 15.28 0.84 34.05
C4 C8E I . 13.97 1.62 34.19
C5 C8E I . 12.92 0.83 34.97
C6 C8E I . 12.32 1.66 36.10
C7 C8E I . 12.26 3.14 35.77
C8 C8E I . 11.83 3.98 36.98
O9 C8E I . 12.57 5.18 36.99
C10 C8E I . 11.84 6.30 36.54
C11 C8E I . 12.73 7.20 35.68
O12 C8E I . 12.75 8.53 36.17
C13 C8E I . 14.07 8.90 36.54
C14 C8E I . 14.21 10.39 36.78
O15 C8E I . 14.58 10.64 38.13
C16 C8E I . 15.00 11.96 38.35
C17 C8E I . 16.48 12.10 37.99
O18 C8E I . 16.98 13.33 38.48
C19 C8E I . 17.05 13.37 39.89
C20 C8E I . 18.49 13.59 40.34
O21 C8E I . 18.54 14.67 41.26
C1 C8E J . 42.05 -30.62 57.18
C2 C8E J . 40.71 -29.90 57.36
C3 C8E J . 39.65 -30.84 57.94
C4 C8E J . 38.95 -31.60 56.82
C5 C8E J . 38.07 -32.71 57.37
C6 C8E J . 36.64 -32.61 56.84
C7 C8E J . 35.71 -32.03 57.89
C8 C8E J . 34.24 -32.24 57.52
O9 C8E J . 33.71 -31.07 56.94
C10 C8E J . 33.46 -31.20 55.55
C11 C8E J . 32.39 -30.19 55.16
O12 C8E J . 32.03 -30.34 53.81
C13 C8E J . 30.82 -31.04 53.66
C14 C8E J . 31.04 -32.19 52.68
O15 C8E J . 30.40 -31.86 51.46
C16 C8E J . 29.50 -32.86 51.05
C17 C8E J . 30.07 -33.58 49.82
O18 C8E J . 29.43 -34.83 49.68
C19 C8E J . 28.02 -34.74 49.70
C20 C8E J . 27.45 -35.12 48.34
O21 C8E J . 26.85 -36.40 48.42
C1 C8E K . 4.72 -23.89 25.58
C2 C8E K . 5.34 -22.53 25.89
C3 C8E K . 4.86 -21.98 27.22
C4 C8E K . 4.80 -23.07 28.29
C5 C8E K . 5.74 -22.78 29.47
C6 C8E K . 6.06 -21.30 29.58
C7 C8E K . 6.62 -20.96 30.96
C8 C8E K . 6.80 -19.44 31.09
O9 C8E K . 6.91 -19.10 32.44
C10 C8E K . 8.25 -19.03 32.86
C11 C8E K . 8.29 -18.39 34.25
O12 C8E K . 9.39 -17.52 34.35
C13 C8E K . 9.10 -16.24 33.88
C14 C8E K . 10.36 -15.38 33.89
O15 C8E K . 11.01 -15.55 35.14
C16 C8E K . 11.19 -14.32 35.82
C17 C8E K . 12.60 -13.80 35.54
O18 C8E K . 12.70 -12.45 35.94
C19 C8E K . 12.42 -12.27 37.31
C20 C8E K . 13.66 -11.76 38.03
O21 C8E K . 13.74 -12.36 39.31
C1 C8E L . 31.26 -35.60 43.70
C2 C8E L . 31.79 -36.81 42.95
C3 C8E L . 31.89 -36.52 41.46
C4 C8E L . 32.11 -35.04 41.20
C5 C8E L . 33.42 -34.77 40.48
C6 C8E L . 33.28 -33.53 39.61
C7 C8E L . 32.70 -33.90 38.25
C8 C8E L . 31.65 -32.90 37.77
O9 C8E L . 31.73 -32.80 36.36
C10 C8E L . 31.53 -34.04 35.73
C11 C8E L . 32.19 -33.97 34.35
O12 C8E L . 32.58 -35.26 33.93
C13 C8E L . 32.55 -35.35 32.52
C14 C8E L . 31.48 -36.33 32.06
O15 C8E L . 32.16 -37.45 31.53
C16 C8E L . 32.22 -37.43 30.13
C17 C8E L . 32.29 -38.87 29.62
O18 C8E L . 30.99 -39.31 29.27
C19 C8E L . 30.67 -38.98 27.94
C20 C8E L . 29.86 -40.10 27.31
O21 C8E L . 30.55 -40.62 26.20
C1 C8E M . 9.98 -9.69 13.12
C2 C8E M . 10.14 -11.21 13.13
C3 C8E M . 8.93 -11.90 13.74
C4 C8E M . 9.26 -12.48 15.12
C5 C8E M . 8.17 -12.16 16.14
C6 C8E M . 7.72 -13.43 16.84
C7 C8E M . 6.97 -13.15 18.14
C8 C8E M . 6.76 -14.47 18.87
O9 C8E M . 6.80 -14.23 20.25
C10 C8E M . 6.58 -15.39 21.02
C11 C8E M . 6.58 -14.95 22.48
O12 C8E M . 6.69 -16.05 23.33
C13 C8E M . 6.22 -15.70 24.62
C14 C8E M . 7.36 -15.53 25.61
O15 C8E M . 6.82 -15.70 26.92
C16 C8E M . 7.00 -14.56 27.72
C17 C8E M . 8.02 -14.86 28.82
O18 C8E M . 8.64 -13.66 29.22
C19 C8E M . 7.97 -13.04 30.30
C20 C8E M . 8.92 -12.02 30.92
O21 C8E M . 8.97 -12.19 32.32
C1 C8E N . 14.56 24.84 28.90
C2 C8E N . 13.16 24.42 28.47
C3 C8E N . 12.34 25.62 28.01
C4 C8E N . 11.32 25.21 26.94
C5 C8E N . 10.86 26.40 26.12
C6 C8E N . 9.38 26.69 26.37
C7 C8E N . 8.64 27.05 25.08
C8 C8E N . 8.50 28.56 24.91
O9 C8E N . 8.20 28.87 23.56
C10 C8E N . 6.82 28.95 23.30
C11 C8E N . 6.61 29.14 21.80
O12 C8E N . 5.28 28.77 21.45
C13 C8E N . 4.94 29.24 20.15
C14 C8E N . 3.63 30.01 20.19
O15 C8E N . 2.60 29.21 19.64
C16 C8E N . 2.10 29.72 18.41
C17 C8E N . 1.23 30.94 18.67
O18 C8E N . 0.86 31.49 17.42
C19 C8E N . -0.12 30.74 16.75
C20 C8E N . -1.32 31.63 16.44
O21 C8E N . -1.26 32.08 15.09
C1 C8E O . 19.47 6.60 24.99
C2 C8E O . 18.74 5.26 24.92
C3 C8E O . 19.54 4.16 25.61
C4 C8E O . 18.65 3.13 26.31
C5 C8E O . 17.18 3.55 26.32
C6 C8E O . 16.26 2.37 25.98
C7 C8E O . 15.84 2.40 24.52
C8 C8E O . 14.77 1.34 24.27
O9 C8E O . 13.75 1.87 23.45
C10 C8E O . 13.94 1.54 22.08
C11 C8E O . 12.64 1.82 21.33
O12 C8E O . 12.72 1.34 20.01
C13 C8E O . 11.86 0.24 19.80
C14 C8E O . 12.50 -0.78 18.89
O15 C8E O . 11.46 -1.49 18.24
C16 C8E O . 11.32 -2.78 18.79
C17 C8E O . 11.36 -3.84 17.68
O18 C8E O . 11.16 -5.12 18.24
C19 C8E O . 10.02 -5.20 19.06
C20 C8E O . 8.98 -6.13 18.45
O21 C8E O . 7.73 -5.47 18.36
C1 C8E P . 7.03 36.45 48.70
C2 C8E P . 8.55 36.29 48.67
C3 C8E P . 9.12 36.62 47.31
C4 C8E P . 10.57 37.08 47.43
C5 C8E P . 10.89 38.26 46.51
C6 C8E P . 12.35 38.23 46.05
C7 C8E P . 12.83 36.80 45.84
C8 C8E P . 14.25 36.74 45.26
O9 C8E P . 14.18 36.73 43.85
C10 C8E P . 15.43 36.37 43.29
C11 C8E P . 15.44 36.63 41.78
O12 C8E P . 14.55 35.77 41.09
C13 C8E P . 13.30 36.39 40.86
C14 C8E P . 13.04 36.45 39.37
O15 C8E P . 11.99 35.58 39.00
C16 C8E P . 12.16 35.06 37.71
C17 C8E P . 11.43 35.90 36.67
O18 C8E P . 10.96 35.02 35.66
C19 C8E P . 9.68 35.38 35.17
C20 C8E P . 9.67 35.17 33.66
O21 C8E P . 8.49 34.50 33.28
C1 C8E Q . -36.20 -0.26 47.98
C2 C8E Q . -37.49 -0.71 47.29
C3 C8E Q . -38.55 0.38 47.33
C4 C8E Q . -39.52 0.30 46.15
C5 C8E Q . -39.09 -0.71 45.10
C6 C8E Q . -38.85 -0.06 43.74
C7 C8E Q . -38.31 1.36 43.89
C8 C8E Q . -37.83 1.89 42.55
O9 C8E Q . -38.38 3.18 42.35
C10 C8E Q . -37.76 4.14 43.17
C11 C8E Q . -38.06 5.52 42.61
O12 C8E Q . -36.97 6.38 42.88
C13 C8E Q . -35.92 6.16 41.96
C14 C8E Q . -34.58 6.53 42.60
O15 C8E Q . -33.81 5.38 42.88
C16 C8E Q . -32.78 5.64 43.81
C17 C8E Q . -31.68 6.44 43.13
O18 C8E Q . -31.78 7.80 43.46
C19 C8E Q . -31.17 8.06 44.71
C20 C8E Q . -30.08 9.12 44.53
O21 C8E Q . -30.20 9.68 43.24
C1 C8E R . 20.04 16.27 22.30
C2 C8E R . 19.17 17.36 21.68
C3 C8E R . 19.97 18.25 20.76
C4 C8E R . 19.10 18.86 19.66
C5 C8E R . 18.97 20.37 19.83
C6 C8E R . 17.64 20.90 19.33
C7 C8E R . 17.80 21.86 18.16
C8 C8E R . 16.44 22.36 17.67
O9 C8E R . 16.51 23.71 17.27
C10 C8E R . 16.06 23.92 15.95
C11 C8E R . 15.98 25.41 15.66
O12 C8E R . 14.68 25.93 15.83
C13 C8E R . 14.51 26.56 17.09
C14 C8E R . 13.04 26.74 17.41
O15 C8E R . 12.90 27.82 18.31
C16 C8E R . 11.88 27.62 19.28
C17 C8E R . 10.68 28.50 18.97
O18 C8E R . 10.15 29.02 20.17
C19 C8E R . 10.81 30.22 20.58
C20 C8E R . 9.95 30.93 21.63
O21 C8E R . 10.64 32.04 22.14
C1 C8E S . 12.20 -17.83 40.25
C2 C8E S . 13.50 -18.05 41.00
C3 C8E S . 13.65 -17.08 42.16
C4 C8E S . 14.53 -15.90 41.77
C5 C8E S . 13.80 -14.58 41.98
C6 C8E S . 14.76 -13.46 42.33
C7 C8E S . 14.02 -12.27 42.92
C8 C8E S . 14.93 -11.04 43.03
O9 C8E S . 14.30 -10.03 43.79
C10 C8E S . 14.86 -9.90 45.08
C11 C8E S . 14.19 -8.72 45.77
O12 C8E S . 15.08 -8.05 46.62
C13 C8E S . 15.41 -6.76 46.14
C14 C8E S . 15.84 -5.87 47.29
O15 C8E S . 15.15 -4.64 47.18
C16 C8E S . 15.93 -3.52 47.54
C17 C8E S . 15.45 -2.98 48.88
O18 C8E S . 16.45 -2.19 49.47
C19 C8E S . 16.79 -1.07 48.68
C20 C8E S . 16.53 0.21 49.49
O21 C8E S . 15.77 -0.10 50.63
C1 C8E T . 17.43 24.64 35.69
C2 C8E T . 16.79 25.91 35.12
C3 C8E T . 16.29 26.81 36.25
C4 C8E T . 16.51 28.28 35.89
C5 C8E T . 17.88 28.74 36.40
C6 C8E T . 17.74 29.84 37.45
C7 C8E T . 18.44 31.12 36.99
C8 C8E T . 17.89 31.59 35.66
O9 C8E T . 16.48 31.57 35.71
C10 C8E T . 15.90 32.30 34.67
C11 C8E T . 14.38 32.33 34.88
O12 C8E T . 13.71 32.35 33.64
C13 C8E T . 12.34 32.04 33.79
C14 C8E T . 11.89 30.92 32.88
O15 C8E T . 11.55 31.45 31.62
C16 C8E T . 10.15 31.66 31.47
C17 C8E T . 9.42 30.33 31.43
O18 C8E T . 8.06 30.57 31.12
C19 C8E T . 7.89 31.07 29.81
C20 C8E T . 7.03 30.09 29.00
O21 C8E T . 7.70 29.77 27.80
C1 C8E U . -24.81 45.15 18.22
C2 C8E U . -24.02 44.62 17.03
C3 C8E U . -23.35 43.29 17.36
C4 C8E U . -21.94 43.51 17.89
C5 C8E U . -20.90 42.89 16.97
C6 C8E U . -19.87 42.06 17.75
C7 C8E U . -19.25 40.98 16.87
C8 C8E U . -17.74 41.15 16.78
O9 C8E U . -17.22 41.52 18.05
C10 C8E U . -16.46 40.50 18.64
C11 C8E U . -16.52 40.67 20.16
O12 C8E U . -15.23 40.63 20.73
C13 C8E U . -15.06 41.69 21.66
C14 C8E U . -13.57 42.01 21.83
O15 C8E U . -13.27 41.99 23.21
C16 C8E U . -12.44 43.06 23.61
C17 C8E U . -11.02 42.81 23.12
O18 C8E U . -10.11 43.54 23.91
C19 C8E U . -9.92 42.95 25.18
C20 C8E U . -8.46 42.55 25.36
O21 C8E U . -7.96 43.09 26.56
C1 C8E V . 16.43 2.37 59.91
C2 C8E V . 15.89 2.51 58.49
C3 C8E V . 17.00 2.82 57.49
C4 C8E V . 16.88 4.24 56.95
C5 C8E V . 18.25 4.80 56.59
C6 C8E V . 18.24 5.41 55.18
C7 C8E V . 18.34 4.32 54.12
C8 C8E V . 18.63 4.91 52.75
O9 C8E V . 17.49 4.89 51.92
C10 C8E V . 17.51 3.78 51.04
C11 C8E V . 17.06 4.23 49.65
O12 C8E V . 17.19 3.16 48.73
C13 C8E V . 17.06 3.62 47.40
C14 C8E V . 16.22 2.66 46.55
O15 C8E V . 15.39 3.40 45.70
C16 C8E V . 15.19 2.79 44.45
C17 C8E V . 13.71 2.59 44.18
O18 C8E V . 13.32 3.37 43.06
C19 C8E V . 13.52 2.71 41.84
C20 C8E V . 12.33 2.97 40.93
O21 C8E V . 12.67 3.97 39.99
C1 C8E W . 3.11 -36.82 -6.82
C2 C8E W . 2.91 -36.46 -8.29
C3 C8E W . 1.63 -37.06 -8.84
C4 C8E W . 1.21 -36.42 -10.16
C5 C8E W . 2.41 -35.82 -10.89
C6 C8E W . 2.03 -35.37 -12.30
C7 C8E W . 3.19 -35.54 -13.26
C8 C8E W . 2.92 -34.73 -14.52
O9 C8E W . 4.13 -34.22 -15.04
C10 C8E W . 4.65 -35.05 -16.04
C11 C8E W . 4.64 -34.26 -17.34
O12 C8E W . 5.07 -35.06 -18.41
C13 C8E W . 4.01 -35.76 -19.03
C14 C8E W . 4.66 -36.79 -19.94
O15 C8E W . 6.04 -36.55 -19.87
C16 C8E W . 6.60 -36.20 -21.11
C17 C8E W . 6.95 -37.50 -21.82
O18 C8E W . 6.01 -37.78 -22.83
C19 C8E W . 6.29 -39.04 -23.38
C20 C8E W . 5.50 -39.25 -24.67
O21 C8E W . 6.34 -39.89 -25.60
C1 C8E X . 5.04 -24.64 -30.54
C2 C8E X . 4.11 -24.85 -31.74
C3 C8E X . 4.90 -25.18 -33.00
C4 C8E X . 5.01 -23.95 -33.90
C5 C8E X . 6.43 -23.74 -34.39
C6 C8E X . 6.46 -23.38 -35.87
C7 C8E X . 7.17 -24.45 -36.71
C8 C8E X . 6.71 -25.86 -36.37
O9 C8E X . 6.70 -26.65 -37.54
C10 C8E X . 8.00 -26.92 -38.00
C11 C8E X . 7.98 -27.99 -39.09
O12 C8E X . 7.49 -27.46 -40.30
C13 C8E X . 8.51 -26.85 -41.07
C14 C8E X . 7.99 -26.53 -42.47
O15 C8E X . 9.07 -26.60 -43.38
C16 C8E X . 8.83 -25.96 -44.60
C17 C8E X . 8.55 -27.00 -45.69
O18 C8E X . 7.99 -26.40 -46.83
C19 C8E X . 8.92 -25.61 -47.57
C20 C8E X . 8.70 -25.84 -49.06
O21 C8E X . 9.94 -25.85 -49.73
C1 C8E Y . -15.24 -2.82 -48.71
C2 C8E Y . -15.48 -2.09 -47.39
C3 C8E Y . -15.99 -3.05 -46.32
C4 C8E Y . -15.29 -2.80 -44.99
C5 C8E Y . -16.17 -3.14 -43.81
C6 C8E Y . -15.59 -4.34 -43.04
C7 C8E Y . -16.32 -4.60 -41.74
C8 C8E Y . -15.72 -3.83 -40.58
O9 C8E Y . -15.87 -4.55 -39.38
C10 C8E Y . -14.68 -4.64 -38.63
C11 C8E Y . -15.02 -5.28 -37.28
O12 C8E Y . -14.41 -4.59 -36.21
C13 C8E Y . -15.36 -3.95 -35.38
C14 C8E Y . -14.67 -3.06 -34.35
O15 C8E Y . -15.16 -1.73 -34.44
C16 C8E Y . -14.13 -0.77 -34.44
C17 C8E Y . -14.06 -0.01 -33.11
O18 C8E Y . -13.82 -0.89 -32.04
C19 C8E Y . -12.56 -1.51 -32.10
C20 C8E Y . -11.82 -1.35 -30.77
O21 C8E Y . -10.43 -1.50 -30.99
C1 C8E Z . -17.89 7.18 -10.72
C2 C8E Z . -16.72 6.49 -11.43
C3 C8E Z . -17.09 6.10 -12.85
C4 C8E Z . -16.89 4.61 -13.11
C5 C8E Z . -16.13 4.42 -14.42
C6 C8E Z . -14.76 3.77 -14.18
C7 C8E Z . -13.99 3.57 -15.48
C8 C8E Z . -14.48 2.34 -16.24
O9 C8E Z . -13.91 2.26 -17.53
C10 C8E Z . -12.59 1.75 -17.50
C11 C8E Z . -12.49 0.49 -18.38
O12 C8E Z . -12.00 0.77 -19.67
C13 C8E Z . -11.17 -0.26 -20.17
C14 C8E Z . -10.35 0.25 -21.35
O15 C8E Z . -10.51 -0.60 -22.47
C16 C8E Z . -9.65 -0.26 -23.55
C17 C8E Z . -10.46 -0.08 -24.83
O18 C8E Z . -9.93 0.96 -25.62
C19 C8E Z . -8.62 0.71 -26.06
C20 C8E Z . -8.56 0.69 -27.59
O21 C8E Z . -7.64 1.67 -28.05
C1 C8E AA . -28.43 35.68 -61.16
C2 C8E AA . -29.50 36.70 -61.51
C3 C8E AA . -30.88 36.25 -61.03
C4 C8E AA . -30.95 36.16 -59.51
C5 C8E AA . -31.10 34.71 -59.06
C6 C8E AA . -31.83 34.62 -57.73
C7 C8E AA . -32.82 33.46 -57.81
C8 C8E AA . -33.29 33.04 -56.43
O9 C8E AA . -33.22 31.63 -56.29
C10 C8E AA . -32.48 31.25 -55.16
C11 C8E AA . -33.03 29.92 -54.65
O12 C8E AA . -32.80 29.82 -53.25
C13 C8E AA . -34.01 29.79 -52.53
C14 C8E AA . -34.01 30.86 -51.45
O15 C8E AA . -34.28 30.24 -50.22
C16 C8E AA . -35.44 30.71 -49.58
C17 C8E AA . -35.13 31.08 -48.13
O18 C8E AA . -36.33 31.41 -47.48
C19 C8E AA . -37.14 30.28 -47.22
C20 C8E AA . -38.41 30.74 -46.52
O21 C8E AA . -38.43 30.30 -45.18
C1 C8E BA . -11.53 5.69 -50.70
C2 C8E BA . -11.76 4.45 -49.83
C3 C8E BA . -12.45 3.36 -50.63
C4 C8E BA . -12.05 1.97 -50.14
C5 C8E BA . -13.28 1.10 -49.90
C6 C8E BA . -13.23 0.41 -48.54
C7 C8E BA . -13.69 1.31 -47.41
C8 C8E BA . -14.98 2.04 -47.74
O9 C8E BA . -16.01 1.12 -48.05
C10 C8E BA . -17.10 1.18 -47.16
C11 C8E BA . -18.22 0.28 -47.68
O12 C8E BA . -19.36 0.34 -46.86
C13 C8E BA . -20.55 0.41 -47.60
C14 C8E BA . -21.53 1.38 -46.95
O15 C8E BA . -21.30 1.47 -45.57
C16 C8E BA . -22.47 1.82 -44.86
C17 C8E BA . -22.78 3.30 -45.08
O18 C8E BA . -24.03 3.62 -44.50
C19 C8E BA . -23.98 3.67 -43.09
C20 C8E BA . -24.49 5.03 -42.64
O21 C8E BA . -25.58 4.85 -41.77
C1 C8E CA . -30.07 9.36 -7.65
C2 C8E CA . -30.50 8.78 -8.99
C3 C8E CA . -29.32 8.13 -9.71
C4 C8E CA . -28.71 9.07 -10.74
C5 C8E CA . -28.77 8.46 -12.14
C6 C8E CA . -29.02 9.52 -13.20
C7 C8E CA . -28.98 8.91 -14.60
C8 C8E CA . -27.60 8.34 -14.92
O9 C8E CA . -27.75 7.17 -15.70
C10 C8E CA . -28.07 7.45 -17.05
C11 C8E CA . -28.32 6.15 -17.78
O12 C8E CA . -28.76 6.40 -19.10
C13 C8E CA . -28.17 5.53 -20.03
C14 C8E CA . -27.78 6.28 -21.30
O15 C8E CA . -28.74 6.03 -22.31
C16 C8E CA . -28.24 5.18 -23.32
C17 C8E CA . -27.04 5.81 -24.02
O18 C8E CA . -26.41 4.85 -24.83
C19 C8E CA . -27.13 4.57 -26.01
C20 C8E CA . -26.14 4.30 -27.15
O21 C8E CA . -26.64 4.82 -28.36
#